data_6LXK
#
_entry.id   6LXK
#
_cell.length_a   214.442
_cell.length_b   214.442
_cell.length_c   168.680
_cell.angle_alpha   90.000
_cell.angle_beta   90.000
_cell.angle_gamma   120.000
#
_symmetry.space_group_name_H-M   'P 32 2 1'
#
loop_
_entity.id
_entity.type
_entity.pdbx_description
1 polymer Neuraminidase
2 polymer 'Heavy chain of Z2B3-D102R Fab'
3 polymer 'Light chain of Z2B3-D102R Fab'
4 branched beta-D-mannopyranose-(1-4)-2-acetamido-2-deoxy-beta-D-glucopyranose-(1-4)-2-acetamido-2-deoxy-beta-D-glucopyranose
5 non-polymer 'CALCIUM ION'
#
loop_
_entity_poly.entity_id
_entity_poly.type
_entity_poly.pdbx_seq_one_letter_code
_entity_poly.pdbx_strand_id
1 'polypeptide(L)'
;MNPNQKIITIGSVCMTIGMANLILQIGNIISIWVSHSIQLGNQSQIGTCNQSVITYENNTWVNQTYVNISNTNFAAGQSV
VSVKLAGNSSLCPVSGWAIYSKDNSVRIGSKGDVFVIREPFISCSPLECRTFFLTQGALLNDKHSNGTIKDRSPYRTLMS
CPIGEVPSPYNSRFESVAWSASACHDGINWLTIGISGPDSGAVAVLKYNGIITDTIKSWRNNILRTQESECACVNGSCFT
IMTDGPSDGQASYKIFRIEKGKIVKSVEMNAPNYHYEECSCYPDSSEITCVCRDNWHGSNRPWVSFNQNLEYQIGYICSG
VFGDNPRPNDKTGSCGPVSSNGANGVKGFSFKYGNGVWIGRTKSISSRKGFEMIWDPNGWTGTDNKFSIKQDIVGINEWS
GYSGSFVQHPELTGLDCIRPCFWVELIRGRPEENTIWTSGSSISFCGVNSDTVGWSWPDGAELPFTIDK
;
A,B,C,D
2 'polypeptide(L)'
;EVQLVQSGAEVKKPGSSVKVSCKASGGPFSSYGFSWVRQAPGQGLEWMGGIIPVYGTTNYAQKFQGRVTITADESTSTAY
MELSSLKSEDTAVYYCARDLQRTPMVDRIIGSYYYYNGLDVWGQGTTVTVSSASTKGPSVFPLAPSSKSTSGGTAALGCL
VKDYFPEPVTVSWNSGALTSGVHTFPAVLQSSGLYSLSSVVTVPSSSLGTQTYICNVNHKPSNTKVDKKVEPKSCDK
;
H,E,J
3 'polypeptide(L)'
;QSVLTQPASVSGSPGQSITISCTGASSDVGDYNYVSWYQQHPGKAPKLMIYDVSNRPSGVSNRFSGSKSGDTASLTISGL
QAEDEADYYCSSYTRSSSVVFGGGTKLTVLGQPKAAPSVTLFPPSSEELQANKATLVCLISDFYPGAVTVAWKADSSPVK
AGVETTTPSKQSNNKYAASSYLSLTPEQWKSHRSYSCQVTHEGSTVEKTVAPTECS
;
L,F,K
#
loop_
_chem_comp.id
_chem_comp.type
_chem_comp.name
_chem_comp.formula
BMA D-saccharide, beta linking beta-D-mannopyranose 'C6 H12 O6'
CA non-polymer 'CALCIUM ION' 'Ca 2'
NAG D-saccharide, beta linking 2-acetamido-2-deoxy-beta-D-glucopyranose 'C8 H15 N O6'
#
# COMPACT_ATOMS: atom_id res chain seq x y z
N VAL A 83 12.57 -30.84 34.99
CA VAL A 83 12.06 -32.08 35.56
C VAL A 83 10.54 -31.97 35.74
N LYS A 84 9.87 -33.12 35.83
CA LYS A 84 8.42 -33.17 35.89
C LYS A 84 7.88 -32.32 37.03
N LEU A 85 6.65 -31.84 36.85
CA LEU A 85 5.97 -31.01 37.84
C LEU A 85 5.23 -31.91 38.81
N ALA A 86 5.72 -32.02 40.05
CA ALA A 86 5.14 -32.95 41.01
C ALA A 86 3.67 -32.64 41.28
N GLY A 87 3.37 -31.46 41.80
CA GLY A 87 2.00 -31.06 42.01
C GLY A 87 1.34 -31.65 43.23
N ASN A 88 2.12 -32.12 44.21
CA ASN A 88 1.55 -32.68 45.43
C ASN A 88 1.37 -31.64 46.53
N SER A 89 1.60 -30.36 46.24
CA SER A 89 1.42 -29.30 47.22
C SER A 89 0.00 -28.77 47.18
N SER A 90 -0.52 -28.39 48.35
CA SER A 90 -1.83 -27.78 48.44
C SER A 90 -1.77 -26.32 48.00
N LEU A 91 -2.94 -25.77 47.69
CA LEU A 91 -3.05 -24.35 47.37
C LEU A 91 -2.51 -23.50 48.51
N CYS A 92 -1.69 -22.52 48.18
CA CYS A 92 -1.27 -21.55 49.19
C CYS A 92 -2.50 -20.79 49.67
N PRO A 93 -2.64 -20.57 50.98
CA PRO A 93 -3.78 -19.76 51.44
C PRO A 93 -3.52 -18.29 51.19
N VAL A 94 -4.55 -17.61 50.70
CA VAL A 94 -4.41 -16.24 50.21
C VAL A 94 -5.33 -15.32 50.99
N SER A 95 -4.97 -14.03 51.00
CA SER A 95 -5.78 -12.99 51.63
C SER A 95 -5.91 -11.76 50.75
N GLY A 96 -5.82 -11.91 49.44
CA GLY A 96 -5.96 -10.78 48.54
C GLY A 96 -5.51 -11.14 47.14
N TRP A 97 -5.29 -10.10 46.33
CA TRP A 97 -4.85 -10.29 44.95
C TRP A 97 -4.03 -9.08 44.52
N ALA A 98 -2.78 -9.34 44.14
CA ALA A 98 -1.89 -8.31 43.62
C ALA A 98 -1.85 -8.42 42.10
N ILE A 99 -1.86 -7.27 41.42
CA ILE A 99 -1.94 -7.26 39.97
C ILE A 99 -0.66 -7.81 39.38
N TYR A 100 -0.80 -8.67 38.37
CA TYR A 100 0.33 -9.36 37.76
C TYR A 100 0.69 -8.84 36.37
N SER A 101 -0.29 -8.57 35.52
CA SER A 101 0.01 -8.13 34.16
C SER A 101 -1.18 -7.38 33.60
N LYS A 102 -0.91 -6.56 32.58
CA LYS A 102 -1.95 -5.90 31.80
C LYS A 102 -1.34 -5.54 30.45
N ASP A 103 -1.93 -6.07 29.37
CA ASP A 103 -1.32 -5.95 28.06
C ASP A 103 -1.75 -4.72 27.27
N ASN A 104 -2.90 -4.12 27.60
CA ASN A 104 -3.38 -2.92 26.91
C ASN A 104 -3.52 -3.16 25.40
N SER A 105 -3.98 -4.36 25.03
CA SER A 105 -3.96 -4.76 23.63
C SER A 105 -4.76 -3.81 22.75
N VAL A 106 -6.06 -3.68 23.03
CA VAL A 106 -6.95 -2.95 22.12
C VAL A 106 -6.50 -1.49 21.98
N ARG A 107 -6.04 -0.88 23.08
CA ARG A 107 -5.55 0.50 22.99
C ARG A 107 -4.36 0.60 22.04
N ILE A 108 -3.40 -0.32 22.19
CA ILE A 108 -2.26 -0.37 21.28
C ILE A 108 -2.66 -0.85 19.90
N GLY A 109 -3.76 -1.62 19.81
CA GLY A 109 -4.23 -2.12 18.54
C GLY A 109 -4.80 -1.05 17.63
N SER A 110 -5.14 0.13 18.18
CA SER A 110 -5.65 1.20 17.35
C SER A 110 -4.59 1.69 16.36
N LYS A 111 -3.32 1.58 16.73
CA LYS A 111 -2.22 2.00 15.87
C LYS A 111 -1.35 0.84 15.42
N GLY A 112 -0.90 0.01 16.35
CA GLY A 112 -0.01 -1.09 16.03
C GLY A 112 -0.72 -2.23 15.31
N ASP A 113 0.07 -3.25 14.98
CA ASP A 113 -0.42 -4.44 14.30
C ASP A 113 -0.71 -5.49 15.39
N VAL A 114 -1.99 -5.66 15.71
CA VAL A 114 -2.42 -6.47 16.84
C VAL A 114 -3.50 -7.44 16.40
N PHE A 115 -3.38 -8.70 16.82
CA PHE A 115 -4.38 -9.70 16.47
C PHE A 115 -5.72 -9.37 17.09
N VAL A 116 -6.79 -9.56 16.32
CA VAL A 116 -8.13 -9.62 16.89
C VAL A 116 -8.25 -10.96 17.62
N ILE A 117 -8.31 -10.92 18.95
CA ILE A 117 -8.29 -12.13 19.76
C ILE A 117 -9.53 -12.19 20.63
N ARG A 118 -9.73 -13.36 21.24
CA ARG A 118 -10.84 -13.65 22.13
C ARG A 118 -10.55 -15.01 22.77
N GLU A 119 -11.02 -15.17 24.01
CA GLU A 119 -10.72 -16.32 24.86
C GLU A 119 -9.23 -16.44 25.14
N PRO A 120 -8.60 -15.44 25.78
CA PRO A 120 -7.20 -15.59 26.17
C PRO A 120 -7.09 -16.24 27.54
N PHE A 121 -5.93 -16.83 27.78
CA PHE A 121 -5.66 -17.43 29.08
C PHE A 121 -4.16 -17.56 29.28
N ILE A 122 -3.76 -17.58 30.55
CA ILE A 122 -2.36 -17.64 30.95
C ILE A 122 -2.06 -19.04 31.46
N SER A 123 -0.87 -19.54 31.13
CA SER A 123 -0.37 -20.82 31.62
C SER A 123 1.13 -20.69 31.80
N CYS A 124 1.66 -21.35 32.82
CA CYS A 124 3.06 -21.19 33.18
C CYS A 124 3.80 -22.52 33.16
N SER A 125 5.08 -22.44 32.79
CA SER A 125 6.05 -23.52 32.85
C SER A 125 6.84 -23.36 34.14
N PRO A 126 7.75 -24.28 34.50
CA PRO A 126 8.62 -24.02 35.65
C PRO A 126 9.64 -22.92 35.41
N LEU A 127 9.64 -22.29 34.24
CA LEU A 127 10.57 -21.20 33.93
C LEU A 127 9.89 -19.88 33.62
N GLU A 128 8.79 -19.89 32.86
CA GLU A 128 8.15 -18.65 32.42
C GLU A 128 6.64 -18.81 32.42
N CYS A 129 5.95 -17.70 32.17
CA CYS A 129 4.51 -17.68 31.97
C CYS A 129 4.19 -17.06 30.62
N ARG A 130 3.14 -17.58 29.98
CA ARG A 130 2.77 -17.18 28.63
C ARG A 130 1.27 -16.90 28.57
N THR A 131 0.88 -16.10 27.59
CA THR A 131 -0.51 -15.75 27.36
C THR A 131 -0.96 -16.41 26.06
N PHE A 132 -1.79 -17.45 26.19
CA PHE A 132 -2.39 -18.09 25.03
C PHE A 132 -3.67 -17.37 24.66
N PHE A 133 -4.05 -17.49 23.38
CA PHE A 133 -5.23 -16.81 22.88
C PHE A 133 -5.63 -17.40 21.54
N LEU A 134 -6.89 -17.21 21.18
CA LEU A 134 -7.43 -17.64 19.91
C LEU A 134 -7.55 -16.42 19.00
N THR A 135 -6.70 -16.36 17.98
CA THR A 135 -6.77 -15.26 17.03
C THR A 135 -7.96 -15.46 16.09
N GLN A 136 -8.20 -14.44 15.27
CA GLN A 136 -9.21 -14.52 14.21
C GLN A 136 -8.58 -14.43 12.84
N GLY A 137 -7.26 -14.64 12.73
CA GLY A 137 -6.58 -14.51 11.46
C GLY A 137 -6.67 -13.11 10.88
N ALA A 138 -6.77 -12.09 11.73
CA ALA A 138 -6.92 -10.73 11.26
C ALA A 138 -6.35 -9.78 12.31
N LEU A 139 -6.14 -8.54 11.92
CA LEU A 139 -5.59 -7.52 12.80
C LEU A 139 -6.63 -6.45 13.08
N LEU A 140 -6.49 -5.80 14.24
CA LEU A 140 -7.39 -4.71 14.60
C LEU A 140 -7.28 -3.58 13.59
N ASN A 141 -8.39 -2.85 13.43
CA ASN A 141 -8.50 -1.72 12.51
C ASN A 141 -8.28 -2.13 11.06
N ASP A 142 -8.49 -3.41 10.75
CA ASP A 142 -8.41 -3.91 9.38
C ASP A 142 -9.78 -4.43 8.96
N LYS A 143 -10.06 -4.36 7.65
CA LYS A 143 -11.34 -4.81 7.15
C LYS A 143 -11.59 -6.29 7.41
N HIS A 144 -10.54 -7.07 7.61
CA HIS A 144 -10.70 -8.50 7.90
C HIS A 144 -11.21 -8.75 9.31
N SER A 145 -11.26 -7.73 10.15
CA SER A 145 -11.90 -7.83 11.46
C SER A 145 -13.40 -7.59 11.39
N ASN A 146 -13.99 -7.67 10.20
CA ASN A 146 -15.43 -7.48 10.08
C ASN A 146 -16.14 -8.79 10.42
N GLY A 147 -17.29 -8.67 11.08
CA GLY A 147 -18.05 -9.84 11.45
C GLY A 147 -17.33 -10.80 12.37
N THR A 148 -16.26 -10.37 13.04
CA THR A 148 -15.58 -11.32 13.91
C THR A 148 -16.26 -11.38 15.28
N ILE A 149 -17.57 -11.63 15.26
CA ILE A 149 -18.29 -12.18 16.40
C ILE A 149 -18.19 -13.69 16.41
N LYS A 150 -18.47 -14.29 15.25
CA LYS A 150 -18.55 -15.73 15.08
C LYS A 150 -17.33 -16.41 15.68
N ASP A 151 -17.58 -17.27 16.67
CA ASP A 151 -16.53 -17.91 17.45
C ASP A 151 -15.79 -18.99 16.68
N ARG A 152 -16.31 -19.45 15.55
CA ARG A 152 -15.74 -20.58 14.82
C ARG A 152 -15.57 -20.20 13.36
N SER A 153 -14.34 -20.30 12.88
CA SER A 153 -14.03 -20.10 11.47
C SER A 153 -12.74 -20.87 11.17
N PRO A 154 -12.50 -21.22 9.91
CA PRO A 154 -11.26 -21.94 9.58
C PRO A 154 -10.01 -21.09 9.70
N TYR A 155 -10.13 -19.82 10.06
CA TYR A 155 -8.99 -18.92 10.17
C TYR A 155 -8.49 -18.75 11.59
N ARG A 156 -9.26 -19.16 12.61
CA ARG A 156 -8.85 -18.96 13.98
C ARG A 156 -7.70 -19.91 14.34
N THR A 157 -6.72 -19.38 15.07
CA THR A 157 -5.53 -20.13 15.45
C THR A 157 -5.20 -19.86 16.91
N LEU A 158 -4.78 -20.90 17.62
CA LEU A 158 -4.24 -20.75 18.96
C LEU A 158 -2.78 -20.29 18.87
N MET A 159 -2.47 -19.16 19.49
CA MET A 159 -1.12 -18.62 19.53
C MET A 159 -0.80 -18.16 20.93
N SER A 160 0.47 -17.85 21.18
CA SER A 160 0.93 -17.47 22.51
C SER A 160 2.01 -16.41 22.40
N CYS A 161 2.06 -15.55 23.42
CA CYS A 161 3.08 -14.52 23.54
C CYS A 161 3.39 -14.34 25.00
N PRO A 162 4.52 -13.72 25.34
CA PRO A 162 4.83 -13.46 26.76
C PRO A 162 3.72 -12.66 27.42
N ILE A 163 3.64 -12.78 28.75
CA ILE A 163 2.60 -12.06 29.47
C ILE A 163 2.79 -10.56 29.31
N GLY A 164 1.70 -9.83 29.49
CA GLY A 164 1.72 -8.38 29.49
C GLY A 164 2.12 -7.79 28.16
N GLU A 165 2.42 -8.65 27.18
CA GLU A 165 2.76 -8.22 25.84
C GLU A 165 1.54 -8.30 24.94
N VAL A 166 1.55 -7.46 23.91
CA VAL A 166 0.43 -7.32 23.00
C VAL A 166 0.44 -8.48 22.00
N PRO A 167 -0.70 -9.11 21.73
CA PRO A 167 -0.70 -10.25 20.80
C PRO A 167 -0.57 -9.83 19.35
N SER A 168 0.66 -9.52 18.93
CA SER A 168 1.07 -9.10 17.60
C SER A 168 1.68 -10.26 16.82
N PRO A 169 1.55 -10.28 15.49
CA PRO A 169 2.21 -11.32 14.70
C PRO A 169 3.74 -11.28 14.79
N TYR A 170 4.30 -10.20 15.31
CA TYR A 170 5.75 -10.07 15.39
C TYR A 170 6.32 -10.59 16.71
N ASN A 171 5.47 -10.92 17.68
CA ASN A 171 5.92 -11.46 18.95
C ASN A 171 5.14 -12.68 19.40
N SER A 172 4.26 -13.21 18.56
CA SER A 172 3.39 -14.33 18.92
C SER A 172 3.92 -15.63 18.31
N ARG A 173 3.94 -16.67 19.12
CA ARG A 173 4.31 -18.01 18.67
C ARG A 173 3.07 -18.78 18.27
N PHE A 174 3.16 -19.53 17.17
CA PHE A 174 2.02 -20.31 16.71
C PHE A 174 1.95 -21.64 17.47
N GLU A 175 0.74 -22.04 17.86
CA GLU A 175 0.55 -23.31 18.54
C GLU A 175 -0.25 -24.31 17.74
N SER A 176 -1.44 -23.94 17.26
CA SER A 176 -2.32 -24.86 16.56
C SER A 176 -3.45 -24.07 15.92
N VAL A 177 -4.05 -24.65 14.89
CA VAL A 177 -5.25 -24.11 14.28
C VAL A 177 -6.45 -24.52 15.14
N ALA A 178 -7.15 -23.54 15.71
CA ALA A 178 -8.20 -23.86 16.66
C ALA A 178 -9.15 -22.68 16.83
N TRP A 179 -10.43 -23.00 17.00
CA TRP A 179 -11.42 -22.06 17.53
C TRP A 179 -11.87 -22.43 18.94
N SER A 180 -11.21 -23.43 19.54
CA SER A 180 -11.39 -23.77 20.95
C SER A 180 -10.14 -24.51 21.38
N ALA A 181 -9.55 -24.10 22.51
CA ALA A 181 -8.21 -24.56 22.83
C ALA A 181 -8.03 -24.70 24.33
N SER A 182 -6.91 -25.33 24.68
CA SER A 182 -6.44 -25.47 26.06
C SER A 182 -4.96 -25.80 26.01
N ALA A 183 -4.23 -25.39 27.03
CA ALA A 183 -2.78 -25.57 27.02
C ALA A 183 -2.24 -25.56 28.44
N CYS A 184 -1.26 -26.44 28.69
CA CYS A 184 -0.59 -26.50 29.98
C CYS A 184 0.77 -27.15 29.79
N HIS A 185 1.61 -26.99 30.81
CA HIS A 185 3.00 -27.45 30.77
C HIS A 185 3.20 -28.48 31.88
N ASP A 186 3.52 -29.72 31.48
CA ASP A 186 3.74 -30.77 32.46
C ASP A 186 5.06 -30.61 33.21
N GLY A 187 5.90 -29.67 32.82
CA GLY A 187 7.20 -29.47 33.42
C GLY A 187 8.36 -29.69 32.47
N ILE A 188 8.14 -30.36 31.34
CA ILE A 188 9.18 -30.55 30.35
C ILE A 188 8.80 -30.03 28.97
N ASN A 189 7.53 -29.91 28.64
CA ASN A 189 7.16 -29.46 27.30
C ASN A 189 5.73 -28.93 27.30
N TRP A 190 5.52 -27.90 26.49
CA TRP A 190 4.18 -27.33 26.31
C TRP A 190 3.24 -28.33 25.66
N LEU A 191 2.12 -28.59 26.30
CA LEU A 191 1.02 -29.38 25.73
C LEU A 191 -0.07 -28.43 25.28
N THR A 192 -0.46 -28.51 24.01
CA THR A 192 -1.49 -27.65 23.45
C THR A 192 -2.57 -28.50 22.81
N ILE A 193 -3.82 -28.07 22.98
CA ILE A 193 -4.98 -28.79 22.46
C ILE A 193 -5.74 -27.83 21.55
N GLY A 194 -5.76 -28.12 20.25
CA GLY A 194 -6.46 -27.28 19.30
C GLY A 194 -7.64 -27.98 18.64
N ILE A 195 -8.81 -27.35 18.70
CA ILE A 195 -10.05 -27.93 18.16
C ILE A 195 -10.43 -27.15 16.92
N SER A 196 -10.49 -27.84 15.77
CA SER A 196 -10.95 -27.24 14.53
C SER A 196 -11.79 -28.25 13.79
N GLY A 197 -12.27 -27.86 12.61
CA GLY A 197 -13.13 -28.70 11.81
C GLY A 197 -14.57 -28.24 11.82
N PRO A 198 -15.45 -28.99 11.15
CA PRO A 198 -16.86 -28.64 11.12
C PRO A 198 -17.52 -28.85 12.47
N ASP A 199 -18.75 -28.33 12.59
CA ASP A 199 -19.49 -28.44 13.84
C ASP A 199 -19.87 -29.87 14.15
N SER A 200 -20.11 -30.69 13.13
CA SER A 200 -20.50 -32.08 13.32
C SER A 200 -19.33 -33.04 13.39
N GLY A 201 -18.12 -32.59 13.04
CA GLY A 201 -16.96 -33.45 13.01
C GLY A 201 -15.70 -32.86 13.60
N ALA A 202 -15.84 -31.96 14.57
CA ALA A 202 -14.68 -31.27 15.12
C ALA A 202 -13.68 -32.24 15.70
N VAL A 203 -12.40 -31.96 15.49
CA VAL A 203 -11.30 -32.82 15.93
C VAL A 203 -10.32 -31.99 16.73
N ALA A 204 -10.00 -32.45 17.94
CA ALA A 204 -9.04 -31.77 18.80
C ALA A 204 -7.65 -32.31 18.54
N VAL A 205 -6.75 -31.44 18.06
CA VAL A 205 -5.38 -31.83 17.75
C VAL A 205 -4.52 -31.60 18.98
N LEU A 206 -3.89 -32.66 19.48
CA LEU A 206 -3.02 -32.60 20.65
C LEU A 206 -1.56 -32.52 20.21
N LYS A 207 -0.85 -31.52 20.72
CA LYS A 207 0.56 -31.34 20.41
C LYS A 207 1.37 -31.34 21.69
N TYR A 208 2.49 -32.05 21.69
CA TYR A 208 3.46 -32.05 22.78
C TYR A 208 4.79 -31.60 22.19
N ASN A 209 5.27 -30.42 22.59
CA ASN A 209 6.44 -29.78 21.99
C ASN A 209 6.20 -29.48 20.52
N GLY A 210 5.00 -29.00 20.20
CA GLY A 210 4.66 -28.66 18.84
C GLY A 210 4.55 -29.82 17.88
N ILE A 211 4.75 -31.06 18.36
CA ILE A 211 4.62 -32.26 17.55
C ILE A 211 3.26 -32.87 17.82
N ILE A 212 2.51 -33.16 16.75
CA ILE A 212 1.20 -33.78 16.91
C ILE A 212 1.38 -35.14 17.55
N THR A 213 0.79 -35.33 18.73
CA THR A 213 0.91 -36.58 19.47
C THR A 213 -0.38 -37.37 19.56
N ASP A 214 -1.53 -36.74 19.43
CA ASP A 214 -2.80 -37.45 19.52
C ASP A 214 -3.90 -36.56 18.93
N THR A 215 -5.02 -37.20 18.62
CA THR A 215 -6.23 -36.52 18.18
C THR A 215 -7.43 -37.16 18.84
N ILE A 216 -8.51 -36.40 18.98
CA ILE A 216 -9.78 -36.92 19.48
C ILE A 216 -10.92 -36.24 18.74
N LYS A 217 -11.86 -37.04 18.24
CA LYS A 217 -12.96 -36.54 17.42
C LYS A 217 -14.24 -36.41 18.23
N SER A 218 -15.05 -35.43 17.84
CA SER A 218 -16.35 -35.20 18.48
C SER A 218 -17.18 -36.48 18.47
N TRP A 219 -17.67 -36.87 19.66
CA TRP A 219 -18.41 -38.10 19.83
C TRP A 219 -19.92 -37.90 19.84
N ARG A 220 -20.40 -36.67 19.84
CA ARG A 220 -21.82 -36.38 19.76
C ARG A 220 -22.16 -35.44 18.60
N ASN A 221 -21.17 -35.05 17.80
CA ASN A 221 -21.39 -34.33 16.54
C ASN A 221 -22.09 -32.99 16.75
N ASN A 222 -21.94 -32.42 17.93
CA ASN A 222 -22.41 -31.09 18.25
C ASN A 222 -21.29 -30.39 19.01
N ILE A 223 -21.11 -29.09 18.74
CA ILE A 223 -19.76 -28.51 18.67
C ILE A 223 -18.90 -28.96 19.85
N LEU A 224 -17.72 -29.47 19.53
CA LEU A 224 -16.78 -29.96 20.53
C LEU A 224 -15.96 -28.80 21.06
N ARG A 225 -15.92 -28.65 22.39
CA ARG A 225 -15.28 -27.50 22.99
C ARG A 225 -14.62 -27.92 24.30
N THR A 226 -13.74 -27.04 24.79
CA THR A 226 -12.83 -27.35 25.87
C THR A 226 -12.70 -26.11 26.74
N GLN A 227 -11.71 -26.13 27.64
CA GLN A 227 -11.68 -25.21 28.78
C GLN A 227 -11.60 -23.74 28.35
N GLU A 228 -10.83 -23.46 27.30
CA GLU A 228 -10.40 -22.09 26.98
C GLU A 228 -9.56 -21.48 28.09
N SER A 229 -9.04 -22.31 28.99
CA SER A 229 -8.08 -21.90 30.00
C SER A 229 -7.03 -23.00 30.10
N GLU A 230 -6.08 -22.83 31.03
CA GLU A 230 -5.02 -23.80 31.17
C GLU A 230 -5.56 -25.13 31.70
N CYS A 231 -4.97 -26.23 31.24
CA CYS A 231 -5.23 -27.52 31.85
C CYS A 231 -4.33 -27.70 33.08
N ALA A 232 -4.52 -28.83 33.77
CA ALA A 232 -3.83 -29.09 35.03
C ALA A 232 -2.96 -30.33 34.91
N CYS A 233 -1.70 -30.20 35.30
CA CYS A 233 -0.73 -31.30 35.24
C CYS A 233 -0.33 -31.72 36.65
N VAL A 234 -0.31 -33.03 36.89
CA VAL A 234 0.15 -33.61 38.16
C VAL A 234 1.03 -34.81 37.86
N ASN A 235 2.22 -34.83 38.47
CA ASN A 235 3.16 -35.96 38.45
C ASN A 235 3.63 -36.32 37.05
N GLY A 236 3.34 -35.49 36.05
CA GLY A 236 3.67 -35.79 34.67
C GLY A 236 2.48 -36.07 33.80
N SER A 237 1.27 -36.08 34.37
CA SER A 237 0.03 -36.31 33.64
C SER A 237 -0.82 -35.04 33.70
N CYS A 238 -1.34 -34.63 32.56
CA CYS A 238 -2.15 -33.42 32.47
C CYS A 238 -3.58 -33.78 32.14
N PHE A 239 -4.52 -33.01 32.69
CA PHE A 239 -5.94 -33.33 32.61
C PHE A 239 -6.69 -32.15 32.01
N THR A 240 -7.80 -32.46 31.33
CA THR A 240 -8.64 -31.42 30.77
C THR A 240 -10.08 -31.91 30.74
N ILE A 241 -11.00 -30.99 30.43
CA ILE A 241 -12.41 -31.29 30.28
C ILE A 241 -12.85 -30.86 28.88
N MET A 242 -13.67 -31.68 28.24
CA MET A 242 -14.26 -31.34 26.96
C MET A 242 -15.76 -31.59 27.00
N THR A 243 -16.50 -30.83 26.20
CA THR A 243 -17.96 -30.92 26.16
C THR A 243 -18.40 -31.11 24.72
N ASP A 244 -19.33 -32.05 24.52
CA ASP A 244 -19.87 -32.36 23.21
C ASP A 244 -21.39 -32.41 23.33
N GLY A 245 -22.07 -31.57 22.57
CA GLY A 245 -23.52 -31.56 22.60
C GLY A 245 -24.11 -30.17 22.70
N PRO A 246 -25.38 -30.10 23.09
CA PRO A 246 -26.09 -28.81 23.10
C PRO A 246 -25.53 -27.86 24.15
N SER A 247 -25.59 -26.56 23.81
CA SER A 247 -25.23 -25.52 24.76
C SER A 247 -26.42 -25.02 25.57
N ASP A 248 -27.64 -25.31 25.12
CA ASP A 248 -28.86 -24.94 25.84
C ASP A 248 -29.59 -26.15 26.41
N GLY A 249 -28.88 -27.24 26.65
CA GLY A 249 -29.51 -28.42 27.20
C GLY A 249 -28.48 -29.41 27.69
N GLN A 250 -28.97 -30.61 28.03
CA GLN A 250 -28.09 -31.68 28.49
C GLN A 250 -27.08 -32.04 27.41
N ALA A 251 -25.80 -32.06 27.77
CA ALA A 251 -24.74 -32.45 26.86
C ALA A 251 -23.90 -33.55 27.49
N SER A 252 -22.83 -33.93 26.80
CA SER A 252 -21.91 -34.96 27.25
C SER A 252 -20.59 -34.31 27.66
N TYR A 253 -20.06 -34.74 28.80
CA TYR A 253 -18.83 -34.17 29.36
C TYR A 253 -17.85 -35.30 29.65
N LYS A 254 -16.59 -35.12 29.27
CA LYS A 254 -15.56 -36.12 29.45
C LYS A 254 -14.33 -35.53 30.14
N ILE A 255 -13.68 -36.34 30.97
CA ILE A 255 -12.41 -35.99 31.59
C ILE A 255 -11.31 -36.78 30.88
N PHE A 256 -10.19 -36.13 30.62
CA PHE A 256 -9.07 -36.76 29.94
C PHE A 256 -7.82 -36.71 30.82
N ARG A 257 -6.97 -37.72 30.67
CA ARG A 257 -5.67 -37.77 31.34
C ARG A 257 -4.61 -37.96 30.26
N ILE A 258 -3.94 -36.86 29.90
CA ILE A 258 -2.95 -36.87 28.84
C ILE A 258 -1.57 -37.00 29.46
N GLU A 259 -0.71 -37.78 28.81
CA GLU A 259 0.68 -37.95 29.21
C GLU A 259 1.56 -37.77 27.98
N LYS A 260 2.38 -36.72 28.00
CA LYS A 260 3.24 -36.39 26.86
C LYS A 260 2.44 -36.28 25.57
N GLY A 261 1.26 -35.66 25.66
CA GLY A 261 0.42 -35.41 24.52
C GLY A 261 -0.42 -36.57 24.05
N LYS A 262 -0.33 -37.73 24.68
CA LYS A 262 -1.12 -38.91 24.33
C LYS A 262 -2.23 -39.11 25.35
N ILE A 263 -3.46 -39.19 24.87
CA ILE A 263 -4.60 -39.49 25.73
C ILE A 263 -4.50 -40.93 26.21
N VAL A 264 -4.36 -41.13 27.52
CA VAL A 264 -4.19 -42.46 28.07
C VAL A 264 -5.44 -42.96 28.80
N LYS A 265 -6.33 -42.07 29.22
CA LYS A 265 -7.56 -42.49 29.88
C LYS A 265 -8.60 -41.39 29.74
N SER A 266 -9.86 -41.81 29.60
CA SER A 266 -10.96 -40.87 29.52
C SER A 266 -12.19 -41.49 30.17
N VAL A 267 -13.00 -40.63 30.78
CA VAL A 267 -14.23 -41.06 31.46
C VAL A 267 -15.32 -40.04 31.14
N GLU A 268 -16.46 -40.52 30.65
CA GLU A 268 -17.61 -39.66 30.49
C GLU A 268 -18.33 -39.50 31.82
N MET A 269 -18.66 -38.27 32.19
CA MET A 269 -19.22 -38.00 33.49
C MET A 269 -20.69 -38.40 33.53
N ASN A 270 -21.09 -39.05 34.63
CA ASN A 270 -22.49 -39.39 34.89
C ASN A 270 -23.09 -38.24 35.68
N ALA A 271 -23.51 -37.19 34.97
CA ALA A 271 -24.02 -35.98 35.58
C ALA A 271 -25.29 -35.54 34.85
N PRO A 272 -26.40 -36.22 35.10
CA PRO A 272 -27.68 -35.75 34.54
C PRO A 272 -28.11 -34.47 35.23
N ASN A 273 -28.71 -33.58 34.44
CA ASN A 273 -29.19 -32.26 34.83
C ASN A 273 -28.04 -31.29 35.12
N TYR A 274 -26.79 -31.72 35.01
CA TYR A 274 -25.63 -30.85 35.09
C TYR A 274 -25.25 -30.35 33.71
N HIS A 275 -24.56 -29.22 33.66
CA HIS A 275 -24.05 -28.68 32.41
C HIS A 275 -22.66 -28.11 32.64
N TYR A 276 -21.69 -28.58 31.86
CA TYR A 276 -20.30 -28.18 32.02
C TYR A 276 -19.79 -27.56 30.73
N GLU A 277 -19.19 -26.37 30.85
CA GLU A 277 -18.61 -25.67 29.71
C GLU A 277 -17.46 -24.81 30.21
N GLU A 278 -16.35 -24.82 29.47
CA GLU A 278 -15.23 -23.90 29.67
C GLU A 278 -14.74 -23.92 31.12
N CYS A 279 -14.29 -25.09 31.54
CA CYS A 279 -13.86 -25.29 32.91
C CYS A 279 -12.54 -24.59 33.19
N SER A 280 -12.38 -24.15 34.44
CA SER A 280 -11.12 -23.61 34.93
C SER A 280 -10.57 -24.61 35.95
N CYS A 281 -9.63 -25.43 35.50
CA CYS A 281 -9.08 -26.50 36.31
C CYS A 281 -7.73 -26.09 36.87
N TYR A 282 -7.49 -26.43 38.14
CA TYR A 282 -6.21 -26.18 38.78
C TYR A 282 -5.85 -27.39 39.62
N PRO A 283 -4.59 -27.79 39.65
CA PRO A 283 -4.20 -28.92 40.51
C PRO A 283 -4.10 -28.48 41.96
N ASP A 284 -4.48 -29.39 42.85
CA ASP A 284 -4.47 -29.13 44.30
C ASP A 284 -4.01 -30.39 45.01
N SER A 285 -2.71 -30.46 45.31
CA SER A 285 -2.14 -31.52 46.12
C SER A 285 -2.54 -32.91 45.61
N SER A 286 -2.13 -33.19 44.37
CA SER A 286 -2.25 -34.46 43.65
C SER A 286 -3.66 -34.72 43.09
N GLU A 287 -4.61 -33.83 43.29
CA GLU A 287 -5.90 -33.93 42.62
C GLU A 287 -6.18 -32.64 41.85
N ILE A 288 -7.30 -32.64 41.14
CA ILE A 288 -7.69 -31.51 40.30
C ILE A 288 -9.16 -31.20 40.58
N THR A 289 -9.48 -29.92 40.71
CA THR A 289 -10.86 -29.47 40.85
C THR A 289 -11.12 -28.41 39.79
N CYS A 290 -12.13 -28.65 38.97
CA CYS A 290 -12.50 -27.73 37.90
C CYS A 290 -13.75 -26.95 38.31
N VAL A 291 -13.71 -25.63 38.16
CA VAL A 291 -14.88 -24.79 38.28
C VAL A 291 -15.30 -24.37 36.88
N CYS A 292 -16.57 -24.60 36.56
CA CYS A 292 -17.03 -24.53 35.17
C CYS A 292 -18.22 -23.61 35.04
N ARG A 293 -18.83 -23.58 33.85
CA ARG A 293 -19.92 -22.66 33.54
C ARG A 293 -21.12 -23.48 33.12
N ASP A 294 -22.25 -23.26 33.80
CA ASP A 294 -23.51 -23.92 33.46
C ASP A 294 -24.27 -22.98 32.54
N ASN A 295 -24.23 -23.27 31.24
CA ASN A 295 -24.93 -22.44 30.28
C ASN A 295 -26.38 -22.84 30.11
N TRP A 296 -26.82 -23.96 30.67
CA TRP A 296 -28.16 -24.44 30.35
C TRP A 296 -29.25 -23.99 31.32
N HIS A 297 -29.14 -24.36 32.60
CA HIS A 297 -30.04 -23.84 33.62
C HIS A 297 -29.31 -23.46 34.91
N GLY A 298 -28.14 -22.84 34.81
CA GLY A 298 -27.42 -22.60 36.05
C GLY A 298 -26.82 -21.23 36.24
N SER A 299 -27.20 -20.55 37.33
CA SER A 299 -26.61 -19.28 37.71
C SER A 299 -25.52 -19.42 38.77
N ASN A 300 -25.38 -20.58 39.39
CA ASN A 300 -24.21 -20.91 40.18
C ASN A 300 -23.27 -21.77 39.35
N ARG A 301 -22.07 -21.96 39.86
CA ARG A 301 -21.13 -22.62 38.97
C ARG A 301 -21.02 -24.10 39.30
N PRO A 302 -21.08 -24.98 38.30
CA PRO A 302 -20.83 -26.39 38.55
C PRO A 302 -19.35 -26.67 38.70
N TRP A 303 -19.04 -27.75 39.40
CA TRP A 303 -17.64 -28.13 39.60
C TRP A 303 -17.51 -29.64 39.52
N VAL A 304 -16.29 -30.08 39.21
CA VAL A 304 -15.94 -31.49 39.19
C VAL A 304 -14.50 -31.62 39.65
N SER A 305 -14.26 -32.53 40.60
CA SER A 305 -12.91 -32.82 41.08
C SER A 305 -12.59 -34.29 40.85
N PHE A 306 -11.32 -34.57 40.57
CA PHE A 306 -10.92 -35.94 40.26
C PHE A 306 -9.45 -36.13 40.58
N ASN A 307 -9.05 -37.40 40.71
CA ASN A 307 -7.68 -37.83 40.95
C ASN A 307 -7.11 -38.45 39.68
N GLN A 308 -5.88 -38.96 39.79
CA GLN A 308 -5.16 -39.44 38.60
C GLN A 308 -5.88 -40.61 37.94
N ASN A 309 -6.56 -41.45 38.72
CA ASN A 309 -7.34 -42.55 38.16
C ASN A 309 -8.66 -42.09 37.56
N LEU A 310 -8.94 -40.78 37.60
CA LEU A 310 -10.14 -40.16 37.05
C LEU A 310 -11.42 -40.59 37.77
N GLU A 311 -11.31 -41.12 38.98
CA GLU A 311 -12.47 -41.16 39.87
C GLU A 311 -12.85 -39.73 40.21
N TYR A 312 -14.13 -39.41 40.12
CA TYR A 312 -14.55 -38.02 40.17
C TYR A 312 -15.72 -37.82 41.12
N GLN A 313 -15.89 -36.57 41.53
CA GLN A 313 -17.05 -36.12 42.29
C GLN A 313 -17.56 -34.83 41.65
N ILE A 314 -18.87 -34.67 41.61
CA ILE A 314 -19.50 -33.53 40.94
C ILE A 314 -20.32 -32.75 41.96
N GLY A 315 -20.70 -31.53 41.58
CA GLY A 315 -21.49 -30.68 42.45
C GLY A 315 -21.50 -29.26 41.92
N TYR A 316 -22.26 -28.42 42.64
CA TYR A 316 -22.37 -27.00 42.35
C TYR A 316 -21.92 -26.21 43.57
N ILE A 317 -21.40 -25.01 43.32
CA ILE A 317 -21.01 -24.13 44.43
C ILE A 317 -22.27 -23.70 45.17
N CYS A 318 -22.37 -24.08 46.44
CA CYS A 318 -23.59 -23.88 47.21
C CYS A 318 -23.82 -22.43 47.59
N SER A 319 -22.81 -21.57 47.47
CA SER A 319 -22.90 -20.23 48.04
C SER A 319 -24.06 -19.46 47.44
N GLY A 320 -24.71 -18.65 48.28
CA GLY A 320 -25.70 -17.71 47.78
C GLY A 320 -25.12 -16.54 47.05
N VAL A 321 -23.80 -16.38 47.08
CA VAL A 321 -23.11 -15.40 46.25
C VAL A 321 -22.91 -16.05 44.88
N PHE A 322 -23.86 -15.82 43.98
CA PHE A 322 -23.86 -16.49 42.69
C PHE A 322 -22.71 -15.98 41.83
N GLY A 323 -22.08 -16.90 41.10
CA GLY A 323 -20.85 -16.58 40.40
C GLY A 323 -20.97 -16.43 38.90
N ASP A 324 -22.08 -16.89 38.32
CA ASP A 324 -22.24 -16.83 36.88
C ASP A 324 -22.79 -15.46 36.46
N ASN A 325 -22.79 -15.22 35.16
CA ASN A 325 -23.37 -14.01 34.59
C ASN A 325 -24.10 -14.33 33.29
N PRO A 326 -25.40 -14.04 33.18
CA PRO A 326 -26.29 -13.48 34.19
C PRO A 326 -26.54 -14.41 35.38
N ARG A 327 -27.19 -13.86 36.40
CA ARG A 327 -27.54 -14.52 37.66
C ARG A 327 -28.67 -13.75 38.31
N PRO A 328 -29.25 -14.21 39.43
CA PRO A 328 -30.13 -13.33 40.20
C PRO A 328 -29.33 -12.54 41.21
N ASN A 329 -30.00 -11.65 41.95
CA ASN A 329 -29.36 -11.01 43.09
C ASN A 329 -28.94 -12.04 44.13
N ASP A 330 -28.03 -11.64 45.01
CA ASP A 330 -27.56 -12.54 46.05
C ASP A 330 -28.72 -12.94 46.95
N LYS A 331 -28.87 -14.24 47.16
CA LYS A 331 -30.05 -14.83 47.81
C LYS A 331 -29.62 -16.17 48.38
N THR A 332 -30.60 -16.97 48.80
CA THR A 332 -30.30 -18.33 49.27
C THR A 332 -29.84 -19.19 48.11
N GLY A 333 -28.65 -19.76 48.22
CA GLY A 333 -28.07 -20.56 47.16
C GLY A 333 -28.54 -22.00 47.20
N SER A 334 -27.85 -22.83 46.43
CA SER A 334 -28.18 -24.25 46.34
C SER A 334 -26.94 -25.03 45.94
N CYS A 335 -26.81 -26.25 46.47
CA CYS A 335 -25.75 -27.16 46.05
C CYS A 335 -26.08 -27.85 44.73
N GLY A 336 -27.26 -27.61 44.18
CA GLY A 336 -27.56 -28.00 42.83
C GLY A 336 -27.65 -26.78 41.94
N PRO A 337 -27.99 -26.97 40.67
CA PRO A 337 -28.08 -25.84 39.75
C PRO A 337 -29.23 -24.91 40.12
N VAL A 338 -28.94 -23.61 40.15
CA VAL A 338 -29.94 -22.59 40.45
C VAL A 338 -30.56 -22.15 39.12
N SER A 339 -31.85 -22.43 38.94
CA SER A 339 -32.49 -22.20 37.65
C SER A 339 -32.80 -20.74 37.38
N SER A 340 -33.00 -19.94 38.43
CA SER A 340 -33.29 -18.52 38.24
C SER A 340 -32.12 -17.84 37.53
N ASN A 341 -32.38 -17.26 36.37
CA ASN A 341 -31.33 -16.70 35.50
C ASN A 341 -30.27 -17.75 35.17
N GLY A 342 -30.69 -18.99 35.05
CA GLY A 342 -29.82 -20.13 34.81
C GLY A 342 -29.39 -20.29 33.38
N ALA A 343 -30.02 -19.54 32.47
CA ALA A 343 -29.69 -19.57 31.06
C ALA A 343 -28.33 -18.88 30.86
N ASN A 344 -27.91 -18.80 29.60
CA ASN A 344 -26.49 -18.83 29.22
C ASN A 344 -25.63 -17.89 30.06
N GLY A 345 -24.39 -18.33 30.27
CA GLY A 345 -23.53 -17.75 31.29
C GLY A 345 -22.21 -17.23 30.75
N VAL A 346 -21.18 -17.22 31.61
CA VAL A 346 -19.86 -16.70 31.27
C VAL A 346 -18.82 -17.62 31.89
N LYS A 347 -17.72 -17.84 31.17
CA LYS A 347 -16.62 -18.62 31.70
C LYS A 347 -16.07 -17.95 32.96
N GLY A 348 -15.87 -18.75 34.00
CA GLY A 348 -15.38 -18.23 35.26
C GLY A 348 -14.49 -19.21 36.00
N PHE A 349 -14.23 -18.90 37.27
CA PHE A 349 -13.32 -19.71 38.07
C PHE A 349 -13.67 -19.54 39.54
N SER A 350 -13.05 -20.37 40.38
CA SER A 350 -13.18 -20.29 41.82
C SER A 350 -12.10 -21.16 42.44
N PHE A 351 -11.67 -20.77 43.64
CA PHE A 351 -10.67 -21.51 44.39
C PHE A 351 -11.29 -21.98 45.70
N LYS A 352 -11.31 -23.29 45.92
CA LYS A 352 -11.90 -23.87 47.12
C LYS A 352 -10.84 -24.03 48.19
N TYR A 353 -11.14 -23.53 49.38
CA TYR A 353 -10.27 -23.67 50.55
C TYR A 353 -11.12 -24.30 51.66
N GLY A 354 -11.02 -25.61 51.81
CA GLY A 354 -11.89 -26.31 52.74
C GLY A 354 -13.34 -26.08 52.37
N ASN A 355 -14.09 -25.45 53.27
CA ASN A 355 -15.48 -25.10 53.02
C ASN A 355 -15.63 -23.69 52.48
N GLY A 356 -14.55 -22.92 52.39
CA GLY A 356 -14.60 -21.60 51.82
C GLY A 356 -14.28 -21.59 50.33
N VAL A 357 -14.49 -20.44 49.71
CA VAL A 357 -14.29 -20.31 48.26
C VAL A 357 -13.95 -18.86 47.94
N TRP A 358 -12.95 -18.68 47.09
CA TRP A 358 -12.67 -17.40 46.47
C TRP A 358 -13.43 -17.35 45.14
N ILE A 359 -14.34 -16.39 45.01
CA ILE A 359 -15.24 -16.32 43.87
C ILE A 359 -14.89 -15.08 43.05
N GLY A 360 -14.58 -15.29 41.78
CA GLY A 360 -14.43 -14.20 40.83
C GLY A 360 -15.66 -14.12 39.94
N ARG A 361 -16.22 -12.92 39.85
CA ARG A 361 -17.47 -12.75 39.11
C ARG A 361 -17.59 -11.30 38.67
N THR A 362 -18.47 -11.08 37.70
CA THR A 362 -18.77 -9.72 37.25
C THR A 362 -19.51 -8.95 38.33
N LYS A 363 -19.45 -7.62 38.24
CA LYS A 363 -20.17 -6.77 39.18
C LYS A 363 -21.64 -6.64 38.78
N SER A 364 -21.93 -6.60 37.48
CA SER A 364 -23.30 -6.50 37.03
C SER A 364 -23.98 -7.86 37.05
N ILE A 365 -25.31 -7.83 37.12
CA ILE A 365 -26.08 -9.07 37.13
C ILE A 365 -26.55 -9.48 35.75
N SER A 366 -26.61 -8.55 34.79
CA SER A 366 -27.15 -8.80 33.47
C SER A 366 -26.10 -8.78 32.37
N SER A 367 -25.29 -7.73 32.31
CA SER A 367 -24.26 -7.58 31.30
C SER A 367 -22.90 -7.99 31.86
N ARG A 368 -21.91 -8.03 30.97
CA ARG A 368 -20.55 -8.41 31.36
C ARG A 368 -19.76 -7.13 31.69
N LYS A 369 -20.07 -6.58 32.87
CA LYS A 369 -19.49 -5.33 33.33
C LYS A 369 -18.89 -5.53 34.71
N GLY A 370 -17.69 -5.00 34.90
CA GLY A 370 -17.02 -5.06 36.18
C GLY A 370 -16.53 -6.44 36.56
N PHE A 371 -15.65 -6.51 37.56
CA PHE A 371 -15.16 -7.77 38.07
C PHE A 371 -14.72 -7.56 39.51
N GLU A 372 -14.85 -8.61 40.32
CA GLU A 372 -14.53 -8.52 41.73
C GLU A 372 -14.18 -9.91 42.25
N MET A 373 -13.39 -9.94 43.32
CA MET A 373 -13.05 -11.18 44.02
C MET A 373 -13.72 -11.17 45.38
N ILE A 374 -14.43 -12.25 45.70
CA ILE A 374 -15.19 -12.35 46.93
C ILE A 374 -14.76 -13.60 47.68
N TRP A 375 -14.43 -13.45 48.96
CA TRP A 375 -14.07 -14.56 49.82
C TRP A 375 -15.27 -14.93 50.69
N ASP A 376 -15.81 -16.12 50.47
CA ASP A 376 -16.90 -16.64 51.28
C ASP A 376 -16.36 -17.78 52.12
N PRO A 377 -16.20 -17.61 53.44
CA PRO A 377 -15.51 -18.65 54.24
C PRO A 377 -16.27 -19.96 54.35
N ASN A 378 -17.57 -19.98 54.05
CA ASN A 378 -18.35 -21.22 54.04
C ASN A 378 -19.10 -21.40 52.73
N GLY A 379 -18.69 -20.68 51.68
CA GLY A 379 -19.46 -20.65 50.45
C GLY A 379 -19.43 -21.94 49.64
N TRP A 380 -18.46 -22.81 49.87
CA TRP A 380 -18.36 -24.03 49.08
C TRP A 380 -19.43 -25.04 49.48
N THR A 381 -19.78 -25.10 50.76
CA THR A 381 -20.76 -26.05 51.26
C THR A 381 -22.01 -25.39 51.83
N GLY A 382 -22.02 -24.07 52.01
CA GLY A 382 -23.17 -23.40 52.60
C GLY A 382 -23.96 -22.57 51.60
N THR A 383 -25.24 -22.35 51.87
CA THR A 383 -26.13 -21.73 50.91
C THR A 383 -26.46 -20.27 51.22
N ASP A 384 -25.92 -19.71 52.30
CA ASP A 384 -26.23 -18.33 52.64
C ASP A 384 -25.48 -17.37 51.71
N ASN A 385 -25.88 -16.10 51.75
CA ASN A 385 -25.29 -15.08 50.91
C ASN A 385 -24.25 -14.22 51.63
N LYS A 386 -23.86 -14.60 52.84
CA LYS A 386 -22.93 -13.80 53.62
C LYS A 386 -21.49 -14.09 53.18
N PHE A 387 -20.72 -13.02 53.00
CA PHE A 387 -19.30 -13.13 52.70
C PHE A 387 -18.55 -12.10 53.54
N SER A 388 -17.25 -12.31 53.69
CA SER A 388 -16.45 -11.48 54.60
C SER A 388 -15.46 -10.57 53.91
N ILE A 389 -15.07 -10.84 52.67
CA ILE A 389 -14.06 -10.05 51.98
C ILE A 389 -14.48 -9.85 50.53
N LYS A 390 -14.31 -8.62 50.04
CA LYS A 390 -14.57 -8.30 48.64
C LYS A 390 -13.50 -7.33 48.15
N GLN A 391 -12.90 -7.64 47.00
CA GLN A 391 -11.84 -6.82 46.42
C GLN A 391 -12.22 -6.44 45.00
N ASP A 392 -12.26 -5.14 44.73
CA ASP A 392 -12.62 -4.65 43.40
C ASP A 392 -11.50 -4.90 42.41
N ILE A 393 -11.88 -5.29 41.19
CA ILE A 393 -10.95 -5.56 40.10
C ILE A 393 -11.21 -4.66 38.90
N VAL A 394 -12.45 -4.64 38.42
CA VAL A 394 -12.87 -3.77 37.32
C VAL A 394 -14.15 -3.05 37.73
N GLY A 395 -14.22 -1.76 37.43
CA GLY A 395 -15.38 -0.98 37.84
C GLY A 395 -16.65 -1.48 37.18
N ILE A 396 -17.76 -1.35 37.93
CA ILE A 396 -19.05 -1.88 37.50
C ILE A 396 -19.51 -1.29 36.18
N ASN A 397 -18.96 -0.14 35.78
CA ASN A 397 -19.39 0.52 34.56
C ASN A 397 -18.60 0.11 33.33
N GLU A 398 -17.54 -0.68 33.48
CA GLU A 398 -16.60 -0.94 32.41
C GLU A 398 -16.63 -2.40 32.01
N TRP A 399 -16.29 -2.67 30.75
CA TRP A 399 -16.51 -3.98 30.16
C TRP A 399 -15.57 -5.03 30.74
N SER A 400 -16.13 -6.20 31.03
CA SER A 400 -15.40 -7.38 31.46
C SER A 400 -15.77 -8.55 30.56
N GLY A 401 -15.32 -9.76 30.89
CA GLY A 401 -15.59 -10.91 30.04
C GLY A 401 -15.15 -12.21 30.69
N TYR A 402 -14.54 -13.10 29.91
CA TYR A 402 -14.11 -14.39 30.46
C TYR A 402 -13.09 -14.20 31.56
N SER A 403 -13.10 -15.13 32.52
CA SER A 403 -12.08 -15.18 33.55
C SER A 403 -11.71 -16.63 33.77
N GLY A 404 -10.46 -16.86 34.16
CA GLY A 404 -9.97 -18.20 34.35
C GLY A 404 -8.84 -18.24 35.34
N SER A 405 -8.63 -19.42 35.91
CA SER A 405 -7.58 -19.64 36.89
C SER A 405 -6.29 -20.09 36.20
N PHE A 406 -5.17 -19.75 36.83
CA PHE A 406 -3.89 -20.33 36.45
C PHE A 406 -2.98 -20.31 37.67
N VAL A 407 -2.19 -21.36 37.81
CA VAL A 407 -1.39 -21.59 39.00
C VAL A 407 0.09 -21.41 38.70
N GLN A 408 0.86 -21.17 39.74
CA GLN A 408 2.31 -21.08 39.67
C GLN A 408 2.87 -22.11 40.64
N HIS A 409 3.45 -23.18 40.10
CA HIS A 409 3.88 -24.31 40.90
C HIS A 409 5.12 -23.97 41.72
N PRO A 410 5.38 -24.72 42.80
CA PRO A 410 6.62 -24.50 43.56
C PRO A 410 7.88 -24.65 42.72
N GLU A 411 7.82 -25.45 41.64
CA GLU A 411 8.96 -25.56 40.74
C GLU A 411 9.33 -24.20 40.14
N LEU A 412 8.35 -23.33 39.96
CA LEU A 412 8.56 -22.02 39.36
C LEU A 412 8.82 -20.93 40.38
N THR A 413 8.09 -20.94 41.49
CA THR A 413 8.16 -19.86 42.48
C THR A 413 9.13 -20.15 43.62
N GLY A 414 9.49 -21.40 43.85
CA GLY A 414 10.33 -21.75 44.98
C GLY A 414 9.60 -21.83 46.30
N LEU A 415 8.30 -21.56 46.32
CA LEU A 415 7.50 -21.70 47.52
C LEU A 415 7.28 -23.18 47.85
N ASP A 416 6.57 -23.43 48.94
CA ASP A 416 6.26 -24.80 49.37
C ASP A 416 4.81 -25.16 49.11
N CYS A 417 4.11 -24.37 48.30
CA CYS A 417 2.72 -24.64 47.96
C CYS A 417 2.44 -24.03 46.60
N ILE A 418 1.48 -24.61 45.89
CA ILE A 418 1.10 -24.15 44.55
C ILE A 418 0.22 -22.91 44.68
N ARG A 419 0.73 -21.77 44.24
CA ARG A 419 0.02 -20.50 44.42
C ARG A 419 -1.03 -20.32 43.33
N PRO A 420 -2.22 -19.81 43.68
CA PRO A 420 -3.25 -19.55 42.67
C PRO A 420 -3.18 -18.14 42.13
N CYS A 421 -3.54 -18.01 40.84
CA CYS A 421 -3.68 -16.72 40.18
C CYS A 421 -4.89 -16.78 39.25
N PHE A 422 -5.19 -15.65 38.61
CA PHE A 422 -6.30 -15.64 37.66
C PHE A 422 -6.10 -14.49 36.68
N TRP A 423 -6.78 -14.62 35.54
CA TRP A 423 -6.79 -13.61 34.49
C TRP A 423 -8.23 -13.21 34.20
N VAL A 424 -8.39 -12.04 33.60
CA VAL A 424 -9.70 -11.51 33.24
C VAL A 424 -9.64 -11.01 31.80
N GLU A 425 -10.60 -11.46 30.99
CA GLU A 425 -10.74 -10.98 29.62
C GLU A 425 -11.64 -9.75 29.60
N LEU A 426 -11.22 -8.73 28.86
CA LEU A 426 -11.96 -7.47 28.75
C LEU A 426 -12.47 -7.36 27.32
N ILE A 427 -13.72 -7.78 27.11
CA ILE A 427 -14.28 -7.85 25.77
C ILE A 427 -14.71 -6.47 25.32
N ARG A 428 -14.30 -6.09 24.11
CA ARG A 428 -14.68 -4.80 23.54
C ARG A 428 -15.32 -5.03 22.17
N GLY A 429 -16.28 -4.17 21.85
CA GLY A 429 -16.93 -4.19 20.56
C GLY A 429 -18.30 -4.86 20.56
N ARG A 430 -18.56 -5.68 19.54
CA ARG A 430 -19.83 -6.34 19.41
C ARG A 430 -20.04 -7.35 20.53
N PRO A 431 -21.29 -7.62 20.93
CA PRO A 431 -22.52 -7.00 20.41
C PRO A 431 -22.89 -5.70 21.11
N GLU A 432 -22.20 -5.42 22.22
CA GLU A 432 -22.59 -4.31 23.09
C GLU A 432 -22.19 -2.95 22.56
N GLU A 433 -21.22 -2.87 21.66
CA GLU A 433 -20.70 -1.60 21.19
C GLU A 433 -20.82 -1.49 19.67
N ASN A 434 -20.82 -0.24 19.20
CA ASN A 434 -21.10 0.07 17.79
C ASN A 434 -19.82 -0.05 16.99
N THR A 435 -19.43 -1.30 16.70
CA THR A 435 -18.27 -1.60 15.88
C THR A 435 -18.61 -2.75 14.95
N ILE A 436 -17.67 -3.07 14.06
CA ILE A 436 -17.79 -4.22 13.17
C ILE A 436 -17.00 -5.42 13.68
N TRP A 437 -16.41 -5.32 14.87
CA TRP A 437 -15.45 -6.32 15.35
C TRP A 437 -15.69 -6.62 16.82
N THR A 438 -15.06 -7.70 17.29
CA THR A 438 -15.04 -8.05 18.69
C THR A 438 -13.65 -8.53 19.04
N SER A 439 -13.06 -7.97 20.08
CA SER A 439 -11.74 -8.38 20.54
C SER A 439 -11.67 -8.18 22.04
N GLY A 440 -10.51 -8.50 22.61
CA GLY A 440 -10.35 -8.41 24.05
C GLY A 440 -8.92 -8.21 24.45
N SER A 441 -8.72 -7.55 25.58
CA SER A 441 -7.44 -7.45 26.25
C SER A 441 -7.50 -8.29 27.53
N SER A 442 -6.43 -8.26 28.30
CA SER A 442 -6.35 -9.12 29.47
C SER A 442 -5.64 -8.41 30.62
N ILE A 443 -6.10 -8.71 31.84
CA ILE A 443 -5.40 -8.37 33.06
C ILE A 443 -5.28 -9.65 33.86
N SER A 444 -4.32 -9.67 34.79
CA SER A 444 -4.10 -10.87 35.58
C SER A 444 -3.65 -10.49 36.97
N PHE A 445 -4.02 -11.32 37.94
CA PHE A 445 -3.70 -11.10 39.34
C PHE A 445 -3.20 -12.42 39.93
N CYS A 446 -2.34 -12.30 40.94
CA CYS A 446 -1.84 -13.44 41.67
C CYS A 446 -2.11 -13.25 43.15
N GLY A 447 -2.45 -14.35 43.82
CA GLY A 447 -2.77 -14.28 45.24
C GLY A 447 -1.52 -14.15 46.08
N VAL A 448 -1.56 -13.24 47.06
CA VAL A 448 -0.47 -13.08 48.02
C VAL A 448 -1.07 -12.96 49.40
N ASN A 449 -0.30 -13.40 50.39
CA ASN A 449 -0.69 -13.23 51.79
C ASN A 449 -0.04 -11.96 52.36
N SER A 450 -0.43 -10.83 51.81
CA SER A 450 0.14 -9.54 52.17
C SER A 450 -0.85 -8.45 51.77
N ASP A 451 -0.45 -7.20 51.93
CA ASP A 451 -1.35 -6.08 51.67
C ASP A 451 -1.64 -5.96 50.19
N THR A 452 -2.93 -5.81 49.86
CA THR A 452 -3.39 -5.55 48.51
C THR A 452 -4.43 -4.44 48.55
N VAL A 453 -4.95 -4.09 47.37
CA VAL A 453 -5.95 -3.03 47.27
C VAL A 453 -6.86 -3.33 46.08
N GLY A 454 -8.10 -2.86 46.18
CA GLY A 454 -9.02 -2.92 45.06
C GLY A 454 -8.99 -1.65 44.24
N TRP A 455 -9.18 -1.81 42.94
CA TRP A 455 -9.17 -0.69 42.00
C TRP A 455 -9.89 -1.14 40.73
N SER A 456 -9.82 -0.32 39.69
CA SER A 456 -10.41 -0.62 38.39
C SER A 456 -9.34 -0.54 37.32
N TRP A 457 -9.03 -1.69 36.71
CA TRP A 457 -8.04 -1.80 35.64
C TRP A 457 -8.79 -2.21 34.37
N PRO A 458 -9.45 -1.27 33.70
CA PRO A 458 -10.29 -1.61 32.55
C PRO A 458 -9.46 -1.71 31.27
N ASP A 459 -10.15 -2.03 30.18
CA ASP A 459 -9.50 -2.09 28.87
C ASP A 459 -8.93 -0.73 28.48
N GLY A 460 -9.79 0.30 28.44
CA GLY A 460 -9.36 1.65 28.20
C GLY A 460 -9.40 2.11 26.76
N ALA A 461 -9.79 1.24 25.83
CA ALA A 461 -9.83 1.64 24.43
C ALA A 461 -11.03 2.55 24.16
N GLU A 462 -10.80 3.58 23.35
CA GLU A 462 -11.85 4.50 22.95
C GLU A 462 -12.49 3.99 21.66
N LEU A 463 -13.71 3.50 21.75
CA LEU A 463 -14.40 2.97 20.59
C LEU A 463 -15.46 3.95 20.11
N PRO A 464 -15.86 3.92 18.83
CA PRO A 464 -15.38 2.99 17.78
C PRO A 464 -14.01 3.36 17.23
N PHE A 465 -13.39 2.43 16.52
CA PHE A 465 -12.12 2.66 15.86
C PHE A 465 -12.35 3.21 14.46
N THR A 466 -11.25 3.57 13.77
CA THR A 466 -11.37 4.19 12.46
C THR A 466 -11.95 3.23 11.43
N ILE A 467 -11.78 1.92 11.62
CA ILE A 467 -12.34 0.95 10.69
C ILE A 467 -13.87 0.84 10.80
N ASP A 468 -14.45 1.40 11.85
CA ASP A 468 -15.89 1.25 12.10
C ASP A 468 -16.73 2.36 11.51
N LYS A 469 -16.13 3.43 11.01
CA LYS A 469 -16.87 4.56 10.47
C LYS A 469 -17.62 4.18 9.21
N GLU B 1 -41.35 4.77 20.54
CA GLU B 1 -41.46 3.33 20.34
C GLU B 1 -40.97 2.93 18.95
N VAL B 2 -40.96 1.62 18.69
CA VAL B 2 -40.41 1.06 17.46
C VAL B 2 -41.53 0.83 16.46
N GLN B 3 -41.24 1.07 15.19
CA GLN B 3 -42.19 0.85 14.10
C GLN B 3 -41.55 -0.04 13.05
N LEU B 4 -42.27 -1.08 12.64
CA LEU B 4 -41.83 -1.97 11.57
C LEU B 4 -42.67 -1.68 10.33
N VAL B 5 -42.00 -1.27 9.25
CA VAL B 5 -42.66 -0.92 8.01
C VAL B 5 -42.36 -2.00 6.98
N GLN B 6 -43.42 -2.59 6.43
CA GLN B 6 -43.30 -3.66 5.46
C GLN B 6 -43.56 -3.14 4.04
N SER B 7 -43.14 -3.93 3.06
CA SER B 7 -43.37 -3.58 1.66
C SER B 7 -44.84 -3.76 1.30
N GLY B 8 -45.21 -3.22 0.15
CA GLY B 8 -46.58 -3.27 -0.31
C GLY B 8 -47.03 -4.66 -0.73
N ALA B 9 -48.28 -4.73 -1.18
CA ALA B 9 -48.89 -6.00 -1.55
C ALA B 9 -48.18 -6.60 -2.77
N GLU B 10 -48.38 -7.91 -2.95
CA GLU B 10 -47.71 -8.66 -3.99
C GLU B 10 -48.65 -9.70 -4.57
N VAL B 11 -48.57 -9.90 -5.88
CA VAL B 11 -49.33 -10.93 -6.58
C VAL B 11 -48.37 -11.73 -7.43
N LYS B 12 -48.44 -13.06 -7.34
CA LYS B 12 -47.47 -13.94 -7.97
C LYS B 12 -48.17 -15.12 -8.62
N LYS B 13 -47.59 -15.58 -9.74
CA LYS B 13 -47.98 -16.84 -10.36
C LYS B 13 -47.30 -18.01 -9.64
N PRO B 14 -47.88 -19.22 -9.74
CA PRO B 14 -47.30 -20.35 -9.01
C PRO B 14 -45.94 -20.75 -9.57
N GLY B 15 -45.08 -21.22 -8.68
CA GLY B 15 -43.71 -21.54 -9.03
C GLY B 15 -42.73 -20.39 -8.95
N SER B 16 -43.22 -19.15 -8.88
CA SER B 16 -42.36 -17.99 -8.75
C SER B 16 -41.97 -17.81 -7.28
N SER B 17 -41.34 -16.68 -6.97
CA SER B 17 -40.93 -16.39 -5.61
C SER B 17 -41.28 -14.95 -5.26
N VAL B 18 -41.28 -14.66 -3.96
CA VAL B 18 -41.63 -13.34 -3.44
C VAL B 18 -40.65 -13.00 -2.33
N LYS B 19 -40.30 -11.71 -2.23
CA LYS B 19 -39.41 -11.21 -1.18
C LYS B 19 -40.05 -9.99 -0.54
N VAL B 20 -40.24 -10.04 0.77
CA VAL B 20 -40.91 -8.99 1.53
C VAL B 20 -39.89 -8.32 2.45
N SER B 21 -39.89 -7.00 2.49
CA SER B 21 -38.96 -6.23 3.30
C SER B 21 -39.62 -5.84 4.62
N CYS B 22 -38.76 -5.56 5.61
CA CYS B 22 -39.23 -5.22 6.96
C CYS B 22 -38.23 -4.19 7.52
N LYS B 23 -38.57 -2.91 7.41
CA LYS B 23 -37.65 -1.84 7.78
C LYS B 23 -37.95 -1.42 9.22
N ALA B 24 -37.00 -1.69 10.12
CA ALA B 24 -37.13 -1.34 11.53
C ALA B 24 -36.88 0.15 11.69
N SER B 25 -37.95 0.95 11.57
CA SER B 25 -37.84 2.39 11.72
C SER B 25 -37.84 2.73 13.22
N GLY B 26 -36.74 2.34 13.86
CA GLY B 26 -36.50 2.67 15.26
C GLY B 26 -35.07 2.41 15.70
N GLY B 27 -34.90 2.09 16.98
CA GLY B 27 -33.62 1.76 17.57
C GLY B 27 -33.17 0.31 17.50
N PRO B 28 -34.02 -0.62 17.98
CA PRO B 28 -33.55 -1.95 18.38
C PRO B 28 -32.60 -2.69 17.44
N PHE B 29 -32.70 -2.50 16.12
CA PHE B 29 -32.56 -3.60 15.17
C PHE B 29 -31.46 -4.62 15.48
N SER B 30 -30.23 -4.17 15.74
CA SER B 30 -29.08 -5.07 15.66
C SER B 30 -29.22 -6.30 16.56
N SER B 31 -29.32 -6.09 17.88
CA SER B 31 -29.41 -7.21 18.81
C SER B 31 -30.87 -7.51 19.19
N TYR B 32 -31.65 -7.93 18.20
CA TYR B 32 -33.04 -8.32 18.46
C TYR B 32 -33.48 -9.36 17.44
N GLY B 33 -34.19 -10.38 17.93
CA GLY B 33 -34.70 -11.43 17.05
C GLY B 33 -35.92 -10.96 16.29
N PHE B 34 -35.92 -11.17 14.97
CA PHE B 34 -37.03 -10.84 14.10
C PHE B 34 -37.63 -12.13 13.55
N SER B 35 -38.95 -12.26 13.67
CA SER B 35 -39.67 -13.43 13.19
C SER B 35 -40.59 -13.05 12.03
N TRP B 36 -40.89 -14.04 11.19
CA TRP B 36 -41.81 -13.88 10.08
C TRP B 36 -42.97 -14.84 10.28
N VAL B 37 -44.18 -14.29 10.45
CA VAL B 37 -45.39 -15.07 10.69
C VAL B 37 -46.38 -14.76 9.59
N ARG B 38 -46.99 -15.80 9.02
CA ARG B 38 -48.02 -15.65 8.01
C ARG B 38 -49.35 -16.19 8.54
N GLN B 39 -50.44 -15.68 7.97
CA GLN B 39 -51.79 -16.03 8.41
C GLN B 39 -52.69 -16.10 7.18
N ALA B 40 -53.12 -17.31 6.84
CA ALA B 40 -54.09 -17.47 5.77
C ALA B 40 -55.41 -16.81 6.15
N PRO B 41 -56.18 -16.33 5.18
CA PRO B 41 -57.44 -15.64 5.51
C PRO B 41 -58.39 -16.54 6.27
N GLY B 42 -58.82 -16.05 7.44
CA GLY B 42 -59.70 -16.83 8.28
C GLY B 42 -59.04 -18.00 9.00
N GLN B 43 -57.71 -18.01 9.09
CA GLN B 43 -57.00 -19.13 9.68
C GLN B 43 -56.05 -18.66 10.77
N GLY B 44 -55.24 -19.58 11.31
CA GLY B 44 -54.39 -19.26 12.43
C GLY B 44 -53.01 -18.76 12.03
N LEU B 45 -52.26 -18.32 13.04
CA LEU B 45 -50.92 -17.80 12.80
C LEU B 45 -49.93 -18.95 12.62
N GLU B 46 -49.02 -18.79 11.67
CA GLU B 46 -48.03 -19.80 11.34
C GLU B 46 -46.66 -19.14 11.24
N TRP B 47 -45.73 -19.59 12.06
CA TRP B 47 -44.38 -19.04 12.12
C TRP B 47 -43.49 -19.74 11.10
N MET B 48 -42.86 -18.95 10.23
CA MET B 48 -42.03 -19.51 9.16
C MET B 48 -40.56 -19.56 9.57
N GLY B 49 -40.04 -18.46 10.09
CA GLY B 49 -38.63 -18.43 10.44
C GLY B 49 -38.28 -17.19 11.25
N GLY B 50 -37.05 -17.18 11.73
CA GLY B 50 -36.54 -16.07 12.53
C GLY B 50 -35.08 -15.84 12.24
N ILE B 51 -34.59 -14.67 12.67
CA ILE B 51 -33.21 -14.29 12.41
C ILE B 51 -32.72 -13.40 13.56
N ILE B 52 -31.45 -13.55 13.89
CA ILE B 52 -30.75 -12.66 14.81
C ILE B 52 -29.59 -12.02 14.04
N PRO B 53 -29.73 -10.76 13.65
CA PRO B 53 -28.74 -10.16 12.74
C PRO B 53 -27.34 -10.03 13.34
N VAL B 54 -27.23 -9.77 14.64
CA VAL B 54 -25.92 -9.60 15.24
C VAL B 54 -25.11 -10.90 15.18
N TYR B 55 -25.79 -12.04 15.34
CA TYR B 55 -25.12 -13.33 15.27
C TYR B 55 -25.17 -13.94 13.87
N GLY B 56 -25.93 -13.36 12.95
CA GLY B 56 -26.03 -13.91 11.61
C GLY B 56 -26.59 -15.31 11.56
N THR B 57 -27.52 -15.63 12.44
CA THR B 57 -28.08 -16.98 12.54
C THR B 57 -29.57 -16.95 12.21
N THR B 58 -30.06 -18.03 11.64
CA THR B 58 -31.46 -18.16 11.26
C THR B 58 -32.00 -19.51 11.74
N ASN B 59 -33.31 -19.54 11.98
CA ASN B 59 -34.01 -20.74 12.37
C ASN B 59 -35.30 -20.81 11.58
N TYR B 60 -35.50 -21.89 10.83
CA TYR B 60 -36.68 -22.05 9.98
C TYR B 60 -37.54 -23.19 10.48
N ALA B 61 -38.85 -23.03 10.33
CA ALA B 61 -39.78 -24.11 10.64
C ALA B 61 -39.60 -25.25 9.64
N GLN B 62 -39.86 -26.47 10.12
CA GLN B 62 -39.64 -27.65 9.28
C GLN B 62 -40.53 -27.66 8.05
N LYS B 63 -41.66 -26.97 8.08
CA LYS B 63 -42.55 -26.93 6.93
C LYS B 63 -41.96 -26.12 5.78
N PHE B 64 -41.17 -25.10 6.09
CA PHE B 64 -40.64 -24.19 5.08
C PHE B 64 -39.16 -24.39 4.79
N GLN B 65 -38.54 -25.43 5.34
CA GLN B 65 -37.12 -25.68 5.09
C GLN B 65 -36.89 -25.97 3.61
N GLY B 66 -36.01 -25.18 2.99
CA GLY B 66 -35.60 -25.37 1.62
C GLY B 66 -36.09 -24.30 0.67
N ARG B 67 -37.22 -23.67 0.99
CA ARG B 67 -37.83 -22.68 0.09
C ARG B 67 -38.06 -21.33 0.77
N VAL B 68 -37.62 -21.17 2.02
CA VAL B 68 -37.69 -19.88 2.71
C VAL B 68 -36.27 -19.43 3.01
N THR B 69 -36.05 -18.11 2.93
CA THR B 69 -34.74 -17.53 3.20
C THR B 69 -34.94 -16.19 3.88
N ILE B 70 -34.41 -16.04 5.09
CA ILE B 70 -34.54 -14.81 5.85
C ILE B 70 -33.16 -14.17 5.98
N THR B 71 -33.05 -12.94 5.49
CA THR B 71 -31.79 -12.19 5.51
C THR B 71 -32.00 -10.88 6.24
N ALA B 72 -30.89 -10.27 6.67
CA ALA B 72 -30.91 -9.00 7.38
C ALA B 72 -29.90 -8.05 6.76
N ASP B 73 -30.14 -6.76 6.98
CA ASP B 73 -29.24 -5.69 6.55
C ASP B 73 -28.97 -4.80 7.76
N GLU B 74 -27.81 -4.99 8.39
CA GLU B 74 -27.50 -4.27 9.61
C GLU B 74 -27.39 -2.76 9.39
N SER B 75 -27.02 -2.34 8.17
CA SER B 75 -26.85 -0.92 7.89
C SER B 75 -28.19 -0.19 7.91
N THR B 76 -29.12 -0.60 7.06
CA THR B 76 -30.40 0.07 6.92
C THR B 76 -31.45 -0.43 7.90
N SER B 77 -31.10 -1.35 8.79
CA SER B 77 -32.02 -1.91 9.79
C SER B 77 -33.26 -2.48 9.11
N THR B 78 -33.03 -3.42 8.20
CA THR B 78 -34.08 -4.00 7.39
C THR B 78 -33.95 -5.52 7.38
N ALA B 79 -35.08 -6.20 7.48
CA ALA B 79 -35.15 -7.66 7.42
C ALA B 79 -35.91 -8.08 6.18
N TYR B 80 -35.60 -9.28 5.68
CA TYR B 80 -36.17 -9.77 4.44
C TYR B 80 -36.61 -11.22 4.60
N MET B 81 -37.69 -11.57 3.90
CA MET B 81 -38.19 -12.94 3.85
C MET B 81 -38.47 -13.28 2.40
N GLU B 82 -37.84 -14.34 1.91
CA GLU B 82 -37.98 -14.77 0.52
C GLU B 82 -38.53 -16.20 0.50
N LEU B 83 -39.70 -16.37 -0.10
CA LEU B 83 -40.35 -17.67 -0.20
C LEU B 83 -40.42 -18.05 -1.68
N SER B 84 -39.82 -19.18 -2.02
CA SER B 84 -39.75 -19.66 -3.39
C SER B 84 -40.69 -20.83 -3.59
N SER B 85 -40.85 -21.23 -4.86
CA SER B 85 -41.77 -22.30 -5.26
C SER B 85 -43.17 -22.05 -4.71
N LEU B 86 -43.68 -20.86 -4.99
CA LEU B 86 -44.96 -20.43 -4.43
C LEU B 86 -46.09 -21.31 -4.93
N LYS B 87 -46.94 -21.76 -3.99
CA LYS B 87 -48.16 -22.49 -4.29
C LYS B 87 -49.35 -21.66 -3.87
N SER B 88 -50.52 -22.01 -4.41
CA SER B 88 -51.73 -21.24 -4.11
C SER B 88 -52.05 -21.26 -2.61
N GLU B 89 -51.60 -22.30 -1.90
CA GLU B 89 -51.82 -22.36 -0.46
C GLU B 89 -50.94 -21.38 0.31
N ASP B 90 -50.00 -20.71 -0.35
CA ASP B 90 -49.17 -19.71 0.30
C ASP B 90 -49.84 -18.33 0.33
N THR B 91 -51.04 -18.20 -0.22
CA THR B 91 -51.76 -16.93 -0.17
C THR B 91 -52.12 -16.61 1.28
N ALA B 92 -51.52 -15.56 1.82
CA ALA B 92 -51.71 -15.20 3.22
C ALA B 92 -51.16 -13.80 3.43
N VAL B 93 -51.41 -13.27 4.63
CA VAL B 93 -50.84 -12.00 5.06
C VAL B 93 -49.57 -12.31 5.85
N TYR B 94 -48.45 -11.75 5.42
CA TYR B 94 -47.15 -12.08 5.98
C TYR B 94 -46.68 -10.95 6.88
N TYR B 95 -46.48 -11.25 8.16
CA TYR B 95 -46.08 -10.28 9.16
C TYR B 95 -44.62 -10.49 9.54
N CYS B 96 -43.96 -9.40 9.90
CA CYS B 96 -42.65 -9.44 10.54
C CYS B 96 -42.77 -8.78 11.91
N ALA B 97 -42.19 -9.41 12.93
CA ALA B 97 -42.40 -8.97 14.30
C ALA B 97 -41.10 -9.14 15.08
N ARG B 98 -40.65 -8.04 15.69
CA ARG B 98 -39.48 -8.07 16.55
C ARG B 98 -39.80 -8.76 17.88
N ASP B 99 -38.76 -9.23 18.55
CA ASP B 99 -38.92 -9.81 19.87
C ASP B 99 -38.99 -8.71 20.92
N LEU B 100 -39.24 -9.12 22.16
CA LEU B 100 -39.49 -8.16 23.23
C LEU B 100 -38.24 -7.81 24.04
N GLN B 101 -37.24 -8.67 24.04
CA GLN B 101 -36.05 -8.48 24.87
C GLN B 101 -34.79 -8.66 24.03
N ARG B 102 -33.74 -7.96 24.43
CA ARG B 102 -32.45 -8.08 23.76
C ARG B 102 -31.94 -9.51 23.85
N THR B 103 -31.34 -9.99 22.76
CA THR B 103 -30.84 -11.35 22.72
C THR B 103 -29.78 -11.57 23.80
N PRO B 104 -29.71 -12.77 24.37
CA PRO B 104 -28.64 -13.06 25.32
C PRO B 104 -27.29 -13.22 24.64
N MET B 105 -26.24 -13.10 25.43
CA MET B 105 -24.87 -13.24 24.93
C MET B 105 -24.53 -14.71 24.75
N VAL B 106 -24.19 -15.10 23.53
CA VAL B 106 -23.88 -16.48 23.20
C VAL B 106 -22.44 -16.51 22.71
N ASP B 107 -21.57 -17.16 23.48
CA ASP B 107 -20.18 -17.32 23.06
C ASP B 107 -20.03 -18.46 22.06
N ARG B 108 -20.79 -19.54 22.23
CA ARG B 108 -20.77 -20.69 21.34
C ARG B 108 -22.03 -20.64 20.49
N ILE B 109 -21.92 -19.98 19.33
CA ILE B 109 -23.08 -19.69 18.50
C ILE B 109 -23.40 -20.88 17.61
N ILE B 110 -24.57 -21.47 17.81
CA ILE B 110 -25.08 -22.49 16.89
C ILE B 110 -25.59 -21.80 15.65
N GLY B 111 -25.31 -22.39 14.48
CA GLY B 111 -25.74 -21.80 13.22
C GLY B 111 -27.24 -21.62 13.10
N SER B 112 -28.03 -22.40 13.85
CA SER B 112 -29.48 -22.30 13.84
C SER B 112 -30.02 -21.70 15.14
N TYR B 113 -29.22 -20.91 15.84
CA TYR B 113 -29.64 -20.40 17.14
C TYR B 113 -30.74 -19.35 17.00
N TYR B 114 -31.71 -19.40 17.92
CA TYR B 114 -32.77 -18.42 17.98
C TYR B 114 -33.37 -18.43 19.38
N TYR B 115 -33.89 -17.28 19.80
CA TYR B 115 -34.53 -17.12 21.10
C TYR B 115 -35.92 -16.53 20.91
N TYR B 116 -36.80 -16.79 21.87
CA TYR B 116 -38.18 -16.33 21.75
C TYR B 116 -38.73 -16.04 23.14
N ASN B 117 -38.93 -14.76 23.45
CA ASN B 117 -39.67 -14.36 24.63
C ASN B 117 -41.09 -13.93 24.31
N GLY B 118 -41.27 -13.16 23.25
CA GLY B 118 -42.58 -12.73 22.81
C GLY B 118 -42.48 -11.62 21.78
N LEU B 119 -43.34 -11.65 20.76
CA LEU B 119 -43.31 -10.66 19.69
C LEU B 119 -44.27 -9.53 20.06
N ASP B 120 -43.72 -8.42 20.54
CA ASP B 120 -44.53 -7.31 21.00
C ASP B 120 -44.67 -6.18 19.98
N VAL B 121 -43.73 -6.07 19.04
CA VAL B 121 -43.78 -5.05 18.00
C VAL B 121 -43.95 -5.75 16.66
N TRP B 122 -45.04 -5.45 15.97
CA TRP B 122 -45.40 -6.09 14.71
C TRP B 122 -45.47 -5.07 13.59
N GLY B 123 -45.26 -5.54 12.36
CA GLY B 123 -45.48 -4.72 11.20
C GLY B 123 -46.93 -4.71 10.75
N GLN B 124 -47.21 -3.85 9.77
CA GLN B 124 -48.58 -3.71 9.29
C GLN B 124 -49.05 -4.89 8.45
N GLY B 125 -48.15 -5.79 8.06
CA GLY B 125 -48.54 -6.94 7.27
C GLY B 125 -48.42 -6.69 5.78
N THR B 126 -48.16 -7.77 5.04
CA THR B 126 -48.03 -7.72 3.59
C THR B 126 -48.89 -8.82 2.99
N THR B 127 -49.85 -8.42 2.15
CA THR B 127 -50.74 -9.38 1.50
C THR B 127 -50.06 -9.96 0.27
N VAL B 128 -49.93 -11.27 0.23
CA VAL B 128 -49.34 -11.99 -0.90
C VAL B 128 -50.42 -12.92 -1.46
N THR B 129 -50.86 -12.62 -2.68
CA THR B 129 -51.87 -13.44 -3.36
C THR B 129 -51.17 -14.30 -4.41
N VAL B 130 -51.21 -15.61 -4.22
CA VAL B 130 -50.60 -16.56 -5.14
C VAL B 130 -51.74 -17.22 -5.92
N SER B 131 -51.93 -16.78 -7.15
CA SER B 131 -52.89 -17.38 -8.08
C SER B 131 -52.16 -17.80 -9.35
N SER B 132 -52.90 -18.45 -10.25
CA SER B 132 -52.41 -18.73 -11.60
C SER B 132 -53.18 -17.97 -12.67
N ALA B 133 -54.27 -17.28 -12.31
CA ALA B 133 -55.05 -16.52 -13.26
C ALA B 133 -54.28 -15.31 -13.77
N SER B 134 -54.69 -14.84 -14.95
CA SER B 134 -54.12 -13.66 -15.57
C SER B 134 -54.99 -12.44 -15.27
N THR B 135 -54.39 -11.26 -15.45
CA THR B 135 -55.10 -10.01 -15.23
C THR B 135 -56.19 -9.84 -16.27
N LYS B 136 -57.41 -9.52 -15.83
CA LYS B 136 -58.56 -9.38 -16.71
C LYS B 136 -59.46 -8.27 -16.20
N GLY B 137 -59.91 -7.42 -17.12
CA GLY B 137 -60.85 -6.37 -16.79
C GLY B 137 -62.26 -6.90 -16.64
N PRO B 138 -63.04 -6.28 -15.77
CA PRO B 138 -64.38 -6.79 -15.49
C PRO B 138 -65.42 -6.32 -16.49
N SER B 139 -66.48 -7.12 -16.61
CA SER B 139 -67.67 -6.74 -17.35
C SER B 139 -68.68 -6.16 -16.35
N VAL B 140 -69.20 -4.98 -16.65
CA VAL B 140 -70.10 -4.26 -15.76
C VAL B 140 -71.50 -4.30 -16.36
N PHE B 141 -72.44 -4.90 -15.62
CA PHE B 141 -73.83 -4.99 -16.05
C PHE B 141 -74.74 -4.28 -15.05
N PRO B 142 -75.76 -3.58 -15.52
CA PRO B 142 -76.65 -2.86 -14.59
C PRO B 142 -77.66 -3.80 -13.95
N LEU B 143 -77.95 -3.54 -12.67
CA LEU B 143 -78.97 -4.25 -11.92
C LEU B 143 -80.17 -3.33 -11.80
N ALA B 144 -81.17 -3.54 -12.66
CA ALA B 144 -82.30 -2.64 -12.73
C ALA B 144 -83.13 -2.70 -11.46
N PRO B 145 -83.68 -1.57 -10.99
CA PRO B 145 -84.50 -1.59 -9.79
C PRO B 145 -85.82 -2.31 -10.04
N SER B 146 -86.25 -3.09 -9.05
CA SER B 146 -87.49 -3.87 -9.18
C SER B 146 -88.72 -2.98 -9.07
N SER B 147 -88.82 -2.20 -8.00
CA SER B 147 -90.01 -1.40 -7.75
C SER B 147 -90.05 -0.19 -8.67
N LYS B 148 -91.21 0.45 -8.71
CA LYS B 148 -91.48 1.59 -9.58
C LYS B 148 -91.44 2.88 -8.76
N SER B 149 -91.60 4.01 -9.46
CA SER B 149 -91.55 5.31 -8.81
C SER B 149 -92.81 5.62 -8.01
N THR B 150 -93.89 4.87 -8.21
CA THR B 150 -95.14 5.09 -7.50
C THR B 150 -95.40 4.05 -6.41
N SER B 151 -94.53 3.06 -6.26
CA SER B 151 -94.71 2.03 -5.24
C SER B 151 -94.35 2.51 -3.84
N GLY B 152 -93.80 3.71 -3.70
CA GLY B 152 -93.50 4.26 -2.39
C GLY B 152 -92.36 3.57 -1.66
N GLY B 153 -91.94 4.15 -0.55
CA GLY B 153 -90.87 3.54 0.24
C GLY B 153 -89.52 3.78 -0.40
N THR B 154 -88.74 2.70 -0.52
CA THR B 154 -87.40 2.77 -1.07
C THR B 154 -87.20 1.67 -2.11
N ALA B 155 -86.19 1.85 -2.96
CA ALA B 155 -85.89 0.92 -4.03
C ALA B 155 -84.41 0.58 -4.02
N ALA B 156 -84.07 -0.55 -4.63
CA ALA B 156 -82.72 -1.07 -4.66
C ALA B 156 -82.26 -1.26 -6.09
N LEU B 157 -81.15 -0.60 -6.45
CA LEU B 157 -80.53 -0.75 -7.75
C LEU B 157 -79.02 -0.86 -7.57
N GLY B 158 -78.35 -1.43 -8.57
CA GLY B 158 -76.92 -1.61 -8.43
C GLY B 158 -76.27 -2.01 -9.74
N CYS B 159 -75.02 -2.47 -9.63
CA CYS B 159 -74.20 -2.85 -10.76
C CYS B 159 -73.47 -4.15 -10.45
N LEU B 160 -73.32 -5.01 -11.46
CA LEU B 160 -72.64 -6.28 -11.32
C LEU B 160 -71.25 -6.17 -11.95
N VAL B 161 -70.22 -6.40 -11.14
CA VAL B 161 -68.82 -6.37 -11.58
C VAL B 161 -68.35 -7.82 -11.61
N LYS B 162 -68.27 -8.39 -12.82
CA LYS B 162 -68.11 -9.82 -13.00
C LYS B 162 -66.79 -10.15 -13.69
N ASP B 163 -66.17 -11.26 -13.25
CA ASP B 163 -65.04 -11.88 -13.95
C ASP B 163 -63.86 -10.91 -14.12
N TYR B 164 -63.32 -10.46 -12.99
CA TYR B 164 -62.13 -9.64 -12.99
C TYR B 164 -61.06 -10.27 -12.09
N PHE B 165 -59.83 -9.85 -12.31
CA PHE B 165 -58.67 -10.28 -11.54
C PHE B 165 -57.50 -9.34 -11.81
N PRO B 166 -56.72 -8.96 -10.79
CA PRO B 166 -56.93 -9.31 -9.39
C PRO B 166 -57.64 -8.21 -8.60
N GLU B 167 -57.74 -8.41 -7.28
CA GLU B 167 -58.26 -7.37 -6.41
C GLU B 167 -57.30 -6.18 -6.39
N PRO B 168 -57.80 -4.97 -6.08
CA PRO B 168 -59.20 -4.63 -5.82
C PRO B 168 -59.88 -3.86 -6.95
N VAL B 169 -61.16 -3.58 -6.79
CA VAL B 169 -61.89 -2.65 -7.64
C VAL B 169 -62.62 -1.66 -6.73
N THR B 170 -62.82 -0.45 -7.25
CA THR B 170 -63.51 0.61 -6.53
C THR B 170 -64.78 0.97 -7.29
N VAL B 171 -65.89 1.11 -6.57
CA VAL B 171 -67.18 1.43 -7.16
C VAL B 171 -67.76 2.64 -6.44
N SER B 172 -67.90 3.75 -7.17
CA SER B 172 -68.59 4.93 -6.69
C SER B 172 -69.86 5.15 -7.49
N TRP B 173 -70.68 6.09 -7.03
CA TRP B 173 -71.98 6.36 -7.64
C TRP B 173 -72.11 7.86 -7.89
N ASN B 174 -72.43 8.22 -9.14
CA ASN B 174 -72.56 9.61 -9.57
C ASN B 174 -71.26 10.39 -9.30
N SER B 175 -70.14 9.75 -9.61
CA SER B 175 -68.81 10.36 -9.48
C SER B 175 -68.55 10.80 -8.04
N GLY B 176 -68.95 9.97 -7.09
CA GLY B 176 -68.72 10.24 -5.69
C GLY B 176 -69.75 11.12 -5.02
N ALA B 177 -70.76 11.60 -5.76
CA ALA B 177 -71.79 12.45 -5.16
C ALA B 177 -72.72 11.65 -4.27
N LEU B 178 -73.17 10.49 -4.73
CA LEU B 178 -74.09 9.65 -3.98
C LEU B 178 -73.29 8.70 -3.10
N THR B 179 -73.27 8.99 -1.80
CA THR B 179 -72.54 8.18 -0.84
C THR B 179 -73.42 7.53 0.21
N SER B 180 -74.69 7.90 0.29
CA SER B 180 -75.60 7.34 1.29
C SER B 180 -76.39 6.18 0.70
N GLY B 181 -76.58 5.14 1.51
CA GLY B 181 -77.28 3.95 1.07
C GLY B 181 -76.47 3.03 0.17
N VAL B 182 -75.19 3.32 -0.03
CA VAL B 182 -74.34 2.51 -0.90
C VAL B 182 -73.76 1.36 -0.09
N HIS B 183 -73.88 0.14 -0.60
CA HIS B 183 -73.33 -1.06 0.03
C HIS B 183 -72.62 -1.87 -1.04
N THR B 184 -71.28 -1.80 -1.06
CA THR B 184 -70.48 -2.58 -2.00
C THR B 184 -70.08 -3.88 -1.32
N PHE B 185 -70.60 -5.00 -1.82
CA PHE B 185 -70.36 -6.29 -1.20
C PHE B 185 -68.97 -6.82 -1.52
N PRO B 186 -68.37 -7.59 -0.60
CA PRO B 186 -67.10 -8.24 -0.90
C PRO B 186 -67.24 -9.23 -2.05
N ALA B 187 -66.16 -9.38 -2.81
CA ALA B 187 -66.20 -10.19 -4.01
C ALA B 187 -66.17 -11.68 -3.67
N VAL B 188 -66.64 -12.49 -4.63
CA VAL B 188 -66.57 -13.94 -4.56
C VAL B 188 -65.41 -14.40 -5.44
N LEU B 189 -64.72 -15.44 -5.00
CA LEU B 189 -63.65 -16.06 -5.79
C LEU B 189 -64.21 -17.35 -6.39
N GLN B 190 -64.52 -17.31 -7.68
CA GLN B 190 -65.15 -18.43 -8.35
C GLN B 190 -64.13 -19.53 -8.63
N SER B 191 -64.65 -20.68 -9.11
CA SER B 191 -63.78 -21.80 -9.45
C SER B 191 -62.86 -21.46 -10.62
N SER B 192 -63.25 -20.52 -11.48
CA SER B 192 -62.42 -20.13 -12.61
C SER B 192 -61.20 -19.35 -12.17
N GLY B 193 -61.19 -18.81 -10.95
CA GLY B 193 -60.10 -17.99 -10.47
C GLY B 193 -60.33 -16.50 -10.59
N LEU B 194 -61.49 -16.07 -11.10
CA LEU B 194 -61.81 -14.67 -11.28
C LEU B 194 -62.76 -14.21 -10.18
N TYR B 195 -62.71 -12.91 -9.88
CA TYR B 195 -63.55 -12.33 -8.84
C TYR B 195 -64.82 -11.74 -9.44
N SER B 196 -65.83 -11.59 -8.59
CA SER B 196 -67.09 -10.95 -8.98
C SER B 196 -67.75 -10.38 -7.74
N LEU B 197 -68.17 -9.12 -7.79
CA LEU B 197 -68.86 -8.50 -6.68
C LEU B 197 -70.04 -7.70 -7.22
N SER B 198 -70.81 -7.12 -6.29
CA SER B 198 -71.95 -6.28 -6.62
C SER B 198 -72.00 -5.11 -5.65
N SER B 199 -72.40 -3.95 -6.17
CA SER B 199 -72.59 -2.76 -5.34
C SER B 199 -73.98 -2.22 -5.60
N VAL B 200 -74.75 -2.02 -4.53
CA VAL B 200 -76.15 -1.62 -4.63
C VAL B 200 -76.39 -0.41 -3.75
N VAL B 201 -77.28 0.47 -4.21
CA VAL B 201 -77.67 1.67 -3.48
C VAL B 201 -79.16 1.56 -3.17
N THR B 202 -79.54 2.01 -1.97
CA THR B 202 -80.94 2.03 -1.55
C THR B 202 -81.43 3.48 -1.71
N VAL B 203 -82.28 3.69 -2.69
CA VAL B 203 -82.69 5.04 -3.09
C VAL B 203 -84.17 5.20 -2.80
N PRO B 204 -84.64 6.43 -2.63
CA PRO B 204 -86.09 6.66 -2.56
C PRO B 204 -86.77 6.30 -3.88
N SER B 205 -87.91 5.63 -3.78
CA SER B 205 -88.60 5.17 -4.98
C SER B 205 -89.06 6.34 -5.85
N SER B 206 -89.42 7.47 -5.24
CA SER B 206 -89.87 8.63 -5.99
C SER B 206 -88.78 9.21 -6.89
N SER B 207 -87.51 8.90 -6.62
CA SER B 207 -86.42 9.42 -7.42
C SER B 207 -86.19 8.62 -8.70
N LEU B 208 -86.83 7.47 -8.85
CA LEU B 208 -86.69 6.69 -10.08
C LEU B 208 -87.29 7.44 -11.26
N GLY B 209 -86.57 7.46 -12.37
CA GLY B 209 -86.96 8.24 -13.54
C GLY B 209 -86.69 9.72 -13.43
N THR B 210 -86.26 10.21 -12.27
CA THR B 210 -85.95 11.62 -12.07
C THR B 210 -84.47 11.87 -11.83
N GLN B 211 -83.86 11.13 -10.90
CA GLN B 211 -82.44 11.24 -10.61
C GLN B 211 -81.68 10.17 -11.39
N THR B 212 -80.67 10.60 -12.15
CA THR B 212 -79.86 9.68 -12.92
C THR B 212 -78.87 8.96 -12.01
N TYR B 213 -78.78 7.63 -12.16
CA TYR B 213 -77.91 6.81 -11.34
C TYR B 213 -76.85 6.16 -12.23
N ILE B 214 -75.59 6.39 -11.92
CA ILE B 214 -74.46 5.87 -12.69
C ILE B 214 -73.43 5.32 -11.72
N CYS B 215 -72.99 4.09 -11.94
CA CYS B 215 -71.95 3.47 -11.13
C CYS B 215 -70.61 3.58 -11.86
N ASN B 216 -69.56 3.93 -11.11
CA ASN B 216 -68.24 4.16 -11.65
C ASN B 216 -67.32 3.04 -11.16
N VAL B 217 -67.03 2.09 -12.05
CA VAL B 217 -66.16 0.95 -11.74
C VAL B 217 -64.75 1.27 -12.21
N ASN B 218 -63.78 1.05 -11.34
CA ASN B 218 -62.37 1.34 -11.62
C ASN B 218 -61.54 0.15 -11.19
N HIS B 219 -60.93 -0.53 -12.16
CA HIS B 219 -60.04 -1.66 -11.90
C HIS B 219 -58.64 -1.26 -12.38
N LYS B 220 -57.82 -0.79 -11.44
CA LYS B 220 -56.50 -0.28 -11.79
C LYS B 220 -55.56 -1.32 -12.39
N PRO B 221 -55.47 -2.56 -11.89
CA PRO B 221 -54.51 -3.51 -12.49
C PRO B 221 -54.72 -3.75 -13.98
N SER B 222 -55.95 -3.64 -14.49
CA SER B 222 -56.22 -3.81 -15.91
C SER B 222 -56.49 -2.49 -16.62
N ASN B 223 -56.32 -1.36 -15.93
CA ASN B 223 -56.55 -0.03 -16.51
C ASN B 223 -57.98 0.11 -17.04
N THR B 224 -58.93 -0.55 -16.41
CA THR B 224 -60.31 -0.57 -16.87
C THR B 224 -61.14 0.41 -16.05
N LYS B 225 -61.88 1.27 -16.73
CA LYS B 225 -62.82 2.18 -16.10
C LYS B 225 -64.12 2.16 -16.90
N VAL B 226 -65.22 1.80 -16.24
CA VAL B 226 -66.51 1.65 -16.90
C VAL B 226 -67.53 2.47 -16.13
N ASP B 227 -68.30 3.29 -16.86
CA ASP B 227 -69.42 4.04 -16.31
C ASP B 227 -70.70 3.48 -16.89
N LYS B 228 -71.52 2.86 -16.05
CA LYS B 228 -72.74 2.18 -16.48
C LYS B 228 -73.95 2.89 -15.90
N LYS B 229 -74.90 3.24 -16.77
CA LYS B 229 -76.13 3.89 -16.36
C LYS B 229 -77.18 2.82 -16.03
N VAL B 230 -77.76 2.91 -14.85
CA VAL B 230 -78.76 1.95 -14.39
C VAL B 230 -80.14 2.59 -14.51
N GLU B 231 -81.02 1.93 -15.26
CA GLU B 231 -82.35 2.45 -15.53
C GLU B 231 -83.40 1.40 -15.16
N PRO B 232 -84.61 1.82 -14.77
CA PRO B 232 -85.70 0.91 -14.41
C PRO B 232 -86.06 -0.07 -15.53
N SER C 2 -44.33 -30.74 17.75
CA SER C 2 -45.20 -30.41 18.87
C SER C 2 -46.33 -29.48 18.43
N VAL C 3 -47.54 -29.74 18.92
CA VAL C 3 -48.73 -29.00 18.55
C VAL C 3 -49.37 -28.42 19.81
N LEU C 4 -49.76 -27.15 19.74
CA LEU C 4 -50.52 -26.51 20.79
C LEU C 4 -51.99 -26.53 20.40
N THR C 5 -52.83 -27.10 21.26
CA THR C 5 -54.26 -27.23 20.99
C THR C 5 -55.02 -26.15 21.74
N GLN C 6 -56.06 -25.62 21.12
CA GLN C 6 -56.80 -24.50 21.63
C GLN C 6 -58.27 -24.69 21.31
N PRO C 7 -59.17 -24.33 22.23
CA PRO C 7 -60.61 -24.37 21.90
C PRO C 7 -60.89 -23.50 20.69
N ALA C 8 -61.73 -24.02 19.79
CA ALA C 8 -62.02 -23.29 18.56
C ALA C 8 -62.80 -22.01 18.85
N SER C 9 -63.71 -22.06 19.81
CA SER C 9 -64.54 -20.91 20.13
C SER C 9 -64.88 -20.92 21.62
N VAL C 10 -64.80 -19.76 22.24
CA VAL C 10 -65.32 -19.52 23.57
C VAL C 10 -66.19 -18.27 23.52
N SER C 11 -67.17 -18.19 24.41
CA SER C 11 -68.13 -17.11 24.39
C SER C 11 -68.50 -16.69 25.80
N GLY C 12 -68.61 -15.38 26.00
CA GLY C 12 -69.06 -14.83 27.26
C GLY C 12 -69.80 -13.53 27.08
N SER C 13 -70.44 -13.08 28.14
CA SER C 13 -71.20 -11.84 28.16
C SER C 13 -70.33 -10.70 28.70
N PRO C 14 -70.80 -9.46 28.59
CA PRO C 14 -70.13 -8.37 29.31
C PRO C 14 -70.21 -8.59 30.81
N GLY C 15 -69.18 -8.15 31.53
CA GLY C 15 -69.09 -8.38 32.95
C GLY C 15 -68.60 -9.77 33.29
N GLN C 16 -68.88 -10.72 32.40
CA GLN C 16 -68.39 -12.09 32.53
C GLN C 16 -66.86 -12.10 32.51
N SER C 17 -66.29 -13.12 33.11
CA SER C 17 -64.88 -13.44 32.92
C SER C 17 -64.77 -14.79 32.22
N ILE C 18 -63.66 -15.01 31.51
CA ILE C 18 -63.54 -16.17 30.63
C ILE C 18 -62.10 -16.66 30.66
N THR C 19 -61.93 -17.96 30.45
CA THR C 19 -60.62 -18.62 30.47
C THR C 19 -60.44 -19.44 29.21
N ILE C 20 -59.42 -19.12 28.42
CA ILE C 20 -58.99 -19.95 27.31
C ILE C 20 -57.82 -20.79 27.82
N SER C 21 -57.55 -21.90 27.14
CA SER C 21 -56.58 -22.87 27.64
C SER C 21 -55.74 -23.43 26.50
N CYS C 22 -54.46 -23.06 26.49
CA CYS C 22 -53.45 -23.77 25.72
C CYS C 22 -53.12 -25.10 26.40
N THR C 23 -53.19 -26.19 25.65
CA THR C 23 -52.95 -27.52 26.21
C THR C 23 -51.82 -28.23 25.45
N GLY C 24 -50.74 -27.51 25.16
CA GLY C 24 -49.58 -28.11 24.54
C GLY C 24 -48.29 -28.14 25.36
N ALA C 25 -47.30 -27.35 24.93
CA ALA C 25 -45.93 -27.51 25.42
C ALA C 25 -45.77 -27.08 26.89
N SER C 26 -45.24 -28.02 27.71
CA SER C 26 -44.72 -27.74 29.05
C SER C 26 -43.41 -28.51 29.33
N SER C 27 -42.83 -29.10 28.29
CA SER C 27 -41.93 -30.25 28.16
C SER C 27 -40.55 -30.05 28.81
N ASP C 28 -39.76 -31.13 28.79
CA ASP C 28 -38.30 -30.95 28.86
C ASP C 28 -37.79 -30.29 30.15
N VAL C 29 -37.97 -31.05 31.23
CA VAL C 29 -38.15 -30.69 32.62
C VAL C 29 -37.22 -29.57 33.09
N GLY C 30 -35.95 -29.59 32.69
CA GLY C 30 -35.06 -28.58 33.22
C GLY C 30 -35.06 -27.35 32.32
N ASP C 31 -35.51 -27.50 31.08
CA ASP C 31 -35.78 -26.35 30.22
C ASP C 31 -36.87 -25.45 30.82
N TYR C 32 -36.84 -24.18 30.40
CA TYR C 32 -37.74 -23.16 30.93
C TYR C 32 -39.02 -23.11 30.09
N ASN C 33 -39.92 -22.19 30.45
CA ASN C 33 -41.23 -22.06 29.79
C ASN C 33 -41.29 -20.69 29.13
N TYR C 34 -41.07 -20.67 27.82
CA TYR C 34 -41.19 -19.46 27.02
C TYR C 34 -42.57 -19.39 26.37
N VAL C 35 -43.59 -19.26 27.20
CA VAL C 35 -45.00 -19.29 26.79
C VAL C 35 -45.52 -17.87 26.68
N SER C 36 -46.35 -17.61 25.66
CA SER C 36 -46.82 -16.27 25.38
C SER C 36 -48.21 -16.32 24.74
N TRP C 37 -48.94 -15.20 24.88
CA TRP C 37 -50.29 -15.08 24.36
C TRP C 37 -50.42 -13.85 23.49
N TYR C 38 -51.31 -13.92 22.49
CA TYR C 38 -51.52 -12.84 21.54
C TYR C 38 -53.01 -12.61 21.33
N GLN C 39 -53.37 -11.35 21.09
CA GLN C 39 -54.72 -10.95 20.72
C GLN C 39 -54.68 -10.33 19.32
N GLN C 40 -55.63 -10.72 18.48
CA GLN C 40 -55.65 -10.28 17.08
C GLN C 40 -57.08 -9.90 16.69
N HIS C 41 -57.29 -8.62 16.40
CA HIS C 41 -58.54 -8.15 15.83
C HIS C 41 -58.52 -8.31 14.31
N PRO C 42 -59.68 -8.39 13.67
CA PRO C 42 -59.71 -8.62 12.22
C PRO C 42 -58.97 -7.53 11.46
N GLY C 43 -58.12 -7.96 10.52
CA GLY C 43 -57.40 -7.05 9.66
C GLY C 43 -56.26 -6.30 10.29
N LYS C 44 -55.79 -6.73 11.46
CA LYS C 44 -54.71 -6.06 12.17
C LYS C 44 -53.68 -7.08 12.64
N ALA C 45 -52.52 -6.58 13.02
CA ALA C 45 -51.45 -7.45 13.47
C ALA C 45 -51.73 -7.95 14.88
N PRO C 46 -51.23 -9.14 15.22
CA PRO C 46 -51.39 -9.65 16.59
C PRO C 46 -50.73 -8.73 17.60
N LYS C 47 -51.25 -8.76 18.82
CA LYS C 47 -50.79 -7.91 19.91
C LYS C 47 -50.40 -8.79 21.09
N LEU C 48 -49.16 -8.66 21.55
CA LEU C 48 -48.66 -9.49 22.64
C LEU C 48 -49.36 -9.07 23.93
N MET C 49 -50.18 -9.97 24.48
CA MET C 49 -50.86 -9.72 25.74
C MET C 49 -50.15 -10.32 26.93
N ILE C 50 -49.63 -11.54 26.79
CA ILE C 50 -48.99 -12.26 27.88
C ILE C 50 -47.74 -12.97 27.33
N TYR C 51 -46.67 -12.94 28.10
CA TYR C 51 -45.43 -13.65 27.80
C TYR C 51 -44.90 -14.24 29.11
N ASP C 52 -44.03 -15.25 29.05
CA ASP C 52 -43.17 -15.54 30.21
C ASP C 52 -44.00 -15.82 31.47
N VAL C 53 -44.73 -16.93 31.44
CA VAL C 53 -46.17 -17.13 31.32
C VAL C 53 -47.01 -16.13 32.12
N SER C 54 -46.64 -15.80 33.33
CA SER C 54 -47.53 -14.98 34.13
C SER C 54 -47.25 -13.49 33.97
N ASN C 55 -46.26 -13.11 33.14
CA ASN C 55 -45.91 -11.72 32.94
C ASN C 55 -46.76 -11.06 31.87
N ARG C 56 -46.90 -9.74 31.97
CA ARG C 56 -47.73 -8.89 31.12
C ARG C 56 -46.98 -7.61 30.76
N PRO C 57 -46.87 -7.26 29.48
CA PRO C 57 -46.13 -6.05 29.11
C PRO C 57 -46.92 -4.78 29.37
N SER C 58 -46.20 -3.66 29.34
CA SER C 58 -46.79 -2.37 29.68
C SER C 58 -47.88 -1.99 28.70
N GLY C 59 -48.96 -1.39 29.23
CA GLY C 59 -50.07 -0.95 28.42
C GLY C 59 -51.19 -1.95 28.28
N VAL C 60 -50.94 -3.22 28.59
CA VAL C 60 -51.97 -4.25 28.54
C VAL C 60 -52.80 -4.17 29.82
N SER C 61 -54.12 -4.25 29.66
CA SER C 61 -55.01 -4.15 30.81
C SER C 61 -54.75 -5.30 31.79
N ASN C 62 -54.81 -4.98 33.09
CA ASN C 62 -54.59 -5.98 34.12
C ASN C 62 -55.70 -7.01 34.19
N ARG C 63 -56.77 -6.85 33.40
CA ARG C 63 -57.82 -7.87 33.35
C ARG C 63 -57.34 -9.15 32.70
N PHE C 64 -56.24 -9.10 31.95
CA PHE C 64 -55.65 -10.27 31.32
C PHE C 64 -54.59 -10.84 32.24
N SER C 65 -54.60 -12.16 32.41
CA SER C 65 -53.59 -12.83 33.23
C SER C 65 -53.38 -14.23 32.70
N GLY C 66 -52.20 -14.78 32.98
CA GLY C 66 -51.83 -16.09 32.50
C GLY C 66 -51.41 -16.99 33.63
N SER C 67 -51.48 -18.30 33.37
CA SER C 67 -51.07 -19.31 34.32
C SER C 67 -50.74 -20.57 33.54
N LYS C 68 -50.13 -21.53 34.24
CA LYS C 68 -49.81 -22.82 33.63
C LYS C 68 -49.71 -23.87 34.72
N SER C 69 -50.29 -25.03 34.45
CA SER C 69 -50.28 -26.16 35.38
C SER C 69 -50.16 -27.44 34.57
N GLY C 70 -49.06 -28.15 34.77
CA GLY C 70 -48.81 -29.34 33.96
C GLY C 70 -48.51 -28.93 32.54
N ASP C 71 -49.16 -29.60 31.58
CA ASP C 71 -48.96 -29.31 30.17
C ASP C 71 -50.00 -28.35 29.61
N THR C 72 -50.74 -27.68 30.48
CA THR C 72 -51.84 -26.80 30.08
C THR C 72 -51.61 -25.40 30.60
N ALA C 73 -51.56 -24.43 29.70
CA ALA C 73 -51.51 -23.02 30.06
C ALA C 73 -52.87 -22.38 29.82
N SER C 74 -53.18 -21.35 30.60
CA SER C 74 -54.51 -20.74 30.58
C SER C 74 -54.38 -19.22 30.56
N LEU C 75 -55.20 -18.59 29.73
CA LEU C 75 -55.33 -17.13 29.69
C LEU C 75 -56.69 -16.76 30.26
N THR C 76 -56.68 -16.03 31.36
CA THR C 76 -57.90 -15.63 32.05
C THR C 76 -58.18 -14.16 31.79
N ILE C 77 -59.36 -13.86 31.25
CA ILE C 77 -59.79 -12.50 30.97
C ILE C 77 -60.95 -12.18 31.89
N SER C 78 -60.74 -11.24 32.80
CA SER C 78 -61.75 -10.82 33.75
C SER C 78 -62.47 -9.57 33.25
N GLY C 79 -63.72 -9.42 33.66
CA GLY C 79 -64.54 -8.29 33.25
C GLY C 79 -64.60 -8.11 31.74
N LEU C 80 -65.21 -9.07 31.04
CA LEU C 80 -65.26 -9.05 29.59
C LEU C 80 -65.90 -7.77 29.08
N GLN C 81 -65.23 -7.14 28.13
CA GLN C 81 -65.72 -5.95 27.43
C GLN C 81 -65.94 -6.29 25.96
N ALA C 82 -66.74 -5.45 25.30
CA ALA C 82 -67.08 -5.71 23.91
C ALA C 82 -65.85 -5.69 23.01
N GLU C 83 -64.85 -4.88 23.35
CA GLU C 83 -63.64 -4.78 22.55
C GLU C 83 -62.74 -6.02 22.66
N ASP C 84 -62.96 -6.88 23.66
CA ASP C 84 -62.15 -8.07 23.81
C ASP C 84 -62.50 -9.15 22.78
N GLU C 85 -63.57 -8.97 22.03
CA GLU C 85 -63.98 -9.95 21.02
C GLU C 85 -62.96 -9.96 19.88
N ALA C 86 -62.14 -11.00 19.82
CA ALA C 86 -61.08 -11.11 18.83
C ALA C 86 -60.61 -12.57 18.81
N ASP C 87 -59.57 -12.84 18.03
CA ASP C 87 -58.93 -14.15 18.02
C ASP C 87 -57.75 -14.14 18.97
N TYR C 88 -57.56 -15.26 19.68
CA TYR C 88 -56.49 -15.39 20.66
C TYR C 88 -55.62 -16.60 20.32
N TYR C 89 -54.31 -16.42 20.43
CA TYR C 89 -53.35 -17.48 20.14
C TYR C 89 -52.35 -17.59 21.28
N CYS C 90 -51.90 -18.81 21.55
CA CYS C 90 -50.80 -19.05 22.47
C CYS C 90 -49.57 -19.53 21.71
N SER C 91 -48.39 -19.31 22.28
CA SER C 91 -47.13 -19.68 21.66
C SER C 91 -46.20 -20.26 22.70
N SER C 92 -45.16 -20.95 22.23
CA SER C 92 -44.23 -21.63 23.12
C SER C 92 -42.94 -21.92 22.37
N TYR C 93 -41.81 -21.82 23.06
CA TYR C 93 -40.50 -22.12 22.50
C TYR C 93 -40.00 -23.42 23.13
N THR C 94 -39.67 -24.39 22.29
CA THR C 94 -39.12 -25.66 22.72
C THR C 94 -37.80 -25.89 22.01
N ARG C 95 -36.94 -26.72 22.59
CA ARG C 95 -35.75 -27.17 21.87
C ARG C 95 -36.14 -27.90 20.59
N SER C 96 -37.14 -28.78 20.67
CA SER C 96 -37.57 -29.55 19.50
C SER C 96 -38.09 -28.65 18.39
N SER C 97 -39.16 -27.90 18.66
CA SER C 97 -39.73 -26.93 17.73
C SER C 97 -39.60 -25.55 18.32
N SER C 98 -39.21 -24.56 17.52
CA SER C 98 -38.72 -23.33 18.11
C SER C 98 -39.80 -22.27 18.35
N VAL C 99 -41.02 -22.43 17.81
CA VAL C 99 -42.22 -21.73 18.24
C VAL C 99 -43.40 -22.49 17.66
N VAL C 100 -44.50 -22.52 18.41
CA VAL C 100 -45.73 -23.14 17.95
C VAL C 100 -46.91 -22.26 18.30
N PHE C 101 -47.45 -21.54 17.33
CA PHE C 101 -48.69 -20.79 17.53
C PHE C 101 -49.85 -21.76 17.58
N GLY C 102 -50.70 -21.61 18.60
CA GLY C 102 -51.86 -22.47 18.75
C GLY C 102 -52.83 -22.33 17.60
N GLY C 103 -53.79 -23.26 17.57
CA GLY C 103 -54.81 -23.22 16.53
C GLY C 103 -55.62 -21.94 16.52
N GLY C 104 -55.81 -21.34 17.68
CA GLY C 104 -56.55 -20.10 17.78
C GLY C 104 -57.90 -20.31 18.45
N THR C 105 -58.35 -19.27 19.15
CA THR C 105 -59.65 -19.29 19.82
C THR C 105 -60.39 -18.01 19.47
N LYS C 106 -61.56 -18.15 18.86
CA LYS C 106 -62.41 -16.99 18.55
C LYS C 106 -63.29 -16.70 19.75
N LEU C 107 -63.05 -15.56 20.40
CA LEU C 107 -63.81 -15.15 21.57
C LEU C 107 -64.97 -14.27 21.13
N THR C 108 -66.19 -14.65 21.52
CA THR C 108 -67.40 -13.92 21.17
C THR C 108 -68.01 -13.31 22.43
N VAL C 109 -68.37 -12.04 22.34
CA VAL C 109 -69.02 -11.32 23.44
C VAL C 109 -70.51 -11.31 23.15
N LEU C 110 -71.28 -12.03 23.96
CA LEU C 110 -72.70 -12.25 23.72
C LEU C 110 -73.50 -11.04 24.19
N GLY C 111 -74.83 -11.17 24.20
CA GLY C 111 -75.71 -10.11 24.63
C GLY C 111 -76.25 -9.23 23.53
N GLN C 112 -75.67 -9.30 22.33
CA GLN C 112 -76.07 -8.41 21.25
C GLN C 112 -77.36 -8.92 20.59
N PRO C 113 -78.21 -8.00 20.14
CA PRO C 113 -79.51 -8.39 19.60
C PRO C 113 -79.41 -9.08 18.26
N LYS C 114 -80.42 -9.90 17.97
CA LYS C 114 -80.51 -10.62 16.72
C LYS C 114 -80.92 -9.69 15.58
N ALA C 115 -80.71 -10.15 14.35
CA ALA C 115 -81.03 -9.36 13.16
C ALA C 115 -81.27 -10.30 12.00
N ALA C 116 -82.48 -10.25 11.41
CA ALA C 116 -82.77 -11.07 10.25
C ALA C 116 -82.16 -10.44 9.00
N PRO C 117 -81.75 -11.26 8.02
CA PRO C 117 -81.06 -10.72 6.85
C PRO C 117 -82.00 -10.05 5.86
N SER C 118 -81.53 -8.93 5.30
CA SER C 118 -82.21 -8.25 4.21
C SER C 118 -81.68 -8.80 2.88
N VAL C 119 -82.54 -9.46 2.12
CA VAL C 119 -82.15 -10.19 0.92
C VAL C 119 -82.68 -9.49 -0.31
N THR C 120 -81.81 -9.27 -1.29
CA THR C 120 -82.18 -8.72 -2.59
C THR C 120 -81.70 -9.68 -3.66
N LEU C 121 -82.59 -10.03 -4.59
CA LEU C 121 -82.29 -10.99 -5.65
C LEU C 121 -82.47 -10.32 -7.00
N PHE C 122 -81.45 -10.41 -7.86
CA PHE C 122 -81.50 -9.80 -9.18
C PHE C 122 -81.50 -10.87 -10.27
N PRO C 123 -82.37 -10.74 -11.28
CA PRO C 123 -82.31 -11.65 -12.42
C PRO C 123 -81.17 -11.28 -13.34
N PRO C 124 -80.80 -12.15 -14.30
CA PRO C 124 -79.74 -11.79 -15.24
C PRO C 124 -80.15 -10.61 -16.12
N SER C 125 -79.22 -9.69 -16.31
CA SER C 125 -79.48 -8.53 -17.16
C SER C 125 -79.64 -8.96 -18.61
N SER C 126 -80.40 -8.16 -19.37
CA SER C 126 -80.55 -8.43 -20.80
C SER C 126 -79.23 -8.33 -21.54
N GLU C 127 -78.33 -7.46 -21.07
CA GLU C 127 -77.02 -7.33 -21.70
C GLU C 127 -76.18 -8.60 -21.52
N GLU C 128 -76.34 -9.29 -20.38
CA GLU C 128 -75.59 -10.51 -20.15
C GLU C 128 -76.13 -11.67 -20.97
N LEU C 129 -77.46 -11.76 -21.11
CA LEU C 129 -78.04 -12.84 -21.90
C LEU C 129 -77.66 -12.72 -23.37
N GLN C 130 -77.50 -11.48 -23.88
CA GLN C 130 -77.03 -11.29 -25.24
C GLN C 130 -75.62 -11.81 -25.44
N ALA C 131 -74.83 -11.89 -24.37
CA ALA C 131 -73.52 -12.53 -24.40
C ALA C 131 -73.59 -14.03 -24.16
N ASN C 132 -74.80 -14.59 -24.16
CA ASN C 132 -75.02 -16.03 -23.99
C ASN C 132 -74.56 -16.51 -22.61
N LYS C 133 -74.76 -15.67 -21.60
CA LYS C 133 -74.46 -16.03 -20.22
C LYS C 133 -75.59 -15.57 -19.32
N ALA C 134 -75.65 -16.16 -18.12
CA ALA C 134 -76.68 -15.82 -17.15
C ALA C 134 -76.12 -16.00 -15.75
N THR C 135 -76.34 -15.01 -14.88
CA THR C 135 -75.86 -15.06 -13.51
C THR C 135 -76.90 -14.45 -12.58
N LEU C 136 -77.28 -15.20 -11.55
CA LEU C 136 -78.22 -14.73 -10.54
C LEU C 136 -77.45 -14.21 -9.33
N VAL C 137 -77.82 -13.01 -8.87
CA VAL C 137 -77.11 -12.34 -7.79
C VAL C 137 -78.06 -12.27 -6.60
N CYS C 138 -77.69 -12.95 -5.51
CA CYS C 138 -78.44 -12.94 -4.26
C CYS C 138 -77.58 -12.24 -3.20
N LEU C 139 -78.03 -11.07 -2.75
CA LEU C 139 -77.27 -10.24 -1.83
C LEU C 139 -77.89 -10.29 -0.44
N ILE C 140 -77.08 -10.65 0.56
CA ILE C 140 -77.52 -10.82 1.94
C ILE C 140 -76.88 -9.74 2.79
N SER C 141 -77.71 -9.01 3.55
CA SER C 141 -77.26 -7.82 4.24
C SER C 141 -77.88 -7.75 5.63
N ASP C 142 -77.11 -7.21 6.58
CA ASP C 142 -77.60 -6.82 7.90
C ASP C 142 -78.19 -8.00 8.69
N PHE C 143 -77.36 -9.01 8.93
CA PHE C 143 -77.72 -10.12 9.79
C PHE C 143 -76.67 -10.29 10.87
N TYR C 144 -77.12 -10.77 12.04
CA TYR C 144 -76.33 -10.79 13.27
C TYR C 144 -76.66 -12.07 14.05
N PRO C 145 -75.69 -12.94 14.32
CA PRO C 145 -74.27 -12.86 13.91
C PRO C 145 -74.03 -13.34 12.48
N GLY C 146 -72.75 -13.39 12.09
CA GLY C 146 -72.39 -13.71 10.72
C GLY C 146 -72.34 -15.20 10.42
N ALA C 147 -73.45 -15.90 10.64
CA ALA C 147 -73.57 -17.30 10.27
C ALA C 147 -74.84 -17.46 9.46
N VAL C 148 -74.73 -18.02 8.27
CA VAL C 148 -75.87 -18.16 7.36
C VAL C 148 -75.53 -19.22 6.33
N THR C 149 -76.57 -19.81 5.74
CA THR C 149 -76.43 -20.77 4.66
C THR C 149 -77.50 -20.50 3.61
N VAL C 150 -77.17 -20.75 2.35
CA VAL C 150 -78.01 -20.37 1.21
C VAL C 150 -78.34 -21.62 0.40
N ALA C 151 -79.57 -21.69 -0.09
CA ALA C 151 -80.01 -22.76 -0.96
C ALA C 151 -80.71 -22.15 -2.17
N TRP C 152 -80.37 -22.62 -3.36
CA TRP C 152 -80.99 -22.16 -4.59
C TRP C 152 -82.00 -23.19 -5.09
N LYS C 153 -83.06 -22.70 -5.73
CA LYS C 153 -84.11 -23.57 -6.23
C LYS C 153 -84.66 -22.99 -7.52
N ALA C 154 -85.30 -23.86 -8.30
CA ALA C 154 -85.97 -23.46 -9.53
C ALA C 154 -87.26 -24.28 -9.61
N ASP C 155 -88.39 -23.63 -9.33
CA ASP C 155 -89.71 -24.27 -9.34
C ASP C 155 -89.76 -25.43 -8.34
N SER C 156 -89.45 -25.11 -7.08
CA SER C 156 -89.50 -26.02 -5.94
C SER C 156 -88.44 -27.12 -6.02
N SER C 157 -87.57 -27.12 -7.04
CA SER C 157 -86.59 -28.17 -7.20
C SER C 157 -85.22 -27.64 -6.80
N PRO C 158 -84.54 -28.24 -5.81
CA PRO C 158 -83.24 -27.72 -5.39
C PRO C 158 -82.19 -27.93 -6.48
N VAL C 159 -81.29 -26.95 -6.60
CA VAL C 159 -80.23 -26.97 -7.61
C VAL C 159 -78.90 -26.75 -6.93
N LYS C 160 -77.91 -27.58 -7.28
CA LYS C 160 -76.57 -27.48 -6.73
C LYS C 160 -75.52 -26.98 -7.73
N ALA C 161 -75.78 -27.13 -9.03
CA ALA C 161 -74.77 -26.81 -10.03
C ALA C 161 -74.62 -25.31 -10.21
N GLY C 162 -73.38 -24.83 -10.15
CA GLY C 162 -73.08 -23.45 -10.44
C GLY C 162 -73.39 -22.47 -9.32
N VAL C 163 -73.12 -22.85 -8.07
CA VAL C 163 -73.39 -21.99 -6.92
C VAL C 163 -72.05 -21.61 -6.30
N GLU C 164 -71.81 -20.29 -6.20
CA GLU C 164 -70.62 -19.74 -5.57
C GLU C 164 -71.08 -18.77 -4.49
N THR C 165 -70.83 -19.12 -3.23
CA THR C 165 -71.28 -18.34 -2.09
C THR C 165 -70.09 -17.85 -1.29
N THR C 166 -70.11 -16.58 -0.90
CA THR C 166 -69.02 -15.99 -0.14
C THR C 166 -69.15 -16.34 1.34
N THR C 167 -68.06 -16.12 2.06
CA THR C 167 -68.09 -16.19 3.52
C THR C 167 -68.61 -14.87 4.09
N PRO C 168 -69.29 -14.92 5.22
CA PRO C 168 -69.80 -13.67 5.81
C PRO C 168 -68.67 -12.73 6.19
N SER C 169 -68.96 -11.44 6.19
CA SER C 169 -67.99 -10.40 6.49
C SER C 169 -68.65 -9.29 7.28
N LYS C 170 -67.96 -8.81 8.31
CA LYS C 170 -68.51 -7.77 9.17
C LYS C 170 -68.52 -6.43 8.45
N GLN C 171 -69.65 -5.74 8.53
CA GLN C 171 -69.81 -4.42 7.91
C GLN C 171 -69.27 -3.35 8.87
N SER C 172 -69.47 -2.09 8.51
CA SER C 172 -69.06 -0.99 9.38
C SER C 172 -70.03 -0.75 10.52
N ASN C 173 -71.18 -1.42 10.53
CA ASN C 173 -72.18 -1.25 11.57
C ASN C 173 -72.24 -2.44 12.52
N ASN C 174 -71.21 -3.28 12.53
CA ASN C 174 -71.07 -4.45 13.37
C ASN C 174 -72.04 -5.57 13.02
N LYS C 175 -72.70 -5.49 11.87
CA LYS C 175 -73.46 -6.60 11.30
C LYS C 175 -72.69 -7.16 10.11
N TYR C 176 -73.20 -8.27 9.58
CA TYR C 176 -72.48 -9.04 8.58
C TYR C 176 -73.24 -9.06 7.25
N ALA C 177 -72.50 -9.30 6.18
CA ALA C 177 -73.05 -9.38 4.84
C ALA C 177 -72.43 -10.54 4.09
N ALA C 178 -73.16 -11.05 3.10
CA ALA C 178 -72.68 -12.14 2.26
C ALA C 178 -73.42 -12.06 0.93
N SER C 179 -72.95 -12.86 -0.02
CA SER C 179 -73.55 -12.89 -1.35
C SER C 179 -73.38 -14.28 -1.95
N SER C 180 -74.35 -14.67 -2.79
CA SER C 180 -74.34 -15.95 -3.46
C SER C 180 -74.66 -15.74 -4.93
N TYR C 181 -74.00 -16.49 -5.80
CA TYR C 181 -74.16 -16.36 -7.24
C TYR C 181 -74.52 -17.71 -7.84
N LEU C 182 -75.54 -17.72 -8.70
CA LEU C 182 -75.95 -18.92 -9.42
C LEU C 182 -75.72 -18.70 -10.90
N SER C 183 -74.87 -19.54 -11.50
CA SER C 183 -74.58 -19.44 -12.92
C SER C 183 -75.47 -20.40 -13.70
N LEU C 184 -75.99 -19.91 -14.83
CA LEU C 184 -76.91 -20.69 -15.66
C LEU C 184 -76.64 -20.38 -17.13
N THR C 185 -76.98 -21.33 -17.98
CA THR C 185 -77.08 -21.02 -19.40
C THR C 185 -78.41 -20.32 -19.67
N PRO C 186 -78.46 -19.42 -20.66
CA PRO C 186 -79.72 -18.72 -20.94
C PRO C 186 -80.89 -19.64 -21.25
N GLU C 187 -80.64 -20.90 -21.61
CA GLU C 187 -81.73 -21.85 -21.77
C GLU C 187 -82.34 -22.24 -20.42
N GLN C 188 -81.48 -22.56 -19.45
CA GLN C 188 -81.99 -22.95 -18.13
C GLN C 188 -82.74 -21.82 -17.44
N TRP C 189 -82.44 -20.57 -17.81
CA TRP C 189 -83.07 -19.42 -17.15
C TRP C 189 -84.51 -19.24 -17.60
N LYS C 190 -84.75 -19.20 -18.91
CA LYS C 190 -86.07 -18.91 -19.44
C LYS C 190 -86.92 -20.17 -19.64
N SER C 191 -86.33 -21.37 -19.57
CA SER C 191 -87.12 -22.58 -19.67
C SER C 191 -87.87 -22.89 -18.38
N HIS C 192 -87.26 -22.59 -17.23
CA HIS C 192 -87.90 -22.81 -15.96
C HIS C 192 -88.89 -21.69 -15.63
N ARG C 193 -89.78 -21.96 -14.69
CA ARG C 193 -90.82 -21.00 -14.36
C ARG C 193 -90.27 -19.84 -13.55
N SER C 194 -89.48 -20.12 -12.53
CA SER C 194 -88.87 -19.07 -11.72
C SER C 194 -87.65 -19.64 -11.00
N TYR C 195 -86.92 -18.76 -10.34
CA TYR C 195 -85.76 -19.10 -9.53
C TYR C 195 -85.86 -18.40 -8.19
N SER C 196 -85.43 -19.08 -7.13
CA SER C 196 -85.55 -18.55 -5.78
C SER C 196 -84.23 -18.71 -5.02
N CYS C 197 -83.93 -17.73 -4.18
CA CYS C 197 -82.77 -17.76 -3.30
C CYS C 197 -83.28 -17.75 -1.86
N GLN C 198 -83.12 -18.86 -1.16
CA GLN C 198 -83.61 -19.00 0.21
C GLN C 198 -82.44 -18.85 1.18
N VAL C 199 -82.57 -17.91 2.11
CA VAL C 199 -81.50 -17.56 3.05
C VAL C 199 -82.01 -17.91 4.44
N THR C 200 -81.50 -18.99 5.00
CA THR C 200 -81.90 -19.47 6.32
C THR C 200 -80.92 -18.92 7.36
N HIS C 201 -81.44 -18.17 8.33
CA HIS C 201 -80.63 -17.52 9.35
C HIS C 201 -81.25 -17.77 10.72
N GLU C 202 -80.56 -18.54 11.55
CA GLU C 202 -81.02 -18.86 12.90
C GLU C 202 -82.39 -19.55 12.87
N GLY C 203 -82.57 -20.45 11.91
CA GLY C 203 -83.83 -21.14 11.72
C GLY C 203 -84.90 -20.36 10.99
N SER C 204 -84.77 -19.03 10.92
CA SER C 204 -85.73 -18.20 10.20
C SER C 204 -85.25 -18.04 8.77
N THR C 205 -86.09 -18.44 7.81
CA THR C 205 -85.73 -18.44 6.40
C THR C 205 -86.48 -17.33 5.68
N VAL C 206 -85.74 -16.44 5.03
CA VAL C 206 -86.30 -15.41 4.17
C VAL C 206 -86.04 -15.83 2.72
N GLU C 207 -87.00 -15.57 1.85
CA GLU C 207 -86.93 -16.03 0.47
C GLU C 207 -87.28 -14.90 -0.49
N LYS C 208 -86.64 -14.93 -1.66
CA LYS C 208 -86.93 -13.99 -2.74
C LYS C 208 -86.92 -14.77 -4.05
N THR C 209 -87.76 -14.34 -4.98
CA THR C 209 -87.98 -15.08 -6.22
C THR C 209 -88.00 -14.14 -7.40
N VAL C 210 -87.37 -14.56 -8.50
CA VAL C 210 -87.37 -13.83 -9.76
C VAL C 210 -87.78 -14.78 -10.87
N ALA C 211 -88.25 -14.20 -11.97
CA ALA C 211 -88.71 -14.98 -13.11
C ALA C 211 -88.58 -14.12 -14.36
N PRO C 212 -88.36 -14.73 -15.54
CA PRO C 212 -88.25 -13.98 -16.79
C PRO C 212 -89.59 -13.37 -17.24
N VAL D 83 26.55 -14.98 39.48
CA VAL D 83 26.83 -14.93 40.91
C VAL D 83 26.50 -13.53 41.45
N LYS D 84 26.27 -13.45 42.76
CA LYS D 84 25.82 -12.21 43.39
C LYS D 84 26.76 -11.05 43.10
N LEU D 85 26.19 -9.84 43.13
CA LEU D 85 26.93 -8.62 42.86
C LEU D 85 27.50 -8.11 44.17
N ALA D 86 28.83 -8.20 44.32
CA ALA D 86 29.46 -7.87 45.59
C ALA D 86 29.22 -6.41 45.98
N GLY D 87 29.69 -5.48 45.14
CA GLY D 87 29.43 -4.08 45.38
C GLY D 87 30.27 -3.43 46.44
N ASN D 88 31.43 -4.01 46.77
CA ASN D 88 32.33 -3.44 47.76
C ASN D 88 33.38 -2.51 47.16
N SER D 89 33.28 -2.21 45.87
CA SER D 89 34.22 -1.30 45.21
C SER D 89 33.72 0.14 45.30
N SER D 90 34.66 1.07 45.38
CA SER D 90 34.32 2.48 45.36
C SER D 90 34.04 2.94 43.93
N LEU D 91 33.39 4.10 43.83
CA LEU D 91 33.16 4.71 42.52
C LEU D 91 34.48 4.96 41.81
N CYS D 92 34.54 4.59 40.54
CA CYS D 92 35.70 4.96 39.74
C CYS D 92 35.77 6.48 39.63
N PRO D 93 36.94 7.09 39.78
CA PRO D 93 37.03 8.54 39.61
C PRO D 93 36.99 8.90 38.14
N VAL D 94 36.22 9.94 37.82
CA VAL D 94 35.92 10.25 36.43
C VAL D 94 36.39 11.67 36.13
N SER D 95 36.64 11.92 34.83
CA SER D 95 37.06 13.23 34.36
C SER D 95 36.30 13.64 33.10
N GLY D 96 35.08 13.16 32.93
CA GLY D 96 34.29 13.52 31.77
C GLY D 96 33.10 12.59 31.61
N TRP D 97 32.51 12.63 30.42
CA TRP D 97 31.35 11.79 30.14
C TRP D 97 31.32 11.49 28.65
N ALA D 98 31.33 10.20 28.31
CA ALA D 98 31.23 9.74 26.93
C ALA D 98 29.82 9.24 26.67
N ILE D 99 29.32 9.53 25.47
CA ILE D 99 27.93 9.19 25.16
C ILE D 99 27.79 7.69 25.02
N TYR D 100 26.74 7.14 25.63
CA TYR D 100 26.51 5.70 25.69
C TYR D 100 25.39 5.23 24.80
N SER D 101 24.27 5.95 24.72
CA SER D 101 23.15 5.51 23.91
C SER D 101 22.25 6.69 23.57
N LYS D 102 21.48 6.52 22.49
CA LYS D 102 20.44 7.46 22.11
C LYS D 102 19.41 6.69 21.30
N ASP D 103 18.16 6.69 21.75
CA ASP D 103 17.16 5.83 21.15
C ASP D 103 16.34 6.50 20.05
N ASN D 104 16.28 7.84 20.02
CA ASN D 104 15.56 8.57 18.97
C ASN D 104 14.09 8.14 18.89
N SER D 105 13.48 7.93 20.06
CA SER D 105 12.14 7.33 20.11
C SER D 105 11.12 8.19 19.38
N VAL D 106 10.94 9.43 19.84
CA VAL D 106 9.84 10.26 19.34
C VAL D 106 9.98 10.50 17.85
N ARG D 107 11.22 10.67 17.36
CA ARG D 107 11.42 10.82 15.92
C ARG D 107 10.95 9.58 15.16
N ILE D 108 11.36 8.41 15.62
CA ILE D 108 10.90 7.16 15.02
C ILE D 108 9.44 6.91 15.37
N GLY D 109 8.95 7.50 16.45
CA GLY D 109 7.55 7.38 16.79
C GLY D 109 6.61 8.06 15.82
N SER D 110 7.12 8.99 15.02
CA SER D 110 6.28 9.66 14.04
C SER D 110 5.77 8.70 12.98
N LYS D 111 6.53 7.64 12.69
CA LYS D 111 6.12 6.65 11.70
C LYS D 111 5.89 5.28 12.30
N GLY D 112 6.84 4.76 13.08
CA GLY D 112 6.74 3.42 13.63
C GLY D 112 5.77 3.33 14.79
N ASP D 113 5.65 2.11 15.31
CA ASP D 113 4.76 1.80 16.43
C ASP D 113 5.58 1.91 17.71
N VAL D 114 5.41 3.01 18.44
CA VAL D 114 6.26 3.35 19.58
C VAL D 114 5.38 3.71 20.77
N PHE D 115 5.72 3.18 21.94
CA PHE D 115 4.99 3.48 23.16
C PHE D 115 5.11 4.95 23.54
N VAL D 116 3.99 5.53 23.97
CA VAL D 116 4.05 6.82 24.65
C VAL D 116 4.59 6.58 26.05
N ILE D 117 5.81 7.04 26.32
CA ILE D 117 6.50 6.71 27.56
C ILE D 117 6.87 7.99 28.29
N ARG D 118 7.29 7.83 29.53
CA ARG D 118 7.73 8.89 30.43
C ARG D 118 8.34 8.22 31.65
N GLU D 119 9.29 8.92 32.28
CA GLU D 119 10.10 8.42 33.39
C GLU D 119 10.91 7.19 32.98
N PRO D 120 11.81 7.29 32.00
CA PRO D 120 12.66 6.15 31.66
C PRO D 120 13.94 6.14 32.48
N PHE D 121 14.50 4.94 32.62
CA PHE D 121 15.76 4.80 33.34
C PHE D 121 16.45 3.51 32.89
N ILE D 122 17.77 3.51 33.04
CA ILE D 122 18.61 2.40 32.62
C ILE D 122 19.11 1.67 33.86
N SER D 123 19.16 0.35 33.77
CA SER D 123 19.73 -0.49 34.82
C SER D 123 20.41 -1.67 34.16
N CYS D 124 21.52 -2.11 34.75
CA CYS D 124 22.38 -3.12 34.12
C CYS D 124 22.50 -4.35 35.00
N SER D 125 22.58 -5.51 34.35
CA SER D 125 22.86 -6.80 34.96
C SER D 125 24.35 -7.06 34.79
N PRO D 126 24.91 -8.14 35.34
CA PRO D 126 26.31 -8.47 35.03
C PRO D 126 26.52 -8.94 33.59
N LEU D 127 25.48 -8.98 32.78
CA LEU D 127 25.60 -9.37 31.37
C LEU D 127 25.16 -8.30 30.40
N GLU D 128 24.07 -7.58 30.67
CA GLU D 128 23.55 -6.58 29.74
C GLU D 128 23.02 -5.38 30.50
N CYS D 129 22.64 -4.35 29.73
CA CYS D 129 21.96 -3.17 30.24
C CYS D 129 20.62 -3.02 29.53
N ARG D 130 19.61 -2.57 30.27
CA ARG D 130 18.27 -2.41 29.72
C ARG D 130 17.73 -1.03 30.08
N THR D 131 16.75 -0.60 29.31
CA THR D 131 16.07 0.68 29.51
C THR D 131 14.65 0.41 29.97
N PHE D 132 14.38 0.70 31.23
CA PHE D 132 13.02 0.57 31.77
C PHE D 132 12.26 1.88 31.56
N PHE D 133 10.94 1.77 31.49
CA PHE D 133 10.11 2.94 31.22
C PHE D 133 8.67 2.63 31.62
N LEU D 134 7.92 3.71 31.88
CA LEU D 134 6.50 3.60 32.21
C LEU D 134 5.70 4.00 30.97
N THR D 135 5.09 3.01 30.32
CA THR D 135 4.25 3.29 29.17
C THR D 135 2.94 3.92 29.62
N GLN D 136 2.14 4.35 28.64
CA GLN D 136 0.80 4.86 28.87
C GLN D 136 -0.27 3.98 28.25
N GLY D 137 0.09 2.74 27.92
CA GLY D 137 -0.85 1.86 27.22
C GLY D 137 -1.30 2.37 25.88
N ALA D 138 -0.47 3.18 25.21
CA ALA D 138 -0.85 3.76 23.94
C ALA D 138 0.40 4.00 23.11
N LEU D 139 0.20 4.23 21.81
CA LEU D 139 1.29 4.46 20.87
C LEU D 139 1.27 5.90 20.39
N LEU D 140 2.45 6.37 19.97
CA LEU D 140 2.57 7.73 19.44
C LEU D 140 1.78 7.86 18.13
N ASN D 141 1.27 9.07 17.91
CA ASN D 141 0.45 9.42 16.75
C ASN D 141 -0.85 8.63 16.70
N ASP D 142 -1.33 8.18 17.86
CA ASP D 142 -2.62 7.51 17.97
C ASP D 142 -3.53 8.30 18.89
N LYS D 143 -4.84 8.20 18.64
CA LYS D 143 -5.80 8.97 19.45
C LYS D 143 -5.73 8.61 20.93
N HIS D 144 -5.27 7.40 21.25
CA HIS D 144 -5.16 6.99 22.64
C HIS D 144 -4.04 7.71 23.38
N SER D 145 -3.20 8.46 22.67
CA SER D 145 -2.21 9.32 23.29
C SER D 145 -2.78 10.67 23.67
N ASN D 146 -4.10 10.80 23.73
CA ASN D 146 -4.71 12.07 24.11
C ASN D 146 -4.73 12.22 25.62
N GLY D 147 -4.49 13.45 26.08
CA GLY D 147 -4.48 13.71 27.50
C GLY D 147 -3.45 12.96 28.29
N THR D 148 -2.41 12.43 27.64
CA THR D 148 -1.41 11.69 28.42
C THR D 148 -0.40 12.65 29.05
N ILE D 149 -0.91 13.63 29.79
CA ILE D 149 -0.12 14.30 30.81
C ILE D 149 -0.22 13.56 32.14
N LYS D 150 -1.45 13.17 32.50
CA LYS D 150 -1.73 12.54 33.78
C LYS D 150 -0.76 11.39 34.04
N ASP D 151 0.00 11.54 35.13
CA ASP D 151 1.05 10.58 35.46
C ASP D 151 0.49 9.26 36.00
N ARG D 152 -0.78 9.20 36.37
CA ARG D 152 -1.34 8.01 37.01
C ARG D 152 -2.60 7.58 36.29
N SER D 153 -2.61 6.34 35.81
CA SER D 153 -3.79 5.74 35.18
C SER D 153 -3.68 4.23 35.34
N PRO D 154 -4.81 3.51 35.26
CA PRO D 154 -4.74 2.05 35.34
C PRO D 154 -4.11 1.40 34.12
N TYR D 155 -3.73 2.17 33.11
CA TYR D 155 -3.18 1.64 31.87
C TYR D 155 -1.66 1.71 31.82
N ARG D 156 -1.02 2.44 32.72
CA ARG D 156 0.43 2.57 32.70
C ARG D 156 1.08 1.29 33.20
N THR D 157 2.11 0.84 32.47
CA THR D 157 2.82 -0.38 32.80
C THR D 157 4.32 -0.16 32.70
N LEU D 158 5.06 -0.79 33.61
CA LEU D 158 6.51 -0.78 33.55
C LEU D 158 6.98 -1.84 32.55
N MET D 159 7.74 -1.41 31.54
CA MET D 159 8.28 -2.30 30.54
C MET D 159 9.75 -1.97 30.30
N SER D 160 10.44 -2.84 29.58
CA SER D 160 11.87 -2.68 29.36
C SER D 160 12.23 -3.18 27.96
N CYS D 161 13.25 -2.56 27.38
CA CYS D 161 13.80 -2.96 26.10
C CYS D 161 15.31 -2.72 26.13
N PRO D 162 16.06 -3.32 25.21
CA PRO D 162 17.50 -3.07 25.17
C PRO D 162 17.81 -1.59 25.01
N ILE D 163 19.02 -1.21 25.44
CA ILE D 163 19.40 0.20 25.36
C ILE D 163 19.43 0.66 23.91
N GLY D 164 19.27 1.97 23.73
CA GLY D 164 19.37 2.59 22.42
C GLY D 164 18.29 2.16 21.46
N GLU D 165 17.43 1.25 21.89
CA GLU D 165 16.33 0.75 21.08
C GLU D 165 15.05 1.50 21.41
N VAL D 166 14.16 1.55 20.43
CA VAL D 166 12.93 2.32 20.55
C VAL D 166 11.94 1.51 21.37
N PRO D 167 11.24 2.13 22.34
CA PRO D 167 10.30 1.38 23.16
C PRO D 167 9.01 1.03 22.42
N SER D 168 9.08 0.01 21.58
CA SER D 168 8.01 -0.53 20.76
C SER D 168 7.42 -1.78 21.39
N PRO D 169 6.12 -2.04 21.19
CA PRO D 169 5.53 -3.29 21.69
C PRO D 169 6.15 -4.53 21.06
N TYR D 170 6.91 -4.39 19.98
CA TYR D 170 7.52 -5.50 19.28
C TYR D 170 8.91 -5.85 19.80
N ASN D 171 9.50 -5.02 20.67
CA ASN D 171 10.80 -5.29 21.25
C ASN D 171 10.85 -5.04 22.75
N SER D 172 9.72 -4.75 23.38
CA SER D 172 9.67 -4.45 24.80
C SER D 172 9.16 -5.64 25.60
N ARG D 173 9.85 -5.92 26.71
CA ARG D 173 9.43 -6.96 27.64
C ARG D 173 8.58 -6.35 28.75
N PHE D 174 7.52 -7.04 29.14
CA PHE D 174 6.65 -6.54 30.20
C PHE D 174 7.25 -6.86 31.56
N GLU D 175 7.17 -5.90 32.47
CA GLU D 175 7.64 -6.10 33.84
C GLU D 175 6.53 -6.08 34.87
N SER D 176 5.70 -5.03 34.90
CA SER D 176 4.68 -4.90 35.93
C SER D 176 3.74 -3.77 35.55
N VAL D 177 2.53 -3.81 36.11
CA VAL D 177 1.58 -2.71 36.01
C VAL D 177 1.97 -1.64 37.01
N ALA D 178 2.30 -0.44 36.53
CA ALA D 178 2.80 0.60 37.41
C ALA D 178 2.65 1.97 36.77
N TRP D 179 2.34 2.97 37.60
CA TRP D 179 2.54 4.37 37.24
C TRP D 179 3.67 4.99 38.05
N SER D 180 4.40 4.18 38.81
CA SER D 180 5.64 4.58 39.48
C SER D 180 6.42 3.31 39.74
N ALA D 181 7.71 3.31 39.38
CA ALA D 181 8.43 2.06 39.34
C ALA D 181 9.90 2.27 39.71
N SER D 182 10.58 1.14 39.91
CA SER D 182 12.02 1.07 40.11
C SER D 182 12.45 -0.36 39.83
N ALA D 183 13.71 -0.52 39.41
CA ALA D 183 14.17 -1.83 39.01
C ALA D 183 15.68 -1.90 39.12
N CYS D 184 16.19 -3.06 39.54
CA CYS D 184 17.63 -3.29 39.62
C CYS D 184 17.87 -4.80 39.60
N HIS D 185 19.12 -5.17 39.36
CA HIS D 185 19.55 -6.55 39.23
C HIS D 185 20.56 -6.87 40.33
N ASP D 186 20.20 -7.80 41.23
CA ASP D 186 21.12 -8.15 42.30
C ASP D 186 22.31 -8.97 41.83
N GLY D 187 22.31 -9.40 40.58
CA GLY D 187 23.34 -10.27 40.04
C GLY D 187 22.84 -11.62 39.59
N ILE D 188 21.66 -12.03 40.04
CA ILE D 188 21.09 -13.30 39.60
C ILE D 188 19.72 -13.14 38.97
N ASN D 189 18.97 -12.09 39.27
CA ASN D 189 17.64 -11.94 38.71
C ASN D 189 17.19 -10.50 38.78
N TRP D 190 16.41 -10.10 37.77
CA TRP D 190 15.81 -8.77 37.75
C TRP D 190 14.80 -8.60 38.88
N LEU D 191 14.98 -7.54 39.65
CA LEU D 191 14.01 -7.12 40.66
C LEU D 191 13.26 -5.89 40.14
N THR D 192 11.94 -5.97 40.09
CA THR D 192 11.11 -4.87 39.63
C THR D 192 10.09 -4.51 40.68
N ILE D 193 9.84 -3.20 40.83
CA ILE D 193 8.90 -2.69 41.82
C ILE D 193 7.86 -1.86 41.07
N GLY D 194 6.62 -2.34 41.06
CA GLY D 194 5.55 -1.63 40.38
C GLY D 194 4.47 -1.12 41.31
N ILE D 195 4.16 0.16 41.23
CA ILE D 195 3.18 0.80 42.10
C ILE D 195 1.96 1.13 41.26
N SER D 196 0.82 0.54 41.63
CA SER D 196 -0.46 0.86 40.99
C SER D 196 -1.53 0.90 42.06
N GLY D 197 -2.77 1.19 41.65
CA GLY D 197 -3.86 1.30 42.57
C GLY D 197 -4.33 2.74 42.74
N PRO D 198 -5.31 2.95 43.62
CA PRO D 198 -5.80 4.31 43.85
C PRO D 198 -4.77 5.15 44.59
N ASP D 199 -5.03 6.46 44.61
CA ASP D 199 -4.10 7.38 45.26
C ASP D 199 -4.07 7.18 46.77
N SER D 200 -5.18 6.77 47.36
CA SER D 200 -5.25 6.56 48.80
C SER D 200 -4.85 5.16 49.23
N GLY D 201 -4.71 4.23 48.30
CA GLY D 201 -4.41 2.85 48.65
C GLY D 201 -3.36 2.20 47.76
N ALA D 202 -2.44 3.00 47.23
CA ALA D 202 -1.47 2.48 46.27
C ALA D 202 -0.66 1.33 46.87
N VAL D 203 -0.42 0.30 46.06
CA VAL D 203 0.30 -0.90 46.47
C VAL D 203 1.46 -1.11 45.51
N ALA D 204 2.65 -1.34 46.07
CA ALA D 204 3.84 -1.62 45.28
C ALA D 204 4.03 -3.13 45.17
N VAL D 205 3.96 -3.63 43.94
CA VAL D 205 4.14 -5.07 43.67
C VAL D 205 5.61 -5.33 43.38
N LEU D 206 6.23 -6.19 44.17
CA LEU D 206 7.63 -6.54 44.01
C LEU D 206 7.75 -7.88 43.31
N LYS D 207 8.53 -7.91 42.23
CA LYS D 207 8.75 -9.12 41.44
C LYS D 207 10.24 -9.46 41.41
N TYR D 208 10.55 -10.73 41.63
CA TYR D 208 11.91 -11.25 41.48
C TYR D 208 11.85 -12.34 40.43
N ASN D 209 12.48 -12.08 39.27
CA ASN D 209 12.40 -12.97 38.10
C ASN D 209 10.97 -13.01 37.57
N GLY D 210 10.29 -11.86 37.60
CA GLY D 210 8.92 -11.78 37.14
C GLY D 210 7.91 -12.49 38.00
N ILE D 211 8.33 -13.10 39.11
CA ILE D 211 7.43 -13.75 40.05
C ILE D 211 7.15 -12.78 41.19
N ILE D 212 5.87 -12.57 41.50
CA ILE D 212 5.52 -11.69 42.61
C ILE D 212 6.06 -12.27 43.91
N THR D 213 6.95 -11.52 44.56
CA THR D 213 7.59 -11.98 45.78
C THR D 213 7.14 -11.22 47.03
N ASP D 214 6.64 -10.00 46.89
CA ASP D 214 6.21 -9.22 48.03
C ASP D 214 5.35 -8.06 47.55
N THR D 215 4.60 -7.48 48.49
CA THR D 215 3.84 -6.26 48.26
C THR D 215 4.00 -5.35 49.45
N ILE D 216 3.86 -4.05 49.22
CA ILE D 216 3.84 -3.05 50.28
C ILE D 216 2.81 -1.99 49.93
N LYS D 217 1.97 -1.64 50.89
CA LYS D 217 0.85 -0.73 50.69
C LYS D 217 1.17 0.64 51.25
N SER D 218 0.59 1.67 50.62
CA SER D 218 0.71 3.04 51.09
C SER D 218 0.31 3.14 52.56
N TRP D 219 1.21 3.73 53.36
CA TRP D 219 1.01 3.85 54.80
C TRP D 219 0.54 5.23 55.22
N ARG D 220 0.45 6.19 54.30
CA ARG D 220 -0.08 7.51 54.59
C ARG D 220 -1.23 7.90 53.67
N ASN D 221 -1.62 7.02 52.74
CA ASN D 221 -2.82 7.19 51.92
C ASN D 221 -2.75 8.45 51.06
N ASN D 222 -1.55 8.89 50.73
CA ASN D 222 -1.30 9.98 49.79
C ASN D 222 -0.19 9.50 48.88
N ILE D 223 -0.28 9.85 47.59
CA ILE D 223 0.17 8.96 46.52
C ILE D 223 1.54 8.38 46.83
N LEU D 224 1.65 7.05 46.75
CA LEU D 224 2.87 6.32 47.04
C LEU D 224 3.74 6.29 45.79
N ARG D 225 5.00 6.68 45.94
CA ARG D 225 5.89 6.80 44.80
C ARG D 225 7.29 6.36 45.19
N THR D 226 8.13 6.17 44.18
CA THR D 226 9.44 5.57 44.32
C THR D 226 10.40 6.29 43.37
N GLN D 227 11.58 5.71 43.18
CA GLN D 227 12.71 6.42 42.59
C GLN D 227 12.44 6.87 41.16
N GLU D 228 11.76 6.04 40.37
CA GLU D 228 11.71 6.18 38.91
C GLU D 228 13.10 6.06 38.28
N SER D 229 14.03 5.47 39.00
CA SER D 229 15.35 5.12 38.48
C SER D 229 15.75 3.80 39.11
N GLU D 230 16.94 3.31 38.76
CA GLU D 230 17.36 2.01 39.25
C GLU D 230 17.61 2.06 40.76
N CYS D 231 17.31 0.94 41.41
CA CYS D 231 17.71 0.74 42.80
C CYS D 231 19.15 0.25 42.87
N ALA D 232 19.66 0.09 44.09
CA ALA D 232 21.05 -0.24 44.33
C ALA D 232 21.15 -1.55 45.11
N CYS D 233 21.93 -2.50 44.57
CA CYS D 233 22.13 -3.80 45.19
C CYS D 233 23.56 -3.95 45.67
N VAL D 234 23.73 -4.47 46.89
CA VAL D 234 25.04 -4.75 47.47
C VAL D 234 25.00 -6.10 48.15
N ASN D 235 25.96 -6.97 47.84
CA ASN D 235 26.18 -8.26 48.49
C ASN D 235 25.01 -9.22 48.32
N GLY D 236 24.03 -8.89 47.48
CA GLY D 236 22.84 -9.70 47.32
C GLY D 236 21.56 -9.05 47.82
N SER D 237 21.66 -7.87 48.43
CA SER D 237 20.51 -7.15 48.97
C SER D 237 20.35 -5.84 48.20
N CYS D 238 19.13 -5.54 47.79
CA CYS D 238 18.84 -4.34 47.02
C CYS D 238 18.03 -3.36 47.86
N PHE D 239 18.29 -2.07 47.64
CA PHE D 239 17.73 -1.01 48.46
C PHE D 239 16.99 -0.02 47.58
N THR D 240 15.95 0.60 48.14
CA THR D 240 15.20 1.62 47.42
C THR D 240 14.60 2.59 48.43
N ILE D 241 14.06 3.69 47.90
CA ILE D 241 13.40 4.72 48.68
C ILE D 241 11.98 4.88 48.17
N MET D 242 11.03 5.00 49.10
CA MET D 242 9.66 5.30 48.75
C MET D 242 9.17 6.48 49.57
N THR D 243 8.26 7.26 48.99
CA THR D 243 7.71 8.44 49.64
C THR D 243 6.19 8.35 49.65
N ASP D 244 5.61 8.67 50.81
CA ASP D 244 4.17 8.63 50.99
C ASP D 244 3.76 9.92 51.67
N GLY D 245 2.84 10.66 51.04
CA GLY D 245 2.37 11.90 51.60
C GLY D 245 2.34 13.04 50.60
N PRO D 246 2.24 14.27 51.11
CA PRO D 246 2.09 15.43 50.23
C PRO D 246 3.32 15.69 49.37
N SER D 247 3.05 16.20 48.16
CA SER D 247 4.12 16.65 47.27
C SER D 247 4.50 18.10 47.48
N ASP D 248 3.64 18.88 48.14
CA ASP D 248 3.93 20.27 48.45
C ASP D 248 4.13 20.51 49.95
N GLY D 249 4.51 19.48 50.69
CA GLY D 249 4.70 19.66 52.12
C GLY D 249 5.45 18.50 52.72
N GLN D 250 5.51 18.50 54.05
CA GLN D 250 6.19 17.43 54.77
C GLN D 250 5.55 16.09 54.48
N ALA D 251 6.37 15.11 54.09
CA ALA D 251 5.86 13.77 53.78
C ALA D 251 6.62 12.71 54.57
N SER D 252 6.35 11.44 54.28
CA SER D 252 7.00 10.32 54.94
C SER D 252 7.91 9.61 53.95
N TYR D 253 9.12 9.29 54.40
CA TYR D 253 10.12 8.65 53.55
C TYR D 253 10.67 7.41 54.23
N LYS D 254 10.75 6.31 53.49
CA LYS D 254 11.19 5.03 54.03
C LYS D 254 12.28 4.43 53.15
N ILE D 255 13.25 3.79 53.80
CA ILE D 255 14.28 3.01 53.13
C ILE D 255 13.90 1.54 53.25
N PHE D 256 14.14 0.78 52.18
CA PHE D 256 13.86 -0.64 52.16
C PHE D 256 15.12 -1.43 51.82
N ARG D 257 15.19 -2.66 52.32
CA ARG D 257 16.28 -3.58 52.03
C ARG D 257 15.65 -4.87 51.52
N ILE D 258 15.66 -5.06 50.21
CA ILE D 258 15.00 -6.18 49.57
C ILE D 258 16.03 -7.26 49.32
N GLU D 259 15.65 -8.52 49.56
CA GLU D 259 16.51 -9.66 49.26
C GLU D 259 15.67 -10.68 48.49
N LYS D 260 16.05 -10.92 47.24
CA LYS D 260 15.31 -11.81 46.34
C LYS D 260 13.84 -11.43 46.26
N GLY D 261 13.58 -10.13 46.17
CA GLY D 261 12.23 -9.62 46.02
C GLY D 261 11.42 -9.54 47.30
N LYS D 262 11.96 -9.96 48.44
CA LYS D 262 11.26 -9.95 49.71
C LYS D 262 11.79 -8.80 50.57
N ILE D 263 10.89 -7.94 51.02
CA ILE D 263 11.27 -6.85 51.92
C ILE D 263 11.68 -7.44 53.26
N VAL D 264 12.95 -7.25 53.64
CA VAL D 264 13.46 -7.83 54.87
C VAL D 264 13.62 -6.81 55.98
N LYS D 265 13.77 -5.53 55.65
CA LYS D 265 13.93 -4.51 56.68
C LYS D 265 13.51 -3.17 56.08
N SER D 266 12.91 -2.32 56.92
CA SER D 266 12.52 -0.99 56.50
C SER D 266 12.66 -0.05 57.68
N VAL D 267 13.00 1.20 57.37
CA VAL D 267 13.18 2.24 58.37
C VAL D 267 12.57 3.53 57.82
N GLU D 268 11.70 4.16 58.60
CA GLU D 268 11.20 5.48 58.22
C GLU D 268 12.21 6.55 58.67
N MET D 269 12.61 7.40 57.74
CA MET D 269 13.59 8.42 58.06
C MET D 269 12.95 9.52 58.90
N ASN D 270 13.67 9.96 59.92
CA ASN D 270 13.29 11.16 60.66
C ASN D 270 14.03 12.32 60.03
N ALA D 271 13.37 13.02 59.11
CA ALA D 271 13.95 14.14 58.39
C ALA D 271 12.94 15.26 58.38
N PRO D 272 12.75 15.95 59.50
CA PRO D 272 11.81 17.08 59.52
C PRO D 272 12.37 18.22 58.69
N ASN D 273 11.47 18.89 57.96
CA ASN D 273 11.75 20.00 57.06
C ASN D 273 12.46 19.54 55.79
N TYR D 274 12.76 18.25 55.66
CA TYR D 274 13.30 17.66 54.45
C TYR D 274 12.17 17.17 53.55
N HIS D 275 12.47 17.01 52.26
CA HIS D 275 11.53 16.44 51.32
C HIS D 275 12.29 15.56 50.33
N TYR D 276 11.86 14.31 50.18
CA TYR D 276 12.52 13.34 49.32
C TYR D 276 11.54 12.80 48.28
N GLU D 277 11.95 12.85 47.02
CA GLU D 277 11.14 12.33 45.92
C GLU D 277 12.07 11.87 44.80
N GLU D 278 11.74 10.74 44.18
CA GLU D 278 12.39 10.26 42.96
C GLU D 278 13.92 10.23 43.12
N CYS D 279 14.38 9.43 44.08
CA CYS D 279 15.79 9.38 44.42
C CYS D 279 16.59 8.62 43.37
N SER D 280 17.85 9.03 43.20
CA SER D 280 18.79 8.35 42.33
C SER D 280 19.85 7.71 43.22
N CYS D 281 19.72 6.40 43.45
CA CYS D 281 20.57 5.68 44.36
C CYS D 281 21.62 4.87 43.60
N TYR D 282 22.85 4.89 44.09
CA TYR D 282 23.94 4.11 43.52
C TYR D 282 24.77 3.52 44.64
N PRO D 283 25.27 2.29 44.48
CA PRO D 283 26.11 1.70 45.52
C PRO D 283 27.53 2.23 45.43
N ASP D 284 28.17 2.39 46.60
CA ASP D 284 29.50 2.99 46.68
C ASP D 284 30.22 2.32 47.85
N SER D 285 31.05 1.32 47.54
CA SER D 285 31.91 0.67 48.53
C SER D 285 31.10 0.17 49.73
N SER D 286 30.18 -0.74 49.45
CA SER D 286 29.34 -1.46 50.41
C SER D 286 28.23 -0.61 51.03
N GLU D 287 28.13 0.66 50.67
CA GLU D 287 27.03 1.52 51.13
C GLU D 287 26.30 2.07 49.91
N ILE D 288 25.26 2.85 50.18
CA ILE D 288 24.42 3.44 49.14
C ILE D 288 24.19 4.89 49.50
N THR D 289 24.28 5.77 48.50
CA THR D 289 23.98 7.19 48.67
C THR D 289 22.97 7.57 47.60
N CYS D 290 21.82 8.09 48.03
CA CYS D 290 20.77 8.53 47.11
C CYS D 290 20.76 10.04 47.03
N VAL D 291 20.71 10.58 45.81
CA VAL D 291 20.48 11.99 45.57
C VAL D 291 19.05 12.13 45.07
N CYS D 292 18.29 13.04 45.69
CA CYS D 292 16.85 13.07 45.51
C CYS D 292 16.37 14.45 45.10
N ARG D 293 15.05 14.64 45.05
CA ARG D 293 14.44 15.87 44.57
C ARG D 293 13.56 16.42 45.69
N ASP D 294 13.81 17.68 46.07
CA ASP D 294 13.01 18.36 47.08
C ASP D 294 11.95 19.15 46.34
N ASN D 295 10.73 18.61 46.31
CA ASN D 295 9.64 19.29 45.63
C ASN D 295 8.92 20.29 46.53
N TRP D 296 9.24 20.33 47.82
CA TRP D 296 8.44 21.16 48.71
C TRP D 296 9.00 22.57 48.94
N HIS D 297 10.22 22.68 49.47
CA HIS D 297 10.89 23.98 49.58
C HIS D 297 12.36 23.90 49.20
N GLY D 298 12.72 23.16 48.16
CA GLY D 298 14.14 22.98 47.92
C GLY D 298 14.64 23.15 46.51
N SER D 299 15.59 24.07 46.32
CA SER D 299 16.27 24.22 45.04
C SER D 299 17.62 23.52 44.98
N ASN D 300 18.16 23.07 46.11
CA ASN D 300 19.27 22.15 46.12
C ASN D 300 18.77 20.73 46.33
N ARG D 301 19.65 19.76 46.15
CA ARG D 301 19.09 18.41 46.20
C ARG D 301 19.33 17.77 47.55
N PRO D 302 18.31 17.17 48.15
CA PRO D 302 18.52 16.38 49.37
C PRO D 302 19.17 15.05 49.04
N TRP D 303 19.86 14.50 50.04
CA TRP D 303 20.52 13.22 49.87
C TRP D 303 20.41 12.41 51.16
N VAL D 304 20.49 11.09 51.00
CA VAL D 304 20.48 10.16 52.12
C VAL D 304 21.38 8.98 51.77
N SER D 305 22.30 8.67 52.67
CA SER D 305 23.22 7.55 52.50
C SER D 305 23.04 6.57 53.65
N PHE D 306 23.19 5.28 53.36
CA PHE D 306 22.93 4.25 54.35
C PHE D 306 23.72 2.99 54.02
N ASN D 307 23.88 2.14 55.03
CA ASN D 307 24.55 0.85 54.94
C ASN D 307 23.50 -0.27 54.99
N GLN D 308 23.98 -1.51 55.00
CA GLN D 308 23.09 -2.66 54.87
C GLN D 308 22.12 -2.77 56.05
N ASN D 309 22.55 -2.37 57.24
CA ASN D 309 21.67 -2.35 58.41
C ASN D 309 20.71 -1.17 58.40
N LEU D 310 20.76 -0.33 57.37
CA LEU D 310 19.87 0.81 57.16
C LEU D 310 20.06 1.92 58.19
N GLU D 311 21.21 1.96 58.84
CA GLU D 311 21.64 3.19 59.51
C GLU D 311 21.94 4.24 58.44
N TYR D 312 21.40 5.44 58.61
CA TYR D 312 21.36 6.38 57.50
C TYR D 312 21.83 7.76 57.92
N GLN D 313 22.44 8.46 56.97
CA GLN D 313 22.77 9.88 57.07
C GLN D 313 21.85 10.66 56.14
N ILE D 314 21.52 11.89 56.54
CA ILE D 314 20.72 12.77 55.70
C ILE D 314 21.41 14.12 55.58
N GLY D 315 20.99 14.88 54.58
CA GLY D 315 21.57 16.19 54.35
C GLY D 315 21.20 16.69 52.97
N TYR D 316 21.70 17.88 52.66
CA TYR D 316 21.52 18.50 51.36
C TYR D 316 22.89 18.79 50.75
N ILE D 317 22.94 18.79 49.42
CA ILE D 317 24.17 19.18 48.72
C ILE D 317 24.43 20.64 49.01
N CYS D 318 25.57 20.93 49.64
CA CYS D 318 25.90 22.27 50.10
C CYS D 318 26.26 23.22 48.97
N SER D 319 26.55 22.71 47.77
CA SER D 319 27.13 23.54 46.72
C SER D 319 26.22 24.69 46.34
N GLY D 320 26.84 25.85 46.08
CA GLY D 320 26.13 26.97 45.53
C GLY D 320 25.72 26.79 44.08
N VAL D 321 26.21 25.73 43.44
CA VAL D 321 25.76 25.36 42.11
C VAL D 321 24.50 24.53 42.28
N PHE D 322 23.34 25.19 42.28
CA PHE D 322 22.09 24.52 42.58
C PHE D 322 21.74 23.52 41.50
N GLY D 323 21.20 22.37 41.91
CA GLY D 323 21.02 21.26 41.01
C GLY D 323 19.59 20.97 40.58
N ASP D 324 18.62 21.55 41.27
CA ASP D 324 17.23 21.29 40.96
C ASP D 324 16.73 22.26 39.88
N ASN D 325 15.51 22.02 39.41
CA ASN D 325 14.87 22.88 38.41
C ASN D 325 13.37 22.99 38.69
N PRO D 326 12.84 24.21 38.92
CA PRO D 326 13.53 25.50 38.98
C PRO D 326 14.45 25.63 40.19
N ARG D 327 15.24 26.71 40.17
CA ARG D 327 16.24 27.06 41.17
C ARG D 327 16.52 28.55 41.06
N PRO D 328 17.33 29.15 41.94
CA PRO D 328 17.80 30.51 41.67
C PRO D 328 19.09 30.50 40.86
N ASN D 329 19.60 31.67 40.49
CA ASN D 329 20.94 31.75 39.93
C ASN D 329 21.97 31.24 40.93
N ASP D 330 23.13 30.85 40.41
CA ASP D 330 24.20 30.38 41.27
C ASP D 330 24.57 31.47 42.29
N LYS D 331 24.60 31.08 43.55
CA LYS D 331 24.73 32.00 44.68
C LYS D 331 25.33 31.21 45.83
N THR D 332 25.34 31.80 47.03
CA THR D 332 25.80 31.09 48.21
C THR D 332 24.79 29.98 48.53
N GLY D 333 25.28 28.75 48.63
CA GLY D 333 24.44 27.60 48.88
C GLY D 333 24.22 27.37 50.35
N SER D 334 23.67 26.19 50.65
CA SER D 334 23.38 25.82 52.03
C SER D 334 23.38 24.30 52.14
N CYS D 335 23.85 23.81 53.29
CA CYS D 335 23.77 22.39 53.59
C CYS D 335 22.38 21.98 54.05
N GLY D 336 21.46 22.92 54.16
CA GLY D 336 20.06 22.62 54.34
C GLY D 336 19.28 22.98 53.09
N PRO D 337 17.96 22.81 53.13
CA PRO D 337 17.15 23.13 51.94
C PRO D 337 17.15 24.62 51.66
N VAL D 338 17.36 24.96 50.38
CA VAL D 338 17.37 26.34 49.93
C VAL D 338 15.95 26.68 49.47
N SER D 339 15.30 27.61 50.17
CA SER D 339 13.89 27.89 49.92
C SER D 339 13.66 28.72 48.67
N SER D 340 14.62 29.55 48.27
CA SER D 340 14.45 30.38 47.08
C SER D 340 14.24 29.50 45.86
N ASN D 341 13.09 29.67 45.20
CA ASN D 341 12.68 28.78 44.09
C ASN D 341 12.66 27.32 44.53
N GLY D 342 12.31 27.10 45.80
CA GLY D 342 12.33 25.80 46.43
C GLY D 342 11.15 24.93 46.09
N ALA D 343 10.14 25.52 45.46
CA ALA D 343 8.95 24.82 45.03
C ALA D 343 9.31 23.91 43.85
N ASN D 344 8.30 23.22 43.31
CA ASN D 344 8.46 21.88 42.73
C ASN D 344 9.64 21.80 41.77
N GLY D 345 10.26 20.62 41.74
CA GLY D 345 11.53 20.42 41.08
C GLY D 345 11.52 19.39 39.98
N VAL D 346 12.68 18.79 39.71
CA VAL D 346 12.83 17.78 38.67
C VAL D 346 13.71 16.66 39.24
N LYS D 347 13.40 15.43 38.84
CA LYS D 347 14.24 14.30 39.23
C LYS D 347 15.66 14.49 38.69
N GLY D 348 16.64 14.27 39.56
CA GLY D 348 18.02 14.45 39.18
C GLY D 348 18.94 13.45 39.85
N PHE D 349 20.24 13.72 39.77
CA PHE D 349 21.24 12.81 40.33
C PHE D 349 22.50 13.60 40.65
N SER D 350 23.41 12.96 41.35
CA SER D 350 24.72 13.51 41.64
C SER D 350 25.63 12.39 42.11
N PHE D 351 26.92 12.53 41.87
CA PHE D 351 27.92 11.57 42.31
C PHE D 351 28.89 12.27 43.24
N LYS D 352 28.99 11.78 44.48
CA LYS D 352 29.86 12.37 45.48
C LYS D 352 31.24 11.70 45.42
N TYR D 353 32.27 12.53 45.33
CA TYR D 353 33.67 12.08 45.37
C TYR D 353 34.35 12.84 46.49
N GLY D 354 34.48 12.20 47.65
CA GLY D 354 35.00 12.91 48.82
C GLY D 354 34.15 14.12 49.12
N ASN D 355 34.76 15.30 49.10
CA ASN D 355 34.05 16.56 49.28
C ASN D 355 33.58 17.15 47.96
N GLY D 356 33.95 16.55 46.83
CA GLY D 356 33.48 17.02 45.55
C GLY D 356 32.22 16.31 45.09
N VAL D 357 31.64 16.83 44.01
CA VAL D 357 30.38 16.29 43.50
C VAL D 357 30.28 16.56 42.00
N TRP D 358 29.87 15.54 41.26
CA TRP D 358 29.47 15.69 39.87
C TRP D 358 27.97 15.97 39.84
N ILE D 359 27.59 17.13 39.32
CA ILE D 359 26.20 17.59 39.34
C ILE D 359 25.67 17.61 37.92
N GLY D 360 24.59 16.87 37.69
CA GLY D 360 23.85 16.97 36.44
C GLY D 360 22.60 17.78 36.65
N ARG D 361 22.41 18.78 35.78
CA ARG D 361 21.29 19.70 35.96
C ARG D 361 20.92 20.30 34.61
N THR D 362 19.74 20.91 34.56
CA THR D 362 19.32 21.63 33.38
C THR D 362 20.16 22.91 33.20
N LYS D 363 20.17 23.42 31.97
CA LYS D 363 20.85 24.68 31.71
C LYS D 363 19.98 25.86 32.10
N SER D 364 18.66 25.76 31.88
CA SER D 364 17.76 26.84 32.22
C SER D 364 17.42 26.82 33.71
N ILE D 365 17.02 27.99 34.22
CA ILE D 365 16.66 28.12 35.62
C ILE D 365 15.16 27.96 35.86
N SER D 366 14.34 28.17 34.84
CA SER D 366 12.89 28.13 34.98
C SER D 366 12.26 26.92 34.33
N SER D 367 12.58 26.66 33.07
CA SER D 367 12.00 25.55 32.32
C SER D 367 12.97 24.37 32.26
N ARG D 368 12.46 23.25 31.72
CA ARG D 368 13.25 22.03 31.59
C ARG D 368 13.91 22.02 30.22
N LYS D 369 14.96 22.84 30.09
CA LYS D 369 15.68 23.01 28.84
C LYS D 369 17.17 22.82 29.09
N GLY D 370 17.82 22.07 28.20
CA GLY D 370 19.24 21.86 28.26
C GLY D 370 19.70 20.98 29.40
N PHE D 371 20.94 20.51 29.33
CA PHE D 371 21.50 19.67 30.37
C PHE D 371 23.01 19.81 30.33
N GLU D 372 23.64 19.67 31.51
CA GLU D 372 25.07 19.83 31.62
C GLU D 372 25.57 19.09 32.84
N MET D 373 26.85 18.70 32.80
CA MET D 373 27.53 18.06 33.92
C MET D 373 28.57 19.03 34.48
N ILE D 374 28.54 19.25 35.79
CA ILE D 374 29.42 20.20 36.45
C ILE D 374 30.17 19.49 37.56
N TRP D 375 31.49 19.64 37.57
CA TRP D 375 32.34 19.07 38.62
C TRP D 375 32.70 20.18 39.60
N ASP D 376 32.16 20.08 40.82
CA ASP D 376 32.51 21.00 41.90
C ASP D 376 33.41 20.27 42.87
N PRO D 377 34.70 20.61 42.94
CA PRO D 377 35.63 19.81 43.76
C PRO D 377 35.37 19.90 45.25
N ASN D 378 34.62 20.89 45.73
CA ASN D 378 34.24 20.99 47.14
C ASN D 378 32.75 21.20 47.32
N GLY D 379 31.95 20.91 46.29
CA GLY D 379 30.53 21.23 46.32
C GLY D 379 29.70 20.39 47.27
N TRP D 380 30.19 19.23 47.68
CA TRP D 380 29.40 18.39 48.57
C TRP D 380 29.34 18.96 49.98
N THR D 381 30.42 19.58 50.44
CA THR D 381 30.48 20.13 51.78
C THR D 381 30.66 21.65 51.82
N GLY D 382 30.91 22.30 50.68
CA GLY D 382 31.13 23.73 50.65
C GLY D 382 29.98 24.47 50.02
N THR D 383 29.80 25.75 50.36
CA THR D 383 28.62 26.50 49.96
C THR D 383 28.91 27.54 48.88
N ASP D 384 30.14 27.65 48.40
CA ASP D 384 30.44 28.60 47.35
C ASP D 384 29.91 28.10 46.00
N ASN D 385 29.88 29.02 45.03
CA ASN D 385 29.36 28.73 43.70
C ASN D 385 30.46 28.42 42.68
N LYS D 386 31.69 28.28 43.12
CA LYS D 386 32.80 28.03 42.21
C LYS D 386 32.84 26.57 41.79
N PHE D 387 33.07 26.34 40.50
CA PHE D 387 33.30 25.00 39.98
C PHE D 387 34.41 25.06 38.95
N SER D 388 35.01 23.89 38.69
CA SER D 388 36.18 23.83 37.82
C SER D 388 35.95 23.19 36.46
N ILE D 389 34.90 22.39 36.30
CA ILE D 389 34.67 21.67 35.05
C ILE D 389 33.18 21.71 34.72
N LYS D 390 32.87 21.95 33.44
CA LYS D 390 31.49 21.91 32.95
C LYS D 390 31.49 21.31 31.55
N GLN D 391 30.61 20.35 31.32
CA GLN D 391 30.51 19.65 30.05
C GLN D 391 29.08 19.75 29.55
N ASP D 392 28.91 20.28 28.35
CA ASP D 392 27.58 20.43 27.79
C ASP D 392 27.03 19.08 27.36
N ILE D 393 25.73 18.87 27.59
CA ILE D 393 25.03 17.65 27.21
C ILE D 393 23.89 17.96 26.23
N VAL D 394 23.01 18.89 26.59
CA VAL D 394 21.90 19.31 25.75
C VAL D 394 21.89 20.83 25.69
N GLY D 395 21.68 21.37 24.50
CA GLY D 395 21.69 22.81 24.34
C GLY D 395 20.61 23.49 25.14
N ILE D 396 20.91 24.71 25.59
CA ILE D 396 20.03 25.46 26.48
C ILE D 396 18.67 25.73 25.85
N ASN D 397 18.56 25.64 24.53
CA ASN D 397 17.31 25.93 23.84
C ASN D 397 16.43 24.72 23.61
N GLU D 398 16.92 23.51 23.91
CA GLU D 398 16.23 22.28 23.56
C GLU D 398 15.74 21.56 24.80
N TRP D 399 14.67 20.79 24.62
CA TRP D 399 13.95 20.23 25.76
C TRP D 399 14.71 19.12 26.46
N SER D 400 14.71 19.16 27.79
CA SER D 400 15.28 18.15 28.66
C SER D 400 14.22 17.69 29.66
N GLY D 401 14.60 16.89 30.64
CA GLY D 401 13.64 16.38 31.60
C GLY D 401 14.27 15.62 32.74
N TYR D 402 13.67 14.50 33.14
CA TYR D 402 14.22 13.72 34.23
C TYR D 402 15.62 13.23 33.91
N SER D 403 16.45 13.14 34.94
CA SER D 403 17.78 12.56 34.82
C SER D 403 18.02 11.65 36.02
N GLY D 404 18.80 10.61 35.81
CA GLY D 404 19.06 9.65 36.87
C GLY D 404 20.37 8.94 36.67
N SER D 405 20.88 8.39 37.77
CA SER D 405 22.15 7.68 37.76
C SER D 405 21.91 6.20 37.52
N PHE D 406 22.91 5.55 36.92
CA PHE D 406 22.96 4.10 36.87
C PHE D 406 24.41 3.69 36.76
N VAL D 407 24.74 2.57 37.39
CA VAL D 407 26.12 2.14 37.55
C VAL D 407 26.37 0.87 36.75
N GLN D 408 27.65 0.63 36.45
CA GLN D 408 28.11 -0.60 35.82
C GLN D 408 29.15 -1.22 36.75
N HIS D 409 28.79 -2.35 37.35
CA HIS D 409 29.61 -2.97 38.37
C HIS D 409 30.82 -3.65 37.74
N PRO D 410 31.88 -3.90 38.53
CA PRO D 410 33.03 -4.65 38.02
C PRO D 410 32.65 -6.01 37.45
N GLU D 411 31.58 -6.63 37.96
CA GLU D 411 31.12 -7.91 37.42
C GLU D 411 30.78 -7.81 35.94
N LEU D 412 30.31 -6.64 35.49
CA LEU D 412 29.92 -6.43 34.10
C LEU D 412 31.06 -5.88 33.25
N THR D 413 31.86 -4.96 33.79
CA THR D 413 32.88 -4.28 33.01
C THR D 413 34.26 -4.92 33.12
N GLY D 414 34.51 -5.73 34.13
CA GLY D 414 35.84 -6.26 34.37
C GLY D 414 36.79 -5.30 35.04
N LEU D 415 36.36 -4.08 35.34
CA LEU D 415 37.18 -3.10 36.04
C LEU D 415 37.32 -3.50 37.51
N ASP D 416 38.04 -2.67 38.27
CA ASP D 416 38.22 -2.89 39.70
C ASP D 416 37.46 -1.87 40.54
N CYS D 417 36.55 -1.11 39.93
CA CYS D 417 35.72 -0.16 40.65
C CYS D 417 34.40 -0.02 39.91
N ILE D 418 33.35 0.31 40.66
CA ILE D 418 32.02 0.46 40.08
C ILE D 418 31.95 1.82 39.37
N ARG D 419 31.78 1.78 38.04
CA ARG D 419 31.79 2.98 37.22
C ARG D 419 30.41 3.66 37.24
N PRO D 420 30.38 4.99 37.31
CA PRO D 420 29.10 5.70 37.26
C PRO D 420 28.71 6.09 35.84
N CYS D 421 27.40 6.07 35.60
CA CYS D 421 26.81 6.53 34.35
C CYS D 421 25.51 7.27 34.69
N PHE D 422 24.88 7.84 33.66
CA PHE D 422 23.61 8.52 33.87
C PHE D 422 22.85 8.59 32.56
N TRP D 423 21.54 8.79 32.69
CA TRP D 423 20.63 8.94 31.56
C TRP D 423 19.90 10.28 31.68
N VAL D 424 19.40 10.76 30.54
CA VAL D 424 18.64 12.00 30.50
C VAL D 424 17.36 11.75 29.71
N GLU D 425 16.23 12.14 30.29
CA GLU D 425 14.94 12.07 29.62
C GLU D 425 14.68 13.39 28.88
N LEU D 426 14.22 13.27 27.64
CA LEU D 426 13.95 14.42 26.79
C LEU D 426 12.45 14.49 26.57
N ILE D 427 11.77 15.29 27.39
CA ILE D 427 10.31 15.35 27.39
C ILE D 427 9.85 16.22 26.23
N ARG D 428 8.90 15.70 25.45
CA ARG D 428 8.32 16.44 24.34
C ARG D 428 6.81 16.51 24.48
N GLY D 429 6.25 17.62 24.03
CA GLY D 429 4.81 17.80 24.04
C GLY D 429 4.30 18.66 25.18
N ARG D 430 3.18 18.26 25.76
CA ARG D 430 2.57 19.02 26.83
C ARG D 430 3.47 19.03 28.06
N PRO D 431 3.39 20.09 28.89
CA PRO D 431 2.52 21.25 28.70
C PRO D 431 3.16 22.35 27.84
N GLU D 432 4.45 22.19 27.54
CA GLU D 432 5.20 23.25 26.89
C GLU D 432 4.95 23.35 25.39
N GLU D 433 4.43 22.30 24.75
CA GLU D 433 4.27 22.29 23.31
C GLU D 433 2.81 22.03 22.94
N ASN D 434 2.45 22.47 21.73
CA ASN D 434 1.07 22.42 21.27
C ASN D 434 0.77 21.05 20.68
N THR D 435 0.57 20.09 21.57
CA THR D 435 0.19 18.73 21.19
C THR D 435 -0.90 18.25 22.13
N ILE D 436 -1.43 17.06 21.84
CA ILE D 436 -2.37 16.39 22.72
C ILE D 436 -1.71 15.33 23.58
N TRP D 437 -0.38 15.21 23.51
CA TRP D 437 0.32 14.11 24.15
C TRP D 437 1.60 14.60 24.81
N THR D 438 2.15 13.74 25.67
CA THR D 438 3.45 13.98 26.29
C THR D 438 4.21 12.66 26.27
N SER D 439 5.44 12.69 25.78
CA SER D 439 6.29 11.52 25.75
C SER D 439 7.73 11.97 25.88
N GLY D 440 8.65 11.00 25.82
CA GLY D 440 10.05 11.30 26.01
C GLY D 440 10.94 10.28 25.34
N SER D 441 12.10 10.75 24.90
CA SER D 441 13.20 9.90 24.45
C SER D 441 14.28 9.92 25.51
N SER D 442 15.40 9.24 25.22
CA SER D 442 16.45 9.13 26.22
C SER D 442 17.82 9.19 25.57
N ILE D 443 18.76 9.76 26.31
CA ILE D 443 20.19 9.67 26.02
C ILE D 443 20.88 9.22 27.30
N SER D 444 22.08 8.66 27.14
CA SER D 444 22.82 8.18 28.29
C SER D 444 24.30 8.41 28.07
N PHE D 445 25.02 8.60 29.17
CA PHE D 445 26.46 8.79 29.13
C PHE D 445 27.09 7.97 30.24
N CYS D 446 28.32 7.54 30.00
CA CYS D 446 29.09 6.80 31.00
C CYS D 446 30.40 7.53 31.26
N GLY D 447 30.82 7.52 32.52
CA GLY D 447 32.02 8.26 32.90
C GLY D 447 33.28 7.51 32.53
N VAL D 448 34.24 8.24 31.96
CA VAL D 448 35.52 7.67 31.58
C VAL D 448 36.63 8.64 32.02
N ASN D 449 37.79 8.08 32.32
CA ASN D 449 38.97 8.89 32.59
C ASN D 449 39.82 9.04 31.32
N SER D 450 39.23 9.71 30.33
CA SER D 450 39.88 9.91 29.05
C SER D 450 39.23 11.11 28.35
N ASP D 451 39.65 11.35 27.11
CA ASP D 451 39.18 12.52 26.38
C ASP D 451 37.69 12.41 26.06
N THR D 452 36.96 13.49 26.33
CA THR D 452 35.54 13.60 26.02
C THR D 452 35.30 14.97 25.38
N VAL D 453 34.03 15.23 25.05
CA VAL D 453 33.65 16.51 24.45
C VAL D 453 32.22 16.82 24.85
N GLY D 454 31.92 18.11 24.96
CA GLY D 454 30.56 18.56 25.16
C GLY D 454 29.89 18.89 23.84
N TRP D 455 28.59 18.64 23.78
CA TRP D 455 27.79 18.83 22.58
C TRP D 455 26.33 18.89 22.99
N SER D 456 25.44 18.87 22.00
CA SER D 456 24.00 18.88 22.23
C SER D 456 23.40 17.69 21.48
N TRP D 457 22.84 16.75 22.25
CA TRP D 457 22.17 15.58 21.71
C TRP D 457 20.69 15.65 22.07
N PRO D 458 19.90 16.40 21.32
CA PRO D 458 18.51 16.64 21.73
C PRO D 458 17.57 15.56 21.24
N ASP D 459 16.29 15.68 21.57
CA ASP D 459 15.29 14.75 21.04
C ASP D 459 15.27 14.80 19.52
N GLY D 460 14.99 15.97 18.95
CA GLY D 460 15.04 16.15 17.51
C GLY D 460 13.73 15.96 16.79
N ALA D 461 12.66 15.59 17.49
CA ALA D 461 11.38 15.40 16.83
C ALA D 461 10.77 16.74 16.46
N GLU D 462 10.16 16.78 15.28
CA GLU D 462 9.50 17.99 14.79
C GLU D 462 8.03 17.95 15.20
N LEU D 463 7.67 18.77 16.13
CA LEU D 463 6.31 18.82 16.63
C LEU D 463 5.56 20.01 16.03
N PRO D 464 4.23 19.95 15.94
CA PRO D 464 3.34 18.86 16.35
C PRO D 464 3.34 17.68 15.37
N PHE D 465 2.82 16.55 15.82
CA PHE D 465 2.68 15.38 14.96
C PHE D 465 1.33 15.43 14.26
N THR D 466 1.09 14.47 13.35
CA THR D 466 -0.14 14.48 12.56
C THR D 466 -1.38 14.26 13.42
N ILE D 467 -1.25 13.55 14.54
CA ILE D 467 -2.39 13.33 15.41
C ILE D 467 -2.84 14.62 16.10
N ASP D 468 -2.01 15.65 16.10
CA ASP D 468 -2.28 16.87 16.85
C ASP D 468 -3.09 17.89 16.08
N LYS D 469 -3.26 17.71 14.78
CA LYS D 469 -3.95 18.69 13.94
C LYS D 469 -5.43 18.78 14.31
N VAL E 83 23.33 -34.38 16.38
CA VAL E 83 23.96 -35.50 15.69
C VAL E 83 23.27 -35.74 14.36
N LYS E 84 23.98 -36.37 13.42
CA LYS E 84 23.47 -36.56 12.06
C LYS E 84 22.11 -37.24 12.06
N LEU E 85 21.34 -36.97 11.01
CA LEU E 85 20.02 -37.56 10.81
C LEU E 85 20.20 -38.89 10.08
N ALA E 86 19.98 -40.00 10.79
CA ALA E 86 20.22 -41.31 10.19
C ALA E 86 19.33 -41.55 8.97
N GLY E 87 18.02 -41.54 9.16
CA GLY E 87 17.12 -41.66 8.03
C GLY E 87 16.94 -43.06 7.50
N ASN E 88 17.23 -44.09 8.31
CA ASN E 88 17.06 -45.47 7.90
C ASN E 88 15.70 -46.05 8.23
N SER E 89 14.77 -45.23 8.73
CA SER E 89 13.43 -45.70 9.06
C SER E 89 12.50 -45.57 7.86
N SER E 90 11.52 -46.47 7.79
CA SER E 90 10.49 -46.38 6.76
C SER E 90 9.44 -45.35 7.15
N LEU E 91 8.66 -44.92 6.15
CA LEU E 91 7.54 -44.02 6.39
C LEU E 91 6.56 -44.64 7.39
N CYS E 92 6.15 -43.86 8.38
CA CYS E 92 5.07 -44.28 9.25
C CYS E 92 3.82 -44.50 8.42
N PRO E 93 3.06 -45.57 8.66
CA PRO E 93 1.82 -45.77 7.92
C PRO E 93 0.74 -44.85 8.47
N VAL E 94 -0.01 -44.24 7.57
CA VAL E 94 -0.94 -43.19 7.96
C VAL E 94 -2.35 -43.58 7.54
N SER E 95 -3.34 -43.00 8.24
CA SER E 95 -4.74 -43.20 7.92
C SER E 95 -5.52 -41.88 7.94
N GLY E 96 -4.85 -40.76 7.70
CA GLY E 96 -5.54 -39.49 7.70
C GLY E 96 -4.54 -38.35 7.72
N TRP E 97 -5.05 -37.15 8.04
CA TRP E 97 -4.21 -35.96 8.08
C TRP E 97 -4.79 -34.99 9.09
N ALA E 98 -3.98 -34.63 10.08
CA ALA E 98 -4.37 -33.66 11.10
C ALA E 98 -3.69 -32.34 10.81
N ILE E 99 -4.43 -31.24 10.98
CA ILE E 99 -3.93 -29.92 10.59
C ILE E 99 -2.78 -29.51 11.51
N TYR E 100 -1.73 -28.99 10.90
CA TYR E 100 -0.50 -28.66 11.61
C TYR E 100 -0.24 -27.17 11.76
N SER E 101 -0.51 -26.37 10.73
CA SER E 101 -0.28 -24.93 10.83
C SER E 101 -1.15 -24.20 9.82
N LYS E 102 -1.39 -22.92 10.12
CA LYS E 102 -2.02 -22.00 9.18
C LYS E 102 -1.60 -20.59 9.55
N ASP E 103 -0.96 -19.88 8.62
CA ASP E 103 -0.34 -18.61 8.93
C ASP E 103 -1.23 -17.40 8.69
N ASN E 104 -2.25 -17.52 7.84
CA ASN E 104 -3.18 -16.42 7.58
C ASN E 104 -2.45 -15.17 7.07
N SER E 105 -1.44 -15.39 6.21
CA SER E 105 -0.55 -14.31 5.81
C SER E 105 -1.30 -13.19 5.11
N VAL E 106 -1.95 -13.50 3.99
CA VAL E 106 -2.56 -12.46 3.16
C VAL E 106 -3.62 -11.69 3.94
N ARG E 107 -4.38 -12.38 4.79
CA ARG E 107 -5.36 -11.70 5.63
C ARG E 107 -4.69 -10.69 6.55
N ILE E 108 -3.60 -11.10 7.21
CA ILE E 108 -2.84 -10.20 8.07
C ILE E 108 -2.03 -9.20 7.23
N GLY E 109 -1.71 -9.55 5.99
CA GLY E 109 -0.99 -8.64 5.11
C GLY E 109 -1.79 -7.41 4.72
N SER E 110 -3.11 -7.45 4.86
CA SER E 110 -3.92 -6.29 4.53
C SER E 110 -3.61 -5.11 5.45
N LYS E 111 -3.18 -5.38 6.68
CA LYS E 111 -2.85 -4.34 7.64
C LYS E 111 -1.37 -4.35 8.01
N GLY E 112 -0.84 -5.51 8.41
CA GLY E 112 0.54 -5.60 8.83
C GLY E 112 1.54 -5.54 7.69
N ASP E 113 2.81 -5.57 8.06
CA ASP E 113 3.91 -5.54 7.10
C ASP E 113 4.31 -6.98 6.79
N VAL E 114 3.92 -7.46 5.61
CA VAL E 114 4.02 -8.86 5.24
C VAL E 114 4.63 -8.97 3.86
N PHE E 115 5.62 -9.86 3.71
CA PHE E 115 6.24 -10.05 2.41
C PHE E 115 5.25 -10.59 1.40
N VAL E 116 5.35 -10.09 0.17
CA VAL E 116 4.71 -10.74 -0.97
C VAL E 116 5.52 -11.97 -1.31
N ILE E 117 4.98 -13.15 -1.04
CA ILE E 117 5.72 -14.39 -1.19
C ILE E 117 5.00 -15.30 -2.19
N ARG E 118 5.69 -16.37 -2.55
CA ARG E 118 5.21 -17.40 -3.46
C ARG E 118 6.22 -18.54 -3.41
N GLU E 119 5.74 -19.76 -3.65
CA GLU E 119 6.51 -20.99 -3.50
C GLU E 119 7.00 -21.18 -2.06
N PRO E 120 6.11 -21.28 -1.07
CA PRO E 120 6.55 -21.58 0.29
C PRO E 120 6.66 -23.07 0.53
N PHE E 121 7.50 -23.43 1.48
CA PHE E 121 7.63 -24.83 1.87
C PHE E 121 8.17 -24.93 3.28
N ILE E 122 7.89 -26.06 3.91
CA ILE E 122 8.26 -26.33 5.29
C ILE E 122 9.40 -27.34 5.29
N SER E 123 10.36 -27.15 6.20
CA SER E 123 11.42 -28.11 6.43
C SER E 123 11.75 -28.10 7.91
N CYS E 124 12.10 -29.27 8.45
CA CYS E 124 12.29 -29.42 9.88
C CYS E 124 13.71 -29.88 10.20
N SER E 125 14.23 -29.38 11.31
CA SER E 125 15.49 -29.82 11.92
C SER E 125 15.14 -30.82 13.01
N PRO E 126 16.12 -31.47 13.66
CA PRO E 126 15.79 -32.31 14.82
C PRO E 126 15.30 -31.53 16.03
N LEU E 127 15.20 -30.21 15.95
CA LEU E 127 14.69 -29.40 17.05
C LEU E 127 13.44 -28.61 16.71
N GLU E 128 13.35 -28.02 15.52
CA GLU E 128 12.22 -27.18 15.16
C GLU E 128 11.85 -27.38 13.69
N CYS E 129 10.74 -26.77 13.30
CA CYS E 129 10.31 -26.69 11.91
C CYS E 129 10.20 -25.24 11.49
N ARG E 130 10.52 -24.97 10.23
CA ARG E 130 10.53 -23.62 9.70
C ARG E 130 9.82 -23.59 8.35
N THR E 131 9.34 -22.40 7.99
CA THR E 131 8.67 -22.16 6.72
C THR E 131 9.58 -21.33 5.84
N PHE E 132 10.12 -21.94 4.79
CA PHE E 132 10.91 -21.22 3.81
C PHE E 132 10.01 -20.68 2.71
N PHE E 133 10.43 -19.60 2.08
CA PHE E 133 9.61 -18.95 1.06
C PHE E 133 10.48 -18.02 0.22
N LEU E 134 10.00 -17.75 -0.99
CA LEU E 134 10.67 -16.85 -1.92
C LEU E 134 9.92 -15.51 -1.91
N THR E 135 10.52 -14.50 -1.31
CA THR E 135 9.92 -13.19 -1.28
C THR E 135 10.05 -12.51 -2.64
N GLN E 136 9.40 -11.37 -2.78
CA GLN E 136 9.52 -10.53 -3.96
C GLN E 136 10.18 -9.19 -3.64
N GLY E 137 10.87 -9.10 -2.51
CA GLY E 137 11.47 -7.85 -2.09
C GLY E 137 10.46 -6.74 -1.88
N ALA E 138 9.22 -7.10 -1.55
CA ALA E 138 8.16 -6.12 -1.42
C ALA E 138 7.14 -6.61 -0.40
N LEU E 139 6.32 -5.69 0.08
CA LEU E 139 5.30 -5.97 1.07
C LEU E 139 3.91 -5.87 0.45
N LEU E 140 2.96 -6.57 1.04
CA LEU E 140 1.58 -6.51 0.57
C LEU E 140 1.00 -5.11 0.78
N ASN E 141 0.06 -4.75 -0.09
CA ASN E 141 -0.59 -3.44 -0.08
C ASN E 141 0.39 -2.29 -0.31
N ASP E 142 1.53 -2.57 -0.93
CA ASP E 142 2.50 -1.55 -1.28
C ASP E 142 2.65 -1.50 -2.79
N LYS E 143 2.99 -0.32 -3.31
CA LYS E 143 3.11 -0.14 -4.76
C LYS E 143 4.18 -1.04 -5.36
N HIS E 144 5.18 -1.46 -4.57
CA HIS E 144 6.23 -2.33 -5.08
C HIS E 144 5.75 -3.76 -5.31
N SER E 145 4.54 -4.09 -4.87
CA SER E 145 3.92 -5.37 -5.20
C SER E 145 3.21 -5.34 -6.54
N ASN E 146 3.49 -4.36 -7.40
CA ASN E 146 2.87 -4.31 -8.70
C ASN E 146 3.60 -5.23 -9.67
N GLY E 147 2.83 -5.87 -10.54
CA GLY E 147 3.43 -6.79 -11.49
C GLY E 147 4.16 -7.96 -10.88
N THR E 148 3.90 -8.29 -9.61
CA THR E 148 4.62 -9.41 -9.05
C THR E 148 3.94 -10.72 -9.42
N ILE E 149 3.74 -10.92 -10.72
CA ILE E 149 3.53 -12.23 -11.30
C ILE E 149 4.87 -12.88 -11.64
N LYS E 150 5.71 -12.09 -12.30
CA LYS E 150 7.01 -12.54 -12.80
C LYS E 150 7.78 -13.28 -11.72
N ASP E 151 8.06 -14.55 -11.98
CA ASP E 151 8.69 -15.43 -11.00
C ASP E 151 10.15 -15.12 -10.77
N ARG E 152 10.79 -14.38 -11.69
CA ARG E 152 12.23 -14.19 -11.64
C ARG E 152 12.54 -12.70 -11.69
N SER E 153 13.26 -12.22 -10.68
CA SER E 153 13.73 -10.84 -10.63
C SER E 153 14.94 -10.79 -9.71
N PRO E 154 15.80 -9.79 -9.86
CA PRO E 154 16.95 -9.68 -8.95
C PRO E 154 16.58 -9.34 -7.52
N TYR E 155 15.30 -9.17 -7.21
CA TYR E 155 14.88 -8.79 -5.87
C TYR E 155 14.35 -9.95 -5.04
N ARG E 156 14.07 -11.10 -5.66
CA ARG E 156 13.54 -12.23 -4.90
C ARG E 156 14.62 -12.86 -4.03
N THR E 157 14.26 -13.17 -2.80
CA THR E 157 15.17 -13.74 -1.83
C THR E 157 14.51 -14.91 -1.11
N LEU E 158 15.30 -15.94 -0.82
CA LEU E 158 14.84 -17.06 -0.01
C LEU E 158 14.98 -16.69 1.47
N MET E 159 13.87 -16.72 2.19
CA MET E 159 13.84 -16.37 3.61
C MET E 159 13.00 -17.40 4.35
N SER E 160 13.14 -17.40 5.68
CA SER E 160 12.46 -18.38 6.50
C SER E 160 11.99 -17.74 7.79
N CYS E 161 10.90 -18.30 8.33
CA CYS E 161 10.32 -17.88 9.61
C CYS E 161 9.72 -19.12 10.26
N PRO E 162 9.45 -19.07 11.57
CA PRO E 162 8.81 -20.20 12.22
C PRO E 162 7.48 -20.55 11.57
N ILE E 163 7.04 -21.80 11.78
CA ILE E 163 5.79 -22.24 11.16
C ILE E 163 4.62 -21.42 11.70
N GLY E 164 3.56 -21.36 10.91
CA GLY E 164 2.32 -20.73 11.31
C GLY E 164 2.43 -19.24 11.55
N GLU E 165 3.63 -18.70 11.41
CA GLU E 165 3.88 -17.28 11.55
C GLU E 165 3.84 -16.60 10.20
N VAL E 166 3.51 -15.32 10.23
CA VAL E 166 3.36 -14.52 9.01
C VAL E 166 4.75 -14.15 8.50
N PRO E 167 5.00 -14.27 7.19
CA PRO E 167 6.32 -13.93 6.65
C PRO E 167 6.56 -12.43 6.58
N SER E 168 6.89 -11.82 7.72
CA SER E 168 7.17 -10.41 7.93
C SER E 168 8.67 -10.16 8.00
N PRO E 169 9.13 -8.99 7.56
CA PRO E 169 10.55 -8.65 7.71
C PRO E 169 11.02 -8.57 9.16
N TYR E 170 10.09 -8.54 10.12
CA TYR E 170 10.44 -8.44 11.52
C TYR E 170 10.61 -9.80 12.19
N ASN E 171 10.22 -10.89 11.53
CA ASN E 171 10.36 -12.22 12.08
C ASN E 171 10.99 -13.21 11.10
N SER E 172 11.43 -12.75 9.94
CA SER E 172 11.97 -13.63 8.91
C SER E 172 13.50 -13.57 8.90
N ARG E 173 14.10 -14.75 8.82
CA ARG E 173 15.55 -14.86 8.69
C ARG E 173 15.92 -14.96 7.21
N PHE E 174 17.02 -14.30 6.84
CA PHE E 174 17.48 -14.32 5.47
C PHE E 174 18.30 -15.58 5.21
N GLU E 175 18.05 -16.21 4.06
CA GLU E 175 18.81 -17.40 3.67
C GLU E 175 19.68 -17.19 2.45
N SER E 176 19.12 -16.71 1.34
CA SER E 176 19.88 -16.55 0.11
C SER E 176 19.06 -15.74 -0.89
N VAL E 177 19.76 -15.11 -1.83
CA VAL E 177 19.12 -14.44 -2.96
C VAL E 177 18.74 -15.51 -3.98
N ALA E 178 17.44 -15.66 -4.25
CA ALA E 178 16.98 -16.72 -5.12
C ALA E 178 15.59 -16.44 -5.65
N TRP E 179 15.35 -16.82 -6.91
CA TRP E 179 14.00 -16.95 -7.44
C TRP E 179 13.61 -18.41 -7.62
N SER E 180 14.45 -19.33 -7.15
CA SER E 180 14.15 -20.75 -7.10
C SER E 180 15.04 -21.35 -6.03
N ALA E 181 14.46 -22.12 -5.12
CA ALA E 181 15.17 -22.48 -3.90
C ALA E 181 14.82 -23.89 -3.46
N SER E 182 15.62 -24.39 -2.52
CA SER E 182 15.40 -25.65 -1.83
C SER E 182 16.22 -25.61 -0.55
N ALA E 183 15.73 -26.29 0.48
CA ALA E 183 16.39 -26.23 1.78
C ALA E 183 16.03 -27.45 2.61
N CYS E 184 17.00 -27.96 3.37
CA CYS E 184 16.80 -29.09 4.25
C CYS E 184 17.90 -29.07 5.31
N HIS E 185 17.67 -29.87 6.36
CA HIS E 185 18.58 -29.92 7.51
C HIS E 185 19.11 -31.35 7.61
N ASP E 186 20.44 -31.50 7.50
CA ASP E 186 21.06 -32.81 7.61
C ASP E 186 21.12 -33.32 9.05
N GLY E 187 20.75 -32.51 10.02
CA GLY E 187 20.82 -32.85 11.43
C GLY E 187 21.78 -31.99 12.23
N ILE E 188 22.69 -31.28 11.58
CA ILE E 188 23.59 -30.38 12.29
C ILE E 188 23.53 -28.94 11.78
N ASN E 189 23.11 -28.70 10.54
CA ASN E 189 23.10 -27.34 10.04
C ASN E 189 22.16 -27.22 8.85
N TRP E 190 21.51 -26.06 8.76
CA TRP E 190 20.62 -25.77 7.63
C TRP E 190 21.40 -25.70 6.33
N LEU E 191 20.95 -26.47 5.34
CA LEU E 191 21.45 -26.40 3.98
C LEU E 191 20.44 -25.65 3.13
N THR E 192 20.88 -24.60 2.45
CA THR E 192 20.01 -23.79 1.61
C THR E 192 20.60 -23.68 0.22
N ILE E 193 19.73 -23.77 -0.79
CA ILE E 193 20.13 -23.71 -2.19
C ILE E 193 19.40 -22.55 -2.82
N GLY E 194 20.15 -21.51 -3.22
CA GLY E 194 19.55 -20.35 -3.83
C GLY E 194 19.97 -20.15 -5.27
N ILE E 195 19.00 -20.02 -6.17
CA ILE E 195 19.26 -19.91 -7.60
C ILE E 195 18.91 -18.49 -8.03
N SER E 196 19.90 -17.77 -8.55
CA SER E 196 19.70 -16.43 -9.09
C SER E 196 20.55 -16.28 -10.33
N GLY E 197 20.49 -15.09 -10.93
CA GLY E 197 21.24 -14.82 -12.14
C GLY E 197 20.35 -14.72 -13.36
N PRO E 198 20.95 -14.57 -14.53
CA PRO E 198 20.17 -14.50 -15.76
C PRO E 198 19.59 -15.86 -16.13
N ASP E 199 18.65 -15.84 -17.07
CA ASP E 199 18.01 -17.09 -17.49
C ASP E 199 19.00 -18.02 -18.18
N SER E 200 19.99 -17.47 -18.87
CA SER E 200 20.97 -18.28 -19.60
C SER E 200 22.19 -18.64 -18.77
N GLY E 201 22.36 -18.02 -17.60
CA GLY E 201 23.55 -18.27 -16.80
C GLY E 201 23.25 -18.43 -15.32
N ALA E 202 22.05 -18.91 -14.99
CA ALA E 202 21.63 -19.03 -13.60
C ALA E 202 22.62 -19.87 -12.80
N VAL E 203 22.87 -19.44 -11.57
CA VAL E 203 23.82 -20.11 -10.68
C VAL E 203 23.12 -20.41 -9.35
N ALA E 204 23.24 -21.65 -8.89
CA ALA E 204 22.67 -22.06 -7.62
C ALA E 204 23.74 -21.91 -6.53
N VAL E 205 23.48 -21.04 -5.56
CA VAL E 205 24.39 -20.82 -4.45
C VAL E 205 24.00 -21.76 -3.31
N LEU E 206 24.93 -22.62 -2.90
CA LEU E 206 24.71 -23.56 -1.82
C LEU E 206 25.32 -23.00 -0.53
N LYS E 207 24.52 -22.98 0.54
CA LYS E 207 24.98 -22.52 1.83
C LYS E 207 24.77 -23.61 2.89
N TYR E 208 25.80 -23.82 3.71
CA TYR E 208 25.74 -24.72 4.86
C TYR E 208 26.04 -23.90 6.11
N ASN E 209 25.02 -23.70 6.95
CA ASN E 209 25.10 -22.78 8.09
C ASN E 209 25.30 -21.35 7.61
N GLY E 210 24.60 -20.98 6.54
CA GLY E 210 24.67 -19.64 6.00
C GLY E 210 25.99 -19.28 5.35
N ILE E 211 26.96 -20.18 5.33
CA ILE E 211 28.25 -19.95 4.68
C ILE E 211 28.19 -20.59 3.30
N ILE E 212 28.60 -19.83 2.28
CA ILE E 212 28.61 -20.36 0.93
C ILE E 212 29.63 -21.49 0.85
N THR E 213 29.15 -22.69 0.52
CA THR E 213 30.02 -23.86 0.44
C THR E 213 30.22 -24.39 -0.97
N ASP E 214 29.31 -24.11 -1.89
CA ASP E 214 29.45 -24.59 -3.26
C ASP E 214 28.53 -23.78 -4.16
N THR E 215 28.81 -23.86 -5.46
CA THR E 215 27.95 -23.29 -6.49
C THR E 215 27.86 -24.27 -7.65
N ILE E 216 26.77 -24.17 -8.41
CA ILE E 216 26.59 -24.96 -9.62
C ILE E 216 25.88 -24.09 -10.66
N LYS E 217 26.41 -24.06 -11.87
CA LYS E 217 25.91 -23.19 -12.92
C LYS E 217 25.04 -23.96 -13.90
N SER E 218 24.09 -23.24 -14.50
CA SER E 218 23.21 -23.82 -15.51
C SER E 218 24.03 -24.46 -16.64
N TRP E 219 23.74 -25.73 -16.93
CA TRP E 219 24.47 -26.47 -17.95
C TRP E 219 23.75 -26.54 -19.28
N ARG E 220 22.52 -26.03 -19.37
CA ARG E 220 21.81 -25.98 -20.64
C ARG E 220 21.33 -24.57 -20.99
N ASN E 221 21.66 -23.57 -20.17
CA ASN E 221 21.42 -22.15 -20.47
C ASN E 221 19.95 -21.84 -20.71
N ASN E 222 19.07 -22.63 -20.10
CA ASN E 222 17.63 -22.38 -20.07
C ASN E 222 17.18 -22.65 -18.64
N ILE E 223 16.20 -21.86 -18.17
CA ILE E 223 16.17 -21.45 -16.76
C ILE E 223 16.42 -22.63 -15.83
N LEU E 224 17.38 -22.47 -14.93
CA LEU E 224 17.74 -23.49 -13.97
C LEU E 224 16.82 -23.40 -12.76
N ARG E 225 16.23 -24.53 -12.38
CA ARG E 225 15.23 -24.53 -11.32
C ARG E 225 15.35 -25.81 -10.50
N THR E 226 14.72 -25.79 -9.34
CA THR E 226 14.89 -26.82 -8.32
C THR E 226 13.52 -27.08 -7.68
N GLN E 227 13.53 -27.82 -6.58
CA GLN E 227 12.32 -28.43 -6.05
C GLN E 227 11.25 -27.41 -5.66
N GLU E 228 11.68 -26.27 -5.09
CA GLU E 228 10.78 -25.35 -4.38
C GLU E 228 10.11 -26.01 -3.18
N SER E 229 10.67 -27.11 -2.71
CA SER E 229 10.27 -27.77 -1.48
C SER E 229 11.54 -28.26 -0.80
N GLU E 230 11.37 -28.95 0.33
CA GLU E 230 12.52 -29.40 1.08
C GLU E 230 13.26 -30.52 0.35
N CYS E 231 14.57 -30.52 0.48
CA CYS E 231 15.38 -31.64 0.04
C CYS E 231 15.40 -32.72 1.11
N ALA E 232 16.02 -33.85 0.78
CA ALA E 232 16.00 -35.03 1.64
C ALA E 232 17.41 -35.39 2.05
N CYS E 233 17.62 -35.56 3.36
CA CYS E 233 18.92 -35.89 3.92
C CYS E 233 18.90 -37.30 4.51
N VAL E 234 19.92 -38.09 4.23
CA VAL E 234 20.08 -39.43 4.79
C VAL E 234 21.53 -39.62 5.21
N ASN E 235 21.73 -40.07 6.45
CA ASN E 235 23.02 -40.46 7.00
C ASN E 235 24.04 -39.32 7.01
N GLY E 236 23.61 -38.09 6.73
CA GLY E 236 24.51 -36.96 6.63
C GLY E 236 24.66 -36.41 5.23
N SER E 237 24.04 -37.04 4.24
CA SER E 237 24.07 -36.58 2.86
C SER E 237 22.68 -36.14 2.45
N CYS E 238 22.59 -34.98 1.82
CA CYS E 238 21.32 -34.43 1.37
C CYS E 238 21.26 -34.43 -0.15
N PHE E 239 20.06 -34.66 -0.69
CA PHE E 239 19.87 -34.85 -2.11
C PHE E 239 18.79 -33.90 -2.62
N THR E 240 18.90 -33.52 -3.88
CA THR E 240 17.93 -32.63 -4.50
C THR E 240 17.87 -32.92 -5.99
N ILE E 241 16.89 -32.32 -6.66
CA ILE E 241 16.71 -32.43 -8.10
C ILE E 241 16.72 -31.03 -8.70
N MET E 242 17.41 -30.87 -9.82
CA MET E 242 17.42 -29.63 -10.56
C MET E 242 17.11 -29.90 -12.02
N THR E 243 16.47 -28.94 -12.67
CA THR E 243 16.05 -29.06 -14.05
C THR E 243 16.63 -27.89 -14.85
N ASP E 244 17.13 -28.20 -16.05
CA ASP E 244 17.71 -27.20 -16.93
C ASP E 244 17.19 -27.46 -18.33
N GLY E 245 16.52 -26.48 -18.91
CA GLY E 245 15.99 -26.62 -20.25
C GLY E 245 14.57 -26.13 -20.41
N PRO E 246 13.91 -26.58 -21.48
CA PRO E 246 12.56 -26.08 -21.78
C PRO E 246 11.53 -26.55 -20.76
N SER E 247 10.54 -25.69 -20.52
CA SER E 247 9.40 -26.05 -19.70
C SER E 247 8.27 -26.68 -20.50
N ASP E 248 8.28 -26.52 -21.83
CA ASP E 248 7.26 -27.10 -22.70
C ASP E 248 7.84 -28.21 -23.58
N GLY E 249 8.94 -28.82 -23.17
CA GLY E 249 9.54 -29.86 -23.97
C GLY E 249 10.53 -30.67 -23.17
N GLN E 250 11.27 -31.51 -23.89
CA GLN E 250 12.28 -32.34 -23.25
C GLN E 250 13.38 -31.47 -22.64
N ALA E 251 13.68 -31.72 -21.37
CA ALA E 251 14.72 -30.96 -20.68
C ALA E 251 15.75 -31.88 -20.06
N SER E 252 16.66 -31.30 -19.28
CA SER E 252 17.71 -32.06 -18.61
C SER E 252 17.46 -32.04 -17.11
N TYR E 253 17.60 -33.21 -16.48
CA TYR E 253 17.31 -33.38 -15.06
C TYR E 253 18.50 -34.06 -14.40
N LYS E 254 18.93 -33.53 -13.26
CA LYS E 254 20.09 -34.05 -12.55
C LYS E 254 19.74 -34.31 -11.09
N ILE E 255 20.34 -35.36 -10.53
CA ILE E 255 20.26 -35.66 -9.11
C ILE E 255 21.58 -35.26 -8.48
N PHE E 256 21.52 -34.66 -7.30
CA PHE E 256 22.71 -34.23 -6.58
C PHE E 256 22.75 -34.86 -5.20
N ARG E 257 23.97 -35.05 -4.69
CA ARG E 257 24.19 -35.59 -3.35
C ARG E 257 25.12 -34.61 -2.63
N ILE E 258 24.56 -33.79 -1.75
CA ILE E 258 25.30 -32.74 -1.07
C ILE E 258 25.70 -33.24 0.31
N GLU E 259 26.94 -32.95 0.71
CA GLU E 259 27.42 -33.26 2.06
C GLU E 259 28.04 -32.00 2.65
N LYS E 260 27.43 -31.48 3.70
CA LYS E 260 27.87 -30.24 4.33
C LYS E 260 27.96 -29.11 3.30
N GLY E 261 26.96 -29.03 2.43
CA GLY E 261 26.87 -27.99 1.45
C GLY E 261 27.77 -28.13 0.25
N LYS E 262 28.55 -29.20 0.17
CA LYS E 262 29.47 -29.45 -0.93
C LYS E 262 28.90 -30.54 -1.83
N ILE E 263 28.74 -30.22 -3.12
CA ILE E 263 28.27 -31.20 -4.09
C ILE E 263 29.35 -32.26 -4.28
N VAL E 264 29.03 -33.51 -3.94
CA VAL E 264 30.00 -34.60 -3.99
C VAL E 264 29.72 -35.58 -5.12
N LYS E 265 28.49 -35.64 -5.64
CA LYS E 265 28.21 -36.52 -6.76
C LYS E 265 26.94 -36.02 -7.46
N SER E 266 26.92 -36.19 -8.77
CA SER E 266 25.74 -35.83 -9.55
C SER E 266 25.61 -36.79 -10.73
N VAL E 267 24.37 -37.03 -11.13
CA VAL E 267 24.05 -37.91 -12.25
C VAL E 267 22.92 -37.28 -13.05
N GLU E 268 23.10 -37.17 -14.36
CA GLU E 268 22.02 -36.71 -15.23
C GLU E 268 21.12 -37.90 -15.58
N MET E 269 19.81 -37.71 -15.42
CA MET E 269 18.89 -38.81 -15.60
C MET E 269 18.71 -39.13 -17.07
N ASN E 270 18.74 -40.43 -17.38
CA ASN E 270 18.46 -40.91 -18.74
C ASN E 270 16.96 -41.20 -18.81
N ALA E 271 16.19 -40.15 -19.09
CA ALA E 271 14.73 -40.21 -19.08
C ALA E 271 14.18 -39.51 -20.32
N PRO E 272 14.27 -40.14 -21.48
CA PRO E 272 13.62 -39.57 -22.66
C PRO E 272 12.10 -39.66 -22.54
N ASN E 273 11.43 -38.63 -23.03
CA ASN E 273 9.98 -38.46 -23.01
C ASN E 273 9.44 -38.17 -21.62
N TYR E 274 10.29 -38.13 -20.59
CA TYR E 274 9.91 -37.71 -19.26
C TYR E 274 10.13 -36.22 -19.09
N HIS E 275 9.42 -35.63 -18.12
CA HIS E 275 9.62 -34.23 -17.76
C HIS E 275 9.53 -34.08 -16.25
N TYR E 276 10.57 -33.49 -15.66
CA TYR E 276 10.67 -33.34 -14.21
C TYR E 276 10.82 -31.88 -13.84
N GLU E 277 9.97 -31.42 -12.91
CA GLU E 277 10.00 -30.07 -12.40
C GLU E 277 9.47 -30.06 -10.98
N GLU E 278 10.12 -29.28 -10.12
CA GLU E 278 9.61 -28.98 -8.77
C GLU E 278 9.25 -30.27 -8.02
N CYS E 279 10.26 -31.11 -7.81
CA CYS E 279 10.06 -32.40 -7.18
C CYS E 279 9.84 -32.26 -5.68
N SER E 280 9.02 -33.16 -5.14
CA SER E 280 8.79 -33.27 -3.70
C SER E 280 9.47 -34.55 -3.23
N CYS E 281 10.64 -34.40 -2.64
CA CYS E 281 11.48 -35.53 -2.25
C CYS E 281 11.37 -35.76 -0.74
N TYR E 282 11.27 -37.04 -0.35
CA TYR E 282 11.27 -37.42 1.04
C TYR E 282 12.11 -38.68 1.22
N PRO E 283 12.86 -38.80 2.32
CA PRO E 283 13.63 -40.02 2.56
C PRO E 283 12.73 -41.14 3.06
N ASP E 284 13.06 -42.37 2.65
CA ASP E 284 12.25 -43.54 3.00
C ASP E 284 13.18 -44.74 3.13
N SER E 285 13.57 -45.05 4.37
CA SER E 285 14.37 -46.22 4.69
C SER E 285 15.67 -46.26 3.88
N SER E 286 16.49 -45.22 4.10
CA SER E 286 17.85 -45.05 3.56
C SER E 286 17.85 -44.70 2.07
N GLU E 287 16.70 -44.56 1.43
CA GLU E 287 16.60 -44.13 0.05
C GLU E 287 15.72 -42.88 -0.03
N ILE E 288 15.57 -42.36 -1.24
CA ILE E 288 14.78 -41.16 -1.49
C ILE E 288 13.91 -41.40 -2.69
N THR E 289 12.65 -40.98 -2.61
CA THR E 289 11.72 -41.05 -3.73
C THR E 289 11.10 -39.68 -3.92
N CYS E 290 11.28 -39.10 -5.10
CA CYS E 290 10.75 -37.79 -5.43
C CYS E 290 9.52 -37.95 -6.31
N VAL E 291 8.45 -37.22 -5.98
CA VAL E 291 7.28 -37.09 -6.83
C VAL E 291 7.30 -35.69 -7.41
N CYS E 292 7.16 -35.59 -8.74
CA CYS E 292 7.49 -34.37 -9.44
C CYS E 292 6.32 -33.91 -10.32
N ARG E 293 6.55 -32.88 -11.13
CA ARG E 293 5.52 -32.30 -11.98
C ARG E 293 5.98 -32.40 -13.43
N ASP E 294 5.14 -33.01 -14.27
CA ASP E 294 5.38 -33.09 -15.70
C ASP E 294 4.67 -31.91 -16.33
N ASN E 295 5.44 -30.87 -16.66
CA ASN E 295 4.86 -29.71 -17.29
C ASN E 295 4.76 -29.85 -18.80
N TRP E 296 5.36 -30.87 -19.40
CA TRP E 296 5.42 -30.91 -20.85
C TRP E 296 4.29 -31.70 -21.52
N HIS E 297 4.18 -33.00 -21.21
CA HIS E 297 3.04 -33.78 -21.68
C HIS E 297 2.47 -34.70 -20.59
N GLY E 298 2.35 -34.22 -19.35
CA GLY E 298 1.91 -35.15 -18.33
C GLY E 298 0.84 -34.66 -17.38
N SER E 299 -0.29 -35.37 -17.31
CA SER E 299 -1.32 -35.12 -16.32
C SER E 299 -1.23 -36.05 -15.11
N ASN E 300 -0.40 -37.09 -15.17
CA ASN E 300 -0.01 -37.85 -14.00
C ASN E 300 1.36 -37.38 -13.53
N ARG E 301 1.75 -37.82 -12.34
CA ARG E 301 2.99 -37.24 -11.83
C ARG E 301 4.16 -38.18 -12.07
N PRO E 302 5.26 -37.68 -12.63
CA PRO E 302 6.48 -38.48 -12.75
C PRO E 302 7.17 -38.61 -11.40
N TRP E 303 7.94 -39.69 -11.26
CA TRP E 303 8.68 -39.90 -10.03
C TRP E 303 10.04 -40.50 -10.33
N VAL E 304 10.97 -40.30 -9.40
CA VAL E 304 12.32 -40.86 -9.48
C VAL E 304 12.76 -41.20 -8.07
N SER E 305 13.27 -42.42 -7.89
CA SER E 305 13.79 -42.85 -6.60
C SER E 305 15.25 -43.24 -6.76
N PHE E 306 16.04 -43.01 -5.70
CA PHE E 306 17.47 -43.28 -5.78
C PHE E 306 18.02 -43.53 -4.38
N ASN E 307 19.19 -44.16 -4.34
CA ASN E 307 19.94 -44.45 -3.13
C ASN E 307 21.16 -43.51 -3.06
N GLN E 308 21.98 -43.72 -2.04
CA GLN E 308 23.09 -42.80 -1.76
C GLN E 308 24.09 -42.77 -2.91
N ASN E 309 24.30 -43.89 -3.59
CA ASN E 309 25.17 -43.91 -4.77
C ASN E 309 24.50 -43.33 -6.01
N LEU E 310 23.28 -42.82 -5.88
CA LEU E 310 22.53 -42.16 -6.95
C LEU E 310 22.17 -43.10 -8.10
N GLU E 311 22.20 -44.41 -7.86
CA GLU E 311 21.50 -45.33 -8.75
C GLU E 311 20.01 -45.06 -8.64
N TYR E 312 19.34 -44.91 -9.78
CA TYR E 312 17.98 -44.39 -9.77
C TYR E 312 17.05 -45.26 -10.60
N GLN E 313 15.75 -45.10 -10.33
CA GLN E 313 14.68 -45.69 -11.12
C GLN E 313 13.64 -44.61 -11.38
N ILE E 314 13.09 -44.60 -12.58
CA ILE E 314 12.14 -43.58 -13.00
C ILE E 314 10.80 -44.23 -13.32
N GLY E 315 9.78 -43.39 -13.45
CA GLY E 315 8.45 -43.88 -13.76
C GLY E 315 7.43 -42.80 -13.49
N TYR E 316 6.18 -43.16 -13.77
CA TYR E 316 5.02 -42.30 -13.53
C TYR E 316 4.04 -43.02 -12.62
N ILE E 317 3.31 -42.25 -11.82
CA ILE E 317 2.26 -42.83 -10.98
C ILE E 317 1.18 -43.39 -11.90
N CYS E 318 0.97 -44.71 -11.81
CA CYS E 318 0.07 -45.42 -12.72
C CYS E 318 -1.40 -45.17 -12.43
N SER E 319 -1.75 -44.63 -11.25
CA SER E 319 -3.14 -44.56 -10.83
C SER E 319 -3.98 -43.76 -11.82
N GLY E 320 -5.21 -44.21 -12.01
CA GLY E 320 -6.17 -43.45 -12.79
C GLY E 320 -6.69 -42.22 -12.08
N VAL E 321 -6.38 -42.06 -10.80
CA VAL E 321 -6.67 -40.83 -10.09
C VAL E 321 -5.53 -39.87 -10.39
N PHE E 322 -5.71 -39.05 -11.42
CA PHE E 322 -4.64 -38.17 -11.89
C PHE E 322 -4.34 -37.11 -10.85
N GLY E 323 -3.05 -36.80 -10.69
CA GLY E 323 -2.61 -35.94 -9.60
C GLY E 323 -2.24 -34.53 -10.00
N ASP E 324 -2.00 -34.29 -11.28
CA ASP E 324 -1.57 -32.97 -11.74
C ASP E 324 -2.77 -32.07 -11.97
N ASN E 325 -2.49 -30.78 -12.16
CA ASN E 325 -3.52 -29.80 -12.49
C ASN E 325 -2.99 -28.84 -13.55
N PRO E 326 -3.64 -28.73 -14.72
CA PRO E 326 -4.81 -29.48 -15.17
C PRO E 326 -4.57 -30.97 -15.41
N ARG E 327 -5.66 -31.70 -15.63
CA ARG E 327 -5.68 -33.13 -15.85
C ARG E 327 -6.98 -33.48 -16.56
N PRO E 328 -7.19 -34.74 -16.96
CA PRO E 328 -8.52 -35.15 -17.38
C PRO E 328 -9.34 -35.64 -16.20
N ASN E 329 -10.60 -36.01 -16.43
CA ASN E 329 -11.38 -36.68 -15.41
C ASN E 329 -10.76 -38.03 -15.08
N ASP E 330 -11.09 -38.55 -13.91
CA ASP E 330 -10.54 -39.84 -13.49
C ASP E 330 -10.97 -40.93 -14.47
N LYS E 331 -9.98 -41.68 -14.95
CA LYS E 331 -10.14 -42.60 -16.07
C LYS E 331 -9.04 -43.66 -15.94
N THR E 332 -8.86 -44.46 -16.98
CA THR E 332 -7.78 -45.44 -17.00
C THR E 332 -6.44 -44.71 -17.07
N GLY E 333 -5.57 -44.97 -16.10
CA GLY E 333 -4.28 -44.31 -16.02
C GLY E 333 -3.22 -45.03 -16.82
N SER E 334 -1.97 -44.64 -16.57
CA SER E 334 -0.84 -45.20 -17.30
C SER E 334 0.41 -45.06 -16.45
N CYS E 335 1.29 -46.05 -16.54
CA CYS E 335 2.60 -45.95 -15.92
C CYS E 335 3.58 -45.10 -16.73
N GLY E 336 3.14 -44.59 -17.88
CA GLY E 336 3.88 -43.57 -18.58
C GLY E 336 3.15 -42.23 -18.49
N PRO E 337 3.69 -41.21 -19.14
CA PRO E 337 3.03 -39.89 -19.12
C PRO E 337 1.69 -39.92 -19.84
N VAL E 338 0.67 -39.36 -19.20
CA VAL E 338 -0.67 -39.27 -19.79
C VAL E 338 -0.76 -37.94 -20.52
N SER E 339 -0.88 -38.02 -21.85
CA SER E 339 -0.80 -36.82 -22.68
C SER E 339 -2.06 -35.97 -22.59
N SER E 340 -3.20 -36.58 -22.30
CA SER E 340 -4.46 -35.84 -22.20
C SER E 340 -4.37 -34.82 -21.06
N ASN E 341 -4.55 -33.53 -21.41
CA ASN E 341 -4.31 -32.44 -20.47
C ASN E 341 -2.91 -32.52 -19.87
N GLY E 342 -1.96 -33.01 -20.67
CA GLY E 342 -0.59 -33.21 -20.24
C GLY E 342 0.24 -31.95 -20.20
N ALA E 343 -0.28 -30.88 -20.78
CA ALA E 343 0.38 -29.58 -20.78
C ALA E 343 0.36 -29.02 -19.36
N ASN E 344 0.94 -27.83 -19.20
CA ASN E 344 1.60 -27.40 -17.96
C ASN E 344 0.75 -27.66 -16.72
N GLY E 345 1.45 -27.96 -15.62
CA GLY E 345 0.85 -28.52 -14.43
C GLY E 345 1.08 -27.70 -13.17
N VAL E 346 1.08 -28.36 -12.02
CA VAL E 346 1.27 -27.70 -10.73
C VAL E 346 2.19 -28.57 -9.89
N LYS E 347 3.04 -27.92 -9.08
CA LYS E 347 3.88 -28.65 -8.15
C LYS E 347 3.04 -29.44 -7.17
N GLY E 348 3.36 -30.71 -6.99
CA GLY E 348 2.61 -31.55 -6.09
C GLY E 348 3.46 -32.57 -5.37
N PHE E 349 2.83 -33.55 -4.74
CA PHE E 349 3.54 -34.54 -3.95
C PHE E 349 2.71 -35.82 -3.93
N SER E 350 3.32 -36.88 -3.41
CA SER E 350 2.66 -38.16 -3.20
C SER E 350 3.54 -39.02 -2.30
N PHE E 351 2.89 -39.86 -1.51
CA PHE E 351 3.59 -40.78 -0.60
C PHE E 351 3.28 -42.20 -1.02
N LYS E 352 4.31 -42.95 -1.42
CA LYS E 352 4.14 -44.32 -1.86
C LYS E 352 4.27 -45.26 -0.65
N TYR E 353 3.35 -46.22 -0.58
CA TYR E 353 3.32 -47.22 0.49
C TYR E 353 3.09 -48.57 -0.18
N GLY E 354 4.17 -49.33 -0.38
CA GLY E 354 4.07 -50.51 -1.22
C GLY E 354 3.61 -50.08 -2.60
N ASN E 355 2.45 -50.58 -3.03
CA ASN E 355 1.82 -50.17 -4.27
C ASN E 355 0.66 -49.21 -4.04
N GLY E 356 0.39 -48.84 -2.79
CA GLY E 356 -0.54 -47.78 -2.51
C GLY E 356 0.11 -46.40 -2.57
N VAL E 357 -0.73 -45.37 -2.64
CA VAL E 357 -0.22 -44.00 -2.75
C VAL E 357 -1.23 -43.05 -2.11
N TRP E 358 -0.72 -42.15 -1.28
CA TRP E 358 -1.50 -41.00 -0.81
C TRP E 358 -1.29 -39.87 -1.81
N ILE E 359 -2.36 -39.45 -2.47
CA ILE E 359 -2.30 -38.45 -3.54
C ILE E 359 -2.90 -37.16 -3.03
N GLY E 360 -2.13 -36.08 -3.07
CA GLY E 360 -2.65 -34.74 -2.84
C GLY E 360 -2.80 -34.01 -4.16
N ARG E 361 -3.99 -33.46 -4.38
CA ARG E 361 -4.29 -32.82 -5.66
C ARG E 361 -5.38 -31.78 -5.46
N THR E 362 -5.53 -30.91 -6.45
CA THR E 362 -6.61 -29.95 -6.45
C THR E 362 -7.94 -30.64 -6.69
N LYS E 363 -9.02 -29.99 -6.24
CA LYS E 363 -10.35 -30.53 -6.49
C LYS E 363 -10.81 -30.24 -7.91
N SER E 364 -10.47 -29.06 -8.43
CA SER E 364 -10.85 -28.71 -9.78
C SER E 364 -9.92 -29.38 -10.79
N ILE E 365 -10.44 -29.57 -12.00
CA ILE E 365 -9.67 -30.18 -13.08
C ILE E 365 -8.95 -29.15 -13.93
N SER E 366 -9.41 -27.90 -13.93
CA SER E 366 -8.87 -26.87 -14.81
C SER E 366 -8.10 -25.79 -14.05
N SER E 367 -8.71 -25.20 -13.03
CA SER E 367 -8.07 -24.14 -12.26
C SER E 367 -7.45 -24.71 -10.99
N ARG E 368 -6.71 -23.86 -10.28
CA ARG E 368 -6.09 -24.24 -9.02
C ARG E 368 -7.04 -23.92 -7.87
N LYS E 369 -8.06 -24.76 -7.75
CA LYS E 369 -9.11 -24.58 -6.75
C LYS E 369 -9.26 -25.85 -5.93
N GLY E 370 -9.33 -25.70 -4.61
CA GLY E 370 -9.55 -26.82 -3.73
C GLY E 370 -8.35 -27.74 -3.58
N PHE E 371 -8.39 -28.60 -2.57
CA PHE E 371 -7.32 -29.57 -2.35
C PHE E 371 -7.89 -30.72 -1.54
N GLU E 372 -7.36 -31.92 -1.82
CA GLU E 372 -7.84 -33.13 -1.17
C GLU E 372 -6.73 -34.16 -1.12
N MET E 373 -6.82 -35.07 -0.15
CA MET E 373 -5.92 -36.21 -0.03
C MET E 373 -6.71 -37.48 -0.38
N ILE E 374 -6.14 -38.29 -1.25
CA ILE E 374 -6.79 -39.51 -1.73
C ILE E 374 -5.85 -40.69 -1.48
N TRP E 375 -6.37 -41.73 -0.83
CA TRP E 375 -5.61 -42.95 -0.60
C TRP E 375 -6.03 -44.01 -1.62
N ASP E 376 -5.13 -44.33 -2.53
CA ASP E 376 -5.35 -45.38 -3.52
C ASP E 376 -4.50 -46.58 -3.15
N PRO E 377 -5.10 -47.68 -2.68
CA PRO E 377 -4.28 -48.79 -2.15
C PRO E 377 -3.47 -49.53 -3.20
N ASN E 378 -3.78 -49.38 -4.49
CA ASN E 378 -2.99 -49.97 -5.56
C ASN E 378 -2.62 -48.94 -6.62
N GLY E 379 -2.69 -47.65 -6.29
CA GLY E 379 -2.50 -46.61 -7.28
C GLY E 379 -1.08 -46.45 -7.79
N TRP E 380 -0.08 -46.93 -7.04
CA TRP E 380 1.30 -46.72 -7.46
C TRP E 380 1.66 -47.58 -8.67
N THR E 381 1.11 -48.79 -8.74
CA THR E 381 1.40 -49.69 -9.85
C THR E 381 0.18 -50.08 -10.68
N GLY E 382 -1.02 -49.69 -10.27
CA GLY E 382 -2.23 -50.03 -11.00
C GLY E 382 -2.84 -48.84 -11.70
N THR E 383 -3.60 -49.09 -12.76
CA THR E 383 -4.10 -48.04 -13.64
C THR E 383 -5.58 -47.76 -13.50
N ASP E 384 -6.28 -48.42 -12.58
CA ASP E 384 -7.69 -48.15 -12.41
C ASP E 384 -7.89 -46.83 -11.65
N ASN E 385 -9.13 -46.33 -11.67
CA ASN E 385 -9.48 -45.08 -11.04
C ASN E 385 -10.13 -45.26 -9.66
N LYS E 386 -10.15 -46.47 -9.14
CA LYS E 386 -10.79 -46.72 -7.86
C LYS E 386 -9.88 -46.34 -6.70
N PHE E 387 -10.45 -45.68 -5.69
CA PHE E 387 -9.74 -45.36 -4.47
C PHE E 387 -10.68 -45.59 -3.29
N SER E 388 -10.09 -45.73 -2.09
CA SER E 388 -10.86 -46.10 -0.92
C SER E 388 -11.06 -44.99 0.10
N ILE E 389 -10.19 -43.97 0.11
CA ILE E 389 -10.26 -42.92 1.12
C ILE E 389 -10.05 -41.57 0.44
N LYS E 390 -10.83 -40.57 0.85
CA LYS E 390 -10.68 -39.20 0.40
C LYS E 390 -10.96 -38.26 1.56
N GLN E 391 -10.07 -37.30 1.78
CA GLN E 391 -10.20 -36.35 2.88
C GLN E 391 -10.12 -34.94 2.31
N ASP E 392 -11.16 -34.13 2.56
CA ASP E 392 -11.18 -32.78 2.04
C ASP E 392 -10.20 -31.89 2.80
N ILE E 393 -9.52 -31.01 2.07
CA ILE E 393 -8.56 -30.07 2.63
C ILE E 393 -8.99 -28.62 2.38
N VAL E 394 -9.25 -28.28 1.13
CA VAL E 394 -9.71 -26.95 0.76
C VAL E 394 -10.93 -27.09 -0.15
N GLY E 395 -11.94 -26.26 0.09
CA GLY E 395 -13.16 -26.36 -0.68
C GLY E 395 -12.92 -26.13 -2.16
N ILE E 396 -13.71 -26.83 -2.98
CA ILE E 396 -13.55 -26.80 -4.43
C ILE E 396 -13.70 -25.39 -4.99
N ASN E 397 -14.32 -24.48 -4.24
CA ASN E 397 -14.59 -23.13 -4.71
C ASN E 397 -13.51 -22.13 -4.32
N GLU E 398 -12.51 -22.53 -3.53
CA GLU E 398 -11.54 -21.60 -2.99
C GLU E 398 -10.15 -21.89 -3.55
N TRP E 399 -9.32 -20.84 -3.59
CA TRP E 399 -8.05 -20.92 -4.29
C TRP E 399 -7.04 -21.81 -3.58
N SER E 400 -6.35 -22.62 -4.36
CA SER E 400 -5.25 -23.46 -3.91
C SER E 400 -4.04 -23.19 -4.79
N GLY E 401 -2.98 -23.96 -4.64
CA GLY E 401 -1.76 -23.74 -5.41
C GLY E 401 -0.74 -24.83 -5.21
N TYR E 402 0.52 -24.46 -5.09
CA TYR E 402 1.58 -25.44 -4.90
C TYR E 402 1.34 -26.28 -3.66
N SER E 403 1.79 -27.53 -3.71
CA SER E 403 1.77 -28.42 -2.56
C SER E 403 3.06 -29.23 -2.57
N GLY E 404 3.55 -29.55 -1.38
CA GLY E 404 4.79 -30.30 -1.28
C GLY E 404 4.88 -31.07 0.00
N SER E 405 5.73 -32.09 0.00
CA SER E 405 5.91 -32.97 1.14
C SER E 405 7.02 -32.46 2.05
N PHE E 406 6.87 -32.73 3.34
CA PHE E 406 7.96 -32.54 4.29
C PHE E 406 7.79 -33.54 5.42
N VAL E 407 8.90 -34.06 5.90
CA VAL E 407 8.90 -35.15 6.86
C VAL E 407 9.38 -34.67 8.21
N GLN E 408 9.06 -35.45 9.24
CA GLN E 408 9.54 -35.24 10.60
C GLN E 408 10.25 -36.51 11.03
N HIS E 409 11.57 -36.41 11.18
CA HIS E 409 12.38 -37.60 11.42
C HIS E 409 12.22 -38.08 12.86
N PRO E 410 12.53 -39.36 13.11
CA PRO E 410 12.50 -39.85 14.50
C PRO E 410 13.38 -39.07 15.45
N GLU E 411 14.45 -38.46 14.95
CA GLU E 411 15.27 -37.60 15.80
C GLU E 411 14.47 -36.44 16.38
N LEU E 412 13.45 -35.97 15.65
CA LEU E 412 12.62 -34.86 16.09
C LEU E 412 11.40 -35.31 16.88
N THR E 413 10.74 -36.37 16.45
CA THR E 413 9.46 -36.78 17.02
C THR E 413 9.59 -37.83 18.11
N GLY E 414 10.71 -38.55 18.18
CA GLY E 414 10.83 -39.64 19.13
C GLY E 414 10.17 -40.92 18.70
N LEU E 415 9.49 -40.94 17.56
CA LEU E 415 8.87 -42.14 17.02
C LEU E 415 9.95 -43.07 16.47
N ASP E 416 9.52 -44.23 15.96
CA ASP E 416 10.42 -45.21 15.39
C ASP E 416 10.33 -45.26 13.87
N CYS E 417 9.69 -44.26 13.27
CA CYS E 417 9.58 -44.19 11.82
C CYS E 417 9.47 -42.71 11.43
N ILE E 418 9.90 -42.42 10.21
CA ILE E 418 9.90 -41.05 9.70
C ILE E 418 8.48 -40.71 9.25
N ARG E 419 7.84 -39.77 9.94
CA ARG E 419 6.44 -39.45 9.68
C ARG E 419 6.31 -38.47 8.51
N PRO E 420 5.34 -38.68 7.63
CA PRO E 420 5.11 -37.74 6.53
C PRO E 420 4.13 -36.64 6.89
N CYS E 421 4.38 -35.47 6.30
CA CYS E 421 3.50 -34.31 6.38
C CYS E 421 3.48 -33.63 5.03
N PHE E 422 2.67 -32.58 4.90
CA PHE E 422 2.63 -31.84 3.65
C PHE E 422 2.08 -30.45 3.90
N TRP E 423 2.38 -29.55 2.98
CA TRP E 423 1.91 -28.17 3.01
C TRP E 423 1.16 -27.86 1.73
N VAL E 424 0.32 -26.83 1.79
CA VAL E 424 -0.46 -26.37 0.66
C VAL E 424 -0.30 -24.87 0.54
N GLU E 425 0.08 -24.41 -0.66
CA GLU E 425 0.16 -22.98 -0.95
C GLU E 425 -1.19 -22.50 -1.47
N LEU E 426 -1.64 -21.36 -0.96
CA LEU E 426 -2.94 -20.80 -1.32
C LEU E 426 -2.68 -19.51 -2.09
N ILE E 427 -2.67 -19.62 -3.41
CA ILE E 427 -2.30 -18.49 -4.27
C ILE E 427 -3.48 -17.54 -4.37
N ARG E 428 -3.22 -16.25 -4.17
CA ARG E 428 -4.24 -15.23 -4.29
C ARG E 428 -3.76 -14.13 -5.23
N GLY E 429 -4.72 -13.55 -5.96
CA GLY E 429 -4.43 -12.46 -6.87
C GLY E 429 -4.34 -12.87 -8.33
N ARG E 430 -3.34 -12.33 -9.02
CA ARG E 430 -3.16 -12.63 -10.43
C ARG E 430 -2.78 -14.09 -10.64
N PRO E 431 -3.14 -14.68 -11.80
CA PRO E 431 -3.90 -14.08 -12.89
C PRO E 431 -5.41 -14.14 -12.69
N GLU E 432 -5.83 -14.94 -11.72
CA GLU E 432 -7.25 -15.28 -11.57
C GLU E 432 -8.08 -14.16 -10.96
N GLU E 433 -7.46 -13.23 -10.24
CA GLU E 433 -8.20 -12.21 -9.51
C GLU E 433 -7.77 -10.82 -9.95
N ASN E 434 -8.66 -9.85 -9.73
CA ASN E 434 -8.46 -8.48 -10.20
C ASN E 434 -7.62 -7.71 -9.18
N THR E 435 -6.31 -7.96 -9.24
CA THR E 435 -5.35 -7.25 -8.41
C THR E 435 -4.13 -6.91 -9.25
N ILE E 436 -3.20 -6.17 -8.65
CA ILE E 436 -1.93 -5.87 -9.29
C ILE E 436 -0.82 -6.78 -8.78
N TRP E 437 -1.15 -7.76 -7.94
CA TRP E 437 -0.15 -8.54 -7.23
C TRP E 437 -0.54 -10.00 -7.16
N THR E 438 0.43 -10.83 -6.82
CA THR E 438 0.22 -12.25 -6.59
C THR E 438 0.99 -12.65 -5.34
N SER E 439 0.32 -13.31 -4.40
CA SER E 439 0.97 -13.80 -3.20
C SER E 439 0.23 -15.04 -2.73
N GLY E 440 0.69 -15.59 -1.62
CA GLY E 440 0.13 -16.84 -1.14
C GLY E 440 0.33 -17.00 0.35
N SER E 441 -0.59 -17.73 0.97
CA SER E 441 -0.46 -18.19 2.34
C SER E 441 -0.27 -19.70 2.32
N SER E 442 -0.19 -20.29 3.52
CA SER E 442 0.11 -21.71 3.61
C SER E 442 -0.72 -22.37 4.70
N ILE E 443 -1.06 -23.63 4.46
CA ILE E 443 -1.59 -24.53 5.47
C ILE E 443 -0.76 -25.82 5.41
N SER E 444 -0.75 -26.55 6.52
CA SER E 444 0.04 -27.76 6.57
C SER E 444 -0.67 -28.81 7.42
N PHE E 445 -0.44 -30.06 7.06
CA PHE E 445 -1.05 -31.20 7.73
C PHE E 445 0.03 -32.26 7.95
N CYS E 446 -0.11 -33.02 9.02
CA CYS E 446 0.78 -34.11 9.32
C CYS E 446 -0.01 -35.40 9.45
N GLY E 447 0.58 -36.49 8.96
CA GLY E 447 -0.11 -37.76 8.96
C GLY E 447 -0.13 -38.39 10.33
N VAL E 448 -1.31 -38.86 10.75
CA VAL E 448 -1.45 -39.56 12.02
C VAL E 448 -2.30 -40.80 11.81
N ASN E 449 -2.04 -41.82 12.62
CA ASN E 449 -2.87 -43.02 12.64
C ASN E 449 -3.92 -42.92 13.74
N SER E 450 -4.83 -41.96 13.58
CA SER E 450 -5.87 -41.70 14.57
C SER E 450 -7.01 -40.96 13.86
N ASP E 451 -7.99 -40.54 14.65
CA ASP E 451 -9.18 -39.91 14.07
C ASP E 451 -8.83 -38.54 13.50
N THR E 452 -9.34 -38.27 12.30
CA THR E 452 -9.18 -37.00 11.61
C THR E 452 -10.52 -36.59 11.03
N VAL E 453 -10.55 -35.44 10.34
CA VAL E 453 -11.76 -34.97 9.69
C VAL E 453 -11.39 -34.13 8.49
N GLY E 454 -12.26 -34.12 7.49
CA GLY E 454 -12.10 -33.26 6.33
C GLY E 454 -12.85 -31.95 6.53
N TRP E 455 -12.27 -30.88 6.02
CA TRP E 455 -12.84 -29.55 6.12
C TRP E 455 -12.21 -28.67 5.06
N SER E 456 -12.48 -27.37 5.13
CA SER E 456 -11.92 -26.39 4.21
C SER E 456 -11.22 -25.31 5.01
N TRP E 457 -9.90 -25.20 4.82
CA TRP E 457 -9.07 -24.18 5.47
C TRP E 457 -8.50 -23.28 4.38
N PRO E 458 -9.29 -22.36 3.85
CA PRO E 458 -8.85 -21.55 2.72
C PRO E 458 -8.02 -20.35 3.16
N ASP E 459 -7.57 -19.58 2.18
CA ASP E 459 -6.81 -18.36 2.47
C ASP E 459 -7.64 -17.39 3.30
N GLY E 460 -8.78 -16.97 2.77
CA GLY E 460 -9.71 -16.15 3.53
C GLY E 460 -9.56 -14.65 3.36
N ALA E 461 -8.60 -14.19 2.56
CA ALA E 461 -8.43 -12.77 2.33
C ALA E 461 -9.53 -12.25 1.39
N GLU E 462 -10.02 -11.05 1.68
CA GLU E 462 -11.05 -10.40 0.87
C GLU E 462 -10.35 -9.52 -0.16
N LEU E 463 -10.39 -9.92 -1.40
CA LEU E 463 -9.75 -9.20 -2.49
C LEU E 463 -10.78 -8.42 -3.29
N PRO E 464 -10.38 -7.31 -3.94
CA PRO E 464 -9.04 -6.72 -3.98
C PRO E 464 -8.66 -5.96 -2.71
N PHE E 465 -7.38 -5.67 -2.56
CA PHE E 465 -6.88 -4.88 -1.44
C PHE E 465 -6.91 -3.39 -1.82
N THR E 466 -6.57 -2.54 -0.84
CA THR E 466 -6.65 -1.10 -1.06
C THR E 466 -5.67 -0.63 -2.14
N ILE E 467 -4.53 -1.33 -2.29
CA ILE E 467 -3.55 -0.94 -3.30
C ILE E 467 -4.02 -1.23 -4.71
N ASP E 468 -5.09 -2.01 -4.88
CA ASP E 468 -5.55 -2.41 -6.20
C ASP E 468 -6.56 -1.47 -6.80
N LYS E 469 -7.04 -0.48 -6.06
CA LYS E 469 -8.08 0.41 -6.55
C LYS E 469 -7.54 1.35 -7.64
N VAL F 83 37.27 -18.43 20.94
CA VAL F 83 38.71 -18.24 21.08
C VAL F 83 39.17 -17.19 20.07
N LYS F 84 40.32 -16.56 20.35
CA LYS F 84 40.81 -15.46 19.54
C LYS F 84 40.94 -15.85 18.07
N LEU F 85 40.83 -14.84 17.20
CA LEU F 85 40.95 -15.04 15.76
C LEU F 85 42.43 -14.93 15.39
N ALA F 86 43.04 -16.06 15.02
CA ALA F 86 44.47 -16.07 14.72
C ALA F 86 44.80 -15.15 13.55
N GLY F 87 44.23 -15.44 12.38
CA GLY F 87 44.39 -14.56 11.24
C GLY F 87 45.72 -14.68 10.52
N ASN F 88 46.42 -15.80 10.69
CA ASN F 88 47.71 -16.00 10.03
C ASN F 88 47.60 -16.68 8.67
N SER F 89 46.38 -16.86 8.16
CA SER F 89 46.17 -17.42 6.84
C SER F 89 46.21 -16.35 5.77
N SER F 90 46.67 -16.72 4.58
CA SER F 90 46.62 -15.83 3.43
C SER F 90 45.22 -15.79 2.84
N LEU F 91 44.96 -14.76 2.03
CA LEU F 91 43.71 -14.67 1.29
C LEU F 91 43.52 -15.90 0.42
N CYS F 92 42.33 -16.50 0.49
CA CYS F 92 42.00 -17.54 -0.46
C CYS F 92 42.04 -16.97 -1.86
N PRO F 93 42.65 -17.64 -2.83
CA PRO F 93 42.61 -17.14 -4.20
C PRO F 93 41.27 -17.43 -4.83
N VAL F 94 40.75 -16.43 -5.55
CA VAL F 94 39.38 -16.46 -6.01
C VAL F 94 39.34 -16.31 -7.53
N SER F 95 38.25 -16.80 -8.13
CA SER F 95 38.05 -16.73 -9.56
C SER F 95 36.62 -16.28 -9.90
N GLY F 96 35.99 -15.52 -9.03
CA GLY F 96 34.64 -15.05 -9.29
C GLY F 96 34.02 -14.49 -8.02
N TRP F 97 32.70 -14.32 -8.08
CA TRP F 97 31.97 -13.79 -6.94
C TRP F 97 30.55 -14.34 -6.95
N ALA F 98 30.16 -15.01 -5.87
CA ALA F 98 28.83 -15.54 -5.70
C ALA F 98 28.04 -14.65 -4.76
N ILE F 99 26.77 -14.42 -5.09
CA ILE F 99 25.98 -13.45 -4.33
C ILE F 99 25.66 -14.01 -2.95
N TYR F 100 25.80 -13.15 -1.93
CA TYR F 100 25.66 -13.57 -0.54
C TYR F 100 24.41 -13.05 0.14
N SER F 101 24.04 -11.79 -0.09
CA SER F 101 22.86 -11.24 0.57
C SER F 101 22.32 -10.06 -0.23
N LYS F 102 21.03 -9.79 -0.03
CA LYS F 102 20.38 -8.60 -0.56
C LYS F 102 19.19 -8.29 0.31
N ASP F 103 19.16 -7.10 0.92
CA ASP F 103 18.16 -6.80 1.93
C ASP F 103 16.89 -6.15 1.39
N ASN F 104 16.94 -5.56 0.20
CA ASN F 104 15.76 -4.91 -0.40
C ASN F 104 15.14 -3.88 0.54
N SER F 105 16.00 -3.14 1.24
CA SER F 105 15.53 -2.23 2.28
C SER F 105 14.56 -1.21 1.74
N VAL F 106 15.02 -0.38 0.79
CA VAL F 106 14.23 0.77 0.34
C VAL F 106 12.90 0.32 -0.25
N ARG F 107 12.88 -0.80 -0.98
CA ARG F 107 11.62 -1.32 -1.49
C ARG F 107 10.67 -1.67 -0.35
N ILE F 108 11.18 -2.37 0.66
CA ILE F 108 10.38 -2.71 1.83
C ILE F 108 10.12 -1.47 2.68
N GLY F 109 10.99 -0.46 2.59
CA GLY F 109 10.80 0.76 3.34
C GLY F 109 9.64 1.61 2.88
N SER F 110 9.12 1.35 1.68
CA SER F 110 7.96 2.11 1.20
C SER F 110 6.71 1.81 2.02
N LYS F 111 6.63 0.61 2.61
CA LYS F 111 5.51 0.23 3.44
C LYS F 111 5.90 0.01 4.89
N GLY F 112 6.92 -0.80 5.14
CA GLY F 112 7.33 -1.13 6.50
C GLY F 112 8.03 0.02 7.22
N ASP F 113 8.40 -0.25 8.46
CA ASP F 113 9.12 0.72 9.29
C ASP F 113 10.60 0.43 9.15
N VAL F 114 11.30 1.23 8.37
CA VAL F 114 12.68 0.96 7.97
C VAL F 114 13.52 2.20 8.25
N PHE F 115 14.68 2.01 8.87
CA PHE F 115 15.58 3.13 9.15
C PHE F 115 16.06 3.77 7.85
N VAL F 116 16.10 5.10 7.84
CA VAL F 116 16.87 5.81 6.83
C VAL F 116 18.34 5.65 7.16
N ILE F 117 19.07 4.90 6.33
CA ILE F 117 20.46 4.57 6.61
C ILE F 117 21.35 5.03 5.47
N ARG F 118 22.65 4.96 5.72
CA ARG F 118 23.71 5.29 4.77
C ARG F 118 25.02 4.84 5.39
N GLU F 119 25.97 4.49 4.52
CA GLU F 119 27.26 3.91 4.91
C GLU F 119 27.08 2.59 5.64
N PRO F 120 26.49 1.56 5.03
CA PRO F 120 26.40 0.26 5.68
C PRO F 120 27.62 -0.60 5.38
N PHE F 121 27.87 -1.57 6.25
CA PHE F 121 28.96 -2.50 6.02
C PHE F 121 28.69 -3.78 6.80
N ILE F 122 29.31 -4.85 6.33
CA ILE F 122 29.17 -6.18 6.91
C ILE F 122 30.46 -6.53 7.65
N SER F 123 30.32 -7.18 8.81
CA SER F 123 31.45 -7.72 9.55
C SER F 123 30.99 -9.01 10.19
N CYS F 124 31.91 -9.97 10.30
CA CYS F 124 31.55 -11.31 10.75
C CYS F 124 32.34 -11.67 12.01
N SER F 125 31.68 -12.46 12.87
CA SER F 125 32.27 -13.09 14.04
C SER F 125 32.62 -14.52 13.66
N PRO F 126 33.27 -15.30 14.53
CA PRO F 126 33.45 -16.73 14.22
C PRO F 126 32.16 -17.53 14.26
N LEU F 127 31.02 -16.89 14.53
CA LEU F 127 29.73 -17.58 14.53
C LEU F 127 28.75 -17.03 13.51
N GLU F 128 28.67 -15.70 13.35
CA GLU F 128 27.68 -15.11 12.46
C GLU F 128 28.26 -13.89 11.76
N CYS F 129 27.48 -13.37 10.81
CA CYS F 129 27.78 -12.11 10.14
C CYS F 129 26.64 -11.13 10.36
N ARG F 130 26.98 -9.85 10.49
CA ARG F 130 26.00 -8.80 10.74
C ARG F 130 26.22 -7.65 9.78
N THR F 131 25.18 -6.85 9.59
CA THR F 131 25.22 -5.65 8.76
C THR F 131 25.16 -4.44 9.67
N PHE F 132 26.26 -3.72 9.79
CA PHE F 132 26.28 -2.46 10.53
C PHE F 132 25.89 -1.33 9.59
N PHE F 133 25.37 -0.24 10.17
CA PHE F 133 24.91 0.89 9.37
C PHE F 133 24.76 2.11 10.27
N LEU F 134 24.79 3.28 9.64
CA LEU F 134 24.58 4.55 10.31
C LEU F 134 23.17 5.04 10.03
N THR F 135 22.30 4.97 11.03
CA THR F 135 20.94 5.45 10.87
C THR F 135 20.93 6.98 10.90
N GLN F 136 19.75 7.54 10.61
CA GLN F 136 19.53 8.98 10.72
C GLN F 136 18.51 9.32 11.80
N GLY F 137 18.19 8.38 12.68
CA GLY F 137 17.16 8.62 13.68
C GLY F 137 15.78 8.81 13.12
N ALA F 138 15.52 8.29 11.92
CA ALA F 138 14.23 8.48 11.27
C ALA F 138 13.94 7.28 10.38
N LEU F 139 12.67 7.16 10.00
CA LEU F 139 12.21 6.05 9.18
C LEU F 139 11.82 6.55 7.80
N LEU F 140 11.91 5.65 6.82
CA LEU F 140 11.54 5.99 5.44
C LEU F 140 10.06 6.34 5.36
N ASN F 141 9.73 7.20 4.40
CA ASN F 141 8.36 7.69 4.20
C ASN F 141 7.83 8.43 5.42
N ASP F 142 8.74 8.97 6.23
CA ASP F 142 8.36 9.81 7.36
C ASP F 142 8.92 11.21 7.16
N LYS F 143 8.23 12.21 7.72
CA LYS F 143 8.65 13.59 7.56
C LYS F 143 10.02 13.86 8.18
N HIS F 144 10.43 13.06 9.16
CA HIS F 144 11.75 13.24 9.77
C HIS F 144 12.89 12.79 8.86
N SER F 145 12.57 12.16 7.73
CA SER F 145 13.56 11.84 6.72
C SER F 145 13.78 13.01 5.76
N ASN F 146 13.38 14.22 6.13
CA ASN F 146 13.59 15.38 5.29
C ASN F 146 14.98 15.94 5.51
N GLY F 147 15.61 16.40 4.43
CA GLY F 147 16.95 16.92 4.51
C GLY F 147 17.99 15.93 4.98
N THR F 148 17.71 14.63 4.92
CA THR F 148 18.73 13.68 5.36
C THR F 148 19.74 13.41 4.25
N ILE F 149 20.32 14.48 3.71
CA ILE F 149 21.60 14.40 3.02
C ILE F 149 22.74 14.56 3.99
N LYS F 150 22.62 15.54 4.89
CA LYS F 150 23.66 15.89 5.83
C LYS F 150 24.17 14.67 6.57
N ASP F 151 25.47 14.40 6.39
CA ASP F 151 26.10 13.20 6.91
C ASP F 151 26.26 13.22 8.43
N ARG F 152 26.15 14.39 9.06
CA ARG F 152 26.47 14.53 10.47
C ARG F 152 25.32 15.23 11.17
N SER F 153 24.78 14.57 12.20
CA SER F 153 23.75 15.14 13.04
C SER F 153 23.81 14.44 14.39
N PRO F 154 23.35 15.07 15.47
CA PRO F 154 23.35 14.40 16.77
C PRO F 154 22.38 13.23 16.86
N TYR F 155 21.63 12.94 15.80
CA TYR F 155 20.65 11.87 15.82
C TYR F 155 21.16 10.58 15.18
N ARG F 156 22.27 10.62 14.45
CA ARG F 156 22.75 9.43 13.78
C ARG F 156 23.35 8.45 14.78
N THR F 157 23.03 7.17 14.59
CA THR F 157 23.47 6.12 15.50
C THR F 157 23.93 4.91 14.71
N LEU F 158 25.01 4.29 15.17
CA LEU F 158 25.48 3.04 14.58
C LEU F 158 24.65 1.88 15.13
N MET F 159 24.02 1.12 14.24
CA MET F 159 23.23 -0.03 14.64
C MET F 159 23.55 -1.21 13.72
N SER F 160 23.11 -2.39 14.11
CA SER F 160 23.42 -3.61 13.38
C SER F 160 22.23 -4.55 13.40
N CYS F 161 22.10 -5.33 12.33
CA CYS F 161 21.06 -6.33 12.20
C CYS F 161 21.64 -7.51 11.44
N PRO F 162 20.97 -8.66 11.47
CA PRO F 162 21.46 -9.81 10.68
C PRO F 162 21.54 -9.47 9.21
N ILE F 163 22.39 -10.21 8.49
CA ILE F 163 22.56 -9.94 7.07
C ILE F 163 21.27 -10.24 6.32
N GLY F 164 21.12 -9.60 5.16
CA GLY F 164 19.96 -9.79 4.31
C GLY F 164 18.66 -9.29 4.90
N GLU F 165 18.67 -8.84 6.13
CA GLU F 165 17.47 -8.34 6.80
C GLU F 165 17.38 -6.83 6.65
N VAL F 166 16.16 -6.32 6.73
CA VAL F 166 15.87 -4.90 6.59
C VAL F 166 16.26 -4.19 7.87
N PRO F 167 16.95 -3.04 7.81
CA PRO F 167 17.33 -2.31 9.05
C PRO F 167 16.16 -1.54 9.65
N SER F 168 15.33 -2.27 10.40
CA SER F 168 14.13 -1.87 11.13
C SER F 168 14.42 -1.70 12.60
N PRO F 169 13.72 -0.78 13.28
CA PRO F 169 13.87 -0.66 14.73
C PRO F 169 13.45 -1.90 15.50
N TYR F 170 12.75 -2.86 14.86
CA TYR F 170 12.27 -4.05 15.52
C TYR F 170 13.23 -5.23 15.41
N ASN F 171 14.28 -5.11 14.60
CA ASN F 171 15.27 -6.18 14.46
C ASN F 171 16.71 -5.67 14.54
N SER F 172 16.92 -4.39 14.82
CA SER F 172 18.26 -3.81 14.82
C SER F 172 18.76 -3.62 16.25
N ARG F 173 20.01 -4.00 16.49
CA ARG F 173 20.67 -3.82 17.77
C ARG F 173 21.43 -2.51 17.78
N PHE F 174 21.36 -1.79 18.90
CA PHE F 174 22.06 -0.52 19.00
C PHE F 174 23.53 -0.76 19.34
N GLU F 175 24.42 -0.01 18.71
CA GLU F 175 25.84 -0.10 19.00
C GLU F 175 26.42 1.15 19.63
N SER F 176 26.23 2.31 19.01
CA SER F 176 26.83 3.56 19.49
C SER F 176 26.22 4.73 18.75
N VAL F 177 26.30 5.90 19.36
CA VAL F 177 25.90 7.15 18.72
C VAL F 177 27.04 7.63 17.83
N ALA F 178 26.80 7.70 16.53
CA ALA F 178 27.88 7.98 15.59
C ALA F 178 27.34 8.47 14.25
N TRP F 179 28.07 9.42 13.64
CA TRP F 179 27.90 9.74 12.23
C TRP F 179 29.10 9.27 11.41
N SER F 180 30.02 8.53 12.03
CA SER F 180 31.11 7.85 11.34
C SER F 180 31.52 6.68 12.22
N ALA F 181 31.63 5.49 11.64
CA ALA F 181 31.72 4.29 12.47
C ALA F 181 32.64 3.26 11.83
N SER F 182 32.98 2.26 12.64
CA SER F 182 33.73 1.08 12.22
C SER F 182 33.50 0.01 13.27
N ALA F 183 33.57 -1.25 12.83
CA ALA F 183 33.27 -2.35 13.73
C ALA F 183 33.93 -3.63 13.23
N CYS F 184 34.42 -4.44 14.17
CA CYS F 184 34.99 -5.74 13.84
C CYS F 184 34.97 -6.60 15.10
N HIS F 185 35.18 -7.90 14.89
CA HIS F 185 35.11 -8.89 15.96
C HIS F 185 36.48 -9.56 16.08
N ASP F 186 37.12 -9.39 17.25
CA ASP F 186 38.44 -10.00 17.45
C ASP F 186 38.36 -11.50 17.63
N GLY F 187 37.16 -12.06 17.75
CA GLY F 187 36.97 -13.48 18.01
C GLY F 187 36.29 -13.77 19.32
N ILE F 188 36.23 -12.81 20.24
CA ILE F 188 35.53 -13.01 21.50
C ILE F 188 34.46 -11.96 21.76
N ASN F 189 34.55 -10.77 21.16
CA ASN F 189 33.56 -9.75 21.44
C ASN F 189 33.55 -8.71 20.33
N TRP F 190 32.36 -8.19 20.05
CA TRP F 190 32.22 -7.12 19.06
C TRP F 190 32.92 -5.85 19.54
N LEU F 191 33.79 -5.31 18.68
CA LEU F 191 34.41 -4.01 18.90
C LEU F 191 33.73 -3.01 17.97
N THR F 192 33.23 -1.92 18.53
CA THR F 192 32.54 -0.88 17.77
C THR F 192 33.19 0.47 18.05
N ILE F 193 33.32 1.28 17.01
CA ILE F 193 33.94 2.61 17.10
C ILE F 193 32.91 3.62 16.61
N GLY F 194 32.43 4.46 17.50
CA GLY F 194 31.45 5.46 17.12
C GLY F 194 31.95 6.88 17.29
N ILE F 195 31.86 7.67 16.22
CA ILE F 195 32.38 9.04 16.20
C ILE F 195 31.19 9.99 16.19
N SER F 196 31.10 10.83 17.22
CA SER F 196 30.07 11.85 17.30
C SER F 196 30.71 13.11 17.89
N GLY F 197 29.90 14.15 18.06
CA GLY F 197 30.38 15.41 18.58
C GLY F 197 30.47 16.48 17.51
N PRO F 198 31.01 17.64 17.87
CA PRO F 198 31.13 18.73 16.91
C PRO F 198 32.25 18.47 15.92
N ASP F 199 32.24 19.25 14.83
CA ASP F 199 33.22 19.06 13.77
C ASP F 199 34.63 19.39 14.25
N SER F 200 34.76 20.31 15.19
CA SER F 200 36.07 20.70 15.71
C SER F 200 36.50 19.88 16.92
N GLY F 201 35.60 19.11 17.50
CA GLY F 201 35.91 18.35 18.69
C GLY F 201 35.39 16.93 18.71
N ALA F 202 35.26 16.32 17.52
CA ALA F 202 34.68 14.99 17.43
C ALA F 202 35.47 13.99 18.28
N VAL F 203 34.73 13.08 18.92
CA VAL F 203 35.31 12.07 19.79
C VAL F 203 34.81 10.70 19.35
N ALA F 204 35.74 9.76 19.14
CA ALA F 204 35.40 8.40 18.78
C ALA F 204 35.25 7.57 20.05
N VAL F 205 34.06 7.02 20.26
CA VAL F 205 33.79 6.16 21.42
C VAL F 205 34.06 4.71 21.01
N LEU F 206 34.96 4.05 21.75
CA LEU F 206 35.29 2.66 21.50
C LEU F 206 34.57 1.77 22.50
N LYS F 207 33.85 0.77 21.99
CA LYS F 207 33.14 -0.19 22.83
C LYS F 207 33.60 -1.60 22.53
N TYR F 208 33.83 -2.37 23.58
CA TYR F 208 34.16 -3.79 23.49
C TYR F 208 33.09 -4.54 24.30
N ASN F 209 32.24 -5.30 23.60
CA ASN F 209 31.07 -5.92 24.21
C ASN F 209 30.10 -4.87 24.73
N GLY F 210 29.93 -3.79 23.96
CA GLY F 210 29.02 -2.73 24.33
C GLY F 210 29.42 -1.90 25.53
N ILE F 211 30.55 -2.19 26.15
CA ILE F 211 31.03 -1.41 27.29
C ILE F 211 32.09 -0.44 26.79
N ILE F 212 31.95 0.83 27.17
CA ILE F 212 32.90 1.85 26.72
C ILE F 212 34.28 1.54 27.30
N THR F 213 35.23 1.27 26.43
CA THR F 213 36.58 0.90 26.85
C THR F 213 37.63 1.96 26.59
N ASP F 214 37.41 2.84 25.61
CA ASP F 214 38.38 3.88 25.30
C ASP F 214 37.72 4.95 24.47
N THR F 215 38.37 6.11 24.42
CA THR F 215 37.95 7.23 23.60
C THR F 215 39.17 7.86 22.96
N ILE F 216 38.97 8.51 21.81
CA ILE F 216 40.02 9.27 21.14
C ILE F 216 39.38 10.50 20.51
N LYS F 217 40.00 11.66 20.76
CA LYS F 217 39.47 12.95 20.33
C LYS F 217 40.21 13.45 19.11
N SER F 218 39.49 14.20 18.27
CA SER F 218 40.08 14.79 17.07
C SER F 218 41.33 15.60 17.41
N TRP F 219 42.41 15.35 16.66
CA TRP F 219 43.68 16.01 16.88
C TRP F 219 43.95 17.15 15.91
N ARG F 220 43.14 17.28 14.86
CA ARG F 220 43.27 18.38 13.91
C ARG F 220 42.06 19.32 13.92
N ASN F 221 41.01 18.98 14.68
CA ASN F 221 39.83 19.82 14.85
C ASN F 221 39.09 20.05 13.54
N ASN F 222 39.24 19.12 12.60
CA ASN F 222 38.53 19.10 11.33
C ASN F 222 38.06 17.68 11.11
N ILE F 223 36.86 17.52 10.56
CA ILE F 223 35.97 16.43 10.96
C ILE F 223 36.72 15.11 11.03
N LEU F 224 36.58 14.43 12.17
CA LEU F 224 37.25 13.16 12.42
C LEU F 224 36.39 12.04 11.86
N ARG F 225 37.00 11.17 11.05
CA ARG F 225 36.27 10.15 10.34
C ARG F 225 37.10 8.88 10.25
N THR F 226 36.43 7.79 9.91
CA THR F 226 37.01 6.46 9.98
C THR F 226 36.50 5.65 8.78
N GLN F 227 36.75 4.34 8.82
CA GLN F 227 36.65 3.50 7.63
C GLN F 227 35.24 3.50 7.02
N GLU F 228 34.21 3.51 7.87
CA GLU F 228 32.84 3.20 7.44
C GLU F 228 32.73 1.78 6.89
N SER F 229 33.71 0.94 7.22
CA SER F 229 33.66 -0.49 6.91
C SER F 229 34.31 -1.22 8.09
N GLU F 230 34.39 -2.54 7.99
CA GLU F 230 34.89 -3.32 9.10
C GLU F 230 36.39 -3.08 9.29
N CYS F 231 36.82 -3.13 10.54
CA CYS F 231 38.24 -3.15 10.86
C CYS F 231 38.77 -4.58 10.80
N ALA F 232 40.08 -4.71 10.97
CA ALA F 232 40.77 -5.98 10.77
C ALA F 232 41.44 -6.40 12.07
N CYS F 233 41.15 -7.62 12.52
CA CYS F 233 41.70 -8.17 13.75
C CYS F 233 42.67 -9.30 13.43
N VAL F 234 43.84 -9.29 14.10
CA VAL F 234 44.85 -10.33 13.96
C VAL F 234 45.38 -10.70 15.34
N ASN F 235 45.35 -11.99 15.66
CA ASN F 235 45.94 -12.57 16.87
C ASN F 235 45.32 -12.05 18.16
N GLY F 236 44.22 -11.30 18.06
CA GLY F 236 43.60 -10.67 19.22
C GLY F 236 43.67 -9.16 19.21
N SER F 237 44.36 -8.56 18.25
CA SER F 237 44.49 -7.12 18.12
C SER F 237 43.81 -6.67 16.84
N CYS F 238 43.01 -5.61 16.94
CA CYS F 238 42.24 -5.08 15.83
C CYS F 238 42.80 -3.72 15.44
N PHE F 239 42.76 -3.42 14.14
CA PHE F 239 43.40 -2.23 13.59
C PHE F 239 42.39 -1.44 12.78
N THR F 240 42.58 -0.12 12.73
CA THR F 240 41.70 0.74 11.96
C THR F 240 42.47 1.99 11.54
N ILE F 241 41.86 2.75 10.64
CA ILE F 241 42.43 3.98 10.10
C ILE F 241 41.46 5.13 10.35
N MET F 242 41.98 6.25 10.82
CA MET F 242 41.17 7.44 11.03
C MET F 242 41.84 8.64 10.36
N THR F 243 41.02 9.60 9.94
CA THR F 243 41.49 10.78 9.23
C THR F 243 40.97 12.02 9.93
N ASP F 244 41.85 13.02 10.05
CA ASP F 244 41.51 14.28 10.70
C ASP F 244 42.10 15.40 9.85
N GLY F 245 41.25 16.30 9.38
CA GLY F 245 41.71 17.38 8.54
C GLY F 245 40.86 17.58 7.30
N PRO F 246 41.40 18.30 6.33
CA PRO F 246 40.61 18.67 5.15
C PRO F 246 40.26 17.47 4.29
N SER F 247 39.08 17.55 3.67
CA SER F 247 38.65 16.57 2.68
C SER F 247 39.09 16.93 1.28
N ASP F 248 39.44 18.19 1.03
CA ASP F 248 39.89 18.66 -0.28
C ASP F 248 41.38 19.04 -0.27
N GLY F 249 42.15 18.49 0.66
CA GLY F 249 43.56 18.82 0.73
C GLY F 249 44.30 17.87 1.63
N GLN F 250 45.56 18.21 1.89
CA GLN F 250 46.40 17.37 2.75
C GLN F 250 45.80 17.27 4.14
N ALA F 251 45.63 16.03 4.61
CA ALA F 251 45.09 15.80 5.94
C ALA F 251 46.02 14.91 6.76
N SER F 252 45.58 14.54 7.96
CA SER F 252 46.37 13.71 8.86
C SER F 252 45.72 12.33 8.97
N TYR F 253 46.52 11.29 8.85
CA TYR F 253 46.04 9.91 8.84
C TYR F 253 46.79 9.10 9.89
N LYS F 254 46.05 8.25 10.60
CA LYS F 254 46.61 7.46 11.70
C LYS F 254 46.20 6.01 11.58
N ILE F 255 47.10 5.13 12.02
CA ILE F 255 46.81 3.71 12.20
C ILE F 255 46.72 3.44 13.70
N PHE F 256 45.73 2.66 14.09
CA PHE F 256 45.51 2.31 15.48
C PHE F 256 45.55 0.81 15.67
N ARG F 257 46.01 0.39 16.84
CA ARG F 257 46.06 -1.03 17.21
C ARG F 257 45.29 -1.17 18.51
N ILE F 258 44.05 -1.64 18.41
CA ILE F 258 43.17 -1.78 19.56
C ILE F 258 43.24 -3.22 20.05
N GLU F 259 43.24 -3.39 21.37
CA GLU F 259 43.20 -4.71 22.00
C GLU F 259 42.12 -4.69 23.06
N LYS F 260 41.04 -5.46 22.85
CA LYS F 260 39.90 -5.48 23.75
C LYS F 260 39.34 -4.08 23.98
N GLY F 261 39.23 -3.31 22.90
CA GLY F 261 38.65 -1.99 22.93
C GLY F 261 39.54 -0.90 23.47
N LYS F 262 40.76 -1.22 23.88
CA LYS F 262 41.72 -0.23 24.37
C LYS F 262 42.77 0.06 23.30
N ILE F 263 42.92 1.34 22.95
CA ILE F 263 43.96 1.74 22.01
C ILE F 263 45.32 1.55 22.67
N VAL F 264 46.14 0.67 22.12
CA VAL F 264 47.45 0.37 22.70
C VAL F 264 48.60 0.99 21.92
N LYS F 265 48.41 1.34 20.65
CA LYS F 265 49.47 1.97 19.87
C LYS F 265 48.85 2.73 18.71
N SER F 266 49.47 3.86 18.37
CA SER F 266 49.03 4.62 17.21
C SER F 266 50.24 5.28 16.56
N VAL F 267 50.16 5.43 15.24
CA VAL F 267 51.23 6.03 14.43
C VAL F 267 50.57 6.89 13.36
N GLU F 268 50.99 8.15 13.25
CA GLU F 268 50.55 8.98 12.14
C GLU F 268 51.40 8.67 10.92
N MET F 269 50.74 8.48 9.78
CA MET F 269 51.45 8.13 8.55
C MET F 269 52.17 9.33 7.99
N ASN F 270 53.43 9.13 7.58
CA ASN F 270 54.20 10.16 6.90
C ASN F 270 53.97 9.98 5.41
N ALA F 271 52.88 10.58 4.93
CA ALA F 271 52.44 10.42 3.55
C ALA F 271 52.10 11.79 2.96
N PRO F 272 53.10 12.60 2.64
CA PRO F 272 52.83 13.86 1.96
C PRO F 272 52.33 13.62 0.55
N ASN F 273 51.38 14.45 0.12
CA ASN F 273 50.70 14.39 -1.17
C ASN F 273 49.73 13.21 -1.28
N TYR F 274 49.64 12.37 -0.26
CA TYR F 274 48.65 11.30 -0.21
C TYR F 274 47.38 11.79 0.48
N HIS F 275 46.28 11.10 0.21
CA HIS F 275 45.00 11.39 0.88
C HIS F 275 44.28 10.09 1.15
N TYR F 276 43.92 9.86 2.42
CA TYR F 276 43.29 8.61 2.85
C TYR F 276 41.94 8.92 3.48
N GLU F 277 40.90 8.22 3.02
CA GLU F 277 39.57 8.35 3.57
C GLU F 277 38.84 7.03 3.39
N GLU F 278 38.08 6.63 4.42
CA GLU F 278 37.14 5.53 4.36
C GLU F 278 37.81 4.25 3.84
N CYS F 279 38.83 3.81 4.57
CA CYS F 279 39.64 2.69 4.13
C CYS F 279 38.88 1.37 4.27
N SER F 280 39.20 0.43 3.37
CA SER F 280 38.69 -0.93 3.43
C SER F 280 39.86 -1.83 3.81
N CYS F 281 39.93 -2.22 5.08
CA CYS F 281 41.04 -2.99 5.60
C CYS F 281 40.63 -4.45 5.76
N TYR F 282 41.54 -5.34 5.37
CA TYR F 282 41.34 -6.76 5.56
C TYR F 282 42.65 -7.39 6.00
N PRO F 283 42.61 -8.36 6.91
CA PRO F 283 43.84 -9.05 7.33
C PRO F 283 44.30 -10.04 6.26
N ASP F 284 45.62 -10.16 6.12
CA ASP F 284 46.22 -11.02 5.11
C ASP F 284 47.53 -11.58 5.67
N SER F 285 47.48 -12.82 6.16
CA SER F 285 48.67 -13.54 6.62
C SER F 285 49.44 -12.72 7.66
N SER F 286 48.77 -12.44 8.77
CA SER F 286 49.30 -11.77 9.97
C SER F 286 49.53 -10.28 9.77
N GLU F 287 49.25 -9.74 8.58
CA GLU F 287 49.35 -8.31 8.34
C GLU F 287 48.01 -7.80 7.84
N ILE F 288 47.94 -6.49 7.60
CA ILE F 288 46.71 -5.83 7.18
C ILE F 288 47.05 -4.90 6.02
N THR F 289 46.19 -4.90 5.01
CA THR F 289 46.34 -3.99 3.87
C THR F 289 45.01 -3.28 3.67
N CYS F 290 45.04 -1.95 3.70
CA CYS F 290 43.86 -1.12 3.53
C CYS F 290 43.86 -0.49 2.15
N VAL F 291 42.75 -0.60 1.44
CA VAL F 291 42.50 0.14 0.21
C VAL F 291 41.54 1.26 0.53
N CYS F 292 41.90 2.48 0.17
CA CYS F 292 41.23 3.67 0.67
C CYS F 292 40.79 4.55 -0.48
N ARG F 293 40.29 5.75 -0.17
CA ARG F 293 39.75 6.67 -1.16
C ARG F 293 40.52 7.98 -1.08
N ASP F 294 41.04 8.42 -2.22
CA ASP F 294 41.75 9.69 -2.32
C ASP F 294 40.74 10.72 -2.77
N ASN F 295 40.23 11.51 -1.82
CA ASN F 295 39.27 12.54 -2.15
C ASN F 295 39.91 13.84 -2.61
N TRP F 296 41.23 13.99 -2.47
CA TRP F 296 41.83 15.29 -2.76
C TRP F 296 42.36 15.45 -4.18
N HIS F 297 43.31 14.61 -4.60
CA HIS F 297 43.78 14.64 -5.98
C HIS F 297 43.97 13.24 -6.57
N GLY F 298 43.06 12.31 -6.29
CA GLY F 298 43.33 10.97 -6.80
C GLY F 298 42.17 10.19 -7.38
N SER F 299 42.33 9.73 -8.62
CA SER F 299 41.36 8.86 -9.25
C SER F 299 41.73 7.39 -9.18
N ASN F 300 42.95 7.06 -8.74
CA ASN F 300 43.31 5.71 -8.35
C ASN F 300 43.25 5.60 -6.83
N ARG F 301 43.29 4.37 -6.33
CA ARG F 301 43.08 4.28 -4.90
C ARG F 301 44.39 4.20 -4.15
N PRO F 302 44.55 5.00 -3.09
CA PRO F 302 45.72 4.84 -2.21
C PRO F 302 45.56 3.62 -1.33
N TRP F 303 46.69 3.12 -0.85
CA TRP F 303 46.68 1.96 0.02
C TRP F 303 47.78 2.08 1.06
N VAL F 304 47.58 1.38 2.18
CA VAL F 304 48.57 1.31 3.25
C VAL F 304 48.48 -0.09 3.86
N SER F 305 49.63 -0.74 4.02
CA SER F 305 49.71 -2.03 4.66
C SER F 305 50.64 -1.94 5.87
N PHE F 306 50.34 -2.72 6.90
CA PHE F 306 51.08 -2.63 8.14
C PHE F 306 50.98 -3.95 8.89
N ASN F 307 51.92 -4.14 9.82
CA ASN F 307 51.99 -5.30 10.69
C ASN F 307 51.57 -4.91 12.11
N GLN F 308 51.66 -5.87 13.03
CA GLN F 308 51.17 -5.65 14.39
C GLN F 308 51.94 -4.53 15.09
N ASN F 309 53.22 -4.37 14.78
CA ASN F 309 54.02 -3.28 15.33
C ASN F 309 53.72 -1.94 14.66
N LEU F 310 52.82 -1.92 13.68
CA LEU F 310 52.40 -0.73 12.96
C LEU F 310 53.51 -0.12 12.09
N GLU F 311 54.54 -0.89 11.77
CA GLU F 311 55.41 -0.51 10.66
C GLU F 311 54.61 -0.62 9.37
N TYR F 312 54.68 0.39 8.52
CA TYR F 312 53.75 0.49 7.40
C TYR F 312 54.48 0.81 6.10
N GLN F 313 53.79 0.52 5.00
CA GLN F 313 54.20 0.89 3.65
C GLN F 313 53.00 1.49 2.95
N ILE F 314 53.24 2.54 2.15
CA ILE F 314 52.17 3.26 1.49
C ILE F 314 52.37 3.16 -0.02
N GLY F 315 51.33 3.53 -0.75
CA GLY F 315 51.38 3.51 -2.20
C GLY F 315 50.00 3.69 -2.78
N TYR F 316 49.96 3.74 -4.10
CA TYR F 316 48.73 3.82 -4.88
C TYR F 316 48.65 2.63 -5.82
N ILE F 317 47.42 2.19 -6.10
CA ILE F 317 47.25 1.11 -7.05
C ILE F 317 47.71 1.58 -8.41
N CYS F 318 48.72 0.91 -8.96
CA CYS F 318 49.35 1.35 -10.19
C CYS F 318 48.49 1.10 -11.43
N SER F 319 47.44 0.28 -11.32
CA SER F 319 46.72 -0.16 -12.49
C SER F 319 46.14 1.00 -13.28
N GLY F 320 46.20 0.89 -14.61
CA GLY F 320 45.48 1.81 -15.47
C GLY F 320 43.98 1.62 -15.44
N VAL F 321 43.50 0.56 -14.82
CA VAL F 321 42.08 0.39 -14.55
C VAL F 321 41.77 1.17 -13.28
N PHE F 322 41.36 2.42 -13.43
CA PHE F 322 41.17 3.29 -12.28
C PHE F 322 39.96 2.86 -11.46
N GLY F 323 40.08 2.94 -10.15
CA GLY F 323 39.08 2.37 -9.26
C GLY F 323 38.16 3.37 -8.57
N ASP F 324 38.53 4.65 -8.59
CA ASP F 324 37.73 5.65 -7.90
C ASP F 324 36.60 6.14 -8.82
N ASN F 325 35.70 6.93 -8.23
CA ASN F 325 34.61 7.56 -8.97
C ASN F 325 34.33 8.96 -8.42
N PRO F 326 34.44 10.02 -9.24
CA PRO F 326 34.82 10.00 -10.65
C PRO F 326 36.28 9.64 -10.89
N ARG F 327 36.62 9.40 -12.15
CA ARG F 327 37.93 9.00 -12.65
C ARG F 327 38.01 9.37 -14.12
N PRO F 328 39.15 9.20 -14.79
CA PRO F 328 39.15 9.29 -16.25
C PRO F 328 38.87 7.94 -16.87
N ASN F 329 38.78 7.88 -18.20
CA ASN F 329 38.72 6.59 -18.88
C ASN F 329 39.98 5.79 -18.60
N ASP F 330 39.89 4.47 -18.82
CA ASP F 330 41.05 3.62 -18.61
C ASP F 330 42.20 4.05 -19.53
N LYS F 331 43.36 4.25 -18.93
CA LYS F 331 44.53 4.85 -19.59
C LYS F 331 45.77 4.35 -18.85
N THR F 332 46.91 4.96 -19.15
CA THR F 332 48.13 4.63 -18.42
C THR F 332 48.02 5.11 -16.99
N GLY F 333 48.17 4.19 -16.04
CA GLY F 333 48.04 4.50 -14.63
C GLY F 333 49.34 5.02 -14.04
N SER F 334 49.35 5.07 -12.71
CA SER F 334 50.52 5.54 -11.99
C SER F 334 50.53 4.93 -10.60
N CYS F 335 51.73 4.62 -10.09
CA CYS F 335 51.89 4.17 -8.72
C CYS F 335 51.80 5.32 -7.73
N GLY F 336 51.64 6.55 -8.21
CA GLY F 336 51.30 7.68 -7.38
C GLY F 336 49.89 8.15 -7.69
N PRO F 337 49.45 9.22 -7.05
CA PRO F 337 48.08 9.70 -7.25
C PRO F 337 47.88 10.22 -8.67
N VAL F 338 46.77 9.82 -9.29
CA VAL F 338 46.41 10.28 -10.62
C VAL F 338 45.51 11.50 -10.48
N SER F 339 46.02 12.66 -10.89
CA SER F 339 45.33 13.93 -10.64
C SER F 339 44.15 14.16 -11.57
N SER F 340 44.14 13.56 -12.75
CA SER F 340 43.02 13.71 -13.67
C SER F 340 41.75 13.14 -13.07
N ASN F 341 40.72 13.98 -12.92
CA ASN F 341 39.51 13.62 -12.18
C ASN F 341 39.85 13.14 -10.77
N GLY F 342 40.90 13.71 -10.20
CA GLY F 342 41.44 13.34 -8.91
C GLY F 342 40.65 13.87 -7.74
N ALA F 343 39.74 14.80 -8.00
CA ALA F 343 38.89 15.38 -6.98
C ALA F 343 37.86 14.34 -6.54
N ASN F 344 36.99 14.75 -5.62
CA ASN F 344 36.37 13.86 -4.63
C ASN F 344 35.82 12.58 -5.23
N GLY F 345 35.89 11.51 -4.44
CA GLY F 345 35.73 10.14 -4.90
C GLY F 345 34.63 9.36 -4.21
N VAL F 346 34.79 8.05 -4.15
CA VAL F 346 33.81 7.16 -3.53
C VAL F 346 34.57 6.12 -2.72
N LYS F 347 34.00 5.71 -1.59
CA LYS F 347 34.59 4.65 -0.81
C LYS F 347 34.61 3.36 -1.60
N GLY F 348 35.76 2.68 -1.60
CA GLY F 348 35.89 1.44 -2.34
C GLY F 348 36.82 0.45 -1.68
N PHE F 349 37.19 -0.59 -2.40
CA PHE F 349 38.01 -1.66 -1.86
C PHE F 349 38.81 -2.29 -2.99
N SER F 350 39.74 -3.16 -2.60
CA SER F 350 40.50 -3.96 -3.53
C SER F 350 41.19 -5.08 -2.76
N PHE F 351 41.41 -6.21 -3.44
CA PHE F 351 42.10 -7.35 -2.87
C PHE F 351 43.36 -7.60 -3.68
N LYS F 352 44.51 -7.56 -3.01
CA LYS F 352 45.79 -7.73 -3.67
C LYS F 352 46.20 -9.21 -3.61
N TYR F 353 46.55 -9.76 -4.77
CA TYR F 353 47.06 -11.12 -4.89
C TYR F 353 48.40 -11.03 -5.60
N GLY F 354 49.49 -11.02 -4.83
CA GLY F 354 50.80 -10.78 -5.42
C GLY F 354 50.83 -9.45 -6.13
N ASN F 355 51.14 -9.48 -7.43
CA ASN F 355 51.10 -8.29 -8.26
C ASN F 355 49.74 -8.04 -8.89
N GLY F 356 48.78 -8.96 -8.70
CA GLY F 356 47.45 -8.77 -9.21
C GLY F 356 46.53 -8.13 -8.20
N VAL F 357 45.34 -7.76 -8.66
CA VAL F 357 44.39 -7.05 -7.81
C VAL F 357 42.98 -7.30 -8.35
N TRP F 358 42.07 -7.59 -7.43
CA TRP F 358 40.64 -7.59 -7.73
C TRP F 358 40.10 -6.20 -7.43
N ILE F 359 39.58 -5.53 -8.45
CA ILE F 359 39.15 -4.14 -8.34
C ILE F 359 37.62 -4.09 -8.42
N GLY F 360 37.00 -3.52 -7.39
CA GLY F 360 35.58 -3.22 -7.43
C GLY F 360 35.40 -1.73 -7.66
N ARG F 361 34.56 -1.40 -8.63
CA ARG F 361 34.38 -0.01 -9.01
C ARG F 361 33.02 0.15 -9.68
N THR F 362 32.59 1.40 -9.80
CA THR F 362 31.39 1.72 -10.54
C THR F 362 31.60 1.49 -12.04
N LYS F 363 30.50 1.33 -12.76
CA LYS F 363 30.58 1.21 -14.22
C LYS F 363 30.71 2.58 -14.87
N SER F 364 30.03 3.59 -14.33
CA SER F 364 30.10 4.92 -14.89
C SER F 364 31.36 5.63 -14.41
N ILE F 365 31.78 6.62 -15.19
CA ILE F 365 32.98 7.40 -14.89
C ILE F 365 32.68 8.68 -14.12
N SER F 366 31.45 9.18 -14.18
CA SER F 366 31.09 10.45 -13.57
C SER F 366 30.17 10.28 -12.38
N SER F 367 29.05 9.58 -12.55
CA SER F 367 28.09 9.37 -11.48
C SER F 367 28.32 8.02 -10.80
N ARG F 368 27.56 7.78 -9.74
CA ARG F 368 27.64 6.52 -8.98
C ARG F 368 26.59 5.56 -9.54
N LYS F 369 26.91 5.01 -10.71
CA LYS F 369 26.01 4.10 -11.41
C LYS F 369 26.75 2.82 -11.77
N GLY F 370 26.10 1.68 -11.53
CA GLY F 370 26.67 0.40 -11.87
C GLY F 370 27.79 -0.05 -10.96
N PHE F 371 28.11 -1.33 -10.99
CA PHE F 371 29.25 -1.87 -10.25
C PHE F 371 29.72 -3.14 -10.92
N GLU F 372 31.03 -3.38 -10.82
CA GLU F 372 31.65 -4.51 -11.51
C GLU F 372 32.91 -4.90 -10.75
N MET F 373 33.30 -6.16 -10.91
CA MET F 373 34.55 -6.68 -10.37
C MET F 373 35.49 -6.99 -11.52
N ILE F 374 36.73 -6.50 -11.42
CA ILE F 374 37.72 -6.63 -12.47
C ILE F 374 38.98 -7.25 -11.88
N TRP F 375 39.47 -8.30 -12.53
CA TRP F 375 40.71 -8.97 -12.13
C TRP F 375 41.83 -8.51 -13.07
N ASP F 376 42.79 -7.77 -12.51
CA ASP F 376 43.98 -7.33 -13.25
C ASP F 376 45.17 -8.10 -12.74
N PRO F 377 45.72 -9.06 -13.50
CA PRO F 377 46.77 -9.93 -12.97
C PRO F 377 48.06 -9.19 -12.62
N ASN F 378 48.27 -7.98 -13.14
CA ASN F 378 49.45 -7.18 -12.79
C ASN F 378 49.07 -5.77 -12.35
N GLY F 379 47.81 -5.54 -11.99
CA GLY F 379 47.33 -4.19 -11.72
C GLY F 379 47.86 -3.56 -10.45
N TRP F 380 48.40 -4.37 -9.54
CA TRP F 380 48.90 -3.81 -8.29
C TRP F 380 50.22 -3.08 -8.50
N THR F 381 51.08 -3.60 -9.38
CA THR F 381 52.39 -3.02 -9.63
C THR F 381 52.59 -2.50 -11.04
N GLY F 382 51.68 -2.78 -11.96
CA GLY F 382 51.82 -2.38 -13.35
C GLY F 382 50.85 -1.26 -13.69
N THR F 383 51.23 -0.45 -14.68
CA THR F 383 50.49 0.77 -15.01
C THR F 383 49.65 0.64 -16.28
N ASP F 384 49.62 -0.53 -16.92
CA ASP F 384 48.81 -0.67 -18.12
C ASP F 384 47.34 -0.81 -17.77
N ASN F 385 46.49 -0.67 -18.78
CA ASN F 385 45.04 -0.76 -18.61
C ASN F 385 44.47 -2.12 -18.99
N LYS F 386 45.32 -3.12 -19.20
CA LYS F 386 44.84 -4.44 -19.59
C LYS F 386 44.36 -5.23 -18.38
N PHE F 387 43.23 -5.90 -18.53
CA PHE F 387 42.73 -6.83 -17.53
C PHE F 387 42.18 -8.05 -18.22
N SER F 388 42.04 -9.15 -17.46
CA SER F 388 41.63 -10.42 -18.04
C SER F 388 40.23 -10.88 -17.67
N ILE F 389 39.67 -10.40 -16.56
CA ILE F 389 38.39 -10.88 -16.07
C ILE F 389 37.55 -9.69 -15.63
N LYS F 390 36.26 -9.71 -15.98
CA LYS F 390 35.31 -8.70 -15.55
C LYS F 390 33.97 -9.36 -15.29
N GLN F 391 33.37 -9.07 -14.14
CA GLN F 391 32.11 -9.67 -13.72
C GLN F 391 31.13 -8.56 -13.36
N ASP F 392 29.99 -8.55 -14.02
CA ASP F 392 28.99 -7.51 -13.77
C ASP F 392 28.30 -7.74 -12.43
N ILE F 393 28.04 -6.64 -11.72
CA ILE F 393 27.38 -6.67 -10.42
C ILE F 393 26.08 -5.84 -10.44
N VAL F 394 26.17 -4.59 -10.87
CA VAL F 394 25.02 -3.72 -11.00
C VAL F 394 25.06 -3.08 -12.38
N GLY F 395 23.89 -3.01 -13.04
CA GLY F 395 23.85 -2.46 -14.37
C GLY F 395 24.29 -1.00 -14.40
N ILE F 396 24.92 -0.62 -15.51
CA ILE F 396 25.47 0.72 -15.67
C ILE F 396 24.40 1.81 -15.54
N ASN F 397 23.13 1.46 -15.71
CA ASN F 397 22.05 2.44 -15.64
C ASN F 397 21.46 2.59 -14.24
N GLU F 398 21.88 1.79 -13.27
CA GLU F 398 21.22 1.73 -11.98
C GLU F 398 22.17 2.21 -10.88
N TRP F 399 21.56 2.77 -9.82
CA TRP F 399 22.34 3.49 -8.82
C TRP F 399 23.18 2.55 -7.97
N SER F 400 24.43 2.97 -7.73
CA SER F 400 25.36 2.28 -6.84
C SER F 400 25.88 3.29 -5.82
N GLY F 401 26.87 2.90 -5.02
CA GLY F 401 27.39 3.78 -4.01
C GLY F 401 28.62 3.23 -3.33
N TYR F 402 28.70 3.38 -2.01
CA TYR F 402 29.85 2.88 -1.27
C TYR F 402 30.00 1.38 -1.45
N SER F 403 31.26 0.93 -1.44
CA SER F 403 31.58 -0.49 -1.48
C SER F 403 32.74 -0.73 -0.51
N GLY F 404 32.76 -1.92 0.07
CA GLY F 404 33.78 -2.23 1.04
C GLY F 404 34.03 -3.71 1.15
N SER F 405 35.19 -4.05 1.70
CA SER F 405 35.60 -5.43 1.87
C SER F 405 35.17 -5.95 3.23
N PHE F 406 34.92 -7.26 3.29
CA PHE F 406 34.79 -7.94 4.57
C PHE F 406 35.19 -9.39 4.37
N VAL F 407 35.86 -9.95 5.37
CA VAL F 407 36.46 -11.27 5.27
C VAL F 407 35.72 -12.26 6.17
N GLN F 408 35.84 -13.53 5.83
CA GLN F 408 35.32 -14.63 6.62
C GLN F 408 36.49 -15.52 7.00
N HIS F 409 36.84 -15.52 8.28
CA HIS F 409 38.05 -16.19 8.73
C HIS F 409 37.87 -17.70 8.74
N PRO F 410 38.97 -18.46 8.71
CA PRO F 410 38.85 -19.92 8.84
C PRO F 410 38.12 -20.37 10.09
N GLU F 411 38.18 -19.58 11.17
CA GLU F 411 37.43 -19.92 12.38
C GLU F 411 35.94 -20.02 12.10
N LEU F 412 35.44 -19.23 11.14
CA LEU F 412 34.02 -19.21 10.81
C LEU F 412 33.68 -20.20 9.71
N THR F 413 34.51 -20.31 8.68
CA THR F 413 34.20 -21.11 7.51
C THR F 413 34.75 -22.53 7.55
N GLY F 414 35.74 -22.80 8.40
CA GLY F 414 36.38 -24.10 8.41
C GLY F 414 37.39 -24.31 7.32
N LEU F 415 37.60 -23.34 6.45
CA LEU F 415 38.61 -23.42 5.40
C LEU F 415 40.00 -23.26 6.02
N ASP F 416 41.02 -23.29 5.16
CA ASP F 416 42.41 -23.12 5.58
C ASP F 416 42.98 -21.79 5.14
N CYS F 417 42.14 -20.86 4.69
CA CYS F 417 42.58 -19.53 4.28
C CYS F 417 41.44 -18.55 4.53
N ILE F 418 41.81 -17.29 4.78
CA ILE F 418 40.83 -16.25 5.05
C ILE F 418 40.19 -15.82 3.73
N ARG F 419 38.89 -16.10 3.57
CA ARG F 419 38.20 -15.83 2.31
C ARG F 419 37.76 -14.37 2.25
N PRO F 420 37.90 -13.73 1.09
CA PRO F 420 37.42 -12.35 0.93
C PRO F 420 35.99 -12.29 0.41
N CYS F 421 35.28 -11.25 0.88
CA CYS F 421 33.96 -10.91 0.39
C CYS F 421 33.84 -9.40 0.31
N PHE F 422 32.72 -8.92 -0.23
CA PHE F 422 32.52 -7.48 -0.31
C PHE F 422 31.04 -7.16 -0.35
N TRP F 423 30.72 -5.91 0.01
CA TRP F 423 29.36 -5.40 -0.02
C TRP F 423 29.30 -4.16 -0.90
N VAL F 424 28.09 -3.84 -1.36
CA VAL F 424 27.86 -2.68 -2.21
C VAL F 424 26.65 -1.92 -1.67
N GLU F 425 26.81 -0.61 -1.47
CA GLU F 425 25.72 0.25 -1.05
C GLU F 425 25.02 0.83 -2.27
N LEU F 426 23.69 0.78 -2.27
CA LEU F 426 22.87 1.26 -3.39
C LEU F 426 22.14 2.52 -2.93
N ILE F 427 22.72 3.68 -3.22
CA ILE F 427 22.21 4.94 -2.73
C ILE F 427 21.02 5.37 -3.56
N ARG F 428 19.93 5.75 -2.88
CA ARG F 428 18.72 6.23 -3.54
C ARG F 428 18.34 7.60 -2.99
N GLY F 429 17.77 8.42 -3.87
CA GLY F 429 17.29 9.73 -3.50
C GLY F 429 18.22 10.87 -3.87
N ARG F 430 18.39 11.81 -2.93
CA ARG F 430 19.22 12.98 -3.17
C ARG F 430 20.69 12.57 -3.30
N PRO F 431 21.49 13.33 -4.05
CA PRO F 431 21.11 14.53 -4.82
C PRO F 431 20.55 14.20 -6.19
N GLU F 432 20.73 12.96 -6.62
CA GLU F 432 20.45 12.58 -8.01
C GLU F 432 18.97 12.43 -8.32
N GLU F 433 18.13 12.22 -7.31
CA GLU F 433 16.72 11.92 -7.53
C GLU F 433 15.85 12.93 -6.81
N ASN F 434 14.62 13.07 -7.31
CA ASN F 434 13.69 14.10 -6.83
C ASN F 434 12.95 13.59 -5.60
N THR F 435 13.66 13.62 -4.47
CA THR F 435 13.09 13.25 -3.18
C THR F 435 13.58 14.24 -2.12
N ILE F 436 13.03 14.11 -0.92
CA ILE F 436 13.48 14.90 0.22
C ILE F 436 14.45 14.14 1.09
N TRP F 437 14.84 12.92 0.70
CA TRP F 437 15.58 12.03 1.57
C TRP F 437 16.69 11.34 0.79
N THR F 438 17.62 10.74 1.54
CA THR F 438 18.66 9.90 0.97
C THR F 438 18.82 8.68 1.85
N SER F 439 18.78 7.50 1.23
CA SER F 439 19.00 6.25 1.94
C SER F 439 19.65 5.27 1.00
N GLY F 440 19.85 4.04 1.48
CA GLY F 440 20.53 3.04 0.70
C GLY F 440 20.19 1.64 1.15
N SER F 441 20.23 0.70 0.22
CA SER F 441 20.15 -0.72 0.49
C SER F 441 21.53 -1.33 0.25
N SER F 442 21.61 -2.66 0.41
CA SER F 442 22.90 -3.32 0.31
C SER F 442 22.77 -4.64 -0.42
N ILE F 443 23.83 -4.99 -1.15
CA ILE F 443 24.03 -6.32 -1.70
C ILE F 443 25.43 -6.76 -1.30
N SER F 444 25.65 -8.06 -1.28
CA SER F 444 26.95 -8.56 -0.87
C SER F 444 27.29 -9.81 -1.67
N PHE F 445 28.59 -10.03 -1.86
CA PHE F 445 29.09 -11.17 -2.61
C PHE F 445 30.29 -11.74 -1.85
N CYS F 446 30.50 -13.04 -2.00
CA CYS F 446 31.65 -13.72 -1.41
C CYS F 446 32.43 -14.45 -2.50
N GLY F 447 33.75 -14.40 -2.39
CA GLY F 447 34.59 -14.99 -3.42
C GLY F 447 34.65 -16.50 -3.31
N VAL F 448 34.49 -17.17 -4.46
CA VAL F 448 34.55 -18.63 -4.51
C VAL F 448 35.40 -19.03 -5.71
N ASN F 449 36.04 -20.18 -5.59
CA ASN F 449 36.77 -20.77 -6.71
C ASN F 449 35.88 -21.79 -7.44
N SER F 450 34.81 -21.30 -8.02
CA SER F 450 33.84 -22.15 -8.71
C SER F 450 33.05 -21.28 -9.68
N ASP F 451 32.06 -21.88 -10.33
CA ASP F 451 31.32 -21.18 -11.37
C ASP F 451 30.48 -20.07 -10.77
N THR F 452 30.55 -18.89 -11.40
CA THR F 452 29.77 -17.72 -11.03
C THR F 452 29.17 -17.12 -12.30
N VAL F 453 28.44 -16.03 -12.15
CA VAL F 453 27.84 -15.34 -13.29
C VAL F 453 27.67 -13.87 -12.95
N GLY F 454 27.76 -13.04 -13.98
CA GLY F 454 27.50 -11.62 -13.82
C GLY F 454 26.06 -11.27 -14.13
N TRP F 455 25.53 -10.31 -13.40
CA TRP F 455 24.13 -9.89 -13.52
C TRP F 455 24.01 -8.50 -12.91
N SER F 456 22.77 -8.04 -12.75
CA SER F 456 22.47 -6.75 -12.15
C SER F 456 21.51 -6.97 -10.99
N TRP F 457 21.95 -6.64 -9.78
CA TRP F 457 21.15 -6.75 -8.57
C TRP F 457 20.99 -5.34 -8.00
N PRO F 458 20.09 -4.54 -8.57
CA PRO F 458 19.99 -3.13 -8.18
C PRO F 458 19.11 -2.97 -6.94
N ASP F 459 18.97 -1.71 -6.50
CA ASP F 459 18.08 -1.41 -5.39
C ASP F 459 16.65 -1.83 -5.70
N GLY F 460 16.08 -1.29 -6.77
CA GLY F 460 14.76 -1.69 -7.22
C GLY F 460 13.60 -0.88 -6.70
N ALA F 461 13.85 0.14 -5.88
CA ALA F 461 12.78 0.96 -5.36
C ALA F 461 12.30 1.95 -6.42
N GLU F 462 10.98 2.16 -6.46
CA GLU F 462 10.37 3.12 -7.38
C GLU F 462 10.24 4.45 -6.67
N LEU F 463 11.02 5.43 -7.11
CA LEU F 463 11.03 6.76 -6.53
C LEU F 463 10.29 7.74 -7.43
N PRO F 464 9.71 8.82 -6.88
CA PRO F 464 9.69 9.22 -5.47
C PRO F 464 8.70 8.42 -4.63
N PHE F 465 8.87 8.48 -3.30
CA PHE F 465 7.93 7.86 -2.39
C PHE F 465 6.80 8.82 -2.06
N THR F 466 5.82 8.31 -1.30
CA THR F 466 4.65 9.11 -0.99
C THR F 466 4.99 10.35 -0.17
N ILE F 467 6.05 10.28 0.64
CA ILE F 467 6.45 11.42 1.46
C ILE F 467 7.05 12.56 0.65
N ASP F 468 7.38 12.31 -0.61
CA ASP F 468 8.05 13.30 -1.44
C ASP F 468 7.10 14.18 -2.24
N LYS F 469 5.80 13.86 -2.25
CA LYS F 469 4.85 14.61 -3.06
C LYS F 469 4.65 16.02 -2.51
N GLU G 1 18.16 26.59 -22.92
CA GLU G 1 19.18 27.06 -21.97
C GLU G 1 18.52 27.63 -20.71
N VAL G 2 19.34 28.02 -19.74
CA VAL G 2 18.88 28.46 -18.43
C VAL G 2 18.80 29.97 -18.41
N GLN G 3 17.79 30.49 -17.72
CA GLN G 3 17.60 31.93 -17.56
C GLN G 3 17.45 32.25 -16.08
N LEU G 4 18.17 33.27 -15.61
CA LEU G 4 18.09 33.73 -14.23
C LEU G 4 17.38 35.08 -14.22
N VAL G 5 16.23 35.14 -13.56
CA VAL G 5 15.41 36.34 -13.49
C VAL G 5 15.52 36.91 -12.09
N GLN G 6 15.94 38.17 -12.01
CA GLN G 6 16.13 38.86 -10.74
C GLN G 6 15.01 39.86 -10.50
N SER G 7 14.88 40.28 -9.25
CA SER G 7 13.85 41.24 -8.88
C SER G 7 14.21 42.64 -9.40
N GLY G 8 13.25 43.54 -9.32
CA GLY G 8 13.41 44.88 -9.84
C GLY G 8 14.38 45.72 -9.02
N ALA G 9 14.54 46.97 -9.45
CA ALA G 9 15.46 47.88 -8.80
C ALA G 9 14.98 48.20 -7.38
N GLU G 10 15.90 48.70 -6.56
CA GLU G 10 15.63 48.98 -5.16
C GLU G 10 16.35 50.24 -4.74
N VAL G 11 15.69 51.04 -3.91
CA VAL G 11 16.27 52.24 -3.32
C VAL G 11 16.07 52.17 -1.81
N LYS G 12 17.14 52.40 -1.06
CA LYS G 12 17.13 52.20 0.38
C LYS G 12 17.84 53.35 1.08
N LYS G 13 17.36 53.69 2.28
CA LYS G 13 18.05 54.61 3.17
C LYS G 13 19.15 53.86 3.92
N PRO G 14 20.17 54.58 4.40
CA PRO G 14 21.28 53.89 5.07
C PRO G 14 20.84 53.28 6.39
N GLY G 15 21.45 52.13 6.72
CA GLY G 15 21.10 51.39 7.90
C GLY G 15 20.00 50.37 7.70
N SER G 16 19.26 50.45 6.60
CA SER G 16 18.21 49.49 6.28
C SER G 16 18.84 48.27 5.62
N SER G 17 18.00 47.37 5.11
CA SER G 17 18.47 46.16 4.44
C SER G 17 17.69 45.97 3.14
N VAL G 18 18.26 45.13 2.28
CA VAL G 18 17.67 44.83 0.98
C VAL G 18 17.78 43.33 0.73
N LYS G 19 16.78 42.78 0.06
CA LYS G 19 16.75 41.36 -0.29
C LYS G 19 16.41 41.24 -1.76
N VAL G 20 17.28 40.59 -2.52
CA VAL G 20 17.12 40.44 -3.96
C VAL G 20 16.87 38.97 -4.28
N SER G 21 15.92 38.72 -5.17
CA SER G 21 15.56 37.37 -5.56
C SER G 21 16.23 36.99 -6.88
N CYS G 22 16.36 35.68 -7.08
CA CYS G 22 17.02 35.14 -8.27
C CYS G 22 16.29 33.85 -8.64
N LYS G 23 15.36 33.95 -9.59
CA LYS G 23 14.52 32.81 -9.96
C LYS G 23 15.15 32.11 -11.15
N ALA G 24 15.60 30.87 -10.93
CA ALA G 24 16.21 30.04 -11.95
C ALA G 24 15.12 29.44 -12.82
N SER G 25 14.75 30.16 -13.88
CA SER G 25 13.71 29.71 -14.79
C SER G 25 14.31 28.73 -15.80
N GLY G 26 14.69 27.57 -15.27
CA GLY G 26 15.21 26.47 -16.07
C GLY G 26 15.23 25.15 -15.33
N GLY G 27 16.18 24.29 -15.69
CA GLY G 27 16.38 23.00 -15.07
C GLY G 27 17.29 22.95 -13.85
N PRO G 28 18.52 23.50 -13.97
CA PRO G 28 19.61 23.13 -13.05
C PRO G 28 19.30 23.10 -11.55
N PHE G 29 18.47 24.00 -11.05
CA PHE G 29 18.72 24.70 -9.78
C PHE G 29 19.31 23.84 -8.66
N SER G 30 18.71 22.68 -8.35
CA SER G 30 19.00 22.00 -7.09
C SER G 30 20.49 21.75 -6.86
N SER G 31 21.14 21.00 -7.75
CA SER G 31 22.57 20.70 -7.60
C SER G 31 23.45 21.65 -8.42
N TYR G 32 23.43 22.94 -8.07
CA TYR G 32 24.28 23.90 -8.74
C TYR G 32 24.60 25.04 -7.80
N GLY G 33 25.86 25.46 -7.78
CA GLY G 33 26.27 26.58 -6.93
C GLY G 33 25.88 27.92 -7.53
N PHE G 34 25.21 28.75 -6.72
CA PHE G 34 24.77 30.08 -7.13
C PHE G 34 25.57 31.13 -6.37
N SER G 35 26.13 32.08 -7.10
CA SER G 35 26.93 33.15 -6.53
C SER G 35 26.25 34.50 -6.71
N TRP G 36 26.59 35.43 -5.82
CA TRP G 36 26.10 36.81 -5.88
C TRP G 36 27.30 37.74 -6.04
N VAL G 37 27.34 38.45 -7.17
CA VAL G 37 28.43 39.37 -7.48
C VAL G 37 27.84 40.75 -7.69
N ARG G 38 28.46 41.76 -7.07
CA ARG G 38 28.05 43.15 -7.21
C ARG G 38 29.13 43.95 -7.92
N GLN G 39 28.72 45.04 -8.55
CA GLN G 39 29.64 45.89 -9.33
C GLN G 39 29.22 47.34 -9.15
N ALA G 40 30.05 48.11 -8.45
CA ALA G 40 29.81 49.55 -8.34
C ALA G 40 29.94 50.20 -9.71
N PRO G 41 29.22 51.29 -9.97
CA PRO G 41 29.27 51.92 -11.30
C PRO G 41 30.69 52.35 -11.64
N GLY G 42 31.18 51.84 -12.77
CA GLY G 42 32.52 52.15 -13.23
C GLY G 42 33.62 51.44 -12.49
N GLN G 43 33.29 50.37 -11.76
CA GLN G 43 34.27 49.65 -10.95
C GLN G 43 34.31 48.17 -11.31
N GLY G 44 35.09 47.39 -10.58
CA GLY G 44 35.24 45.98 -10.90
C GLY G 44 34.23 45.09 -10.19
N LEU G 45 34.29 43.79 -10.54
CA LEU G 45 33.38 42.81 -9.98
C LEU G 45 33.84 42.40 -8.59
N GLU G 46 32.87 42.25 -7.68
CA GLU G 46 33.13 41.87 -6.30
C GLU G 46 32.17 40.77 -5.90
N TRP G 47 32.71 39.62 -5.52
CA TRP G 47 31.93 38.46 -5.12
C TRP G 47 31.59 38.54 -3.64
N MET G 48 30.31 38.42 -3.30
CA MET G 48 29.85 38.52 -1.92
C MET G 48 29.68 37.15 -1.27
N GLY G 49 29.02 36.22 -1.95
CA GLY G 49 28.78 34.92 -1.34
C GLY G 49 28.22 33.93 -2.33
N GLY G 50 28.14 32.68 -1.89
CA GLY G 50 27.65 31.60 -2.72
C GLY G 50 26.89 30.60 -1.89
N ILE G 51 26.12 29.77 -2.58
CA ILE G 51 25.27 28.79 -1.90
C ILE G 51 25.12 27.57 -2.80
N ILE G 52 25.05 26.40 -2.16
CA ILE G 52 24.73 25.15 -2.82
C ILE G 52 23.46 24.60 -2.19
N PRO G 53 22.31 24.73 -2.86
CA PRO G 53 21.04 24.42 -2.20
C PRO G 53 20.89 22.98 -1.77
N VAL G 54 21.43 22.03 -2.55
CA VAL G 54 21.26 20.62 -2.21
C VAL G 54 21.96 20.29 -0.90
N TYR G 55 23.12 20.89 -0.65
CA TYR G 55 23.85 20.66 0.58
C TYR G 55 23.49 21.65 1.68
N GLY G 56 22.72 22.69 1.37
CA GLY G 56 22.38 23.69 2.36
C GLY G 56 23.58 24.42 2.94
N THR G 57 24.61 24.65 2.13
CA THR G 57 25.84 25.25 2.59
C THR G 57 26.06 26.58 1.91
N THR G 58 26.68 27.51 2.63
CA THR G 58 26.96 28.85 2.13
C THR G 58 28.40 29.22 2.44
N ASN G 59 28.96 30.09 1.60
CA ASN G 59 30.30 30.62 1.78
C ASN G 59 30.27 32.10 1.50
N TYR G 60 30.73 32.90 2.46
CA TYR G 60 30.68 34.36 2.36
C TYR G 60 32.09 34.93 2.34
N ALA G 61 32.28 35.98 1.54
CA ALA G 61 33.55 36.70 1.53
C ALA G 61 33.76 37.41 2.87
N GLN G 62 35.02 37.55 3.26
CA GLN G 62 35.35 38.12 4.56
C GLN G 62 34.86 39.56 4.69
N LYS G 63 34.68 40.27 3.57
CA LYS G 63 34.25 41.66 3.64
C LYS G 63 32.79 41.77 4.08
N PHE G 64 31.95 40.78 3.74
CA PHE G 64 30.52 40.85 3.99
C PHE G 64 30.06 39.92 5.10
N GLN G 65 30.99 39.27 5.81
CA GLN G 65 30.60 38.36 6.89
C GLN G 65 29.89 39.13 7.99
N GLY G 66 28.66 38.72 8.31
CA GLY G 66 27.88 39.29 9.39
C GLY G 66 26.67 40.08 8.93
N ARG G 67 26.74 40.66 7.72
CA ARG G 67 25.64 41.46 7.21
C ARG G 67 25.12 40.99 5.86
N VAL G 68 25.59 39.85 5.35
CA VAL G 68 25.05 39.25 4.14
C VAL G 68 24.47 37.89 4.51
N THR G 69 23.37 37.52 3.84
CA THR G 69 22.71 36.24 4.07
C THR G 69 22.17 35.74 2.75
N ILE G 70 22.62 34.57 2.31
CA ILE G 70 22.17 33.96 1.06
C ILE G 70 21.34 32.73 1.40
N THR G 71 20.10 32.73 0.94
CA THR G 71 19.17 31.62 1.17
C THR G 71 18.67 31.10 -0.17
N ALA G 72 18.15 29.87 -0.15
CA ALA G 72 17.63 29.24 -1.34
C ALA G 72 16.26 28.62 -1.05
N ASP G 73 15.48 28.44 -2.12
CA ASP G 73 14.16 27.81 -2.04
C ASP G 73 14.13 26.71 -3.10
N GLU G 74 14.30 25.47 -2.66
CA GLU G 74 14.41 24.35 -3.59
C GLU G 74 13.11 24.13 -4.36
N SER G 75 11.97 24.52 -3.78
CA SER G 75 10.68 24.31 -4.43
C SER G 75 10.54 25.19 -5.66
N THR G 76 10.62 26.50 -5.48
CA THR G 76 10.42 27.45 -6.57
C THR G 76 11.68 27.74 -7.36
N SER G 77 12.79 27.06 -7.05
CA SER G 77 14.07 27.25 -7.74
C SER G 77 14.50 28.72 -7.73
N THR G 78 14.56 29.27 -6.52
CA THR G 78 14.82 30.69 -6.31
C THR G 78 15.93 30.86 -5.28
N ALA G 79 16.81 31.82 -5.55
CA ALA G 79 17.91 32.16 -4.65
C ALA G 79 17.73 33.59 -4.18
N TYR G 80 18.23 33.87 -2.97
CA TYR G 80 18.03 35.15 -2.32
C TYR G 80 19.34 35.65 -1.72
N MET G 81 19.50 36.97 -1.73
CA MET G 81 20.65 37.64 -1.12
C MET G 81 20.15 38.82 -0.33
N GLU G 82 20.43 38.83 0.98
CA GLU G 82 19.99 39.87 1.88
C GLU G 82 21.19 40.56 2.49
N LEU G 83 21.32 41.86 2.24
CA LEU G 83 22.42 42.66 2.74
C LEU G 83 21.85 43.69 3.72
N SER G 84 22.32 43.65 4.96
CA SER G 84 21.86 44.53 6.02
C SER G 84 22.91 45.58 6.34
N SER G 85 22.51 46.54 7.17
CA SER G 85 23.36 47.69 7.52
C SER G 85 23.88 48.37 6.27
N LEU G 86 22.95 48.73 5.38
CA LEU G 86 23.31 49.28 4.09
C LEU G 86 24.00 50.62 4.24
N LYS G 87 25.14 50.78 3.56
CA LYS G 87 25.88 52.02 3.49
C LYS G 87 25.88 52.53 2.06
N SER G 88 26.17 53.82 1.89
CA SER G 88 26.15 54.42 0.57
C SER G 88 27.15 53.77 -0.38
N GLU G 89 28.22 53.17 0.15
CA GLU G 89 29.19 52.47 -0.68
C GLU G 89 28.65 51.15 -1.22
N ASP G 90 27.48 50.69 -0.74
CA ASP G 90 26.87 49.48 -1.25
C ASP G 90 26.07 49.72 -2.52
N THR G 91 26.00 50.96 -3.00
CA THR G 91 25.29 51.28 -4.24
C THR G 91 26.01 50.61 -5.41
N ALA G 92 25.36 49.63 -6.02
CA ALA G 92 25.96 48.86 -7.10
C ALA G 92 24.87 48.06 -7.79
N VAL G 93 25.24 47.41 -8.89
CA VAL G 93 24.38 46.47 -9.58
C VAL G 93 24.73 45.07 -9.07
N TYR G 94 23.72 44.37 -8.54
CA TYR G 94 23.92 43.07 -7.92
C TYR G 94 23.47 41.97 -8.87
N TYR G 95 24.38 41.08 -9.22
CA TYR G 95 24.10 39.97 -10.12
C TYR G 95 24.05 38.66 -9.35
N CYS G 96 23.27 37.72 -9.85
CA CYS G 96 23.31 36.33 -9.42
C CYS G 96 23.68 35.47 -10.62
N ALA G 97 24.60 34.55 -10.41
CA ALA G 97 25.15 33.76 -11.52
C ALA G 97 25.33 32.32 -11.08
N ARG G 98 24.74 31.41 -11.83
CA ARG G 98 24.90 29.98 -11.61
C ARG G 98 26.28 29.52 -12.08
N ASP G 99 26.73 28.39 -11.55
CA ASP G 99 27.99 27.80 -11.94
C ASP G 99 27.83 27.03 -13.25
N LEU G 100 28.95 26.53 -13.77
CA LEU G 100 28.95 25.89 -15.08
C LEU G 100 28.79 24.38 -15.01
N GLN G 101 29.14 23.75 -13.88
CA GLN G 101 29.10 22.31 -13.77
C GLN G 101 28.36 21.90 -12.50
N ARG G 102 27.73 20.73 -12.56
CA ARG G 102 27.05 20.17 -11.40
C ARG G 102 28.02 20.00 -10.23
N THR G 103 27.54 20.30 -9.03
CA THR G 103 28.39 20.17 -7.86
C THR G 103 28.87 18.74 -7.68
N PRO G 104 30.09 18.53 -7.22
CA PRO G 104 30.56 17.17 -6.97
C PRO G 104 29.90 16.58 -5.73
N MET G 105 29.96 15.26 -5.64
CA MET G 105 29.37 14.55 -4.51
C MET G 105 30.28 14.63 -3.30
N VAL G 106 29.77 15.21 -2.21
CA VAL G 106 30.54 15.40 -0.99
C VAL G 106 29.88 14.58 0.11
N ASP G 107 30.58 13.55 0.57
CA ASP G 107 30.07 12.73 1.67
C ASP G 107 30.29 13.38 3.03
N ARG G 108 31.36 14.15 3.18
CA ARG G 108 31.65 14.89 4.41
C ARG G 108 31.49 16.38 4.11
N ILE G 109 30.30 16.90 4.36
CA ILE G 109 29.94 18.26 3.99
C ILE G 109 30.39 19.23 5.07
N ILE G 110 31.28 20.16 4.70
CA ILE G 110 31.64 21.28 5.56
C ILE G 110 30.56 22.35 5.46
N GLY G 111 30.21 22.94 6.60
CA GLY G 111 29.16 23.96 6.63
C GLY G 111 29.43 25.16 5.76
N SER G 112 30.70 25.41 5.41
CA SER G 112 31.07 26.52 4.53
C SER G 112 31.52 26.05 3.15
N TYR G 113 31.10 24.86 2.73
CA TYR G 113 31.60 24.29 1.48
C TYR G 113 31.04 25.03 0.28
N TYR G 114 31.90 25.23 -0.73
CA TYR G 114 31.51 25.82 -2.00
C TYR G 114 32.52 25.43 -3.06
N TYR G 115 32.06 25.36 -4.30
CA TYR G 115 32.91 25.02 -5.44
C TYR G 115 32.77 26.08 -6.51
N TYR G 116 33.78 26.19 -7.36
CA TYR G 116 33.79 27.23 -8.39
C TYR G 116 34.53 26.75 -9.62
N ASN G 117 33.80 26.52 -10.71
CA ASN G 117 34.41 26.27 -12.01
C ASN G 117 34.35 27.48 -12.92
N GLY G 118 33.19 28.15 -12.97
CA GLY G 118 33.01 29.35 -13.75
C GLY G 118 31.55 29.70 -13.87
N LEU G 119 31.23 31.00 -13.80
CA LEU G 119 29.84 31.45 -13.84
C LEU G 119 29.48 31.76 -15.29
N ASP G 120 28.75 30.86 -15.93
CA ASP G 120 28.41 30.99 -17.34
C ASP G 120 27.00 31.53 -17.58
N VAL G 121 26.09 31.36 -16.61
CA VAL G 121 24.72 31.84 -16.73
C VAL G 121 24.52 32.92 -15.67
N TRP G 122 24.21 34.13 -16.11
CA TRP G 122 24.06 35.28 -15.24
C TRP G 122 22.64 35.84 -15.34
N GLY G 123 22.22 36.51 -14.28
CA GLY G 123 20.97 37.24 -14.31
C GLY G 123 21.11 38.61 -14.94
N GLN G 124 19.97 39.27 -15.14
CA GLN G 124 19.99 40.59 -15.75
C GLN G 124 20.51 41.67 -14.82
N GLY G 125 20.69 41.38 -13.54
CA GLY G 125 21.21 42.37 -12.62
C GLY G 125 20.11 43.15 -11.92
N THR G 126 20.42 43.60 -10.71
CA THR G 126 19.49 44.39 -9.92
C THR G 126 20.21 45.61 -9.39
N THR G 127 19.72 46.79 -9.74
CA THR G 127 20.32 48.05 -9.31
C THR G 127 19.83 48.40 -7.92
N VAL G 128 20.76 48.57 -6.98
CA VAL G 128 20.45 48.93 -5.60
C VAL G 128 21.11 50.27 -5.32
N THR G 129 20.31 51.30 -5.11
CA THR G 129 20.80 52.66 -4.84
C THR G 129 20.60 52.95 -3.36
N VAL G 130 21.71 53.08 -2.63
CA VAL G 130 21.68 53.36 -1.20
C VAL G 130 22.07 54.82 -1.01
N SER G 131 21.07 55.68 -0.80
CA SER G 131 21.26 57.08 -0.49
C SER G 131 20.60 57.40 0.85
N SER G 132 20.79 58.63 1.31
CA SER G 132 20.08 59.15 2.47
C SER G 132 19.11 60.27 2.11
N ALA G 133 19.12 60.74 0.86
CA ALA G 133 18.22 61.79 0.43
C ALA G 133 16.78 61.29 0.39
N SER G 134 15.84 62.22 0.47
CA SER G 134 14.42 61.95 0.39
C SER G 134 13.91 62.19 -1.02
N THR G 135 12.75 61.62 -1.33
CA THR G 135 12.14 61.80 -2.63
C THR G 135 11.71 63.25 -2.82
N LYS G 136 12.08 63.84 -3.95
CA LYS G 136 11.79 65.24 -4.23
C LYS G 136 11.52 65.41 -5.72
N GLY G 137 10.47 66.17 -6.03
CA GLY G 137 10.14 66.49 -7.40
C GLY G 137 11.05 67.57 -7.95
N PRO G 138 11.31 67.53 -9.25
CA PRO G 138 12.24 68.50 -9.85
C PRO G 138 11.58 69.81 -10.21
N SER G 139 12.41 70.85 -10.24
CA SER G 139 12.01 72.14 -10.81
C SER G 139 12.47 72.19 -12.25
N VAL G 140 11.57 72.58 -13.15
CA VAL G 140 11.84 72.60 -14.58
C VAL G 140 11.95 74.04 -15.03
N PHE G 141 13.10 74.41 -15.56
CA PHE G 141 13.33 75.74 -16.10
C PHE G 141 13.66 75.67 -17.58
N PRO G 142 13.15 76.59 -18.39
CA PRO G 142 13.43 76.55 -19.82
C PRO G 142 14.81 77.10 -20.16
N LEU G 143 15.43 76.51 -21.17
CA LEU G 143 16.72 76.98 -21.68
C LEU G 143 16.44 77.68 -23.00
N ALA G 144 16.37 79.01 -22.96
CA ALA G 144 15.97 79.78 -24.12
C ALA G 144 17.03 79.67 -25.22
N PRO G 145 16.62 79.61 -26.49
CA PRO G 145 17.61 79.53 -27.58
C PRO G 145 18.39 80.82 -27.72
N SER G 146 19.69 80.69 -27.99
CA SER G 146 20.56 81.85 -28.11
C SER G 146 20.33 82.58 -29.43
N SER G 147 20.40 81.85 -30.55
CA SER G 147 20.28 82.48 -31.85
C SER G 147 18.83 82.87 -32.14
N LYS G 148 18.67 83.65 -33.20
CA LYS G 148 17.38 84.17 -33.62
C LYS G 148 16.88 83.41 -34.85
N SER G 149 15.68 83.77 -35.30
CA SER G 149 15.08 83.09 -36.45
C SER G 149 15.70 83.49 -37.77
N THR G 150 16.46 84.59 -37.82
CA THR G 150 17.09 85.06 -39.04
C THR G 150 18.59 84.78 -39.09
N SER G 151 19.15 84.18 -38.04
CA SER G 151 20.58 83.88 -38.03
C SER G 151 20.95 82.68 -38.88
N GLY G 152 19.98 81.94 -39.41
CA GLY G 152 20.27 80.82 -40.28
C GLY G 152 20.86 79.62 -39.57
N GLY G 153 20.97 78.51 -40.29
CA GLY G 153 21.58 77.32 -39.70
C GLY G 153 20.63 76.62 -38.76
N THR G 154 21.11 76.30 -37.56
CA THR G 154 20.32 75.60 -36.56
C THR G 154 20.49 76.29 -35.21
N ALA G 155 19.57 75.98 -34.30
CA ALA G 155 19.54 76.58 -32.98
C ALA G 155 19.36 75.50 -31.92
N ALA G 156 19.74 75.84 -30.69
CA ALA G 156 19.72 74.91 -29.57
C ALA G 156 18.86 75.49 -28.46
N LEU G 157 17.85 74.72 -28.02
CA LEU G 157 17.03 75.07 -26.88
C LEU G 157 16.77 73.81 -26.06
N GLY G 158 16.42 74.01 -24.79
CA GLY G 158 16.20 72.86 -23.94
C GLY G 158 15.51 73.22 -22.64
N CYS G 159 15.56 72.27 -21.70
CA CYS G 159 14.94 72.42 -20.38
C CYS G 159 15.89 71.91 -19.31
N LEU G 160 15.90 72.57 -18.17
CA LEU G 160 16.74 72.19 -17.04
C LEU G 160 15.89 71.47 -15.99
N VAL G 161 16.25 70.24 -15.69
CA VAL G 161 15.57 69.43 -14.68
C VAL G 161 16.50 69.37 -13.47
N LYS G 162 16.19 70.14 -12.44
CA LYS G 162 17.10 70.40 -11.33
C LYS G 162 16.56 69.83 -10.02
N ASP G 163 17.46 69.28 -9.21
CA ASP G 163 17.19 68.95 -7.80
C ASP G 163 16.01 67.99 -7.65
N TYR G 164 16.17 66.80 -8.23
CA TYR G 164 15.20 65.72 -8.08
C TYR G 164 15.89 64.48 -7.54
N PHE G 165 15.08 63.58 -6.96
CA PHE G 165 15.53 62.31 -6.42
C PHE G 165 14.33 61.41 -6.23
N PRO G 166 14.44 60.11 -6.55
CA PRO G 166 15.59 59.49 -7.19
C PRO G 166 15.46 59.40 -8.70
N GLU G 167 16.39 58.68 -9.33
CA GLU G 167 16.26 58.34 -10.73
C GLU G 167 15.10 57.38 -10.94
N PRO G 168 14.53 57.35 -12.15
CA PRO G 168 14.82 58.22 -13.30
C PRO G 168 13.75 59.26 -13.60
N VAL G 169 14.01 60.11 -14.58
CA VAL G 169 13.02 61.01 -15.15
C VAL G 169 13.03 60.84 -16.66
N THR G 170 11.87 61.08 -17.27
CA THR G 170 11.72 60.98 -18.72
C THR G 170 11.37 62.35 -19.28
N VAL G 171 12.03 62.73 -20.36
CA VAL G 171 11.83 64.03 -21.00
C VAL G 171 11.49 63.80 -22.47
N SER G 172 10.27 64.16 -22.85
CA SER G 172 9.86 64.17 -24.24
C SER G 172 9.61 65.61 -24.69
N TRP G 173 9.40 65.77 -26.00
CA TRP G 173 9.22 67.09 -26.59
C TRP G 173 8.00 67.08 -27.49
N ASN G 174 7.10 68.04 -27.25
CA ASN G 174 5.82 68.13 -27.98
C ASN G 174 5.04 66.83 -27.87
N SER G 175 5.00 66.25 -26.67
CA SER G 175 4.24 65.04 -26.37
C SER G 175 4.69 63.88 -27.26
N GLY G 176 6.00 63.75 -27.46
CA GLY G 176 6.56 62.67 -28.24
C GLY G 176 6.59 62.89 -29.73
N ALA G 177 6.09 64.02 -30.21
CA ALA G 177 6.09 64.29 -31.65
C ALA G 177 7.49 64.61 -32.14
N LEU G 178 8.22 65.45 -31.41
CA LEU G 178 9.57 65.86 -31.80
C LEU G 178 10.56 64.88 -31.20
N THR G 179 11.11 64.01 -32.05
CA THR G 179 12.07 63.00 -31.63
C THR G 179 13.44 63.16 -32.28
N SER G 180 13.58 64.01 -33.29
CA SER G 180 14.85 64.19 -33.97
C SER G 180 15.61 65.37 -33.37
N GLY G 181 16.93 65.20 -33.25
CA GLY G 181 17.77 66.22 -32.67
C GLY G 181 17.67 66.34 -31.16
N VAL G 182 16.96 65.43 -30.50
CA VAL G 182 16.82 65.45 -29.05
C VAL G 182 17.98 64.71 -28.42
N HIS G 183 18.65 65.35 -27.45
CA HIS G 183 19.76 64.74 -26.72
C HIS G 183 19.53 65.01 -25.23
N THR G 184 19.07 64.00 -24.51
CA THR G 184 18.86 64.09 -23.07
C THR G 184 20.11 63.60 -22.36
N PHE G 185 20.80 64.50 -21.66
CA PHE G 185 22.08 64.20 -21.05
C PHE G 185 21.89 63.42 -19.75
N PRO G 186 22.84 62.55 -19.40
CA PRO G 186 22.78 61.86 -18.11
C PRO G 186 22.86 62.86 -16.96
N ALA G 187 22.21 62.52 -15.86
CA ALA G 187 22.13 63.43 -14.73
C ALA G 187 23.43 63.46 -13.95
N VAL G 188 23.63 64.54 -13.19
CA VAL G 188 24.76 64.69 -12.30
C VAL G 188 24.26 64.51 -10.87
N LEU G 189 25.09 63.89 -10.03
CA LEU G 189 24.77 63.69 -8.63
C LEU G 189 25.54 64.74 -7.84
N GLN G 190 24.83 65.76 -7.37
CA GLN G 190 25.46 66.87 -6.66
C GLN G 190 25.82 66.47 -5.24
N SER G 191 26.54 67.37 -4.56
CA SER G 191 26.92 67.12 -3.17
C SER G 191 25.71 67.06 -2.25
N SER G 192 24.61 67.72 -2.63
CA SER G 192 23.41 67.70 -1.81
C SER G 192 22.72 66.34 -1.82
N GLY G 193 23.04 65.49 -2.79
CA GLY G 193 22.39 64.20 -2.93
C GLY G 193 21.27 64.17 -3.95
N LEU G 194 20.99 65.29 -4.61
CA LEU G 194 19.93 65.38 -5.60
C LEU G 194 20.52 65.36 -7.00
N TYR G 195 19.71 64.89 -7.95
CA TYR G 195 20.13 64.79 -9.35
C TYR G 195 19.69 66.02 -10.14
N SER G 196 20.40 66.25 -11.24
CA SER G 196 20.06 67.34 -12.16
C SER G 196 20.56 66.97 -13.54
N LEU G 197 19.69 67.10 -14.55
CA LEU G 197 20.05 66.82 -15.93
C LEU G 197 19.48 67.91 -16.83
N SER G 198 19.82 67.83 -18.11
CA SER G 198 19.32 68.76 -19.11
C SER G 198 19.04 67.99 -20.39
N SER G 199 17.97 68.38 -21.08
CA SER G 199 17.60 67.80 -22.37
C SER G 199 17.42 68.93 -23.37
N VAL G 200 18.12 68.84 -24.51
CA VAL G 200 18.11 69.90 -25.50
C VAL G 200 17.82 69.32 -26.88
N VAL G 201 17.18 70.13 -27.72
CA VAL G 201 16.87 69.78 -29.09
C VAL G 201 17.59 70.74 -30.02
N THR G 202 18.11 70.21 -31.13
CA THR G 202 18.74 71.03 -32.17
C THR G 202 17.70 71.24 -33.27
N VAL G 203 17.21 72.46 -33.39
CA VAL G 203 16.08 72.76 -34.27
C VAL G 203 16.58 73.71 -35.36
N PRO G 204 15.89 73.73 -36.51
CA PRO G 204 16.20 74.77 -37.51
C PRO G 204 15.87 76.15 -37.00
N SER G 205 16.78 77.10 -37.26
CA SER G 205 16.60 78.45 -36.74
C SER G 205 15.33 79.11 -37.28
N SER G 206 14.94 78.78 -38.52
CA SER G 206 13.75 79.39 -39.10
C SER G 206 12.47 78.98 -38.38
N SER G 207 12.50 77.92 -37.58
CA SER G 207 11.32 77.47 -36.85
C SER G 207 11.07 78.26 -35.56
N LEU G 208 12.02 79.07 -35.13
CA LEU G 208 11.83 79.87 -33.92
C LEU G 208 10.76 80.92 -34.13
N GLY G 209 9.89 81.08 -33.13
CA GLY G 209 8.74 81.94 -33.24
C GLY G 209 7.60 81.38 -34.08
N THR G 210 7.80 80.24 -34.74
CA THR G 210 6.80 79.61 -35.57
C THR G 210 6.31 78.28 -35.00
N GLN G 211 7.23 77.36 -34.69
CA GLN G 211 6.90 76.07 -34.10
C GLN G 211 7.01 76.16 -32.59
N THR G 212 5.96 75.77 -31.89
CA THR G 212 5.96 75.77 -30.43
C THR G 212 6.74 74.59 -29.89
N TYR G 213 7.62 74.85 -28.93
CA TYR G 213 8.47 73.82 -28.33
C TYR G 213 8.12 73.69 -26.85
N ILE G 214 7.75 72.47 -26.44
CA ILE G 214 7.35 72.17 -25.07
C ILE G 214 8.04 70.88 -24.65
N CYS G 215 8.70 70.91 -23.49
CA CYS G 215 9.33 69.73 -22.92
C CYS G 215 8.42 69.12 -21.86
N ASN G 216 8.30 67.80 -21.87
CA ASN G 216 7.42 67.07 -20.96
C ASN G 216 8.29 66.27 -19.99
N VAL G 217 8.41 66.78 -18.77
CA VAL G 217 9.20 66.14 -17.71
C VAL G 217 8.26 65.27 -16.87
N ASN G 218 8.65 64.02 -16.65
CA ASN G 218 7.86 63.07 -15.88
C ASN G 218 8.76 62.38 -14.86
N HIS G 219 8.52 62.63 -13.58
CA HIS G 219 9.25 62.01 -12.48
C HIS G 219 8.25 61.15 -11.70
N LYS G 220 8.24 59.86 -12.01
CA LYS G 220 7.25 58.96 -11.41
C LYS G 220 7.39 58.80 -9.90
N PRO G 221 8.60 58.64 -9.32
CA PRO G 221 8.67 58.45 -7.86
C PRO G 221 8.02 59.57 -7.05
N SER G 222 8.01 60.80 -7.54
CA SER G 222 7.39 61.91 -6.83
C SER G 222 6.07 62.33 -7.45
N ASN G 223 5.56 61.58 -8.44
CA ASN G 223 4.30 61.88 -9.11
C ASN G 223 4.29 63.28 -9.73
N THR G 224 5.45 63.74 -10.19
CA THR G 224 5.59 65.09 -10.73
C THR G 224 5.58 65.04 -12.26
N LYS G 225 4.74 65.87 -12.87
CA LYS G 225 4.70 66.02 -14.31
C LYS G 225 4.63 67.50 -14.62
N VAL G 226 5.60 68.01 -15.37
CA VAL G 226 5.71 69.44 -15.67
C VAL G 226 5.83 69.61 -17.18
N ASP G 227 5.00 70.47 -17.74
CA ASP G 227 5.06 70.86 -19.15
C ASP G 227 5.52 72.32 -19.21
N LYS G 228 6.72 72.54 -19.74
CA LYS G 228 7.34 73.86 -19.76
C LYS G 228 7.52 74.32 -21.20
N LYS G 229 7.05 75.52 -21.51
CA LYS G 229 7.19 76.11 -22.84
C LYS G 229 8.47 76.90 -22.93
N VAL G 230 9.28 76.61 -23.95
CA VAL G 230 10.57 77.26 -24.15
C VAL G 230 10.40 78.29 -25.27
N GLU G 231 10.72 79.54 -24.97
CA GLU G 231 10.58 80.64 -25.91
C GLU G 231 11.89 81.39 -26.03
N PRO G 232 12.16 82.02 -27.20
CA PRO G 232 13.37 82.80 -27.43
C PRO G 232 13.55 83.95 -26.44
N SER H 2 43.72 37.36 -0.35
CA SER H 2 44.45 37.31 -1.61
C SER H 2 43.85 38.28 -2.63
N VAL H 3 44.72 38.89 -3.43
CA VAL H 3 44.30 39.87 -4.43
C VAL H 3 44.86 39.47 -5.78
N LEU H 4 44.02 39.54 -6.82
CA LEU H 4 44.44 39.32 -8.19
C LEU H 4 44.64 40.68 -8.85
N THR H 5 45.86 40.92 -9.34
CA THR H 5 46.20 42.21 -9.93
C THR H 5 46.10 42.11 -11.45
N GLN H 6 45.63 43.18 -12.08
CA GLN H 6 45.37 43.22 -13.50
C GLN H 6 45.79 44.58 -14.02
N PRO H 7 46.34 44.65 -15.23
CA PRO H 7 46.61 45.95 -15.84
C PRO H 7 45.33 46.75 -15.99
N ALA H 8 45.41 48.04 -15.65
CA ALA H 8 44.21 48.88 -15.69
C ALA H 8 43.68 49.03 -17.11
N SER H 9 44.58 49.18 -18.09
CA SER H 9 44.16 49.37 -19.47
C SER H 9 45.17 48.72 -20.41
N VAL H 10 44.65 48.04 -21.43
CA VAL H 10 45.45 47.55 -22.55
C VAL H 10 44.76 48.01 -23.83
N SER H 11 45.57 48.21 -24.88
CA SER H 11 45.05 48.71 -26.14
C SER H 11 45.76 48.06 -27.30
N GLY H 12 44.99 47.72 -28.34
CA GLY H 12 45.54 47.17 -29.56
C GLY H 12 44.73 47.61 -30.76
N SER H 13 45.28 47.35 -31.93
CA SER H 13 44.63 47.64 -33.20
C SER H 13 43.94 46.39 -33.73
N PRO H 14 43.00 46.54 -34.66
CA PRO H 14 42.44 45.37 -35.33
C PRO H 14 43.53 44.54 -36.01
N GLY H 15 43.36 43.22 -35.96
CA GLY H 15 44.35 42.32 -36.49
C GLY H 15 45.47 41.99 -35.51
N GLN H 16 45.75 42.94 -34.61
CA GLN H 16 46.77 42.74 -33.59
C GLN H 16 46.32 41.68 -32.59
N SER H 17 47.28 41.00 -31.97
CA SER H 17 47.01 40.15 -30.83
C SER H 17 47.36 40.90 -29.55
N ILE H 18 46.72 40.50 -28.45
CA ILE H 18 46.92 41.17 -27.17
C ILE H 18 46.84 40.14 -26.05
N THR H 19 47.58 40.41 -24.98
CA THR H 19 47.65 39.52 -23.83
C THR H 19 47.39 40.32 -22.56
N ILE H 20 46.34 39.96 -21.83
CA ILE H 20 46.14 40.47 -20.48
C ILE H 20 46.71 39.43 -19.53
N SER H 21 47.03 39.85 -18.31
CA SER H 21 47.78 38.98 -17.39
C SER H 21 47.24 39.14 -15.98
N CYS H 22 46.55 38.11 -15.49
CA CYS H 22 46.29 37.96 -14.07
C CYS H 22 47.56 37.55 -13.36
N THR H 23 47.94 38.29 -12.32
CA THR H 23 49.19 38.03 -11.59
C THR H 23 48.92 37.79 -10.12
N GLY H 24 47.88 36.99 -9.82
CA GLY H 24 47.60 36.62 -8.45
C GLY H 24 47.72 35.16 -8.09
N ALA H 25 46.59 34.50 -7.82
CA ALA H 25 46.58 33.19 -7.19
C ALA H 25 47.13 32.08 -8.11
N SER H 26 48.16 31.36 -7.62
CA SER H 26 48.64 30.10 -8.17
C SER H 26 48.96 29.06 -7.07
N SER H 27 48.61 29.36 -5.83
CA SER H 27 49.12 28.96 -4.53
C SER H 27 48.93 27.47 -4.22
N ASP H 28 49.42 27.08 -3.02
CA ASP H 28 48.86 25.89 -2.37
C ASP H 28 49.04 24.59 -3.17
N VAL H 29 50.31 24.22 -3.28
CA VAL H 29 50.98 23.42 -4.31
C VAL H 29 50.19 22.20 -4.77
N GLY H 30 49.57 21.48 -3.86
CA GLY H 30 48.90 20.27 -4.30
C GLY H 30 47.45 20.55 -4.63
N ASP H 31 46.92 21.67 -4.15
CA ASP H 31 45.63 22.18 -4.61
C ASP H 31 45.66 22.46 -6.11
N TYR H 32 44.48 22.49 -6.71
CA TYR H 32 44.30 22.68 -8.14
C TYR H 32 44.19 24.17 -8.47
N ASN H 33 43.97 24.47 -9.75
CA ASN H 33 43.84 25.86 -10.22
C ASN H 33 42.46 26.02 -10.86
N TYR H 34 41.55 26.65 -10.12
CA TYR H 34 40.21 26.98 -10.62
C TYR H 34 40.18 28.42 -11.14
N VAL H 35 40.94 28.67 -12.21
CA VAL H 35 41.11 30.01 -12.76
C VAL H 35 40.17 30.21 -13.93
N SER H 36 39.59 31.40 -14.04
CA SER H 36 38.60 31.68 -15.06
C SER H 36 38.65 33.15 -15.46
N TRP H 37 38.17 33.43 -16.67
CA TRP H 37 38.16 34.77 -17.24
C TRP H 37 36.74 35.16 -17.65
N TYR H 38 36.46 36.46 -17.62
CA TYR H 38 35.14 36.98 -17.98
C TYR H 38 35.30 38.21 -18.87
N GLN H 39 34.35 38.38 -19.79
CA GLN H 39 34.25 39.56 -20.64
C GLN H 39 32.94 40.27 -20.34
N GLN H 40 32.99 41.60 -20.19
CA GLN H 40 31.82 42.38 -19.80
C GLN H 40 31.70 43.61 -20.67
N HIS H 41 30.66 43.66 -21.50
CA HIS H 41 30.33 44.86 -22.25
C HIS H 41 29.50 45.80 -21.39
N PRO H 42 29.50 47.10 -21.70
CA PRO H 42 28.79 48.06 -20.85
C PRO H 42 27.30 47.75 -20.74
N GLY H 43 26.80 47.77 -19.51
CA GLY H 43 25.39 47.58 -19.26
C GLY H 43 24.90 46.16 -19.43
N LYS H 44 25.80 45.19 -19.46
CA LYS H 44 25.44 43.78 -19.62
C LYS H 44 26.17 42.94 -18.58
N ALA H 45 25.68 41.73 -18.40
CA ALA H 45 26.27 40.83 -17.42
C ALA H 45 27.59 40.27 -17.95
N PRO H 46 28.51 39.91 -17.06
CA PRO H 46 29.76 39.28 -17.51
C PRO H 46 29.50 37.97 -18.24
N LYS H 47 30.44 37.63 -19.13
CA LYS H 47 30.34 36.43 -19.96
C LYS H 47 31.60 35.59 -19.76
N LEU H 48 31.40 34.32 -19.40
CA LEU H 48 32.52 33.43 -19.14
C LEU H 48 33.21 33.09 -20.45
N MET H 49 34.45 33.56 -20.61
CA MET H 49 35.24 33.25 -21.79
C MET H 49 36.21 32.11 -21.58
N ILE H 50 36.85 32.05 -20.42
CA ILE H 50 37.86 31.04 -20.10
C ILE H 50 37.64 30.56 -18.67
N TYR H 51 37.77 29.25 -18.46
CA TYR H 51 37.74 28.62 -17.14
C TYR H 51 38.81 27.52 -17.12
N ASP H 52 39.25 27.10 -15.93
CA ASP H 52 39.90 25.78 -15.86
C ASP H 52 41.13 25.71 -16.78
N VAL H 53 42.16 26.50 -16.45
CA VAL H 53 42.67 27.72 -17.08
C VAL H 53 42.68 27.66 -18.60
N SER H 54 43.07 26.55 -19.20
CA SER H 54 43.23 26.54 -20.64
C SER H 54 41.96 26.14 -21.37
N ASN H 55 40.88 25.85 -20.64
CA ASN H 55 39.63 25.40 -21.24
C ASN H 55 38.73 26.58 -21.62
N ARG H 56 37.90 26.37 -22.63
CA ARG H 56 37.00 27.35 -23.24
C ARG H 56 35.61 26.75 -23.47
N PRO H 57 34.54 27.41 -23.03
CA PRO H 57 33.21 26.84 -23.21
C PRO H 57 32.67 27.03 -24.62
N SER H 58 31.63 26.27 -24.92
CA SER H 58 31.05 26.27 -26.26
C SER H 58 30.49 27.64 -26.62
N GLY H 59 30.70 28.04 -27.89
CA GLY H 59 30.21 29.30 -28.40
C GLY H 59 31.20 30.44 -28.31
N VAL H 60 32.25 30.31 -27.49
CA VAL H 60 33.29 31.33 -27.40
C VAL H 60 34.26 31.16 -28.56
N SER H 61 34.62 32.26 -29.19
CA SER H 61 35.53 32.21 -30.34
C SER H 61 36.88 31.64 -29.92
N ASN H 62 37.46 30.83 -30.82
CA ASN H 62 38.76 30.22 -30.54
C ASN H 62 39.91 31.23 -30.54
N ARG H 63 39.63 32.49 -30.88
CA ARG H 63 40.66 33.53 -30.78
C ARG H 63 41.04 33.82 -29.33
N PHE H 64 40.22 33.39 -28.38
CA PHE H 64 40.52 33.57 -26.96
C PHE H 64 41.17 32.31 -26.41
N SER H 65 42.23 32.49 -25.64
CA SER H 65 42.94 31.36 -25.05
C SER H 65 43.58 31.80 -23.74
N GLY H 66 43.77 30.84 -22.83
CA GLY H 66 44.33 31.11 -21.54
C GLY H 66 45.54 30.25 -21.27
N SER H 67 46.36 30.71 -20.34
CA SER H 67 47.56 30.00 -19.91
C SER H 67 47.92 30.47 -18.52
N LYS H 68 48.89 29.78 -17.91
CA LYS H 68 49.37 30.14 -16.59
C LYS H 68 50.79 29.64 -16.41
N SER H 69 51.65 30.48 -15.84
CA SER H 69 53.04 30.13 -15.55
C SER H 69 53.43 30.79 -14.24
N GLY H 70 53.75 29.97 -13.24
CA GLY H 70 54.05 30.51 -11.93
C GLY H 70 52.79 31.09 -11.32
N ASP H 71 52.89 32.30 -10.77
CA ASP H 71 51.76 32.96 -10.13
C ASP H 71 51.02 33.90 -11.07
N THR H 72 51.26 33.80 -12.38
CA THR H 72 50.68 34.71 -13.36
C THR H 72 49.89 33.93 -14.40
N ALA H 73 48.61 34.25 -14.54
CA ALA H 73 47.77 33.72 -15.61
C ALA H 73 47.59 34.77 -16.70
N SER H 74 47.41 34.30 -17.93
CA SER H 74 47.35 35.21 -19.07
C SER H 74 46.20 34.84 -19.99
N LEU H 75 45.49 35.86 -20.46
CA LEU H 75 44.43 35.73 -21.45
C LEU H 75 44.92 36.32 -22.76
N THR H 76 45.03 35.49 -23.80
CA THR H 76 45.53 35.91 -25.10
C THR H 76 44.37 35.97 -26.09
N ILE H 77 44.19 37.14 -26.69
CA ILE H 77 43.15 37.37 -27.70
C ILE H 77 43.84 37.62 -29.03
N SER H 78 43.64 36.72 -29.99
CA SER H 78 44.23 36.83 -31.30
C SER H 78 43.24 37.45 -32.29
N GLY H 79 43.78 38.14 -33.29
CA GLY H 79 42.94 38.78 -34.30
C GLY H 79 41.93 39.74 -33.72
N LEU H 80 42.41 40.82 -33.10
CA LEU H 80 41.53 41.75 -32.39
C LEU H 80 40.45 42.30 -33.32
N GLN H 81 39.21 42.25 -32.86
CA GLN H 81 38.08 42.82 -33.56
C GLN H 81 37.50 43.96 -32.74
N ALA H 82 36.68 44.79 -33.39
CA ALA H 82 36.11 45.96 -32.71
C ALA H 82 35.17 45.56 -31.59
N GLU H 83 34.50 44.42 -31.71
CA GLU H 83 33.57 43.98 -30.68
C GLU H 83 34.27 43.48 -29.43
N ASP H 84 35.58 43.20 -29.50
CA ASP H 84 36.33 42.75 -28.33
C ASP H 84 36.63 43.88 -27.35
N GLU H 85 36.31 45.12 -27.70
CA GLU H 85 36.52 46.24 -26.80
C GLU H 85 35.51 46.17 -25.66
N ALA H 86 35.98 45.77 -24.49
CA ALA H 86 35.14 45.59 -23.31
C ALA H 86 36.06 45.46 -22.09
N ASP H 87 35.47 45.17 -20.93
CA ASP H 87 36.22 44.98 -19.70
C ASP H 87 36.44 43.48 -19.46
N TYR H 88 37.63 43.14 -18.97
CA TYR H 88 38.00 41.75 -18.75
C TYR H 88 38.44 41.54 -17.31
N TYR H 89 37.99 40.44 -16.71
CA TYR H 89 38.29 40.11 -15.33
C TYR H 89 38.77 38.67 -15.25
N CYS H 90 39.68 38.40 -14.31
CA CYS H 90 40.10 37.05 -14.00
C CYS H 90 39.60 36.66 -12.61
N SER H 91 39.46 35.36 -12.40
CA SER H 91 38.95 34.84 -11.14
C SER H 91 39.73 33.60 -10.75
N SER H 92 39.65 33.25 -9.47
CA SER H 92 40.42 32.12 -8.93
C SER H 92 39.80 31.67 -7.62
N TYR H 93 39.77 30.35 -7.41
CA TYR H 93 39.25 29.75 -6.18
C TYR H 93 40.42 29.24 -5.36
N THR H 94 40.52 29.69 -4.12
CA THR H 94 41.54 29.23 -3.19
C THR H 94 40.86 28.73 -1.93
N ARG H 95 41.56 27.88 -1.18
CA ARG H 95 41.07 27.52 0.15
C ARG H 95 40.93 28.74 1.05
N SER H 96 41.92 29.64 1.03
CA SER H 96 41.89 30.83 1.88
C SER H 96 40.70 31.73 1.55
N SER H 97 40.66 32.24 0.31
CA SER H 97 39.56 33.07 -0.19
C SER H 97 38.89 32.31 -1.32
N SER H 98 37.56 32.32 -1.35
CA SER H 98 36.87 31.33 -2.17
C SER H 98 36.58 31.79 -3.59
N VAL H 99 36.74 33.07 -3.92
CA VAL H 99 36.92 33.59 -5.28
C VAL H 99 37.46 35.00 -5.15
N VAL H 100 38.28 35.41 -6.10
CA VAL H 100 38.80 36.77 -6.16
C VAL H 100 38.76 37.27 -7.58
N PHE H 101 37.77 38.13 -7.88
CA PHE H 101 37.74 38.80 -9.18
C PHE H 101 38.83 39.86 -9.24
N GLY H 102 39.62 39.85 -10.32
CA GLY H 102 40.67 40.83 -10.49
C GLY H 102 40.14 42.25 -10.58
N GLY H 103 41.08 43.20 -10.50
CA GLY H 103 40.71 44.60 -10.60
C GLY H 103 40.02 44.95 -11.91
N GLY H 104 40.35 44.25 -12.97
CA GLY H 104 39.73 44.50 -14.26
C GLY H 104 40.69 45.16 -15.23
N THR H 105 40.47 44.89 -16.52
CA THR H 105 41.27 45.49 -17.59
C THR H 105 40.33 46.00 -18.67
N LYS H 106 40.43 47.28 -18.97
CA LYS H 106 39.66 47.90 -20.04
C LYS H 106 40.44 47.78 -21.33
N LEU H 107 39.92 46.99 -22.28
CA LEU H 107 40.59 46.75 -23.55
C LEU H 107 40.04 47.72 -24.58
N THR H 108 40.93 48.48 -25.22
CA THR H 108 40.57 49.49 -26.21
C THR H 108 41.08 49.05 -27.58
N VAL H 109 40.21 49.11 -28.57
CA VAL H 109 40.57 48.78 -29.95
C VAL H 109 40.82 50.09 -30.67
N LEU H 110 42.08 50.31 -31.06
CA LEU H 110 42.50 51.60 -31.60
C LEU H 110 42.12 51.69 -33.08
N GLY H 111 42.61 52.74 -33.75
CA GLY H 111 42.37 52.93 -35.16
C GLY H 111 41.22 53.87 -35.49
N GLN H 112 40.39 54.21 -34.51
CA GLN H 112 39.19 55.00 -34.76
C GLN H 112 39.53 56.49 -34.86
N PRO H 113 38.83 57.22 -35.72
CA PRO H 113 39.16 58.62 -35.95
C PRO H 113 38.81 59.50 -34.76
N LYS H 114 39.53 60.61 -34.67
CA LYS H 114 39.31 61.61 -33.64
C LYS H 114 38.06 62.43 -33.91
N ALA H 115 37.58 63.12 -32.87
CA ALA H 115 36.38 63.95 -32.98
C ALA H 115 36.43 65.03 -31.92
N ALA H 116 36.41 66.29 -32.35
CA ALA H 116 36.37 67.41 -31.42
C ALA H 116 34.95 67.56 -30.85
N PRO H 117 34.84 68.00 -29.60
CA PRO H 117 33.51 68.07 -28.97
C PRO H 117 32.70 69.27 -29.44
N SER H 118 31.40 69.03 -29.61
CA SER H 118 30.43 70.09 -29.90
C SER H 118 29.86 70.61 -28.59
N VAL H 119 30.11 71.88 -28.29
CA VAL H 119 29.79 72.45 -26.97
C VAL H 119 28.67 73.47 -27.14
N THR H 120 27.66 73.36 -26.28
CA THR H 120 26.56 74.32 -26.20
C THR H 120 26.44 74.81 -24.76
N LEU H 121 26.41 76.13 -24.59
CA LEU H 121 26.39 76.76 -23.27
C LEU H 121 25.14 77.61 -23.13
N PHE H 122 24.36 77.38 -22.07
CA PHE H 122 23.13 78.10 -21.84
C PHE H 122 23.24 78.99 -20.62
N PRO H 123 22.80 80.24 -20.69
CA PRO H 123 22.74 81.09 -19.49
C PRO H 123 21.55 80.71 -18.63
N PRO H 124 21.49 81.18 -17.38
CA PRO H 124 20.33 80.88 -16.54
C PRO H 124 19.06 81.50 -17.09
N SER H 125 17.98 80.75 -16.99
CA SER H 125 16.68 81.26 -17.44
C SER H 125 16.21 82.40 -16.56
N SER H 126 15.39 83.28 -17.13
CA SER H 126 14.75 84.33 -16.34
C SER H 126 13.82 83.72 -15.29
N GLU H 127 13.22 82.57 -15.59
CA GLU H 127 12.34 81.92 -14.63
C GLU H 127 13.11 81.37 -13.43
N GLU H 128 14.36 80.93 -13.65
CA GLU H 128 15.16 80.45 -12.54
C GLU H 128 15.68 81.60 -11.67
N LEU H 129 16.06 82.71 -12.32
CA LEU H 129 16.53 83.86 -11.56
C LEU H 129 15.44 84.45 -10.69
N GLN H 130 14.18 84.39 -11.14
CA GLN H 130 13.07 84.83 -10.31
C GLN H 130 12.90 83.97 -9.07
N ALA H 131 13.38 82.73 -9.10
CA ALA H 131 13.41 81.87 -7.92
C ALA H 131 14.69 82.07 -7.10
N ASN H 132 15.46 83.11 -7.40
CA ASN H 132 16.68 83.45 -6.67
C ASN H 132 17.73 82.34 -6.78
N LYS H 133 17.81 81.71 -7.95
CA LYS H 133 18.82 80.70 -8.23
C LYS H 133 19.37 80.93 -9.63
N ALA H 134 20.55 80.37 -9.88
CA ALA H 134 21.19 80.50 -11.19
C ALA H 134 22.02 79.24 -11.46
N THR H 135 21.89 78.68 -12.66
CA THR H 135 22.62 77.48 -13.04
C THR H 135 23.05 77.60 -14.49
N LEU H 136 24.34 77.41 -14.73
CA LEU H 136 24.92 77.42 -16.08
C LEU H 136 25.03 76.00 -16.58
N VAL H 137 24.55 75.75 -17.80
CA VAL H 137 24.52 74.42 -18.39
C VAL H 137 25.48 74.40 -19.56
N CYS H 138 26.54 73.60 -19.45
CA CYS H 138 27.51 73.39 -20.51
C CYS H 138 27.40 71.95 -20.99
N LEU H 139 26.99 71.77 -22.24
CA LEU H 139 26.70 70.45 -22.79
C LEU H 139 27.77 70.06 -23.81
N ILE H 140 28.39 68.90 -23.60
CA ILE H 140 29.48 68.42 -24.43
C ILE H 140 29.01 67.19 -25.18
N SER H 141 29.22 67.19 -26.51
CA SER H 141 28.65 66.19 -27.39
C SER H 141 29.64 65.79 -28.47
N ASP H 142 29.60 64.52 -28.86
CA ASP H 142 30.27 64.01 -30.06
C ASP H 142 31.79 64.23 -30.03
N PHE H 143 32.43 63.64 -29.01
CA PHE H 143 33.88 63.62 -28.94
C PHE H 143 34.36 62.19 -28.76
N TYR H 144 35.55 61.92 -29.30
CA TYR H 144 36.09 60.56 -29.43
C TYR H 144 37.59 60.58 -29.18
N PRO H 145 38.10 59.83 -28.19
CA PRO H 145 37.36 59.01 -27.23
C PRO H 145 36.77 59.81 -26.08
N GLY H 146 36.18 59.09 -25.12
CA GLY H 146 35.48 59.73 -24.02
C GLY H 146 36.35 60.17 -22.86
N ALA H 147 37.35 61.01 -23.15
CA ALA H 147 38.19 61.60 -22.12
C ALA H 147 38.22 63.10 -22.34
N VAL H 148 37.85 63.87 -21.30
CA VAL H 148 37.73 65.31 -21.41
C VAL H 148 37.77 65.91 -20.02
N THR H 149 38.14 67.18 -19.93
CA THR H 149 38.12 67.93 -18.68
C THR H 149 37.60 69.33 -18.95
N VAL H 150 36.89 69.88 -17.96
CA VAL H 150 36.17 71.14 -18.11
C VAL H 150 36.70 72.14 -17.08
N ALA H 151 36.81 73.40 -17.51
CA ALA H 151 37.21 74.49 -16.63
C ALA H 151 36.26 75.66 -16.84
N TRP H 152 35.75 76.21 -15.74
CA TRP H 152 34.85 77.35 -15.78
C TRP H 152 35.59 78.62 -15.42
N LYS H 153 35.17 79.73 -16.04
CA LYS H 153 35.81 81.02 -15.82
C LYS H 153 34.75 82.12 -15.87
N ALA H 154 35.10 83.26 -15.27
CA ALA H 154 34.25 84.46 -15.32
C ALA H 154 35.19 85.65 -15.47
N ASP H 155 35.23 86.21 -16.68
CA ASP H 155 36.10 87.34 -17.02
C ASP H 155 37.56 86.99 -16.77
N SER H 156 38.01 85.92 -17.44
CA SER H 156 39.38 85.43 -17.43
C SER H 156 39.81 84.89 -16.07
N SER H 157 38.93 84.85 -15.08
CA SER H 157 39.29 84.41 -13.74
C SER H 157 38.74 83.01 -13.51
N PRO H 158 39.58 82.02 -13.22
CA PRO H 158 39.08 80.66 -13.02
C PRO H 158 38.26 80.54 -11.76
N VAL H 159 37.20 79.73 -11.83
CA VAL H 159 36.28 79.51 -10.71
C VAL H 159 36.08 78.01 -10.54
N LYS H 160 36.14 77.54 -9.29
CA LYS H 160 35.88 76.15 -8.97
C LYS H 160 34.61 75.95 -8.15
N ALA H 161 34.09 77.00 -7.52
CA ALA H 161 33.00 76.85 -6.57
C ALA H 161 31.69 76.55 -7.29
N GLY H 162 31.04 75.47 -6.88
CA GLY H 162 29.75 75.12 -7.44
C GLY H 162 29.81 74.47 -8.81
N VAL H 163 30.79 73.60 -9.03
CA VAL H 163 30.96 72.94 -10.32
C VAL H 163 30.67 71.46 -10.13
N GLU H 164 29.71 70.95 -10.90
CA GLU H 164 29.34 69.53 -10.90
C GLU H 164 29.44 69.03 -12.34
N THR H 165 30.40 68.13 -12.59
CA THR H 165 30.66 67.63 -13.93
C THR H 165 30.43 66.12 -13.96
N THR H 166 29.74 65.65 -14.99
CA THR H 166 29.43 64.25 -15.15
C THR H 166 30.59 63.50 -15.78
N THR H 167 30.56 62.18 -15.64
CA THR H 167 31.52 61.34 -16.32
C THR H 167 31.06 61.09 -17.75
N PRO H 168 32.00 60.91 -18.69
CA PRO H 168 31.62 60.69 -20.07
C PRO H 168 30.83 59.39 -20.23
N SER H 169 29.96 59.36 -21.22
CA SER H 169 29.10 58.21 -21.48
C SER H 169 28.94 58.02 -22.98
N LYS H 170 29.02 56.77 -23.42
CA LYS H 170 28.96 56.47 -24.84
C LYS H 170 27.55 56.66 -25.39
N GLN H 171 27.45 57.35 -26.52
CA GLN H 171 26.16 57.59 -27.17
C GLN H 171 25.79 56.37 -28.01
N SER H 172 24.70 56.49 -28.78
CA SER H 172 24.29 55.43 -29.70
C SER H 172 25.11 55.40 -30.98
N ASN H 173 25.98 56.39 -31.20
CA ASN H 173 26.79 56.50 -32.40
C ASN H 173 28.27 56.21 -32.13
N ASN H 174 28.57 55.58 -30.99
CA ASN H 174 29.91 55.18 -30.56
C ASN H 174 30.80 56.37 -30.21
N LYS H 175 30.24 57.56 -30.07
CA LYS H 175 30.93 58.71 -29.51
C LYS H 175 30.40 58.98 -28.11
N TYR H 176 31.03 59.93 -27.41
CA TYR H 176 30.76 60.14 -26.00
C TYR H 176 30.19 61.53 -25.76
N ALA H 177 29.48 61.66 -24.63
CA ALA H 177 28.85 62.91 -24.23
C ALA H 177 29.07 63.13 -22.75
N ALA H 178 29.06 64.41 -22.36
CA ALA H 178 29.21 64.79 -20.96
C ALA H 178 28.56 66.14 -20.76
N SER H 179 28.41 66.53 -19.49
CA SER H 179 27.78 67.79 -19.15
C SER H 179 28.34 68.31 -17.83
N SER H 180 28.43 69.63 -17.71
CA SER H 180 28.96 70.29 -16.54
C SER H 180 28.02 71.42 -16.13
N TYR H 181 27.82 71.58 -14.82
CA TYR H 181 26.90 72.57 -14.29
C TYR H 181 27.63 73.49 -13.31
N LEU H 182 27.42 74.79 -13.46
CA LEU H 182 27.99 75.79 -12.57
C LEU H 182 26.85 76.48 -11.83
N SER H 183 26.86 76.38 -10.50
CA SER H 183 25.83 76.98 -9.66
C SER H 183 26.31 78.34 -9.17
N LEU H 184 25.41 79.33 -9.25
CA LEU H 184 25.74 80.70 -8.88
C LEU H 184 24.53 81.34 -8.22
N THR H 185 24.80 82.33 -7.36
CA THR H 185 23.73 83.20 -6.91
C THR H 185 23.45 84.25 -7.99
N PRO H 186 22.21 84.74 -8.08
CA PRO H 186 21.90 85.75 -9.10
C PRO H 186 22.78 86.99 -9.03
N GLU H 187 23.41 87.26 -7.90
CA GLU H 187 24.35 88.38 -7.81
C GLU H 187 25.62 88.10 -8.60
N GLN H 188 26.22 86.92 -8.38
CA GLN H 188 27.44 86.53 -9.08
C GLN H 188 27.25 86.48 -10.59
N TRP H 189 26.03 86.26 -11.06
CA TRP H 189 25.78 86.11 -12.48
C TRP H 189 25.81 87.46 -13.21
N LYS H 190 25.03 88.43 -12.73
CA LYS H 190 24.92 89.71 -13.41
C LYS H 190 25.97 90.73 -12.97
N SER H 191 26.67 90.48 -11.86
CA SER H 191 27.74 91.40 -11.48
C SER H 191 28.97 91.22 -12.35
N HIS H 192 29.25 89.99 -12.77
CA HIS H 192 30.40 89.74 -13.63
C HIS H 192 30.07 90.07 -15.08
N ARG H 193 31.13 90.20 -15.89
CA ARG H 193 30.95 90.62 -17.28
C ARG H 193 30.42 89.46 -18.13
N SER H 194 31.00 88.28 -17.99
CA SER H 194 30.56 87.11 -18.74
C SER H 194 31.04 85.86 -18.02
N TYR H 195 30.58 84.71 -18.51
CA TYR H 195 31.00 83.41 -18.03
C TYR H 195 31.33 82.52 -19.21
N SER H 196 32.36 81.69 -19.06
CA SER H 196 32.84 80.85 -20.15
C SER H 196 33.00 79.41 -19.67
N CYS H 197 32.72 78.47 -20.57
CA CYS H 197 32.93 77.05 -20.33
C CYS H 197 33.96 76.56 -21.34
N GLN H 198 35.15 76.21 -20.88
CA GLN H 198 36.23 75.76 -21.73
C GLN H 198 36.35 74.24 -21.63
N VAL H 199 36.29 73.57 -22.77
CA VAL H 199 36.27 72.12 -22.85
C VAL H 199 37.53 71.71 -23.62
N THR H 200 38.53 71.20 -22.89
CA THR H 200 39.80 70.80 -23.47
C THR H 200 39.76 69.30 -23.78
N HIS H 201 39.96 68.96 -25.05
CA HIS H 201 39.88 67.58 -25.53
C HIS H 201 41.08 67.28 -26.40
N GLU H 202 41.95 66.38 -25.91
CA GLU H 202 43.17 65.98 -26.63
C GLU H 202 44.06 67.19 -26.94
N GLY H 203 44.20 68.08 -25.96
CA GLY H 203 44.97 69.29 -26.14
C GLY H 203 44.26 70.41 -26.87
N SER H 204 43.24 70.10 -27.66
CA SER H 204 42.47 71.11 -28.39
C SER H 204 41.33 71.57 -27.51
N THR H 205 41.28 72.88 -27.26
CA THR H 205 40.29 73.47 -26.36
C THR H 205 39.28 74.27 -27.17
N VAL H 206 38.00 73.92 -27.02
CA VAL H 206 36.89 74.69 -27.57
C VAL H 206 36.22 75.43 -26.43
N GLU H 207 35.77 76.66 -26.71
CA GLU H 207 35.24 77.55 -25.68
C GLU H 207 33.94 78.17 -26.13
N LYS H 208 33.06 78.41 -25.16
CA LYS H 208 31.79 79.10 -25.39
C LYS H 208 31.55 80.05 -24.23
N THR H 209 30.90 81.17 -24.53
CA THR H 209 30.76 82.25 -23.55
C THR H 209 29.35 82.80 -23.60
N VAL H 210 28.79 83.08 -22.42
CA VAL H 210 27.48 83.71 -22.28
C VAL H 210 27.61 84.90 -21.34
N ALA H 211 26.65 85.82 -21.45
CA ALA H 211 26.66 87.04 -20.65
C ALA H 211 25.24 87.54 -20.51
N PRO H 212 24.90 88.20 -19.39
CA PRO H 212 23.55 88.74 -19.18
C PRO H 212 23.23 89.90 -20.11
N GLU I 1 -20.74 -11.41 -26.89
CA GLU I 1 -19.45 -11.81 -27.46
C GLU I 1 -18.46 -10.65 -27.41
N VAL I 2 -17.23 -10.92 -27.84
CA VAL I 2 -16.13 -9.97 -27.77
C VAL I 2 -15.98 -9.26 -29.10
N GLN I 3 -15.66 -7.97 -29.05
CA GLN I 3 -15.41 -7.17 -30.24
C GLN I 3 -14.06 -6.49 -30.14
N LEU I 4 -13.27 -6.57 -31.21
CA LEU I 4 -11.98 -5.90 -31.31
C LEU I 4 -12.10 -4.73 -32.26
N VAL I 5 -11.89 -3.52 -31.74
CA VAL I 5 -12.01 -2.29 -32.52
C VAL I 5 -10.61 -1.76 -32.77
N GLN I 6 -10.27 -1.57 -34.05
CA GLN I 6 -8.96 -1.09 -34.46
C GLN I 6 -9.04 0.37 -34.89
N SER I 7 -7.88 1.01 -34.95
CA SER I 7 -7.78 2.40 -35.38
C SER I 7 -8.01 2.51 -36.88
N GLY I 8 -8.18 3.74 -37.35
CA GLY I 8 -8.46 4.00 -38.74
C GLY I 8 -7.26 3.74 -39.65
N ALA I 9 -7.49 4.00 -40.94
CA ALA I 9 -6.47 3.78 -41.95
C ALA I 9 -5.29 4.71 -41.74
N GLU I 10 -4.15 4.32 -42.31
CA GLU I 10 -2.90 5.07 -42.14
C GLU I 10 -2.13 5.10 -43.45
N VAL I 11 -1.52 6.24 -43.74
CA VAL I 11 -0.65 6.43 -44.90
C VAL I 11 0.68 7.00 -44.41
N LYS I 12 1.78 6.39 -44.84
CA LYS I 12 3.09 6.73 -44.33
C LYS I 12 4.12 6.78 -45.46
N LYS I 13 5.09 7.67 -45.31
CA LYS I 13 6.27 7.70 -46.18
C LYS I 13 7.28 6.66 -45.72
N PRO I 14 8.18 6.22 -46.62
CA PRO I 14 9.10 5.16 -46.24
C PRO I 14 10.12 5.64 -45.21
N GLY I 15 10.52 4.74 -44.33
CA GLY I 15 11.42 5.05 -43.24
C GLY I 15 10.74 5.51 -41.97
N SER I 16 9.46 5.88 -42.05
CA SER I 16 8.70 6.31 -40.88
C SER I 16 8.18 5.09 -40.14
N SER I 17 7.31 5.31 -39.16
CA SER I 17 6.73 4.24 -38.36
C SER I 17 5.23 4.45 -38.21
N VAL I 18 4.54 3.37 -37.87
CA VAL I 18 3.09 3.38 -37.69
C VAL I 18 2.75 2.59 -36.44
N LYS I 19 1.72 3.04 -35.72
CA LYS I 19 1.25 2.37 -34.51
C LYS I 19 -0.26 2.19 -34.62
N VAL I 20 -0.72 0.95 -34.51
CA VAL I 20 -2.13 0.61 -34.65
C VAL I 20 -2.64 0.13 -33.30
N SER I 21 -3.82 0.62 -32.91
CA SER I 21 -4.44 0.27 -31.65
C SER I 21 -5.46 -0.84 -31.86
N CYS I 22 -5.73 -1.57 -30.77
CA CYS I 22 -6.67 -2.69 -30.79
C CYS I 22 -7.40 -2.71 -29.45
N LYS I 23 -8.60 -2.13 -29.44
CA LYS I 23 -9.38 -1.98 -28.21
C LYS I 23 -10.31 -3.17 -28.06
N ALA I 24 -10.07 -3.99 -27.05
CA ALA I 24 -10.89 -5.16 -26.75
C ALA I 24 -12.15 -4.71 -26.04
N SER I 25 -13.20 -4.43 -26.82
CA SER I 25 -14.49 -3.98 -26.28
C SER I 25 -15.29 -5.20 -25.82
N GLY I 26 -14.79 -5.83 -24.76
CA GLY I 26 -15.46 -6.96 -24.14
C GLY I 26 -14.89 -7.33 -22.78
N GLY I 27 -14.99 -8.61 -22.43
CA GLY I 27 -14.46 -9.16 -21.19
C GLY I 27 -13.01 -9.62 -21.19
N PRO I 28 -12.65 -10.49 -22.16
CA PRO I 28 -11.42 -11.30 -22.05
C PRO I 28 -10.13 -10.64 -21.57
N PHE I 29 -9.88 -9.38 -21.92
CA PHE I 29 -8.54 -8.93 -22.31
C PHE I 29 -7.38 -9.50 -21.50
N SER I 30 -7.43 -9.44 -20.17
CA SER I 30 -6.22 -9.60 -19.37
C SER I 30 -5.50 -10.93 -19.64
N SER I 31 -6.16 -12.05 -19.37
CA SER I 31 -5.54 -13.36 -19.58
C SER I 31 -5.90 -13.95 -20.94
N TYR I 32 -5.47 -13.29 -22.00
CA TYR I 32 -5.71 -13.80 -23.35
C TYR I 32 -4.60 -13.32 -24.28
N GLY I 33 -4.11 -14.23 -25.13
CA GLY I 33 -3.08 -13.89 -26.08
C GLY I 33 -3.65 -13.16 -27.28
N PHE I 34 -3.02 -12.04 -27.64
CA PHE I 34 -3.42 -11.22 -28.78
C PHE I 34 -2.34 -11.27 -29.85
N SER I 35 -2.74 -11.57 -31.08
CA SER I 35 -1.82 -11.67 -32.20
C SER I 35 -2.07 -10.55 -33.20
N TRP I 36 -1.03 -10.21 -33.96
CA TRP I 36 -1.11 -9.23 -35.04
C TRP I 36 -0.74 -9.89 -36.35
N VAL I 37 -1.71 -9.98 -37.26
CA VAL I 37 -1.54 -10.62 -38.56
C VAL I 37 -1.80 -9.61 -39.66
N ARG I 38 -0.90 -9.52 -40.62
CA ARG I 38 -1.04 -8.63 -41.77
C ARG I 38 -1.22 -9.46 -43.04
N GLN I 39 -1.86 -8.84 -44.03
CA GLN I 39 -2.15 -9.51 -45.29
C GLN I 39 -2.00 -8.49 -46.43
N ALA I 40 -0.99 -8.71 -47.27
CA ALA I 40 -0.82 -7.90 -48.46
C ALA I 40 -2.00 -8.10 -49.40
N PRO I 41 -2.36 -7.10 -50.20
CA PRO I 41 -3.50 -7.24 -51.11
C PRO I 41 -3.30 -8.40 -52.08
N GLY I 42 -4.25 -9.33 -52.07
CA GLY I 42 -4.16 -10.50 -52.93
C GLY I 42 -3.12 -11.52 -52.52
N GLN I 43 -2.65 -11.48 -51.28
CA GLN I 43 -1.63 -12.41 -50.78
C GLN I 43 -2.13 -13.11 -49.53
N GLY I 44 -1.24 -13.91 -48.93
CA GLY I 44 -1.61 -14.71 -47.78
C GLY I 44 -1.42 -14.00 -46.45
N LEU I 45 -1.89 -14.66 -45.39
CA LEU I 45 -1.78 -14.10 -44.05
C LEU I 45 -0.37 -14.29 -43.50
N GLU I 46 0.13 -13.28 -42.81
CA GLU I 46 1.47 -13.30 -42.24
C GLU I 46 1.41 -12.78 -40.80
N TRP I 47 1.84 -13.62 -39.87
CA TRP I 47 1.84 -13.28 -38.45
C TRP I 47 3.12 -12.56 -38.07
N MET I 48 2.98 -11.42 -37.40
CA MET I 48 4.11 -10.59 -37.01
C MET I 48 4.52 -10.80 -35.56
N GLY I 49 3.56 -10.80 -34.64
CA GLY I 49 3.90 -10.97 -33.24
C GLY I 49 2.67 -11.22 -32.40
N GLY I 50 2.94 -11.57 -31.14
CA GLY I 50 1.87 -11.84 -30.18
C GLY I 50 2.29 -11.39 -28.81
N ILE I 51 1.28 -11.22 -27.95
CA ILE I 51 1.52 -10.69 -26.60
C ILE I 51 0.53 -11.33 -25.64
N ILE I 52 0.99 -11.57 -24.42
CA ILE I 52 0.14 -12.01 -23.31
C ILE I 52 0.23 -10.95 -22.22
N PRO I 53 -0.81 -10.11 -22.09
CA PRO I 53 -0.69 -8.94 -21.19
C PRO I 53 -0.48 -9.30 -19.73
N VAL I 54 -1.13 -10.36 -19.24
CA VAL I 54 -1.01 -10.71 -17.83
C VAL I 54 0.44 -11.06 -17.49
N TYR I 55 1.13 -11.74 -18.39
CA TYR I 55 2.51 -12.13 -18.15
C TYR I 55 3.53 -11.12 -18.67
N GLY I 56 3.09 -10.10 -19.40
CA GLY I 56 4.00 -9.11 -19.93
C GLY I 56 5.03 -9.68 -20.88
N THR I 57 4.67 -10.69 -21.66
CA THR I 57 5.59 -11.38 -22.55
C THR I 57 5.15 -11.20 -23.99
N THR I 58 6.14 -11.14 -24.89
CA THR I 58 5.89 -10.98 -26.31
C THR I 58 6.73 -11.98 -27.10
N ASN I 59 6.21 -12.34 -28.27
CA ASN I 59 6.89 -13.25 -29.19
C ASN I 59 6.76 -12.68 -30.59
N TYR I 60 7.88 -12.48 -31.27
CA TYR I 60 7.90 -11.87 -32.60
C TYR I 60 8.42 -12.84 -33.62
N ALA I 61 7.87 -12.77 -34.84
CA ALA I 61 8.39 -13.55 -35.95
C ALA I 61 9.77 -13.07 -36.33
N GLN I 62 10.61 -14.00 -36.79
CA GLN I 62 12.00 -13.68 -37.11
C GLN I 62 12.11 -12.64 -38.22
N LYS I 63 11.08 -12.51 -39.05
CA LYS I 63 11.13 -11.52 -40.13
C LYS I 63 11.03 -10.09 -39.61
N PHE I 64 10.32 -9.89 -38.50
CA PHE I 64 10.05 -8.55 -37.99
C PHE I 64 10.86 -8.22 -36.73
N GLN I 65 11.78 -9.08 -36.33
CA GLN I 65 12.58 -8.81 -35.13
C GLN I 65 13.41 -7.56 -35.31
N GLY I 66 13.23 -6.59 -34.42
CA GLY I 66 14.01 -5.37 -34.40
C GLY I 66 13.22 -4.14 -34.78
N ARG I 67 12.17 -4.29 -35.59
CA ARG I 67 11.39 -3.15 -36.05
C ARG I 67 9.90 -3.29 -35.74
N VAL I 68 9.49 -4.32 -35.00
CA VAL I 68 8.12 -4.46 -34.54
C VAL I 68 8.11 -4.41 -33.02
N THR I 69 7.05 -3.81 -32.46
CA THR I 69 6.91 -3.71 -31.02
C THR I 69 5.44 -3.78 -30.66
N ILE I 70 5.08 -4.77 -29.84
CA ILE I 70 3.70 -5.01 -29.44
C ILE I 70 3.58 -4.73 -27.95
N THR I 71 2.73 -3.77 -27.60
CA THR I 71 2.51 -3.39 -26.22
C THR I 71 1.03 -3.53 -25.88
N ALA I 72 0.74 -3.60 -24.58
CA ALA I 72 -0.62 -3.75 -24.09
C ALA I 72 -0.89 -2.73 -23.00
N ASP I 73 -2.18 -2.43 -22.80
CA ASP I 73 -2.64 -1.52 -21.75
C ASP I 73 -3.74 -2.26 -20.99
N GLU I 74 -3.40 -2.81 -19.83
CA GLU I 74 -4.36 -3.61 -19.07
C GLU I 74 -5.55 -2.80 -18.58
N SER I 75 -5.36 -1.50 -18.38
CA SER I 75 -6.45 -0.67 -17.85
C SER I 75 -7.57 -0.51 -18.88
N THR I 76 -7.23 0.00 -20.06
CA THR I 76 -8.22 0.27 -21.11
C THR I 76 -8.51 -0.94 -21.99
N SER I 77 -7.88 -2.09 -21.73
CA SER I 77 -8.05 -3.29 -22.54
C SER I 77 -7.75 -3.01 -24.01
N THR I 78 -6.54 -2.53 -24.26
CA THR I 78 -6.11 -2.12 -25.59
C THR I 78 -4.74 -2.70 -25.90
N ALA I 79 -4.57 -3.17 -27.12
CA ALA I 79 -3.30 -3.70 -27.61
C ALA I 79 -2.77 -2.81 -28.73
N TYR I 80 -1.45 -2.77 -28.87
CA TYR I 80 -0.80 -1.89 -29.84
C TYR I 80 0.25 -2.66 -30.62
N MET I 81 0.44 -2.25 -31.87
CA MET I 81 1.47 -2.80 -32.74
C MET I 81 2.16 -1.65 -33.44
N GLU I 82 3.47 -1.54 -33.24
CA GLU I 82 4.26 -0.46 -33.83
C GLU I 82 5.31 -1.07 -34.75
N LEU I 83 5.27 -0.71 -36.03
CA LEU I 83 6.22 -1.17 -37.03
C LEU I 83 7.03 0.01 -37.53
N SER I 84 8.34 -0.06 -37.36
CA SER I 84 9.25 1.01 -37.74
C SER I 84 10.03 0.63 -39.00
N SER I 85 10.76 1.61 -39.54
CA SER I 85 11.50 1.45 -40.80
C SER I 85 10.59 0.94 -41.90
N LEU I 86 9.47 1.64 -42.10
CA LEU I 86 8.45 1.20 -43.03
C LEU I 86 8.97 1.20 -44.47
N LYS I 87 8.75 0.09 -45.17
CA LYS I 87 9.06 -0.06 -46.57
C LYS I 87 7.77 -0.26 -47.36
N SER I 88 7.85 -0.02 -48.67
CA SER I 88 6.66 -0.15 -49.51
C SER I 88 6.07 -1.55 -49.50
N GLU I 89 6.90 -2.56 -49.20
CA GLU I 89 6.41 -3.93 -49.10
C GLU I 89 5.59 -4.17 -47.84
N ASP I 90 5.55 -3.21 -46.91
CA ASP I 90 4.74 -3.33 -45.71
C ASP I 90 3.30 -2.88 -45.91
N THR I 91 2.96 -2.44 -47.12
CA THR I 91 1.59 -2.02 -47.42
C THR I 91 0.68 -3.25 -47.37
N ALA I 92 -0.22 -3.28 -46.39
CA ALA I 92 -1.10 -4.43 -46.19
C ALA I 92 -2.20 -4.02 -45.21
N VAL I 93 -3.14 -4.94 -45.02
CA VAL I 93 -4.19 -4.79 -44.01
C VAL I 93 -3.73 -5.51 -42.75
N TYR I 94 -3.69 -4.78 -41.64
CA TYR I 94 -3.14 -5.29 -40.39
C TYR I 94 -4.28 -5.61 -39.43
N TYR I 95 -4.38 -6.88 -39.04
CA TYR I 95 -5.42 -7.37 -38.15
C TYR I 95 -4.86 -7.67 -36.78
N CYS I 96 -5.70 -7.50 -35.76
CA CYS I 96 -5.42 -7.96 -34.41
C CYS I 96 -6.49 -8.97 -34.03
N ALA I 97 -6.07 -10.11 -33.48
CA ALA I 97 -6.99 -11.20 -33.22
C ALA I 97 -6.66 -11.86 -31.89
N ARG I 98 -7.65 -11.93 -31.02
CA ARG I 98 -7.51 -12.61 -29.74
C ARG I 98 -7.49 -14.13 -29.95
N ASP I 99 -6.94 -14.84 -28.96
CA ASP I 99 -6.95 -16.30 -28.98
C ASP I 99 -8.30 -16.82 -28.49
N LEU I 100 -8.47 -18.14 -28.56
CA LEU I 100 -9.75 -18.75 -28.27
C LEU I 100 -9.89 -19.23 -26.84
N GLN I 101 -8.78 -19.49 -26.14
CA GLN I 101 -8.83 -20.03 -24.79
C GLN I 101 -7.94 -19.22 -23.87
N ARG I 102 -8.31 -19.19 -22.58
CA ARG I 102 -7.52 -18.52 -21.57
C ARG I 102 -6.12 -19.10 -21.51
N THR I 103 -5.13 -18.23 -21.32
CA THR I 103 -3.75 -18.69 -21.26
C THR I 103 -3.57 -19.66 -20.09
N PRO I 104 -2.73 -20.68 -20.24
CA PRO I 104 -2.44 -21.57 -19.12
C PRO I 104 -1.56 -20.89 -18.08
N MET I 105 -1.61 -21.43 -16.86
CA MET I 105 -0.81 -20.87 -15.77
C MET I 105 0.63 -21.30 -15.93
N VAL I 106 1.53 -20.32 -16.03
CA VAL I 106 2.95 -20.56 -16.21
C VAL I 106 3.66 -20.03 -14.97
N ASP I 107 4.24 -20.95 -14.18
CA ASP I 107 4.98 -20.53 -13.00
C ASP I 107 6.37 -20.03 -13.36
N ARG I 108 7.00 -20.62 -14.37
CA ARG I 108 8.32 -20.20 -14.85
C ARG I 108 8.13 -19.54 -16.21
N ILE I 109 7.98 -18.22 -16.19
CA ILE I 109 7.62 -17.46 -17.38
C ILE I 109 8.87 -17.13 -18.18
N ILE I 110 8.94 -17.62 -19.41
CA ILE I 110 9.96 -17.20 -20.36
C ILE I 110 9.58 -15.85 -20.93
N GLY I 111 10.56 -14.96 -21.07
CA GLY I 111 10.30 -13.63 -21.60
C GLY I 111 9.70 -13.61 -22.99
N SER I 112 9.90 -14.69 -23.78
CA SER I 112 9.34 -14.80 -25.11
C SER I 112 8.19 -15.80 -25.18
N TYR I 113 7.53 -16.07 -24.06
CA TYR I 113 6.50 -17.09 -24.02
C TYR I 113 5.25 -16.65 -24.78
N TYR I 114 4.64 -17.60 -25.49
CA TYR I 114 3.37 -17.37 -26.16
C TYR I 114 2.71 -18.71 -26.41
N TYR I 115 1.37 -18.69 -26.45
CA TYR I 115 0.56 -19.87 -26.70
C TYR I 115 -0.37 -19.60 -27.87
N TYR I 116 -0.78 -20.66 -28.55
CA TYR I 116 -1.64 -20.51 -29.73
C TYR I 116 -2.56 -21.70 -29.86
N ASN I 117 -3.84 -21.51 -29.57
CA ASN I 117 -4.87 -22.49 -29.86
C ASN I 117 -5.63 -22.17 -31.14
N GLY I 118 -6.01 -20.91 -31.32
CA GLY I 118 -6.70 -20.47 -32.52
C GLY I 118 -7.30 -19.09 -32.34
N LEU I 119 -7.23 -18.27 -33.39
CA LEU I 119 -7.72 -16.89 -33.32
C LEU I 119 -9.17 -16.87 -33.81
N ASP I 120 -10.11 -16.86 -32.86
CA ASP I 120 -11.51 -16.91 -33.20
C ASP I 120 -12.17 -15.53 -33.27
N VAL I 121 -11.62 -14.53 -32.59
CA VAL I 121 -12.17 -13.19 -32.57
C VAL I 121 -11.15 -12.26 -33.22
N TRP I 122 -11.56 -11.62 -34.31
CA TRP I 122 -10.70 -10.75 -35.10
C TRP I 122 -11.27 -9.33 -35.12
N GLY I 123 -10.37 -8.36 -35.33
CA GLY I 123 -10.79 -7.00 -35.54
C GLY I 123 -11.14 -6.72 -36.99
N GLN I 124 -11.67 -5.52 -37.23
CA GLN I 124 -12.10 -5.15 -38.57
C GLN I 124 -10.94 -4.89 -39.53
N GLY I 125 -9.72 -4.78 -39.01
CA GLY I 125 -8.57 -4.56 -39.88
C GLY I 125 -8.24 -3.09 -40.04
N THR I 126 -6.96 -2.83 -40.28
CA THR I 126 -6.46 -1.47 -40.47
C THR I 126 -5.59 -1.45 -41.73
N THR I 127 -5.97 -0.62 -42.69
CA THR I 127 -5.23 -0.49 -43.94
C THR I 127 -4.07 0.47 -43.75
N VAL I 128 -2.86 -0.01 -44.02
CA VAL I 128 -1.63 0.78 -43.91
C VAL I 128 -0.99 0.84 -45.29
N THR I 129 -1.01 2.02 -45.91
CA THR I 129 -0.43 2.22 -47.23
C THR I 129 0.91 2.92 -47.07
N VAL I 130 1.98 2.22 -47.44
CA VAL I 130 3.35 2.76 -47.37
C VAL I 130 3.77 3.10 -48.79
N SER I 131 3.75 4.38 -49.12
CA SER I 131 4.24 4.91 -50.38
C SER I 131 5.30 5.98 -50.11
N SER I 132 5.91 6.47 -51.19
CA SER I 132 6.77 7.64 -51.12
C SER I 132 6.21 8.84 -51.86
N ALA I 133 5.10 8.67 -52.59
CA ALA I 133 4.50 9.76 -53.34
C ALA I 133 3.88 10.79 -52.39
N SER I 134 3.73 12.01 -52.90
CA SER I 134 3.12 13.11 -52.17
C SER I 134 1.66 13.25 -52.56
N THR I 135 0.89 13.90 -51.68
CA THR I 135 -0.52 14.13 -51.93
C THR I 135 -0.69 15.05 -53.13
N LYS I 136 -1.56 14.65 -54.06
CA LYS I 136 -1.78 15.41 -55.29
C LYS I 136 -3.25 15.29 -55.70
N GLY I 137 -3.83 16.44 -56.07
CA GLY I 137 -5.19 16.45 -56.56
C GLY I 137 -5.28 15.97 -57.99
N PRO I 138 -6.41 15.36 -58.35
CA PRO I 138 -6.54 14.78 -59.69
C PRO I 138 -6.99 15.78 -60.74
N SER I 139 -6.59 15.50 -61.98
CA SER I 139 -7.10 16.20 -63.15
C SER I 139 -8.29 15.41 -63.69
N VAL I 140 -9.42 16.08 -63.87
CA VAL I 140 -10.66 15.43 -64.29
C VAL I 140 -10.91 15.82 -65.74
N PHE I 141 -10.99 14.83 -66.61
CA PHE I 141 -11.27 15.03 -68.02
C PHE I 141 -12.53 14.27 -68.42
N PRO I 142 -13.39 14.87 -69.23
CA PRO I 142 -14.61 14.18 -69.66
C PRO I 142 -14.30 13.05 -70.64
N LEU I 143 -15.21 12.07 -70.67
CA LEU I 143 -15.16 10.99 -71.66
C LEU I 143 -16.41 11.14 -72.54
N ALA I 144 -16.24 11.78 -73.69
CA ALA I 144 -17.38 12.11 -74.54
C ALA I 144 -18.04 10.84 -75.07
N PRO I 145 -19.37 10.80 -75.14
CA PRO I 145 -20.04 9.62 -75.69
C PRO I 145 -19.74 9.45 -77.17
N SER I 146 -19.57 8.19 -77.58
CA SER I 146 -19.27 7.89 -78.98
C SER I 146 -20.51 8.02 -79.84
N SER I 147 -21.59 7.34 -79.47
CA SER I 147 -22.79 7.31 -80.31
C SER I 147 -23.54 8.63 -80.21
N LYS I 148 -24.49 8.80 -81.12
CA LYS I 148 -25.28 10.02 -81.24
C LYS I 148 -26.67 9.79 -80.65
N SER I 149 -27.48 10.86 -80.64
CA SER I 149 -28.82 10.78 -80.07
C SER I 149 -29.80 10.05 -80.98
N THR I 150 -29.46 9.82 -82.24
CA THR I 150 -30.32 9.14 -83.19
C THR I 150 -29.89 7.71 -83.47
N SER I 151 -28.76 7.26 -82.91
CA SER I 151 -28.26 5.92 -83.15
C SER I 151 -29.03 4.85 -82.37
N GLY I 152 -29.93 5.24 -81.48
CA GLY I 152 -30.76 4.28 -80.78
C GLY I 152 -30.02 3.44 -79.75
N GLY I 153 -30.77 2.69 -78.95
CA GLY I 153 -30.15 1.81 -77.97
C GLY I 153 -29.70 2.60 -76.77
N THR I 154 -28.44 2.38 -76.36
CA THR I 154 -27.87 3.05 -75.21
C THR I 154 -26.51 3.61 -75.57
N ALA I 155 -26.09 4.62 -74.81
CA ALA I 155 -24.80 5.27 -75.00
C ALA I 155 -24.04 5.27 -73.68
N ALA I 156 -22.72 5.47 -73.78
CA ALA I 156 -21.85 5.46 -72.61
C ALA I 156 -21.01 6.73 -72.59
N LEU I 157 -20.99 7.40 -71.44
CA LEU I 157 -20.15 8.57 -71.22
C LEU I 157 -19.59 8.51 -69.81
N GLY I 158 -18.50 9.23 -69.59
CA GLY I 158 -17.89 9.20 -68.28
C GLY I 158 -16.87 10.28 -68.08
N CYS I 159 -16.06 10.10 -67.02
CA CYS I 159 -15.04 11.05 -66.62
C CYS I 159 -13.76 10.31 -66.26
N LEU I 160 -12.63 10.93 -66.55
CA LEU I 160 -11.31 10.36 -66.27
C LEU I 160 -10.69 11.11 -65.10
N VAL I 161 -10.37 10.38 -64.04
CA VAL I 161 -9.75 10.94 -62.84
C VAL I 161 -8.32 10.44 -62.81
N LYS I 162 -7.38 11.31 -63.18
CA LYS I 162 -6.00 10.94 -63.48
C LYS I 162 -5.03 11.54 -62.48
N ASP I 163 -4.01 10.76 -62.13
CA ASP I 163 -2.82 11.25 -61.41
C ASP I 163 -3.19 11.91 -60.07
N TYR I 164 -3.79 11.12 -59.19
CA TYR I 164 -4.09 11.56 -57.83
C TYR I 164 -3.48 10.61 -56.83
N PHE I 165 -3.33 11.08 -55.59
CA PHE I 165 -2.81 10.33 -54.47
C PHE I 165 -3.13 11.04 -53.17
N PRO I 166 -3.53 10.32 -52.10
CA PRO I 166 -3.78 8.89 -52.09
C PRO I 166 -5.24 8.53 -52.30
N GLU I 167 -5.56 7.26 -52.12
CA GLU I 167 -6.95 6.82 -52.13
C GLU I 167 -7.67 7.35 -50.89
N PRO I 168 -9.00 7.51 -50.94
CA PRO I 168 -9.86 7.27 -52.09
C PRO I 168 -10.39 8.54 -52.74
N VAL I 169 -11.14 8.37 -53.84
CA VAL I 169 -11.91 9.45 -54.45
C VAL I 169 -13.34 8.94 -54.64
N THR I 170 -14.29 9.86 -54.60
CA THR I 170 -15.70 9.55 -54.79
C THR I 170 -16.20 10.27 -56.04
N VAL I 171 -16.94 9.56 -56.88
CA VAL I 171 -17.47 10.11 -58.12
C VAL I 171 -18.97 9.87 -58.14
N SER I 172 -19.74 10.94 -58.11
CA SER I 172 -21.19 10.91 -58.29
C SER I 172 -21.55 11.56 -59.61
N TRP I 173 -22.82 11.44 -60.00
CA TRP I 173 -23.30 11.98 -61.26
C TRP I 173 -24.57 12.79 -61.02
N ASN I 174 -24.57 14.03 -61.49
CA ASN I 174 -25.69 14.96 -61.31
C ASN I 174 -26.01 15.16 -59.83
N SER I 175 -24.96 15.31 -59.02
CA SER I 175 -25.08 15.57 -57.58
C SER I 175 -25.85 14.45 -56.87
N GLY I 176 -25.58 13.21 -57.27
CA GLY I 176 -26.22 12.05 -56.66
C GLY I 176 -27.56 11.69 -57.24
N ALA I 177 -28.07 12.43 -58.22
CA ALA I 177 -29.38 12.14 -58.79
C ALA I 177 -29.33 10.91 -59.69
N LEU I 178 -28.32 10.84 -60.56
CA LEU I 178 -28.18 9.73 -61.50
C LEU I 178 -27.36 8.64 -60.81
N THR I 179 -28.04 7.57 -60.39
CA THR I 179 -27.39 6.43 -59.76
C THR I 179 -27.48 5.14 -60.55
N SER I 180 -28.30 5.08 -61.60
CA SER I 180 -28.47 3.87 -62.38
C SER I 180 -27.52 3.87 -63.56
N GLY I 181 -26.95 2.70 -63.86
CA GLY I 181 -26.00 2.57 -64.93
C GLY I 181 -24.62 3.11 -64.64
N VAL I 182 -24.37 3.57 -63.42
CA VAL I 182 -23.09 4.15 -63.04
C VAL I 182 -22.15 3.02 -62.63
N HIS I 183 -20.96 3.01 -63.21
CA HIS I 183 -19.94 2.00 -62.92
C HIS I 183 -18.61 2.70 -62.72
N THR I 184 -18.21 2.89 -61.47
CA THR I 184 -16.93 3.50 -61.13
C THR I 184 -15.89 2.40 -60.95
N PHE I 185 -14.88 2.39 -61.80
CA PHE I 185 -13.92 1.30 -61.84
C PHE I 185 -12.80 1.50 -60.82
N PRO I 186 -12.26 0.41 -60.29
CA PRO I 186 -11.13 0.53 -59.36
C PRO I 186 -9.93 1.20 -60.02
N ALA I 187 -9.20 1.98 -59.23
CA ALA I 187 -8.08 2.74 -59.76
C ALA I 187 -6.90 1.82 -60.06
N VAL I 188 -6.01 2.30 -60.93
CA VAL I 188 -4.76 1.63 -61.24
C VAL I 188 -3.63 2.40 -60.61
N LEU I 189 -2.62 1.69 -60.13
CA LEU I 189 -1.43 2.28 -59.52
C LEU I 189 -0.32 2.29 -60.55
N GLN I 190 -0.01 3.47 -61.09
CA GLN I 190 0.97 3.58 -62.15
C GLN I 190 2.39 3.48 -61.59
N SER I 191 3.36 3.43 -62.50
CA SER I 191 4.76 3.38 -62.09
C SER I 191 5.19 4.66 -61.38
N SER I 192 4.52 5.78 -61.66
CA SER I 192 4.86 7.04 -61.01
C SER I 192 4.44 7.06 -59.55
N GLY I 193 3.56 6.17 -59.13
CA GLY I 193 3.05 6.15 -57.77
C GLY I 193 1.71 6.83 -57.59
N LEU I 194 1.12 7.35 -58.66
CA LEU I 194 -0.16 8.04 -58.60
C LEU I 194 -1.26 7.12 -59.14
N TYR I 195 -2.48 7.34 -58.66
CA TYR I 195 -3.63 6.55 -59.05
C TYR I 195 -4.39 7.20 -60.20
N SER I 196 -5.15 6.39 -60.92
CA SER I 196 -6.00 6.87 -62.00
C SER I 196 -7.18 5.91 -62.16
N LEU I 197 -8.40 6.46 -62.15
CA LEU I 197 -9.59 5.66 -62.36
C LEU I 197 -10.55 6.40 -63.28
N SER I 198 -11.62 5.70 -63.67
CA SER I 198 -12.68 6.26 -64.49
C SER I 198 -14.03 5.78 -63.98
N SER I 199 -15.03 6.64 -64.12
CA SER I 199 -16.42 6.32 -63.79
C SER I 199 -17.30 6.68 -64.97
N VAL I 200 -18.19 5.77 -65.36
CA VAL I 200 -19.00 5.94 -66.55
C VAL I 200 -20.44 5.52 -66.27
N VAL I 201 -21.36 6.18 -66.97
CA VAL I 201 -22.78 5.86 -66.91
C VAL I 201 -23.23 5.35 -68.27
N THR I 202 -24.10 4.35 -68.25
CA THR I 202 -24.72 3.82 -69.47
C THR I 202 -26.09 4.48 -69.59
N VAL I 203 -26.23 5.42 -70.53
CA VAL I 203 -27.41 6.26 -70.62
C VAL I 203 -28.17 5.94 -71.90
N PRO I 204 -29.48 6.20 -71.95
CA PRO I 204 -30.21 6.07 -73.21
C PRO I 204 -29.71 7.09 -74.23
N SER I 205 -29.54 6.64 -75.47
CA SER I 205 -28.97 7.50 -76.51
C SER I 205 -29.86 8.70 -76.78
N SER I 206 -31.18 8.55 -76.67
CA SER I 206 -32.08 9.66 -76.93
C SER I 206 -31.91 10.80 -75.92
N SER I 207 -31.29 10.54 -74.77
CA SER I 207 -31.07 11.58 -73.78
C SER I 207 -29.87 12.47 -74.09
N LEU I 208 -29.03 12.11 -75.06
CA LEU I 208 -27.90 12.93 -75.42
C LEU I 208 -28.36 14.24 -76.04
N GLY I 209 -27.75 15.34 -75.61
CA GLY I 209 -28.18 16.67 -76.01
C GLY I 209 -29.41 17.18 -75.31
N THR I 210 -30.09 16.35 -74.51
CA THR I 210 -31.27 16.75 -73.76
C THR I 210 -31.04 16.77 -72.26
N GLN I 211 -30.52 15.68 -71.69
CA GLN I 211 -30.21 15.61 -70.27
C GLN I 211 -28.75 15.97 -70.04
N THR I 212 -28.51 16.93 -69.14
CA THR I 212 -27.15 17.34 -68.82
C THR I 212 -26.50 16.31 -67.91
N TYR I 213 -25.27 15.93 -68.25
CA TYR I 213 -24.51 14.94 -67.48
C TYR I 213 -23.29 15.63 -66.88
N ILE I 214 -23.16 15.56 -65.56
CA ILE I 214 -22.05 16.18 -64.84
C ILE I 214 -21.54 15.19 -63.81
N CYS I 215 -20.23 14.96 -63.80
CA CYS I 215 -19.58 14.08 -62.83
C CYS I 215 -18.97 14.91 -61.72
N ASN I 216 -19.16 14.46 -60.48
CA ASN I 216 -18.69 15.16 -59.28
C ASN I 216 -17.57 14.35 -58.66
N VAL I 217 -16.32 14.81 -58.87
CA VAL I 217 -15.14 14.16 -58.33
C VAL I 217 -14.75 14.85 -57.03
N ASN I 218 -14.53 14.06 -55.98
CA ASN I 218 -14.19 14.58 -54.66
C ASN I 218 -13.01 13.80 -54.10
N HIS I 219 -11.88 14.48 -53.96
CA HIS I 219 -10.66 13.88 -53.39
C HIS I 219 -10.37 14.61 -52.08
N LYS I 220 -10.80 14.01 -50.97
CA LYS I 220 -10.67 14.66 -49.67
C LYS I 220 -9.24 14.90 -49.22
N PRO I 221 -8.29 13.96 -49.39
CA PRO I 221 -6.92 14.22 -48.91
C PRO I 221 -6.29 15.48 -49.49
N SER I 222 -6.65 15.88 -50.71
CA SER I 222 -6.11 17.08 -51.32
C SER I 222 -7.11 18.22 -51.39
N ASN I 223 -8.28 18.07 -50.76
CA ASN I 223 -9.32 19.10 -50.73
C ASN I 223 -9.75 19.50 -52.15
N THR I 224 -9.71 18.55 -53.08
CA THR I 224 -10.03 18.82 -54.48
C THR I 224 -11.45 18.37 -54.80
N LYS I 225 -12.23 19.28 -55.37
CA LYS I 225 -13.59 18.99 -55.82
C LYS I 225 -13.77 19.59 -57.20
N VAL I 226 -14.05 18.73 -58.18
CA VAL I 226 -14.15 19.14 -59.58
C VAL I 226 -15.48 18.66 -60.14
N ASP I 227 -16.21 19.58 -60.76
CA ASP I 227 -17.46 19.27 -61.46
C ASP I 227 -17.21 19.44 -62.95
N LYS I 228 -17.25 18.35 -63.70
CA LYS I 228 -16.93 18.35 -65.11
C LYS I 228 -18.16 17.98 -65.92
N LYS I 229 -18.51 18.82 -66.89
CA LYS I 229 -19.64 18.59 -67.78
C LYS I 229 -19.18 17.76 -68.98
N VAL I 230 -19.87 16.66 -69.24
CA VAL I 230 -19.54 15.75 -70.34
C VAL I 230 -20.54 16.00 -71.46
N GLU I 231 -20.01 16.33 -72.64
CA GLU I 231 -20.84 16.65 -73.80
C GLU I 231 -20.41 15.80 -74.99
N PRO I 232 -21.34 15.50 -75.91
CA PRO I 232 -21.05 14.70 -77.10
C PRO I 232 -19.94 15.29 -77.96
N SER J 2 10.02 -22.55 -40.70
CA SER J 2 9.05 -23.54 -41.15
C SER J 2 7.96 -22.90 -42.01
N VAL J 3 7.59 -23.61 -43.08
CA VAL J 3 6.61 -23.12 -44.05
C VAL J 3 5.48 -24.15 -44.18
N LEU J 4 4.25 -23.66 -44.17
CA LEU J 4 3.08 -24.48 -44.48
C LEU J 4 2.68 -24.25 -45.92
N THR J 5 2.67 -25.31 -46.71
CA THR J 5 2.34 -25.23 -48.12
C THR J 5 0.88 -25.59 -48.30
N GLN J 6 0.21 -24.91 -49.23
CA GLN J 6 -1.21 -25.08 -49.46
C GLN J 6 -1.45 -25.01 -50.96
N PRO J 7 -2.37 -25.82 -51.49
CA PRO J 7 -2.75 -25.68 -52.89
C PRO J 7 -3.23 -24.27 -53.17
N ALA J 8 -2.79 -23.72 -54.31
CA ALA J 8 -3.15 -22.34 -54.64
C ALA J 8 -4.65 -22.22 -54.90
N SER J 9 -5.26 -23.20 -55.56
CA SER J 9 -6.68 -23.15 -55.86
C SER J 9 -7.25 -24.56 -55.84
N VAL J 10 -8.45 -24.69 -55.27
CA VAL J 10 -9.25 -25.90 -55.38
C VAL J 10 -10.64 -25.49 -55.84
N SER J 11 -11.31 -26.40 -56.56
CA SER J 11 -12.61 -26.10 -57.13
C SER J 11 -13.53 -27.32 -57.00
N GLY J 12 -14.79 -27.06 -56.66
CA GLY J 12 -15.78 -28.11 -56.60
C GLY J 12 -17.15 -27.57 -56.95
N SER J 13 -18.08 -28.48 -57.18
CA SER J 13 -19.45 -28.15 -57.48
C SER J 13 -20.32 -28.22 -56.24
N PRO J 14 -21.49 -27.59 -56.23
CA PRO J 14 -22.42 -27.77 -55.12
C PRO J 14 -22.76 -29.25 -54.92
N GLY J 15 -22.88 -29.65 -53.66
CA GLY J 15 -23.12 -31.04 -53.33
C GLY J 15 -21.84 -31.86 -53.23
N GLN J 16 -20.83 -31.47 -53.99
CA GLN J 16 -19.54 -32.15 -53.95
C GLN J 16 -18.84 -31.91 -52.62
N SER J 17 -17.99 -32.86 -52.23
CA SER J 17 -17.10 -32.69 -51.11
C SER J 17 -15.71 -32.35 -51.60
N ILE J 18 -14.97 -31.60 -50.79
CA ILE J 18 -13.66 -31.10 -51.17
C ILE J 18 -12.74 -31.13 -49.97
N THR J 19 -11.45 -31.38 -50.23
CA THR J 19 -10.43 -31.50 -49.21
C THR J 19 -9.25 -30.60 -49.56
N ILE J 20 -8.96 -29.62 -48.70
CA ILE J 20 -7.73 -28.86 -48.80
C ILE J 20 -6.71 -29.52 -47.87
N SER J 21 -5.42 -29.29 -48.12
CA SER J 21 -4.38 -30.02 -47.42
C SER J 21 -3.23 -29.09 -47.07
N CYS J 22 -3.09 -28.80 -45.78
CA CYS J 22 -1.86 -28.25 -45.23
C CYS J 22 -0.80 -29.33 -45.17
N THR J 23 0.39 -29.05 -45.70
CA THR J 23 1.46 -30.04 -45.77
C THR J 23 2.73 -29.51 -45.10
N GLY J 24 2.58 -28.87 -43.94
CA GLY J 24 3.72 -28.36 -43.20
C GLY J 24 3.98 -28.99 -41.84
N ALA J 25 3.78 -28.23 -40.77
CA ALA J 25 4.28 -28.61 -39.45
C ALA J 25 3.50 -29.78 -38.84
N SER J 26 4.25 -30.84 -38.46
CA SER J 26 3.79 -31.94 -37.62
C SER J 26 4.84 -32.36 -36.58
N SER J 27 5.90 -31.57 -36.44
CA SER J 27 7.27 -31.77 -35.96
C SER J 27 7.36 -32.16 -34.48
N ASP J 28 8.60 -32.45 -34.06
CA ASP J 28 8.93 -32.32 -32.63
C ASP J 28 8.13 -33.21 -31.68
N VAL J 29 8.39 -34.51 -31.84
CA VAL J 29 7.58 -35.69 -31.59
C VAL J 29 6.78 -35.63 -30.29
N GLY J 30 7.37 -35.15 -29.21
CA GLY J 30 6.65 -35.19 -27.96
C GLY J 30 5.86 -33.91 -27.76
N ASP J 31 6.22 -32.85 -28.48
CA ASP J 31 5.39 -31.65 -28.57
C ASP J 31 4.02 -31.97 -29.18
N TYR J 32 3.05 -31.11 -28.90
CA TYR J 32 1.66 -31.29 -29.33
C TYR J 32 1.44 -30.64 -30.70
N ASN J 33 0.19 -30.69 -31.18
CA ASN J 33 -0.18 -30.15 -32.48
C ASN J 33 -1.23 -29.05 -32.29
N TYR J 34 -0.78 -27.80 -32.36
CA TYR J 34 -1.68 -26.64 -32.28
C TYR J 34 -2.04 -26.15 -33.69
N VAL J 35 -2.75 -27.00 -34.42
CA VAL J 35 -3.10 -26.75 -35.81
C VAL J 35 -4.51 -26.17 -35.89
N SER J 36 -4.70 -25.19 -36.77
CA SER J 36 -5.98 -24.52 -36.88
C SER J 36 -6.21 -24.06 -38.32
N TRP J 37 -7.48 -23.83 -38.64
CA TRP J 37 -7.92 -23.45 -39.98
C TRP J 37 -8.77 -22.20 -39.92
N TYR J 38 -8.73 -21.42 -41.01
CA TYR J 38 -9.44 -20.15 -41.08
C TYR J 38 -10.12 -20.01 -42.43
N GLN J 39 -11.30 -19.37 -42.42
CA GLN J 39 -12.04 -19.02 -43.63
C GLN J 39 -12.14 -17.51 -43.71
N GLN J 40 -11.89 -16.96 -44.89
CA GLN J 40 -11.88 -15.51 -45.09
C GLN J 40 -12.60 -15.15 -46.37
N HIS J 41 -13.73 -14.44 -46.25
CA HIS J 41 -14.43 -13.87 -47.39
C HIS J 41 -13.82 -12.52 -47.75
N PRO J 42 -14.00 -12.07 -48.99
CA PRO J 42 -13.37 -10.81 -49.41
C PRO J 42 -13.82 -9.63 -48.55
N GLY J 43 -12.85 -8.82 -48.13
CA GLY J 43 -13.11 -7.61 -47.38
C GLY J 43 -13.53 -7.83 -45.94
N LYS J 44 -13.34 -9.04 -45.41
CA LYS J 44 -13.73 -9.35 -44.04
C LYS J 44 -12.59 -10.07 -43.33
N ALA J 45 -12.67 -10.10 -42.00
CA ALA J 45 -11.65 -10.73 -41.19
C ALA J 45 -11.76 -12.25 -41.26
N PRO J 46 -10.64 -12.97 -41.09
CA PRO J 46 -10.70 -14.43 -41.08
C PRO J 46 -11.60 -14.95 -39.96
N LYS J 47 -12.14 -16.15 -40.20
CA LYS J 47 -13.05 -16.80 -39.26
C LYS J 47 -12.49 -18.17 -38.91
N LEU J 48 -12.33 -18.42 -37.62
CA LEU J 48 -11.78 -19.69 -37.15
C LEU J 48 -12.79 -20.80 -37.38
N MET J 49 -12.48 -21.72 -38.29
CA MET J 49 -13.34 -22.87 -38.55
C MET J 49 -12.89 -24.13 -37.82
N ILE J 50 -11.58 -24.39 -37.76
CA ILE J 50 -11.03 -25.59 -37.15
C ILE J 50 -9.81 -25.21 -36.32
N TYR J 51 -9.69 -25.81 -35.14
CA TYR J 51 -8.53 -25.69 -34.26
C TYR J 51 -8.25 -27.06 -33.67
N ASP J 52 -7.02 -27.30 -33.17
CA ASP J 52 -6.84 -28.40 -32.22
C ASP J 52 -7.28 -29.75 -32.81
N VAL J 53 -6.55 -30.17 -33.85
CA VAL J 53 -6.88 -30.25 -35.27
C VAL J 53 -8.27 -30.78 -35.59
N SER J 54 -8.79 -31.70 -34.80
CA SER J 54 -10.10 -32.23 -35.14
C SER J 54 -11.25 -31.49 -34.46
N ASN J 55 -10.96 -30.47 -33.64
CA ASN J 55 -11.98 -29.72 -32.93
C ASN J 55 -12.55 -28.59 -33.77
N ARG J 56 -13.81 -28.24 -33.47
CA ARG J 56 -14.57 -27.22 -34.19
C ARG J 56 -15.33 -26.34 -33.20
N PRO J 57 -15.22 -25.01 -33.31
CA PRO J 57 -15.90 -24.14 -32.34
C PRO J 57 -17.39 -24.02 -32.62
N SER J 58 -18.10 -23.55 -31.61
CA SER J 58 -19.56 -23.44 -31.68
C SER J 58 -19.97 -22.46 -32.78
N GLY J 59 -21.05 -22.81 -33.48
CA GLY J 59 -21.58 -22.01 -34.57
C GLY J 59 -21.07 -22.39 -35.93
N VAL J 60 -19.94 -23.10 -36.02
CA VAL J 60 -19.40 -23.54 -37.31
C VAL J 60 -20.15 -24.78 -37.76
N SER J 61 -20.53 -24.81 -39.03
CA SER J 61 -21.28 -25.94 -39.57
C SER J 61 -20.47 -27.22 -39.46
N ASN J 62 -21.16 -28.32 -39.13
CA ASN J 62 -20.51 -29.61 -39.00
C ASN J 62 -20.03 -30.17 -40.34
N ARG J 63 -20.34 -29.51 -41.45
CA ARG J 63 -19.80 -29.94 -42.74
C ARG J 63 -18.29 -29.75 -42.84
N PHE J 64 -17.71 -28.92 -41.97
CA PHE J 64 -16.27 -28.73 -41.93
C PHE J 64 -15.66 -29.67 -40.90
N SER J 65 -14.56 -30.32 -41.26
CA SER J 65 -13.86 -31.22 -40.36
C SER J 65 -12.38 -31.20 -40.68
N GLY J 66 -11.57 -31.49 -39.68
CA GLY J 66 -10.13 -31.52 -39.86
C GLY J 66 -9.50 -32.83 -39.49
N SER J 67 -8.32 -33.11 -40.05
CA SER J 67 -7.59 -34.34 -39.76
C SER J 67 -6.11 -34.07 -40.04
N LYS J 68 -5.27 -35.01 -39.61
CA LYS J 68 -3.84 -34.89 -39.82
C LYS J 68 -3.22 -36.28 -39.82
N SER J 69 -2.30 -36.50 -40.77
CA SER J 69 -1.60 -37.77 -40.88
C SER J 69 -0.18 -37.49 -41.35
N GLY J 70 0.80 -37.83 -40.51
CA GLY J 70 2.17 -37.51 -40.82
C GLY J 70 2.37 -36.01 -40.74
N ASP J 71 2.99 -35.43 -41.76
CA ASP J 71 3.26 -33.99 -41.80
C ASP J 71 2.21 -33.22 -42.58
N THR J 72 1.06 -33.83 -42.87
CA THR J 72 0.03 -33.22 -43.70
C THR J 72 -1.28 -33.16 -42.93
N ALA J 73 -1.82 -31.96 -42.80
CA ALA J 73 -3.15 -31.74 -42.24
C ALA J 73 -4.15 -31.46 -43.36
N SER J 74 -5.40 -31.83 -43.13
CA SER J 74 -6.41 -31.73 -44.18
C SER J 74 -7.71 -31.16 -43.63
N LEU J 75 -8.30 -30.25 -44.39
CA LEU J 75 -9.61 -29.66 -44.08
C LEU J 75 -10.63 -30.19 -45.08
N THR J 76 -11.60 -30.94 -44.59
CA THR J 76 -12.62 -31.56 -45.44
C THR J 76 -13.93 -30.81 -45.29
N ILE J 77 -14.48 -30.35 -46.42
CA ILE J 77 -15.75 -29.64 -46.46
C ILE J 77 -16.74 -30.50 -47.24
N SER J 78 -17.78 -30.97 -46.56
CA SER J 78 -18.81 -31.79 -47.16
C SER J 78 -20.01 -30.95 -47.57
N GLY J 79 -20.71 -31.40 -48.61
CA GLY J 79 -21.87 -30.68 -49.11
C GLY J 79 -21.58 -29.24 -49.47
N LEU J 80 -20.74 -29.04 -50.49
CA LEU J 80 -20.29 -27.70 -50.85
C LEU J 80 -21.48 -26.80 -51.17
N GLN J 81 -21.50 -25.63 -50.54
CA GLN J 81 -22.49 -24.60 -50.79
C GLN J 81 -21.83 -23.39 -51.44
N ALA J 82 -22.66 -22.52 -52.03
CA ALA J 82 -22.12 -21.36 -52.73
C ALA J 82 -21.43 -20.38 -51.77
N GLU J 83 -21.90 -20.31 -50.52
CA GLU J 83 -21.28 -19.41 -49.55
C GLU J 83 -19.91 -19.89 -49.07
N ASP J 84 -19.55 -21.14 -49.35
CA ASP J 84 -18.24 -21.66 -48.96
C ASP J 84 -17.12 -21.13 -49.84
N GLU J 85 -17.43 -20.45 -50.94
CA GLU J 85 -16.42 -19.91 -51.84
C GLU J 85 -15.71 -18.76 -51.15
N ALA J 86 -14.49 -19.00 -50.69
CA ALA J 86 -13.69 -18.00 -49.99
C ALA J 86 -12.25 -18.50 -49.96
N ASP J 87 -11.39 -17.80 -49.23
CA ASP J 87 -10.00 -18.20 -49.05
C ASP J 87 -9.84 -18.95 -47.74
N TYR J 88 -9.01 -19.99 -47.75
CA TYR J 88 -8.79 -20.84 -46.60
C TYR J 88 -7.31 -20.87 -46.25
N TYR J 89 -7.01 -20.78 -44.95
CA TYR J 89 -5.64 -20.80 -44.45
C TYR J 89 -5.52 -21.79 -43.31
N CYS J 90 -4.36 -22.42 -43.21
CA CYS J 90 -4.01 -23.27 -42.08
C CYS J 90 -2.92 -22.61 -41.24
N SER J 91 -2.88 -22.97 -39.97
CA SER J 91 -1.90 -22.40 -39.04
C SER J 91 -1.40 -23.49 -38.10
N SER J 92 -0.27 -23.22 -37.47
CA SER J 92 0.36 -24.20 -36.58
C SER J 92 1.34 -23.50 -35.66
N TYR J 93 1.39 -23.93 -34.41
CA TYR J 93 2.32 -23.42 -33.41
C TYR J 93 3.46 -24.43 -33.24
N THR J 94 4.69 -23.95 -33.39
CA THR J 94 5.88 -24.76 -33.17
C THR J 94 6.78 -24.04 -32.19
N ARG J 95 7.65 -24.80 -31.51
CA ARG J 95 8.70 -24.16 -30.71
C ARG J 95 9.61 -23.29 -31.57
N SER J 96 10.00 -23.78 -32.75
CA SER J 96 10.88 -23.02 -33.63
C SER J 96 10.24 -21.71 -34.08
N SER J 97 9.11 -21.79 -34.79
CA SER J 97 8.34 -20.63 -35.24
C SER J 97 6.98 -20.68 -34.56
N SER J 98 6.49 -19.53 -34.07
CA SER J 98 5.42 -19.59 -33.10
C SER J 98 4.02 -19.54 -33.70
N VAL J 99 3.86 -19.21 -34.98
CA VAL J 99 2.72 -19.58 -35.82
C VAL J 99 3.16 -19.35 -37.26
N VAL J 100 2.61 -20.15 -38.16
CA VAL J 100 2.79 -20.05 -39.60
C VAL J 100 1.47 -20.24 -40.33
N PHE J 101 0.94 -19.12 -40.84
CA PHE J 101 -0.23 -19.15 -41.71
C PHE J 101 0.19 -19.66 -43.10
N GLY J 102 -0.57 -20.62 -43.62
CA GLY J 102 -0.27 -21.17 -44.93
C GLY J 102 -0.38 -20.15 -46.04
N GLY J 103 0.10 -20.55 -47.21
CA GLY J 103 0.02 -19.68 -48.37
C GLY J 103 -1.39 -19.29 -48.74
N GLY J 104 -2.35 -20.17 -48.48
CA GLY J 104 -3.75 -19.89 -48.74
C GLY J 104 -4.27 -20.72 -49.91
N THR J 105 -5.57 -21.02 -49.86
CA THR J 105 -6.25 -21.78 -50.90
C THR J 105 -7.54 -21.07 -51.27
N LYS J 106 -7.68 -20.69 -52.53
CA LYS J 106 -8.90 -20.05 -53.02
C LYS J 106 -9.87 -21.15 -53.48
N LEU J 107 -10.99 -21.27 -52.80
CA LEU J 107 -11.98 -22.30 -53.10
C LEU J 107 -13.05 -21.71 -54.03
N THR J 108 -13.23 -22.33 -55.18
CA THR J 108 -14.20 -21.89 -56.18
C THR J 108 -15.33 -22.90 -56.28
N VAL J 109 -16.57 -22.41 -56.22
CA VAL J 109 -17.76 -23.24 -56.35
C VAL J 109 -18.25 -23.13 -57.79
N LEU J 110 -18.12 -24.22 -58.54
CA LEU J 110 -18.36 -24.21 -59.98
C LEU J 110 -19.87 -24.28 -60.26
N GLY J 111 -20.23 -24.48 -61.53
CA GLY J 111 -21.61 -24.57 -61.93
C GLY J 111 -22.24 -23.28 -62.43
N GLN J 112 -21.58 -22.14 -62.21
CA GLN J 112 -22.15 -20.85 -62.55
C GLN J 112 -22.00 -20.55 -64.03
N PRO J 113 -22.98 -19.88 -64.63
CA PRO J 113 -22.95 -19.65 -66.08
C PRO J 113 -21.88 -18.65 -66.49
N LYS J 114 -21.45 -18.77 -67.74
CA LYS J 114 -20.47 -17.88 -68.33
C LYS J 114 -21.10 -16.53 -68.68
N ALA J 115 -20.22 -15.55 -68.90
CA ALA J 115 -20.66 -14.19 -69.21
C ALA J 115 -19.56 -13.48 -69.99
N ALA J 116 -19.86 -13.02 -71.20
CA ALA J 116 -18.89 -12.27 -71.97
C ALA J 116 -18.82 -10.82 -71.48
N PRO J 117 -17.65 -10.18 -71.58
CA PRO J 117 -17.51 -8.83 -71.02
C PRO J 117 -18.13 -7.76 -71.92
N SER J 118 -18.80 -6.81 -71.28
CA SER J 118 -19.31 -5.61 -71.94
C SER J 118 -18.21 -4.55 -71.90
N VAL J 119 -17.67 -4.20 -73.07
CA VAL J 119 -16.51 -3.33 -73.17
C VAL J 119 -16.94 -1.98 -73.73
N THR J 120 -16.48 -0.91 -73.10
CA THR J 120 -16.68 0.46 -73.57
C THR J 120 -15.32 1.14 -73.67
N LEU J 121 -15.06 1.78 -74.82
CA LEU J 121 -13.79 2.45 -75.06
C LEU J 121 -14.04 3.93 -75.34
N PHE J 122 -13.28 4.80 -74.66
CA PHE J 122 -13.42 6.24 -74.80
C PHE J 122 -12.17 6.87 -75.39
N PRO J 123 -12.32 7.78 -76.35
CA PRO J 123 -11.18 8.55 -76.83
C PRO J 123 -10.83 9.65 -75.84
N PRO J 124 -9.65 10.25 -75.95
CA PRO J 124 -9.30 11.35 -75.06
C PRO J 124 -10.18 12.58 -75.32
N SER J 125 -10.50 13.29 -74.24
CA SER J 125 -11.32 14.48 -74.37
C SER J 125 -10.56 15.60 -75.07
N SER J 126 -11.32 16.53 -75.65
CA SER J 126 -10.72 17.75 -76.16
C SER J 126 -10.11 18.57 -75.03
N GLU J 127 -10.69 18.51 -73.83
CA GLU J 127 -10.15 19.25 -72.70
C GLU J 127 -8.82 18.66 -72.23
N GLU J 128 -8.63 17.34 -72.37
CA GLU J 128 -7.36 16.74 -72.01
C GLU J 128 -6.28 17.03 -73.04
N LEU J 129 -6.63 17.02 -74.33
CA LEU J 129 -5.68 17.33 -75.37
C LEU J 129 -5.20 18.78 -75.29
N GLN J 130 -6.06 19.68 -74.81
CA GLN J 130 -5.66 21.07 -74.60
C GLN J 130 -4.63 21.20 -73.49
N ALA J 131 -4.60 20.25 -72.56
CA ALA J 131 -3.56 20.17 -71.53
C ALA J 131 -2.34 19.38 -72.01
N ASN J 132 -2.29 19.05 -73.30
CA ASN J 132 -1.16 18.33 -73.91
C ASN J 132 -0.99 16.95 -73.27
N LYS J 133 -2.10 16.29 -72.97
CA LYS J 133 -2.10 14.92 -72.48
C LYS J 133 -3.19 14.14 -73.19
N ALA J 134 -3.05 12.82 -73.20
CA ALA J 134 -4.02 11.95 -73.84
C ALA J 134 -4.07 10.62 -73.09
N THR J 135 -5.27 10.12 -72.84
CA THR J 135 -5.46 8.87 -72.12
C THR J 135 -6.67 8.14 -72.68
N LEU J 136 -6.47 6.89 -73.07
CA LEU J 136 -7.55 6.04 -73.56
C LEU J 136 -8.11 5.20 -72.42
N VAL J 137 -9.44 5.16 -72.31
CA VAL J 137 -10.12 4.50 -71.21
C VAL J 137 -10.91 3.33 -71.78
N CYS J 138 -10.49 2.11 -71.42
CA CYS J 138 -11.16 0.87 -71.82
C CYS J 138 -11.74 0.22 -70.57
N LEU J 139 -13.06 0.02 -70.57
CA LEU J 139 -13.80 -0.38 -69.38
C LEU J 139 -14.47 -1.73 -69.62
N ILE J 140 -14.16 -2.70 -68.76
CA ILE J 140 -14.61 -4.09 -68.90
C ILE J 140 -15.58 -4.40 -67.78
N SER J 141 -16.77 -4.87 -68.14
CA SER J 141 -17.87 -5.01 -67.20
C SER J 141 -18.62 -6.31 -67.44
N ASP J 142 -19.10 -6.92 -66.35
CA ASP J 142 -20.03 -8.05 -66.41
C ASP J 142 -19.45 -9.26 -67.15
N PHE J 143 -18.33 -9.76 -66.63
CA PHE J 143 -17.76 -11.01 -67.12
C PHE J 143 -17.55 -11.97 -65.95
N TYR J 144 -17.66 -13.26 -66.25
CA TYR J 144 -17.75 -14.33 -65.25
C TYR J 144 -16.99 -15.56 -65.76
N PRO J 145 -15.94 -16.01 -65.05
CA PRO J 145 -15.36 -15.47 -63.82
C PRO J 145 -14.43 -14.29 -64.06
N GLY J 146 -13.79 -13.82 -62.99
CA GLY J 146 -12.94 -12.65 -63.05
C GLY J 146 -11.54 -12.91 -63.52
N ALA J 147 -11.39 -13.48 -64.72
CA ALA J 147 -10.09 -13.66 -65.35
C ALA J 147 -10.16 -13.10 -66.75
N VAL J 148 -9.26 -12.18 -67.08
CA VAL J 148 -9.27 -11.50 -68.37
C VAL J 148 -7.90 -10.89 -68.60
N THR J 149 -7.57 -10.66 -69.88
CA THR J 149 -6.34 -10.00 -70.28
C THR J 149 -6.64 -9.04 -71.41
N VAL J 150 -5.89 -7.93 -71.45
CA VAL J 150 -6.18 -6.82 -72.34
C VAL J 150 -4.95 -6.56 -73.22
N ALA J 151 -5.19 -6.29 -74.50
CA ALA J 151 -4.15 -5.94 -75.45
C ALA J 151 -4.57 -4.69 -76.20
N TRP J 152 -3.67 -3.72 -76.28
CA TRP J 152 -3.92 -2.47 -76.99
C TRP J 152 -3.21 -2.47 -78.34
N LYS J 153 -3.83 -1.82 -79.32
CA LYS J 153 -3.26 -1.75 -80.66
C LYS J 153 -3.57 -0.40 -81.28
N ALA J 154 -2.80 -0.07 -82.31
CA ALA J 154 -3.00 1.16 -83.10
C ALA J 154 -2.74 0.81 -84.56
N ASP J 155 -3.81 0.66 -85.33
CA ASP J 155 -3.73 0.28 -86.75
C ASP J 155 -3.03 -1.07 -86.91
N SER J 156 -3.60 -2.08 -86.24
CA SER J 156 -3.15 -3.47 -86.30
C SER J 156 -1.77 -3.69 -85.72
N SER J 157 -1.15 -2.65 -85.14
CA SER J 157 0.18 -2.79 -84.56
C SER J 157 0.08 -2.83 -83.04
N PRO J 158 0.55 -3.89 -82.40
CA PRO J 158 0.43 -3.96 -80.93
C PRO J 158 1.33 -2.94 -80.24
N VAL J 159 0.83 -2.37 -79.15
CA VAL J 159 1.54 -1.33 -78.41
C VAL J 159 1.61 -1.76 -76.94
N LYS J 160 2.80 -1.63 -76.35
CA LYS J 160 3.01 -1.96 -74.95
C LYS J 160 3.25 -0.74 -74.07
N ALA J 161 3.70 0.38 -74.64
CA ALA J 161 4.12 1.52 -73.85
C ALA J 161 2.91 2.25 -73.26
N GLY J 162 2.94 2.50 -71.96
CA GLY J 162 1.90 3.27 -71.32
C GLY J 162 0.59 2.56 -71.09
N VAL J 163 0.64 1.28 -70.71
CA VAL J 163 -0.56 0.49 -70.45
C VAL J 163 -0.63 0.21 -68.96
N GLU J 164 -1.73 0.61 -68.33
CA GLU J 164 -1.97 0.40 -66.91
C GLU J 164 -3.32 -0.30 -66.76
N THR J 165 -3.29 -1.57 -66.37
CA THR J 165 -4.49 -2.39 -66.28
C THR J 165 -4.71 -2.82 -64.83
N THR J 166 -5.96 -2.71 -64.37
CA THR J 166 -6.30 -3.08 -63.01
C THR J 166 -6.55 -4.59 -62.91
N THR J 167 -6.56 -5.08 -61.67
CA THR J 167 -6.96 -6.45 -61.42
C THR J 167 -8.48 -6.55 -61.35
N PRO J 168 -9.06 -7.69 -61.75
CA PRO J 168 -10.51 -7.83 -61.70
C PRO J 168 -11.05 -7.73 -60.27
N SER J 169 -12.28 -7.26 -60.16
CA SER J 169 -12.94 -7.07 -58.87
C SER J 169 -14.40 -7.46 -58.98
N LYS J 170 -14.90 -8.14 -57.96
CA LYS J 170 -16.29 -8.61 -57.96
C LYS J 170 -17.24 -7.44 -57.75
N GLN J 171 -18.29 -7.38 -58.57
CA GLN J 171 -19.30 -6.34 -58.45
C GLN J 171 -20.32 -6.74 -57.39
N SER J 172 -21.41 -5.98 -57.29
CA SER J 172 -22.51 -6.33 -56.40
C SER J 172 -23.42 -7.42 -56.96
N ASN J 173 -23.23 -7.82 -58.22
CA ASN J 173 -24.07 -8.82 -58.87
C ASN J 173 -23.34 -10.14 -59.09
N ASN J 174 -22.22 -10.35 -58.38
CA ASN J 174 -21.40 -11.56 -58.42
C ASN J 174 -20.66 -11.74 -59.74
N LYS J 175 -20.61 -10.70 -60.57
CA LYS J 175 -19.75 -10.67 -61.74
C LYS J 175 -18.59 -9.71 -61.49
N TYR J 176 -17.65 -9.68 -62.42
CA TYR J 176 -16.39 -8.99 -62.21
C TYR J 176 -16.22 -7.83 -63.20
N ALA J 177 -15.29 -6.94 -62.86
CA ALA J 177 -15.04 -5.74 -63.63
C ALA J 177 -13.56 -5.41 -63.59
N ALA J 178 -13.09 -4.73 -64.64
CA ALA J 178 -11.69 -4.33 -64.74
C ALA J 178 -11.58 -3.20 -65.75
N SER J 179 -10.51 -2.42 -65.64
CA SER J 179 -10.28 -1.29 -66.51
C SER J 179 -8.83 -1.25 -66.94
N SER J 180 -8.59 -0.71 -68.13
CA SER J 180 -7.25 -0.56 -68.68
C SER J 180 -7.09 0.85 -69.24
N TYR J 181 -5.90 1.43 -69.07
CA TYR J 181 -5.63 2.80 -69.46
C TYR J 181 -4.39 2.84 -70.36
N LEU J 182 -4.51 3.52 -71.49
CA LEU J 182 -3.39 3.72 -72.41
C LEU J 182 -3.04 5.20 -72.45
N SER J 183 -1.81 5.52 -72.06
CA SER J 183 -1.34 6.90 -72.05
C SER J 183 -0.59 7.20 -73.34
N LEU J 184 -0.89 8.37 -73.92
CA LEU J 184 -0.32 8.77 -75.19
C LEU J 184 -0.06 10.26 -75.19
N THR J 185 0.93 10.68 -75.98
CA THR J 185 1.07 12.08 -76.29
C THR J 185 0.06 12.47 -77.37
N PRO J 186 -0.40 13.72 -77.39
CA PRO J 186 -1.39 14.12 -78.40
C PRO J 186 -0.92 13.93 -79.83
N GLU J 187 0.39 13.82 -80.08
CA GLU J 187 0.88 13.50 -81.41
C GLU J 187 0.57 12.05 -81.77
N GLN J 188 0.86 11.12 -80.87
CA GLN J 188 0.61 9.71 -81.13
C GLN J 188 -0.87 9.41 -81.33
N TRP J 189 -1.76 10.23 -80.78
CA TRP J 189 -3.20 9.97 -80.87
C TRP J 189 -3.74 10.31 -82.26
N LYS J 190 -3.46 11.53 -82.75
CA LYS J 190 -4.03 11.98 -84.01
C LYS J 190 -3.17 11.62 -85.22
N SER J 191 -1.93 11.19 -85.03
CA SER J 191 -1.12 10.75 -86.16
C SER J 191 -1.52 9.36 -86.65
N HIS J 192 -1.91 8.48 -85.74
CA HIS J 192 -2.33 7.14 -86.11
C HIS J 192 -3.78 7.16 -86.60
N ARG J 193 -4.16 6.08 -87.29
CA ARG J 193 -5.48 6.03 -87.90
C ARG J 193 -6.57 5.77 -86.84
N SER J 194 -6.34 4.81 -85.95
CA SER J 194 -7.30 4.50 -84.90
C SER J 194 -6.57 3.76 -83.78
N TYR J 195 -7.30 3.56 -82.69
CA TYR J 195 -6.81 2.77 -81.55
C TYR J 195 -7.89 1.79 -81.13
N SER J 196 -7.46 0.59 -80.73
CA SER J 196 -8.38 -0.48 -80.38
C SER J 196 -8.00 -1.08 -79.03
N CYS J 197 -9.01 -1.49 -78.27
CA CYS J 197 -8.84 -2.21 -77.02
C CYS J 197 -9.49 -3.58 -77.17
N GLN J 198 -8.67 -4.63 -77.20
CA GLN J 198 -9.15 -5.99 -77.38
C GLN J 198 -9.14 -6.70 -76.03
N VAL J 199 -10.30 -7.24 -75.65
CA VAL J 199 -10.51 -7.86 -74.34
C VAL J 199 -10.83 -9.32 -74.59
N THR J 200 -9.85 -10.19 -74.37
CA THR J 200 -10.01 -11.63 -74.58
C THR J 200 -10.44 -12.29 -73.28
N HIS J 201 -11.59 -12.96 -73.31
CA HIS J 201 -12.18 -13.58 -72.13
C HIS J 201 -12.61 -15.00 -72.48
N GLU J 202 -11.93 -15.99 -71.89
CA GLU J 202 -12.21 -17.41 -72.13
C GLU J 202 -12.08 -17.75 -73.60
N GLY J 203 -11.04 -17.23 -74.25
CA GLY J 203 -10.82 -17.45 -75.66
C GLY J 203 -11.65 -16.59 -76.59
N SER J 204 -12.76 -16.03 -76.11
CA SER J 204 -13.61 -15.16 -76.90
C SER J 204 -13.14 -13.72 -76.72
N THR J 205 -12.82 -13.06 -77.82
CA THR J 205 -12.26 -11.71 -77.81
C THR J 205 -13.29 -10.72 -78.31
N VAL J 206 -13.61 -9.73 -77.49
CA VAL J 206 -14.46 -8.61 -77.88
C VAL J 206 -13.57 -7.39 -78.08
N GLU J 207 -13.87 -6.59 -79.09
CA GLU J 207 -13.01 -5.48 -79.48
C GLU J 207 -13.84 -4.21 -79.68
N LYS J 208 -13.22 -3.09 -79.37
CA LYS J 208 -13.80 -1.77 -79.61
C LYS J 208 -12.71 -0.84 -80.12
N THR J 209 -13.10 0.11 -80.96
CA THR J 209 -12.15 0.97 -81.65
C THR J 209 -12.63 2.41 -81.62
N VAL J 210 -11.69 3.33 -81.41
CA VAL J 210 -11.96 4.76 -81.47
C VAL J 210 -10.93 5.41 -82.38
N ALA J 211 -11.27 6.59 -82.89
CA ALA J 211 -10.42 7.32 -83.80
C ALA J 211 -10.71 8.80 -83.68
N PRO J 212 -9.73 9.68 -83.93
CA PRO J 212 -9.96 11.12 -83.87
C PRO J 212 -10.83 11.62 -85.03
C1 NAG K . -19.13 -6.13 7.11
C2 NAG K . -19.25 -5.23 5.88
C3 NAG K . -20.71 -4.82 5.68
C4 NAG K . -21.60 -6.06 5.63
C5 NAG K . -21.37 -6.91 6.87
C6 NAG K . -22.15 -8.21 6.86
C7 NAG K . -17.11 -4.05 5.67
C8 NAG K . -16.39 -2.75 5.86
N2 NAG K . -18.41 -4.05 6.01
O3 NAG K . -20.82 -4.09 4.46
O4 NAG K . -22.97 -5.66 5.58
O5 NAG K . -19.98 -7.26 6.97
O6 NAG K . -22.24 -8.77 8.16
O7 NAG K . -16.55 -5.04 5.21
C1 NAG K . -23.64 -5.60 4.38
C2 NAG K . -25.11 -6.04 4.33
C3 NAG K . -25.67 -5.79 2.94
C4 NAG K . -25.46 -4.33 2.54
C5 NAG K . -24.00 -3.94 2.68
C6 NAG K . -23.75 -2.47 2.44
C7 NAG K . -25.61 -7.86 5.90
C8 NAG K . -25.70 -9.34 6.10
N2 NAG K . -25.24 -7.44 4.68
O3 NAG K . -27.06 -6.10 2.93
O4 NAG K . -25.87 -4.14 1.19
O5 NAG K . -23.54 -4.23 4.02
O6 NAG K . -22.45 -2.09 2.87
O7 NAG K . -25.87 -7.06 6.80
C1 BMA K . -26.96 -3.41 0.79
C2 BMA K . -26.57 -2.30 -0.19
C3 BMA K . -27.82 -1.53 -0.64
C4 BMA K . -28.92 -2.49 -1.11
C5 BMA K . -29.21 -3.54 -0.02
C6 BMA K . -30.25 -4.57 -0.43
O2 BMA K . -25.98 -2.86 -1.35
O3 BMA K . -27.50 -0.59 -1.66
O4 BMA K . -30.10 -1.75 -1.41
O5 BMA K . -27.99 -4.24 0.27
O6 BMA K . -30.59 -5.33 0.71
C1 NAG L . -8.69 14.95 23.67
C2 NAG L . -9.83 15.10 22.66
C3 NAG L . -10.51 16.44 22.83
C4 NAG L . -10.93 16.66 24.27
C5 NAG L . -9.74 16.44 25.21
C6 NAG L . -10.12 16.52 26.67
C7 NAG L . -9.18 13.74 20.70
C8 NAG L . -8.66 13.77 19.30
N2 NAG L . -9.34 14.94 21.30
O3 NAG L . -11.66 16.50 21.97
O4 NAG L . -11.41 17.98 24.44
O5 NAG L . -9.19 15.13 24.99
O6 NAG L . -8.97 16.75 27.48
O7 NAG L . -9.43 12.69 21.29
C1 NAG L . -12.73 18.35 24.35
C2 NAG L . -13.34 19.37 25.30
C3 NAG L . -14.81 19.57 24.99
C4 NAG L . -15.02 19.91 23.53
C5 NAG L . -14.34 18.87 22.65
C6 NAG L . -14.38 19.22 21.17
C7 NAG L . -12.16 19.43 27.46
C8 NAG L . -12.12 18.89 28.86
N2 NAG L . -13.15 18.97 26.68
O3 NAG L . -15.33 20.62 25.81
O4 NAG L . -16.40 19.94 23.22
O5 NAG L . -12.95 18.76 23.00
O6 NAG L . -13.47 18.42 20.43
O7 NAG L . -11.34 20.23 27.04
C1 BMA L . -17.07 21.11 22.95
C2 BMA L . -17.76 20.96 21.57
C3 BMA L . -18.55 22.23 21.27
C4 BMA L . -19.44 22.67 22.45
C5 BMA L . -18.59 22.76 23.73
C6 BMA L . -19.42 23.11 24.96
O2 BMA L . -18.69 19.89 21.59
O3 BMA L . -19.35 22.07 20.10
O4 BMA L . -20.05 23.92 22.18
O5 BMA L . -17.97 21.50 23.96
O6 BMA L . -18.53 23.41 26.03
C1 NAG M . 1.49 -1.38 -12.43
C2 NAG M . 1.17 0.10 -12.58
C3 NAG M . 0.41 0.35 -13.87
C4 NAG M . 1.15 -0.24 -15.06
C5 NAG M . 1.47 -1.71 -14.80
C6 NAG M . 2.31 -2.34 -15.90
C7 NAG M . 0.99 0.97 -10.29
C8 NAG M . 0.05 1.44 -9.21
N2 NAG M . 0.41 0.59 -11.43
O3 NAG M . 0.22 1.75 -14.05
O4 NAG M . 0.36 -0.13 -16.24
O5 NAG M . 2.21 -1.84 -13.58
O6 NAG M . 2.26 -3.76 -15.84
O7 NAG M . 2.20 0.94 -10.13
C1 NAG M . 0.47 0.89 -17.14
C2 NAG M . 0.40 0.66 -18.65
C3 NAG M . 0.53 1.98 -19.40
C4 NAG M . -0.50 2.98 -18.89
C5 NAG M . -0.41 3.11 -17.37
C6 NAG M . -1.49 4.00 -16.80
C7 NAG M . 1.21 -1.58 -19.27
C8 NAG M . 2.39 -2.39 -19.71
N2 NAG M . 1.44 -0.27 -19.07
O3 NAG M . 0.35 1.75 -20.79
O4 NAG M . -0.28 4.26 -19.49
O5 NAG M . -0.54 1.83 -16.76
O6 NAG M . -1.56 3.88 -15.38
O7 NAG M . 0.10 -2.08 -19.10
C1 BMA M . -1.15 4.79 -20.41
C2 BMA M . -1.59 6.19 -19.94
C3 BMA M . -2.51 6.83 -20.98
C4 BMA M . -1.91 6.71 -22.39
C5 BMA M . -1.55 5.25 -22.71
C6 BMA M . -0.90 5.07 -24.07
O2 BMA M . -0.46 7.06 -19.82
O3 BMA M . -2.80 8.18 -20.67
O4 BMA M . -2.85 7.19 -23.36
O5 BMA M . -0.62 4.80 -21.72
O6 BMA M . -0.75 3.68 -24.32
C1 NAG N . 11.99 19.87 4.07
C2 NAG N . 10.65 20.59 4.16
C3 NAG N . 10.65 21.82 3.24
C4 NAG N . 11.85 22.70 3.52
C5 NAG N . 13.14 21.88 3.48
C6 NAG N . 14.36 22.67 3.87
C7 NAG N . 8.98 18.89 4.73
C8 NAG N . 7.85 18.04 4.22
N2 NAG N . 9.55 19.71 3.83
O3 NAG N . 9.45 22.54 3.43
O4 NAG N . 11.92 23.74 2.56
O5 NAG N . 13.05 20.78 4.39
O6 NAG N . 15.56 22.03 3.44
O7 NAG N . 9.34 18.85 5.90
C1 NAG N . 11.40 24.99 2.74
C2 NAG N . 12.14 26.24 2.26
C3 NAG N . 11.34 27.49 2.57
C4 NAG N . 9.92 27.37 2.04
C5 NAG N . 9.27 26.09 2.52
C6 NAG N . 7.91 25.84 1.91
C7 NAG N . 14.57 25.92 2.18
C8 NAG N . 15.87 26.07 2.93
N2 NAG N . 13.47 26.31 2.83
O3 NAG N . 11.98 28.62 2.01
O4 NAG N . 9.15 28.49 2.48
O5 NAG N . 10.08 24.96 2.17
O6 NAG N . 7.45 24.52 2.16
O7 NAG N . 14.53 25.47 1.05
C1 BMA N . 8.73 29.50 1.64
C2 BMA N . 7.21 29.64 1.77
C3 BMA N . 6.72 30.78 0.88
C4 BMA N . 7.54 32.06 1.09
C5 BMA N . 9.06 31.75 0.94
C6 BMA N . 9.93 32.96 1.23
O2 BMA N . 6.84 29.96 3.10
O3 BMA N . 5.34 31.05 1.10
O4 BMA N . 7.17 33.04 0.14
O5 BMA N . 9.40 30.72 1.88
O6 BMA N . 11.27 32.63 0.89
CA CA O . -25.80 -19.67 33.35
CA CA P . -21.47 -17.50 53.46
CA CA Q . 12.24 22.20 44.22
CA CA R . 32.97 25.12 44.84
CA CA S . 1.07 -31.31 -16.68
CA CA T . -7.07 -48.11 -7.47
CA CA U . 39.06 10.99 -6.16
CA CA V . 47.17 -5.26 -16.55
#